data_2MGU
#
_entry.id   2MGU
#
loop_
_entity.id
_entity.type
_entity.pdbx_description
1 polymer Calmodulin
2 polymer MA8-43
3 non-polymer 'CALCIUM ION'
#
loop_
_entity_poly.entity_id
_entity_poly.type
_entity_poly.pdbx_seq_one_letter_code
_entity_poly.pdbx_strand_id
1 'polypeptide(L)'
;ADQLTEEQIAEFKEAFSLFDKDGDGTITTKELGTVMRSLGQNPTEAELQDMINEVDADGNGTIDFPEFLTMMARKMKDTD
SEEEIREAFRVFDKDGNGYISAAELRHVMTNLGEKLTDEEVDEMIREADIDGDGQVNYEEFVQMMTAK
;
A
2 'polypeptide(L)' LSGGELDKWEKIRLRPGGKKQYKLKHIVWASRELER M
#
loop_
_chem_comp.id
_chem_comp.type
_chem_comp.name
_chem_comp.formula
CA non-polymer 'CALCIUM ION' 'Ca 2'
#
# COMPACT_ATOMS: atom_id res chain seq x y z
N ALA A 1 22.38 -17.30 -7.46
CA ALA A 1 22.86 -16.21 -8.30
C ALA A 1 22.11 -14.92 -8.01
N ASP A 2 20.79 -14.96 -8.16
CA ASP A 2 19.95 -13.78 -7.92
C ASP A 2 20.38 -12.61 -8.79
N GLN A 3 20.11 -12.71 -10.09
CA GLN A 3 20.47 -11.66 -11.03
C GLN A 3 19.74 -11.84 -12.36
N LEU A 4 19.86 -10.85 -13.22
CA LEU A 4 19.21 -10.89 -14.53
C LEU A 4 20.24 -10.86 -15.66
N THR A 5 19.98 -11.63 -16.71
CA THR A 5 20.89 -11.69 -17.85
C THR A 5 20.20 -11.20 -19.12
N GLU A 6 20.96 -11.09 -20.20
CA GLU A 6 20.43 -10.64 -21.48
C GLU A 6 19.20 -11.45 -21.88
N GLU A 7 19.16 -12.70 -21.45
CA GLU A 7 18.04 -13.59 -21.76
C GLU A 7 16.77 -13.12 -21.05
N GLN A 8 16.92 -12.70 -19.80
CA GLN A 8 15.77 -12.24 -19.02
C GLN A 8 15.39 -10.82 -19.42
N ILE A 9 16.39 -10.00 -19.69
CA ILE A 9 16.15 -8.61 -20.09
C ILE A 9 15.57 -8.53 -21.49
N ALA A 10 16.04 -9.41 -22.37
CA ALA A 10 15.56 -9.43 -23.75
C ALA A 10 14.04 -9.51 -23.80
N GLU A 11 13.45 -10.19 -22.82
CA GLU A 11 12.00 -10.33 -22.75
C GLU A 11 11.35 -9.02 -22.30
N PHE A 12 11.82 -8.49 -21.18
CA PHE A 12 11.27 -7.25 -20.64
C PHE A 12 11.40 -6.12 -21.66
N LYS A 13 12.57 -6.00 -22.27
CA LYS A 13 12.82 -4.96 -23.26
C LYS A 13 11.76 -5.01 -24.38
N GLU A 14 11.25 -6.20 -24.64
CA GLU A 14 10.24 -6.39 -25.67
C GLU A 14 8.91 -5.78 -25.25
N ALA A 15 8.65 -5.79 -23.94
CA ALA A 15 7.41 -5.25 -23.40
C ALA A 15 7.33 -3.74 -23.64
N PHE A 16 8.44 -3.05 -23.42
CA PHE A 16 8.50 -1.60 -23.61
C PHE A 16 8.05 -1.22 -25.02
N SER A 17 8.69 -1.82 -26.01
CA SER A 17 8.37 -1.54 -27.41
C SER A 17 6.87 -1.69 -27.66
N LEU A 18 6.27 -2.67 -27.00
CA LEU A 18 4.83 -2.93 -27.15
C LEU A 18 4.02 -1.71 -26.74
N PHE A 19 4.42 -1.07 -25.66
CA PHE A 19 3.74 0.12 -25.16
C PHE A 19 4.18 1.37 -25.91
N ASP A 20 5.41 1.32 -26.44
CA ASP A 20 5.96 2.45 -27.17
C ASP A 20 5.56 2.39 -28.65
N LYS A 21 4.52 3.14 -29.00
CA LYS A 21 4.04 3.17 -30.38
C LYS A 21 5.01 3.92 -31.28
N ASP A 22 5.28 5.18 -30.93
CA ASP A 22 6.20 6.01 -31.71
C ASP A 22 7.64 5.55 -31.52
N GLY A 23 7.86 4.67 -30.55
CA GLY A 23 9.19 4.16 -30.28
C GLY A 23 10.19 5.29 -30.08
N ASP A 24 9.84 6.25 -29.24
CA ASP A 24 10.71 7.38 -28.96
C ASP A 24 11.66 7.07 -27.81
N GLY A 25 11.35 6.02 -27.06
CA GLY A 25 12.17 5.63 -25.93
C GLY A 25 11.56 6.00 -24.60
N THR A 26 10.50 6.80 -24.64
CA THR A 26 9.82 7.23 -23.43
C THR A 26 8.31 7.13 -23.58
N ILE A 27 7.65 6.51 -22.61
CA ILE A 27 6.20 6.35 -22.65
C ILE A 27 5.50 7.56 -22.00
N THR A 28 4.58 8.16 -22.75
CA THR A 28 3.84 9.32 -22.25
C THR A 28 2.38 8.97 -21.99
N THR A 29 1.63 9.93 -21.46
CA THR A 29 0.22 9.72 -21.16
C THR A 29 -0.58 9.47 -22.44
N LYS A 30 -0.15 10.09 -23.53
CA LYS A 30 -0.83 9.92 -24.81
C LYS A 30 -0.62 8.52 -25.37
N GLU A 31 0.62 8.04 -25.27
CA GLU A 31 0.95 6.71 -25.77
C GLU A 31 0.43 5.63 -24.82
N LEU A 32 0.43 5.94 -23.53
CA LEU A 32 -0.04 4.99 -22.52
C LEU A 32 -1.56 4.88 -22.54
N GLY A 33 -2.23 6.03 -22.41
CA GLY A 33 -3.68 6.05 -22.42
C GLY A 33 -4.26 5.33 -23.63
N THR A 34 -3.52 5.32 -24.72
CA THR A 34 -3.96 4.67 -25.95
C THR A 34 -3.95 3.15 -25.79
N VAL A 35 -2.79 2.60 -25.41
CA VAL A 35 -2.66 1.17 -25.22
C VAL A 35 -3.67 0.64 -24.23
N MET A 36 -3.81 1.32 -23.11
CA MET A 36 -4.75 0.93 -22.06
C MET A 36 -6.16 0.82 -22.63
N ARG A 37 -6.47 1.65 -23.62
CA ARG A 37 -7.78 1.65 -24.24
C ARG A 37 -8.09 0.29 -24.86
N SER A 38 -7.19 -0.20 -25.71
CA SER A 38 -7.37 -1.49 -26.35
C SER A 38 -7.44 -2.62 -25.33
N LEU A 39 -6.81 -2.40 -24.18
CA LEU A 39 -6.80 -3.39 -23.11
C LEU A 39 -8.13 -3.39 -22.35
N GLY A 40 -8.82 -2.26 -22.39
CA GLY A 40 -10.10 -2.16 -21.70
C GLY A 40 -9.99 -1.42 -20.38
N GLN A 41 -9.07 -0.46 -20.32
CA GLN A 41 -8.87 0.31 -19.10
C GLN A 41 -8.85 1.81 -19.39
N ASN A 42 -9.94 2.49 -19.02
CA ASN A 42 -10.05 3.92 -19.25
C ASN A 42 -9.99 4.69 -17.93
N PRO A 43 -8.76 4.82 -17.39
CA PRO A 43 -8.53 5.54 -16.12
C PRO A 43 -8.74 7.04 -16.26
N THR A 44 -8.80 7.72 -15.12
CA THR A 44 -9.00 9.17 -15.12
C THR A 44 -7.69 9.91 -15.37
N GLU A 45 -7.80 11.17 -15.79
CA GLU A 45 -6.63 11.98 -16.07
C GLU A 45 -5.66 11.97 -14.88
N ALA A 46 -6.21 12.04 -13.67
CA ALA A 46 -5.41 12.04 -12.47
C ALA A 46 -4.84 10.65 -12.19
N GLU A 47 -5.57 9.62 -12.59
CA GLU A 47 -5.14 8.24 -12.38
C GLU A 47 -3.95 7.91 -13.28
N LEU A 48 -4.05 8.29 -14.55
CA LEU A 48 -2.98 8.03 -15.51
C LEU A 48 -1.66 8.61 -15.03
N GLN A 49 -1.67 9.87 -14.65
CA GLN A 49 -0.47 10.55 -14.16
C GLN A 49 0.08 9.84 -12.92
N ASP A 50 -0.82 9.23 -12.16
CA ASP A 50 -0.43 8.52 -10.94
C ASP A 50 0.35 7.25 -11.29
N MET A 51 -0.20 6.45 -12.18
CA MET A 51 0.44 5.20 -12.60
C MET A 51 1.87 5.46 -13.09
N ILE A 52 2.00 6.39 -14.04
CA ILE A 52 3.30 6.74 -14.59
C ILE A 52 4.21 7.35 -13.54
N ASN A 53 3.62 8.15 -12.66
CA ASN A 53 4.38 8.80 -11.59
C ASN A 53 5.09 7.78 -10.72
N GLU A 54 4.39 6.68 -10.42
CA GLU A 54 4.95 5.62 -9.59
C GLU A 54 6.30 5.15 -10.16
N VAL A 55 6.30 4.80 -11.44
CA VAL A 55 7.52 4.33 -12.11
C VAL A 55 8.45 5.49 -12.41
N ASP A 56 7.91 6.70 -12.43
CA ASP A 56 8.69 7.89 -12.71
C ASP A 56 9.70 8.15 -11.59
N ALA A 57 10.93 7.69 -11.80
CA ALA A 57 11.99 7.87 -10.82
C ALA A 57 12.72 9.19 -11.04
N ASP A 58 12.99 9.52 -12.29
CA ASP A 58 13.69 10.75 -12.64
C ASP A 58 12.72 11.93 -12.67
N GLY A 59 11.44 11.65 -12.40
CA GLY A 59 10.43 12.69 -12.41
C GLY A 59 10.42 13.47 -13.70
N ASN A 60 10.16 12.79 -14.81
CA ASN A 60 10.12 13.42 -16.11
C ASN A 60 8.71 13.38 -16.70
N GLY A 61 7.87 12.52 -16.13
CA GLY A 61 6.50 12.40 -16.61
C GLY A 61 6.36 11.36 -17.70
N THR A 62 7.34 10.46 -17.79
CA THR A 62 7.32 9.40 -18.80
C THR A 62 8.07 8.16 -18.31
N ILE A 63 7.74 7.02 -18.90
CA ILE A 63 8.39 5.76 -18.53
C ILE A 63 9.58 5.47 -19.44
N ASP A 64 10.78 5.55 -18.88
CA ASP A 64 11.99 5.28 -19.64
C ASP A 64 12.18 3.79 -19.88
N PHE A 65 13.32 3.42 -20.43
CA PHE A 65 13.63 2.01 -20.71
C PHE A 65 13.73 1.22 -19.41
N PRO A 66 14.66 1.64 -18.54
CA PRO A 66 14.90 0.98 -17.25
C PRO A 66 13.74 1.19 -16.28
N GLU A 67 13.03 2.30 -16.44
CA GLU A 67 11.89 2.61 -15.58
C GLU A 67 10.81 1.55 -15.70
N PHE A 68 10.56 1.08 -16.92
CA PHE A 68 9.55 0.07 -17.17
C PHE A 68 10.02 -1.31 -16.70
N LEU A 69 11.32 -1.56 -16.87
CA LEU A 69 11.90 -2.84 -16.45
C LEU A 69 11.94 -2.95 -14.93
N THR A 70 12.54 -1.97 -14.29
CA THR A 70 12.65 -1.96 -12.83
C THR A 70 11.29 -2.18 -12.18
N MET A 71 10.24 -1.73 -12.85
CA MET A 71 8.88 -1.89 -12.34
C MET A 71 8.54 -3.35 -12.14
N MET A 72 8.78 -4.16 -13.16
CA MET A 72 8.50 -5.59 -13.10
C MET A 72 9.48 -6.30 -12.16
N ALA A 73 10.67 -5.72 -12.00
CA ALA A 73 11.68 -6.29 -11.13
C ALA A 73 11.31 -6.13 -9.66
N ARG A 74 10.65 -5.01 -9.34
CA ARG A 74 10.23 -4.74 -7.97
C ARG A 74 9.35 -5.86 -7.44
N LYS A 75 8.70 -6.58 -8.35
CA LYS A 75 7.82 -7.69 -7.97
C LYS A 75 8.56 -8.67 -7.05
N MET A 76 9.88 -8.75 -7.21
CA MET A 76 10.68 -9.65 -6.39
C MET A 76 10.40 -9.44 -4.92
N LYS A 77 10.68 -8.24 -4.42
CA LYS A 77 10.47 -7.92 -3.02
C LYS A 77 10.19 -6.43 -2.84
N ASP A 78 10.02 -6.00 -1.60
CA ASP A 78 9.76 -4.60 -1.29
C ASP A 78 8.44 -4.16 -1.91
N THR A 79 7.91 -3.03 -1.41
CA THR A 79 6.66 -2.49 -1.91
C THR A 79 5.51 -3.49 -1.72
N ASP A 80 4.90 -3.46 -0.54
CA ASP A 80 3.80 -4.36 -0.23
C ASP A 80 2.79 -3.68 0.68
N SER A 81 3.29 -2.97 1.68
CA SER A 81 2.43 -2.27 2.64
C SER A 81 1.41 -1.40 1.91
N GLU A 82 1.80 -0.89 0.74
CA GLU A 82 0.92 -0.04 -0.05
C GLU A 82 -0.37 -0.77 -0.40
N GLU A 83 -0.25 -2.04 -0.79
CA GLU A 83 -1.40 -2.85 -1.15
C GLU A 83 -2.40 -2.92 -0.01
N GLU A 84 -1.89 -3.08 1.21
CA GLU A 84 -2.75 -3.16 2.39
C GLU A 84 -3.55 -1.88 2.56
N ILE A 85 -3.01 -0.77 2.05
CA ILE A 85 -3.70 0.52 2.15
C ILE A 85 -4.88 0.60 1.20
N ARG A 86 -4.67 0.15 -0.04
CA ARG A 86 -5.72 0.17 -1.04
C ARG A 86 -6.79 -0.88 -0.74
N GLU A 87 -6.34 -2.09 -0.40
CA GLU A 87 -7.24 -3.18 -0.08
C GLU A 87 -8.13 -2.83 1.12
N ALA A 88 -7.49 -2.43 2.21
CA ALA A 88 -8.22 -2.06 3.43
C ALA A 88 -9.27 -1.00 3.13
N PHE A 89 -8.87 0.03 2.41
CA PHE A 89 -9.77 1.12 2.06
C PHE A 89 -11.05 0.58 1.42
N ARG A 90 -10.88 -0.33 0.47
CA ARG A 90 -12.02 -0.92 -0.23
C ARG A 90 -12.81 -1.83 0.70
N VAL A 91 -12.11 -2.45 1.65
CA VAL A 91 -12.75 -3.35 2.60
C VAL A 91 -13.65 -2.58 3.57
N PHE A 92 -13.31 -1.32 3.79
CA PHE A 92 -14.09 -0.47 4.69
C PHE A 92 -15.09 0.38 3.92
N ASP A 93 -14.77 0.66 2.65
CA ASP A 93 -15.64 1.46 1.80
C ASP A 93 -16.92 0.69 1.46
N LYS A 94 -17.97 0.92 2.23
CA LYS A 94 -19.25 0.25 2.02
C LYS A 94 -20.02 0.91 0.87
N ASP A 95 -20.19 2.23 0.95
CA ASP A 95 -20.89 2.97 -0.08
C ASP A 95 -20.05 3.07 -1.35
N GLY A 96 -18.80 2.67 -1.25
CA GLY A 96 -17.90 2.72 -2.40
C GLY A 96 -17.73 4.13 -2.92
N ASN A 97 -17.88 5.12 -2.04
CA ASN A 97 -17.73 6.52 -2.42
C ASN A 97 -16.26 6.93 -2.43
N GLY A 98 -15.42 6.11 -1.80
CA GLY A 98 -14.00 6.40 -1.75
C GLY A 98 -13.64 7.32 -0.59
N TYR A 99 -14.52 7.40 0.40
CA TYR A 99 -14.29 8.24 1.56
C TYR A 99 -14.77 7.56 2.84
N ILE A 100 -14.05 7.79 3.93
CA ILE A 100 -14.40 7.19 5.21
C ILE A 100 -14.90 8.25 6.19
N SER A 101 -16.08 8.01 6.77
CA SER A 101 -16.66 8.95 7.72
C SER A 101 -16.80 8.30 9.10
N ALA A 102 -17.23 9.09 10.08
CA ALA A 102 -17.41 8.59 11.44
C ALA A 102 -18.44 7.46 11.47
N ALA A 103 -19.39 7.51 10.55
CA ALA A 103 -20.44 6.50 10.49
C ALA A 103 -19.87 5.17 10.00
N GLU A 104 -19.06 5.21 8.95
CA GLU A 104 -18.46 4.01 8.40
C GLU A 104 -17.36 3.48 9.32
N LEU A 105 -16.49 4.37 9.77
CA LEU A 105 -15.40 4.00 10.66
C LEU A 105 -15.92 3.29 11.90
N ARG A 106 -16.96 3.85 12.51
CA ARG A 106 -17.56 3.28 13.71
C ARG A 106 -18.04 1.86 13.44
N HIS A 107 -18.50 1.61 12.21
CA HIS A 107 -19.00 0.29 11.83
C HIS A 107 -17.84 -0.69 11.68
N VAL A 108 -16.72 -0.21 11.18
CA VAL A 108 -15.54 -1.05 10.99
C VAL A 108 -14.97 -1.51 12.33
N MET A 109 -14.94 -0.59 13.30
CA MET A 109 -14.42 -0.91 14.62
C MET A 109 -15.28 -1.97 15.31
N THR A 110 -16.55 -2.02 14.94
CA THR A 110 -17.47 -2.99 15.52
C THR A 110 -17.10 -4.41 15.13
N ASN A 111 -16.73 -4.60 13.86
CA ASN A 111 -16.35 -5.91 13.35
C ASN A 111 -15.16 -6.47 14.14
N LEU A 112 -14.27 -5.58 14.57
CA LEU A 112 -13.10 -5.99 15.34
C LEU A 112 -13.48 -6.38 16.76
N GLY A 113 -14.59 -5.83 17.24
CA GLY A 113 -15.04 -6.13 18.59
C GLY A 113 -14.68 -5.05 19.59
N GLU A 114 -14.62 -3.81 19.11
CA GLU A 114 -14.28 -2.68 19.98
C GLU A 114 -15.50 -1.81 20.25
N LYS A 115 -15.93 -1.77 21.50
CA LYS A 115 -17.09 -0.97 21.88
C LYS A 115 -16.76 0.53 21.82
N LEU A 116 -17.22 1.17 20.75
CA LEU A 116 -16.98 2.61 20.57
C LEU A 116 -18.26 3.32 20.17
N THR A 117 -18.40 4.56 20.62
CA THR A 117 -19.58 5.36 20.30
C THR A 117 -19.25 6.47 19.31
N ASP A 118 -20.23 7.32 19.03
CA ASP A 118 -20.04 8.43 18.09
C ASP A 118 -19.03 9.43 18.64
N GLU A 119 -19.09 9.68 19.93
CA GLU A 119 -18.19 10.62 20.58
C GLU A 119 -16.75 10.13 20.52
N GLU A 120 -16.59 8.80 20.59
CA GLU A 120 -15.26 8.20 20.55
C GLU A 120 -14.67 8.29 19.15
N VAL A 121 -15.44 7.88 18.15
CA VAL A 121 -14.99 7.92 16.76
C VAL A 121 -14.52 9.32 16.37
N ASP A 122 -15.13 10.34 16.98
CA ASP A 122 -14.77 11.72 16.71
C ASP A 122 -13.26 11.93 16.85
N GLU A 123 -12.69 11.35 17.89
CA GLU A 123 -11.25 11.47 18.13
C GLU A 123 -10.45 10.85 16.99
N MET A 124 -11.01 9.81 16.39
CA MET A 124 -10.34 9.12 15.29
C MET A 124 -10.37 9.97 14.02
N ILE A 125 -11.58 10.31 13.56
CA ILE A 125 -11.73 11.11 12.35
C ILE A 125 -10.94 12.41 12.46
N ARG A 126 -10.89 12.97 13.68
CA ARG A 126 -10.16 14.21 13.91
C ARG A 126 -8.67 14.03 13.62
N GLU A 127 -8.16 12.83 13.87
CA GLU A 127 -6.76 12.53 13.65
C GLU A 127 -6.46 12.38 12.15
N ALA A 128 -7.24 11.53 11.49
CA ALA A 128 -7.06 11.31 10.06
C ALA A 128 -7.37 12.57 9.26
N ASP A 129 -8.33 13.34 9.74
CA ASP A 129 -8.72 14.58 9.06
C ASP A 129 -7.61 15.62 9.16
N ILE A 130 -6.67 15.57 8.21
CA ILE A 130 -5.56 16.51 8.19
C ILE A 130 -6.00 17.86 7.60
N ASP A 131 -6.70 17.80 6.48
CA ASP A 131 -7.16 19.01 5.81
C ASP A 131 -8.31 19.65 6.59
N GLY A 132 -8.80 18.94 7.61
CA GLY A 132 -9.90 19.45 8.41
C GLY A 132 -11.16 19.67 7.60
N ASP A 133 -11.47 18.70 6.75
CA ASP A 133 -12.67 18.78 5.92
C ASP A 133 -13.88 18.20 6.65
N GLY A 134 -13.62 17.44 7.70
CA GLY A 134 -14.70 16.83 8.47
C GLY A 134 -14.84 15.36 8.18
N GLN A 135 -13.97 14.82 7.34
CA GLN A 135 -13.99 13.40 6.99
C GLN A 135 -12.60 12.89 6.69
N VAL A 136 -12.49 11.57 6.51
CA VAL A 136 -11.21 10.95 6.21
C VAL A 136 -11.14 10.49 4.76
N ASN A 137 -10.29 11.15 3.98
CA ASN A 137 -10.13 10.82 2.57
C ASN A 137 -9.00 9.81 2.38
N TYR A 138 -8.94 9.21 1.19
CA TYR A 138 -7.91 8.24 0.87
C TYR A 138 -6.52 8.80 1.18
N GLU A 139 -6.27 10.03 0.74
CA GLU A 139 -4.99 10.68 0.96
C GLU A 139 -4.60 10.63 2.44
N GLU A 140 -5.58 10.86 3.30
CA GLU A 140 -5.35 10.85 4.74
C GLU A 140 -5.27 9.42 5.27
N PHE A 141 -6.08 8.53 4.69
CA PHE A 141 -6.11 7.13 5.10
C PHE A 141 -4.78 6.45 4.79
N VAL A 142 -4.16 6.85 3.69
CA VAL A 142 -2.88 6.28 3.28
C VAL A 142 -1.77 6.72 4.22
N GLN A 143 -1.82 7.98 4.65
CA GLN A 143 -0.81 8.52 5.54
C GLN A 143 -0.95 7.93 6.95
N MET A 144 -2.20 7.70 7.36
CA MET A 144 -2.46 7.14 8.68
C MET A 144 -2.09 5.66 8.73
N MET A 145 -2.20 5.00 7.58
CA MET A 145 -1.87 3.58 7.48
C MET A 145 -0.38 3.37 7.28
N THR A 146 0.29 4.35 6.68
CA THR A 146 1.71 4.28 6.42
C THR A 146 2.51 4.79 7.63
N ALA A 147 1.93 5.73 8.35
CA ALA A 147 2.58 6.30 9.53
C ALA A 147 2.03 5.69 10.81
N LYS A 148 2.66 6.02 11.94
CA LYS A 148 2.23 5.51 13.23
C LYS A 148 1.50 6.58 14.03
N LEU B 1 -1.23 -1.47 26.79
CA LEU B 1 -1.05 -2.27 27.99
C LEU B 1 -2.02 -1.82 29.09
N SER B 2 -1.88 -0.56 29.51
CA SER B 2 -2.75 -0.01 30.55
C SER B 2 -3.62 1.11 29.99
N GLY B 3 -2.97 2.16 29.51
CA GLY B 3 -3.71 3.29 28.95
C GLY B 3 -2.80 4.42 28.52
N GLY B 4 -3.38 5.46 27.93
CA GLY B 4 -2.60 6.58 27.47
C GLY B 4 -3.35 7.43 26.46
N GLU B 5 -2.96 7.31 25.18
CA GLU B 5 -3.60 8.08 24.12
C GLU B 5 -4.41 7.16 23.20
N LEU B 6 -5.06 7.75 22.22
CA LEU B 6 -5.88 7.00 21.27
C LEU B 6 -5.01 6.06 20.43
N ASP B 7 -4.95 4.80 20.83
CA ASP B 7 -4.15 3.80 20.12
C ASP B 7 -5.05 2.90 19.27
N LYS B 8 -6.20 3.43 18.88
CA LYS B 8 -7.15 2.68 18.06
C LYS B 8 -6.72 2.68 16.59
N TRP B 9 -6.32 3.84 16.10
CA TRP B 9 -5.88 3.97 14.71
C TRP B 9 -4.82 2.94 14.38
N GLU B 10 -3.83 2.80 15.26
CA GLU B 10 -2.76 1.84 15.06
C GLU B 10 -3.31 0.43 14.88
N LYS B 11 -4.47 0.17 15.46
CA LYS B 11 -5.11 -1.14 15.38
C LYS B 11 -5.62 -1.40 13.96
N ILE B 12 -5.93 -0.33 13.24
CA ILE B 12 -6.42 -0.44 11.88
C ILE B 12 -5.27 -0.58 10.88
N ARG B 13 -4.10 -0.07 11.27
CA ARG B 13 -2.92 -0.15 10.42
C ARG B 13 -2.40 -1.57 10.33
N LEU B 14 -2.67 -2.36 11.36
CA LEU B 14 -2.23 -3.75 11.41
C LEU B 14 -0.70 -3.84 11.41
N ARG B 15 -0.18 -5.06 11.38
CA ARG B 15 1.26 -5.27 11.38
C ARG B 15 1.83 -5.14 9.98
N PRO B 16 3.14 -4.87 9.89
CA PRO B 16 3.83 -4.71 8.60
C PRO B 16 3.95 -6.04 7.85
N GLY B 17 3.46 -6.05 6.62
CA GLY B 17 3.52 -7.26 5.81
C GLY B 17 2.32 -7.40 4.89
N GLY B 18 2.56 -7.82 3.66
CA GLY B 18 1.48 -7.99 2.71
C GLY B 18 1.98 -8.38 1.33
N LYS B 19 1.08 -8.35 0.34
CA LYS B 19 1.43 -8.69 -1.03
C LYS B 19 2.01 -7.49 -1.77
N LYS B 20 2.72 -7.75 -2.86
CA LYS B 20 3.31 -6.69 -3.66
C LYS B 20 2.53 -6.47 -4.95
N GLN B 21 2.40 -5.22 -5.35
CA GLN B 21 1.68 -4.88 -6.58
C GLN B 21 1.96 -3.44 -6.99
N TYR B 22 2.21 -3.24 -8.29
CA TYR B 22 2.49 -1.91 -8.81
C TYR B 22 1.23 -1.28 -9.40
N LYS B 23 1.23 0.04 -9.51
CA LYS B 23 0.10 0.77 -10.06
C LYS B 23 0.27 1.00 -11.56
N LEU B 24 0.71 -0.04 -12.27
CA LEU B 24 0.92 0.05 -13.71
C LEU B 24 1.40 -1.28 -14.27
N LYS B 25 2.27 -1.95 -13.52
CA LYS B 25 2.80 -3.25 -13.95
C LYS B 25 1.68 -4.19 -14.37
N HIS B 26 0.59 -4.18 -13.62
CA HIS B 26 -0.56 -5.03 -13.91
C HIS B 26 -0.98 -4.90 -15.37
N ILE B 27 -0.91 -3.67 -15.89
CA ILE B 27 -1.28 -3.41 -17.28
C ILE B 27 -0.57 -4.38 -18.22
N VAL B 28 0.69 -4.67 -17.94
CA VAL B 28 1.47 -5.59 -18.75
C VAL B 28 0.70 -6.88 -19.02
N TRP B 29 0.02 -7.38 -18.00
CA TRP B 29 -0.77 -8.60 -18.12
C TRP B 29 -1.81 -8.48 -19.21
N ALA B 30 -2.44 -7.30 -19.30
CA ALA B 30 -3.46 -7.06 -20.30
C ALA B 30 -2.88 -7.13 -21.72
N SER B 31 -1.56 -7.00 -21.81
CA SER B 31 -0.87 -7.04 -23.09
C SER B 31 -0.87 -8.46 -23.66
N ARG B 32 -1.12 -9.44 -22.80
CA ARG B 32 -1.15 -10.84 -23.22
C ARG B 32 -2.18 -11.06 -24.32
N GLU B 33 -3.19 -10.19 -24.37
CA GLU B 33 -4.24 -10.29 -25.38
C GLU B 33 -3.82 -9.57 -26.66
N LEU B 34 -3.34 -8.34 -26.51
CA LEU B 34 -2.90 -7.55 -27.65
C LEU B 34 -1.73 -8.21 -28.37
N GLU B 35 -1.78 -8.20 -29.70
CA GLU B 35 -0.72 -8.79 -30.50
C GLU B 35 0.61 -8.06 -30.30
N ARG B 36 1.71 -8.72 -30.63
CA ARG B 36 3.03 -8.14 -30.48
C ARG B 36 3.55 -7.62 -31.81
CA CA C . -17.11 5.04 2.26
CA CA D . -9.95 15.17 5.58
CA CA E . 6.74 6.75 -26.63
CA CA F . 10.74 8.71 -15.78
N ALA A 1 4.77 0.14 19.98
CA ALA A 1 5.85 0.12 19.01
C ALA A 1 6.87 -0.96 19.33
N ASP A 2 7.81 -1.16 18.42
CA ASP A 2 8.85 -2.17 18.61
C ASP A 2 10.00 -1.96 17.63
N GLN A 3 10.93 -1.08 17.98
CA GLN A 3 12.07 -0.79 17.11
C GLN A 3 13.16 -1.84 17.29
N LEU A 4 14.32 -1.60 16.68
CA LEU A 4 15.45 -2.52 16.77
C LEU A 4 16.30 -2.23 18.00
N THR A 5 16.60 -3.27 18.77
CA THR A 5 17.41 -3.13 19.97
C THR A 5 18.83 -3.60 19.73
N GLU A 6 19.72 -3.28 20.67
CA GLU A 6 21.12 -3.68 20.56
C GLU A 6 21.26 -5.17 20.29
N GLU A 7 20.40 -5.96 20.93
CA GLU A 7 20.42 -7.40 20.76
C GLU A 7 20.05 -7.79 19.32
N GLN A 8 19.20 -6.99 18.70
CA GLN A 8 18.77 -7.24 17.34
C GLN A 8 19.86 -6.81 16.34
N ILE A 9 20.37 -5.60 16.51
CA ILE A 9 21.41 -5.08 15.63
C ILE A 9 22.70 -5.89 15.77
N ALA A 10 23.11 -6.13 17.01
CA ALA A 10 24.33 -6.89 17.28
C ALA A 10 24.27 -8.26 16.61
N GLU A 11 23.06 -8.77 16.40
CA GLU A 11 22.88 -10.07 15.78
C GLU A 11 23.23 -10.01 14.29
N PHE A 12 22.76 -8.96 13.62
CA PHE A 12 23.01 -8.79 12.19
C PHE A 12 24.45 -8.31 11.96
N LYS A 13 24.88 -7.33 12.74
CA LYS A 13 26.23 -6.80 12.61
C LYS A 13 27.27 -7.90 12.74
N GLU A 14 26.91 -8.96 13.44
CA GLU A 14 27.81 -10.09 13.65
C GLU A 14 28.00 -10.88 12.36
N ALA A 15 26.89 -11.07 11.63
CA ALA A 15 26.93 -11.81 10.37
C ALA A 15 27.87 -11.15 9.37
N PHE A 16 27.86 -9.82 9.34
CA PHE A 16 28.71 -9.06 8.43
C PHE A 16 30.16 -9.50 8.56
N SER A 17 30.66 -9.49 9.79
CA SER A 17 32.05 -9.88 10.06
C SER A 17 32.35 -11.26 9.49
N LEU A 18 31.32 -12.11 9.46
CA LEU A 18 31.47 -13.46 8.94
C LEU A 18 31.77 -13.45 7.45
N PHE A 19 31.03 -12.62 6.70
CA PHE A 19 31.23 -12.51 5.26
C PHE A 19 32.49 -11.71 4.94
N ASP A 20 32.88 -10.84 5.86
CA ASP A 20 34.07 -10.01 5.67
C ASP A 20 35.33 -10.81 5.97
N LYS A 21 35.97 -11.29 4.90
CA LYS A 21 37.19 -12.07 5.04
C LYS A 21 38.34 -11.20 5.54
N ASP A 22 38.57 -10.08 4.86
CA ASP A 22 39.63 -9.16 5.23
C ASP A 22 39.20 -8.29 6.41
N GLY A 23 37.92 -8.35 6.76
CA GLY A 23 37.41 -7.56 7.86
C GLY A 23 37.77 -6.09 7.74
N ASP A 24 37.65 -5.56 6.53
CA ASP A 24 37.96 -4.15 6.29
C ASP A 24 36.74 -3.28 6.51
N GLY A 25 35.56 -3.90 6.57
CA GLY A 25 34.33 -3.16 6.78
C GLY A 25 33.52 -3.02 5.50
N THR A 26 33.83 -3.84 4.51
CA THR A 26 33.12 -3.80 3.24
C THR A 26 33.19 -5.14 2.53
N ILE A 27 32.04 -5.63 2.08
CA ILE A 27 31.97 -6.91 1.38
C ILE A 27 32.16 -6.73 -0.12
N THR A 28 33.15 -7.42 -0.67
CA THR A 28 33.43 -7.34 -2.10
C THR A 28 32.81 -8.50 -2.86
N THR A 29 33.07 -8.56 -4.16
CA THR A 29 32.52 -9.62 -5.00
C THR A 29 33.23 -10.95 -4.72
N LYS A 30 34.54 -10.89 -4.51
CA LYS A 30 35.33 -12.08 -4.23
C LYS A 30 34.99 -12.65 -2.85
N GLU A 31 35.00 -11.79 -1.85
CA GLU A 31 34.68 -12.20 -0.48
C GLU A 31 33.28 -12.80 -0.40
N LEU A 32 32.35 -12.20 -1.13
CA LEU A 32 30.97 -12.67 -1.15
C LEU A 32 30.84 -13.95 -1.96
N GLY A 33 31.27 -13.91 -3.21
CA GLY A 33 31.20 -15.08 -4.06
C GLY A 33 31.83 -16.30 -3.43
N THR A 34 33.00 -16.12 -2.84
CA THR A 34 33.72 -17.21 -2.18
C THR A 34 32.85 -17.88 -1.13
N VAL A 35 32.22 -17.06 -0.28
CA VAL A 35 31.36 -17.57 0.78
C VAL A 35 30.18 -18.33 0.21
N MET A 36 29.47 -17.69 -0.72
CA MET A 36 28.31 -18.31 -1.35
C MET A 36 28.64 -19.69 -1.89
N ARG A 37 29.87 -19.85 -2.36
CA ARG A 37 30.33 -21.12 -2.90
C ARG A 37 30.17 -22.25 -1.88
N SER A 38 30.74 -22.05 -0.70
CA SER A 38 30.67 -23.04 0.37
C SER A 38 29.21 -23.29 0.78
N LEU A 39 28.37 -22.28 0.57
CA LEU A 39 26.96 -22.38 0.92
C LEU A 39 26.20 -23.16 -0.15
N GLY A 40 26.78 -23.27 -1.34
CA GLY A 40 26.15 -23.98 -2.42
C GLY A 40 25.48 -23.06 -3.43
N GLN A 41 26.03 -21.85 -3.56
CA GLN A 41 25.49 -20.87 -4.49
C GLN A 41 26.59 -20.31 -5.40
N ASN A 42 26.58 -20.73 -6.66
CA ASN A 42 27.58 -20.28 -7.63
C ASN A 42 26.94 -19.36 -8.67
N PRO A 43 26.69 -18.10 -8.26
CA PRO A 43 26.10 -17.10 -9.14
C PRO A 43 27.04 -16.66 -10.25
N THR A 44 26.48 -16.10 -11.32
CA THR A 44 27.27 -15.64 -12.45
C THR A 44 27.96 -14.31 -12.14
N GLU A 45 29.00 -14.01 -12.89
CA GLU A 45 29.74 -12.77 -12.70
C GLU A 45 28.80 -11.56 -12.69
N ALA A 46 27.81 -11.59 -13.57
CA ALA A 46 26.84 -10.50 -13.65
C ALA A 46 25.88 -10.53 -12.47
N GLU A 47 25.60 -11.72 -11.96
CA GLU A 47 24.69 -11.88 -10.83
C GLU A 47 25.33 -11.33 -9.55
N LEU A 48 26.56 -11.72 -9.30
CA LEU A 48 27.29 -11.27 -8.11
C LEU A 48 27.31 -9.74 -8.03
N GLN A 49 27.73 -9.10 -9.12
CA GLN A 49 27.81 -7.65 -9.17
C GLN A 49 26.42 -7.03 -8.97
N ASP A 50 25.39 -7.77 -9.35
CA ASP A 50 24.02 -7.29 -9.20
C ASP A 50 23.64 -7.19 -7.74
N MET A 51 23.95 -8.23 -6.98
CA MET A 51 23.63 -8.27 -5.55
C MET A 51 24.30 -7.10 -4.82
N ILE A 52 25.62 -7.02 -4.92
CA ILE A 52 26.37 -5.96 -4.27
C ILE A 52 25.88 -4.59 -4.72
N ASN A 53 25.53 -4.48 -5.99
CA ASN A 53 25.04 -3.23 -6.55
C ASN A 53 23.66 -2.88 -5.99
N GLU A 54 22.86 -3.92 -5.76
CA GLU A 54 21.51 -3.74 -5.24
C GLU A 54 21.54 -3.08 -3.86
N VAL A 55 22.60 -3.35 -3.11
CA VAL A 55 22.77 -2.79 -1.78
C VAL A 55 23.88 -1.74 -1.75
N ASP A 56 24.24 -1.24 -2.93
CA ASP A 56 25.29 -0.24 -3.04
C ASP A 56 24.70 1.17 -2.95
N ALA A 57 24.76 1.75 -1.77
CA ALA A 57 24.23 3.10 -1.55
C ALA A 57 25.28 4.15 -1.83
N ASP A 58 26.49 3.93 -1.33
CA ASP A 58 27.60 4.86 -1.54
C ASP A 58 28.24 4.65 -2.90
N GLY A 59 27.72 3.68 -3.65
CA GLY A 59 28.27 3.39 -4.97
C GLY A 59 29.76 3.11 -4.93
N ASN A 60 30.17 2.13 -4.14
CA ASN A 60 31.57 1.77 -4.01
C ASN A 60 31.83 0.37 -4.57
N GLY A 61 30.75 -0.39 -4.76
CA GLY A 61 30.89 -1.74 -5.28
C GLY A 61 31.06 -2.77 -4.18
N THR A 62 30.63 -2.43 -2.97
CA THR A 62 30.75 -3.32 -1.83
C THR A 62 29.63 -3.08 -0.82
N ILE A 63 29.45 -4.02 0.10
CA ILE A 63 28.43 -3.90 1.12
C ILE A 63 29.00 -3.31 2.41
N ASP A 64 28.55 -2.11 2.76
CA ASP A 64 29.01 -1.45 3.97
C ASP A 64 28.34 -2.02 5.21
N PHE A 65 28.57 -1.39 6.36
CA PHE A 65 27.98 -1.85 7.62
C PHE A 65 26.47 -1.73 7.58
N PRO A 66 25.97 -0.51 7.35
CA PRO A 66 24.53 -0.24 7.28
C PRO A 66 23.88 -0.84 6.04
N GLU A 67 24.64 -0.90 4.95
CA GLU A 67 24.14 -1.46 3.70
C GLU A 67 23.65 -2.89 3.90
N PHE A 68 24.42 -3.68 4.65
CA PHE A 68 24.06 -5.06 4.92
C PHE A 68 22.87 -5.15 5.85
N LEU A 69 22.80 -4.23 6.80
CA LEU A 69 21.70 -4.20 7.77
C LEU A 69 20.39 -3.84 7.08
N THR A 70 20.39 -2.72 6.37
CA THR A 70 19.19 -2.26 5.67
C THR A 70 18.69 -3.32 4.70
N MET A 71 19.61 -4.13 4.17
CA MET A 71 19.26 -5.18 3.23
C MET A 71 18.30 -6.18 3.87
N MET A 72 18.58 -6.55 5.12
CA MET A 72 17.74 -7.49 5.84
C MET A 72 16.49 -6.82 6.39
N ALA A 73 16.68 -5.65 6.99
CA ALA A 73 15.56 -4.89 7.56
C ALA A 73 14.46 -4.68 6.52
N ARG A 74 14.86 -4.58 5.26
CA ARG A 74 13.91 -4.38 4.17
C ARG A 74 12.88 -5.50 4.13
N LYS A 75 13.27 -6.68 4.61
CA LYS A 75 12.38 -7.83 4.62
C LYS A 75 11.14 -7.55 5.45
N MET A 76 11.30 -6.73 6.49
CA MET A 76 10.19 -6.38 7.36
C MET A 76 9.02 -5.82 6.56
N LYS A 77 9.25 -4.72 5.88
CA LYS A 77 8.22 -4.08 5.07
C LYS A 77 8.68 -3.92 3.62
N ASP A 78 7.79 -4.21 2.67
CA ASP A 78 8.10 -4.10 1.26
C ASP A 78 7.08 -3.22 0.55
N THR A 79 7.17 -3.18 -0.78
CA THR A 79 6.26 -2.38 -1.58
C THR A 79 4.82 -2.88 -1.46
N ASP A 80 4.68 -4.18 -1.24
CA ASP A 80 3.35 -4.78 -1.11
C ASP A 80 2.55 -4.10 0.00
N SER A 81 3.27 -3.52 0.96
CA SER A 81 2.63 -2.84 2.08
C SER A 81 1.61 -1.82 1.59
N GLU A 82 1.97 -1.10 0.52
CA GLU A 82 1.09 -0.09 -0.05
C GLU A 82 -0.22 -0.72 -0.53
N GLU A 83 -0.13 -1.96 -1.01
CA GLU A 83 -1.31 -2.67 -1.51
C GLU A 83 -2.31 -2.91 -0.38
N GLU A 84 -1.80 -3.34 0.77
CA GLU A 84 -2.64 -3.63 1.93
C GLU A 84 -3.44 -2.38 2.33
N ILE A 85 -2.90 -1.21 2.01
CA ILE A 85 -3.55 0.05 2.33
C ILE A 85 -4.74 0.30 1.41
N ARG A 86 -4.51 0.15 0.11
CA ARG A 86 -5.57 0.36 -0.88
C ARG A 86 -6.58 -0.77 -0.83
N GLU A 87 -6.14 -1.95 -0.42
CA GLU A 87 -7.02 -3.11 -0.33
C GLU A 87 -8.00 -2.96 0.84
N ALA A 88 -7.57 -2.24 1.87
CA ALA A 88 -8.40 -2.03 3.04
C ALA A 88 -9.49 -0.99 2.77
N PHE A 89 -9.14 0.02 1.97
CA PHE A 89 -10.08 1.08 1.63
C PHE A 89 -11.35 0.50 0.99
N ARG A 90 -11.16 -0.36 0.01
CA ARG A 90 -12.28 -0.99 -0.69
C ARG A 90 -13.10 -1.84 0.27
N VAL A 91 -12.46 -2.33 1.33
CA VAL A 91 -13.13 -3.16 2.32
C VAL A 91 -14.05 -2.32 3.20
N PHE A 92 -13.53 -1.20 3.67
CA PHE A 92 -14.30 -0.31 4.53
C PHE A 92 -15.34 0.47 3.73
N ASP A 93 -14.98 0.82 2.50
CA ASP A 93 -15.88 1.57 1.62
C ASP A 93 -17.11 0.74 1.28
N LYS A 94 -18.17 0.93 2.07
CA LYS A 94 -19.42 0.20 1.85
C LYS A 94 -20.22 0.83 0.71
N ASP A 95 -20.44 2.13 0.81
CA ASP A 95 -21.20 2.84 -0.21
C ASP A 95 -20.38 3.00 -1.49
N GLY A 96 -19.10 2.65 -1.40
CA GLY A 96 -18.22 2.76 -2.56
C GLY A 96 -18.09 4.18 -3.06
N ASN A 97 -18.15 5.14 -2.14
CA ASN A 97 -18.04 6.54 -2.50
C ASN A 97 -16.58 6.97 -2.58
N GLY A 98 -15.69 6.16 -2.02
CA GLY A 98 -14.28 6.47 -2.04
C GLY A 98 -13.86 7.38 -0.90
N TYR A 99 -14.69 7.43 0.13
CA TYR A 99 -14.41 8.28 1.29
C TYR A 99 -14.81 7.57 2.58
N ILE A 100 -14.11 7.89 3.67
CA ILE A 100 -14.40 7.28 4.97
C ILE A 100 -14.88 8.34 5.96
N SER A 101 -16.03 8.06 6.58
CA SER A 101 -16.60 8.99 7.56
C SER A 101 -16.67 8.34 8.94
N ALA A 102 -17.33 9.02 9.88
CA ALA A 102 -17.46 8.52 11.23
C ALA A 102 -18.36 7.29 11.28
N ALA A 103 -19.48 7.35 10.56
CA ALA A 103 -20.43 6.24 10.52
C ALA A 103 -19.80 5.01 9.87
N GLU A 104 -18.99 5.25 8.84
CA GLU A 104 -18.33 4.16 8.12
C GLU A 104 -17.16 3.62 8.94
N LEU A 105 -16.26 4.51 9.36
CA LEU A 105 -15.11 4.13 10.15
C LEU A 105 -15.51 3.31 11.36
N ARG A 106 -16.45 3.83 12.14
CA ARG A 106 -16.93 3.15 13.34
C ARG A 106 -17.36 1.72 13.00
N HIS A 107 -18.08 1.57 11.89
CA HIS A 107 -18.55 0.27 11.47
C HIS A 107 -17.40 -0.73 11.36
N VAL A 108 -16.24 -0.23 10.97
CA VAL A 108 -15.05 -1.08 10.83
C VAL A 108 -14.54 -1.53 12.19
N MET A 109 -14.40 -0.57 13.11
CA MET A 109 -13.91 -0.87 14.45
C MET A 109 -14.89 -1.79 15.19
N THR A 110 -16.16 -1.69 14.83
CA THR A 110 -17.20 -2.51 15.46
C THR A 110 -16.95 -3.99 15.22
N ASN A 111 -16.36 -4.30 14.07
CA ASN A 111 -16.07 -5.68 13.71
C ASN A 111 -14.88 -6.22 14.52
N LEU A 112 -14.02 -5.31 14.96
CA LEU A 112 -12.85 -5.69 15.74
C LEU A 112 -13.24 -6.16 17.13
N GLY A 113 -14.39 -5.68 17.60
CA GLY A 113 -14.87 -6.06 18.93
C GLY A 113 -14.57 -5.01 19.97
N GLU A 114 -14.33 -3.78 19.53
CA GLU A 114 -14.03 -2.68 20.44
C GLU A 114 -15.24 -1.77 20.60
N LYS A 115 -15.81 -1.75 21.80
CA LYS A 115 -16.97 -0.93 22.09
C LYS A 115 -16.62 0.56 21.99
N LEU A 116 -17.36 1.29 21.16
CA LEU A 116 -17.13 2.71 20.98
C LEU A 116 -18.45 3.48 20.90
N THR A 117 -18.38 4.79 21.14
CA THR A 117 -19.57 5.63 21.11
C THR A 117 -19.44 6.71 20.04
N ASP A 118 -20.55 7.37 19.74
CA ASP A 118 -20.57 8.43 18.73
C ASP A 118 -19.49 9.46 19.02
N GLU A 119 -19.25 9.73 20.29
CA GLU A 119 -18.24 10.69 20.70
C GLU A 119 -16.83 10.13 20.47
N GLU A 120 -16.67 8.84 20.68
CA GLU A 120 -15.37 8.19 20.50
C GLU A 120 -14.94 8.25 19.05
N VAL A 121 -15.87 7.96 18.14
CA VAL A 121 -15.58 7.98 16.70
C VAL A 121 -15.06 9.34 16.27
N ASP A 122 -15.66 10.40 16.81
CA ASP A 122 -15.26 11.75 16.48
C ASP A 122 -13.75 11.93 16.66
N GLU A 123 -13.24 11.52 17.82
CA GLU A 123 -11.82 11.64 18.11
C GLU A 123 -10.98 10.95 17.04
N MET A 124 -11.55 9.91 16.43
CA MET A 124 -10.85 9.16 15.40
C MET A 124 -10.78 9.97 14.10
N ILE A 125 -11.93 10.34 13.56
CA ILE A 125 -11.99 11.11 12.33
C ILE A 125 -11.16 12.39 12.45
N ARG A 126 -11.16 12.98 13.64
CA ARG A 126 -10.41 14.21 13.89
C ARG A 126 -8.91 13.97 13.71
N GLU A 127 -8.47 12.76 14.03
CA GLU A 127 -7.06 12.41 13.91
C GLU A 127 -6.65 12.24 12.45
N ALA A 128 -7.43 11.46 11.71
CA ALA A 128 -7.16 11.24 10.29
C ALA A 128 -7.43 12.49 9.48
N ASP A 129 -8.32 13.33 9.96
CA ASP A 129 -8.66 14.58 9.28
C ASP A 129 -7.56 15.60 9.44
N ILE A 130 -6.56 15.56 8.55
CA ILE A 130 -5.45 16.49 8.59
C ILE A 130 -5.83 17.83 7.97
N ASP A 131 -6.49 17.78 6.82
CA ASP A 131 -6.91 18.99 6.13
C ASP A 131 -8.07 19.66 6.86
N GLY A 132 -8.62 18.96 7.85
CA GLY A 132 -9.73 19.49 8.61
C GLY A 132 -10.96 19.73 7.76
N ASP A 133 -11.27 18.76 6.91
CA ASP A 133 -12.43 18.86 6.03
C ASP A 133 -13.68 18.29 6.70
N GLY A 134 -13.47 17.52 7.78
CA GLY A 134 -14.58 16.93 8.49
C GLY A 134 -14.78 15.46 8.16
N GLN A 135 -13.87 14.92 7.34
CA GLN A 135 -13.95 13.52 6.94
C GLN A 135 -12.56 12.95 6.69
N VAL A 136 -12.49 11.64 6.46
CA VAL A 136 -11.22 10.97 6.21
C VAL A 136 -11.17 10.41 4.80
N ASN A 137 -10.31 11.00 3.97
CA ASN A 137 -10.16 10.57 2.58
C ASN A 137 -9.07 9.51 2.47
N TYR A 138 -8.96 8.90 1.29
CA TYR A 138 -7.96 7.88 1.03
C TYR A 138 -6.56 8.40 1.35
N GLU A 139 -6.26 9.60 0.85
CA GLU A 139 -4.95 10.21 1.07
C GLU A 139 -4.61 10.24 2.56
N GLU A 140 -5.54 10.74 3.36
CA GLU A 140 -5.34 10.81 4.80
C GLU A 140 -5.27 9.42 5.42
N PHE A 141 -6.01 8.48 4.84
CA PHE A 141 -6.03 7.11 5.33
C PHE A 141 -4.67 6.43 5.13
N VAL A 142 -4.14 6.53 3.91
CA VAL A 142 -2.86 5.93 3.58
C VAL A 142 -1.73 6.55 4.41
N GLN A 143 -1.82 7.86 4.61
CA GLN A 143 -0.81 8.59 5.37
C GLN A 143 -0.68 8.01 6.77
N MET A 144 -1.80 7.60 7.35
CA MET A 144 -1.82 7.02 8.69
C MET A 144 -1.25 5.61 8.68
N MET A 145 -1.83 4.74 7.85
CA MET A 145 -1.37 3.36 7.74
C MET A 145 0.09 3.30 7.32
N THR A 146 0.57 4.37 6.69
CA THR A 146 1.95 4.43 6.23
C THR A 146 2.85 5.05 7.30
N ALA A 147 2.37 6.10 7.94
CA ALA A 147 3.12 6.78 8.99
C ALA A 147 2.73 6.27 10.37
N LYS A 148 1.58 6.71 10.85
CA LYS A 148 1.09 6.29 12.16
C LYS A 148 -0.41 6.01 12.12
N LEU B 1 2.21 8.68 31.95
CA LEU B 1 2.74 7.66 31.05
C LEU B 1 2.18 7.84 29.64
N SER B 2 2.62 6.99 28.72
CA SER B 2 2.16 7.05 27.33
C SER B 2 0.93 6.19 27.12
N GLY B 3 -0.22 6.70 27.55
CA GLY B 3 -1.46 5.97 27.40
C GLY B 3 -2.69 6.83 27.66
N GLY B 4 -3.81 6.45 27.06
CA GLY B 4 -5.04 7.21 27.25
C GLY B 4 -5.42 8.01 26.02
N GLU B 5 -4.41 8.41 25.24
CA GLU B 5 -4.64 9.19 24.03
C GLU B 5 -5.39 8.36 22.99
N LEU B 6 -5.55 8.92 21.79
CA LEU B 6 -6.25 8.24 20.71
C LEU B 6 -5.29 7.37 19.91
N ASP B 7 -4.92 6.23 20.48
CA ASP B 7 -4.01 5.30 19.81
C ASP B 7 -4.77 4.12 19.22
N LYS B 8 -6.05 4.33 18.92
CA LYS B 8 -6.88 3.29 18.35
C LYS B 8 -6.59 3.10 16.86
N TRP B 9 -6.26 4.20 16.19
CA TRP B 9 -5.94 4.15 14.76
C TRP B 9 -4.89 3.09 14.47
N GLU B 10 -4.02 2.85 15.44
CA GLU B 10 -2.95 1.86 15.29
C GLU B 10 -3.53 0.50 14.88
N LYS B 11 -4.66 0.16 15.47
CA LYS B 11 -5.32 -1.11 15.18
C LYS B 11 -5.75 -1.18 13.72
N ILE B 12 -5.92 -0.02 13.10
CA ILE B 12 -6.32 0.05 11.70
C ILE B 12 -5.18 -0.39 10.78
N ARG B 13 -3.96 -0.09 11.18
CA ARG B 13 -2.79 -0.46 10.39
C ARG B 13 -2.70 -1.97 10.23
N LEU B 14 -3.27 -2.70 11.19
CA LEU B 14 -3.25 -4.16 11.15
C LEU B 14 -1.82 -4.68 11.13
N ARG B 15 -1.68 -6.01 11.14
CA ARG B 15 -0.37 -6.65 11.12
C ARG B 15 0.26 -6.55 9.73
N PRO B 16 1.59 -6.37 9.70
CA PRO B 16 2.34 -6.27 8.45
C PRO B 16 2.40 -7.59 7.70
N GLY B 17 3.22 -7.63 6.64
CA GLY B 17 3.35 -8.84 5.85
C GLY B 17 3.53 -8.55 4.37
N GLY B 18 4.68 -8.95 3.84
CA GLY B 18 4.96 -8.73 2.43
C GLY B 18 6.44 -8.73 2.13
N LYS B 19 6.79 -9.03 0.88
CA LYS B 19 8.19 -9.06 0.45
C LYS B 19 8.29 -9.37 -1.03
N LYS B 20 8.80 -8.41 -1.80
CA LYS B 20 8.97 -8.57 -3.23
C LYS B 20 10.16 -7.75 -3.75
N GLN B 21 11.34 -8.05 -3.22
CA GLN B 21 12.54 -7.34 -3.63
C GLN B 21 13.78 -7.98 -3.00
N TYR B 22 14.95 -7.67 -3.56
CA TYR B 22 16.21 -8.21 -3.05
C TYR B 22 16.21 -9.73 -3.12
N LYS B 23 17.37 -10.33 -2.85
CA LYS B 23 17.51 -11.78 -2.90
C LYS B 23 18.92 -12.20 -2.50
N LEU B 24 19.52 -11.44 -1.59
CA LEU B 24 20.87 -11.74 -1.13
C LEU B 24 20.90 -11.95 0.38
N LYS B 25 20.06 -11.21 1.09
CA LYS B 25 19.98 -11.32 2.55
C LYS B 25 19.81 -12.77 2.97
N HIS B 26 19.00 -13.51 2.23
CA HIS B 26 18.75 -14.92 2.53
C HIS B 26 20.07 -15.67 2.71
N ILE B 27 21.07 -15.31 1.91
CA ILE B 27 22.37 -15.96 1.98
C ILE B 27 22.88 -16.00 3.42
N VAL B 28 22.65 -14.92 4.16
CA VAL B 28 23.09 -14.85 5.55
C VAL B 28 22.68 -16.09 6.33
N TRP B 29 21.47 -16.57 6.06
CA TRP B 29 20.96 -17.76 6.73
C TRP B 29 21.87 -18.96 6.50
N ALA B 30 22.38 -19.08 5.29
CA ALA B 30 23.28 -20.18 4.94
C ALA B 30 24.57 -20.11 5.74
N SER B 31 24.85 -18.95 6.30
CA SER B 31 26.06 -18.75 7.10
C SER B 31 25.94 -19.45 8.45
N ARG B 32 24.71 -19.77 8.84
CA ARG B 32 24.45 -20.44 10.11
C ARG B 32 25.21 -21.76 10.18
N GLU B 33 25.50 -22.35 9.02
CA GLU B 33 26.22 -23.61 8.96
C GLU B 33 27.73 -23.38 8.99
N LEU B 34 28.19 -22.45 8.16
CA LEU B 34 29.62 -22.14 8.09
C LEU B 34 30.12 -21.57 9.41
N GLU B 35 31.37 -21.85 9.72
CA GLU B 35 31.98 -21.38 10.96
C GLU B 35 33.20 -20.52 10.68
N ARG B 36 33.15 -19.75 9.59
CA ARG B 36 34.25 -18.88 9.20
C ARG B 36 33.86 -18.00 8.02
CA CA C . -17.39 5.06 1.96
CA CA D . -9.78 15.16 5.75
CA CA E . 36.12 -7.06 2.62
CA CA F . 28.34 0.33 -0.90
N ALA A 1 20.75 -18.17 -1.73
CA ALA A 1 21.95 -17.63 -2.37
C ALA A 1 21.74 -16.18 -2.78
N ASP A 2 22.72 -15.34 -2.47
CA ASP A 2 22.66 -13.92 -2.81
C ASP A 2 22.78 -13.71 -4.31
N GLN A 3 22.24 -12.60 -4.80
CA GLN A 3 22.28 -12.29 -6.22
C GLN A 3 21.66 -13.41 -7.05
N LEU A 4 21.70 -13.26 -8.37
CA LEU A 4 21.15 -14.26 -9.27
C LEU A 4 22.19 -14.77 -10.25
N THR A 5 21.98 -15.97 -10.78
CA THR A 5 22.92 -16.57 -11.73
C THR A 5 22.23 -16.86 -13.06
N GLU A 6 23.01 -17.37 -14.01
CA GLU A 6 22.48 -17.70 -15.33
C GLU A 6 21.28 -18.63 -15.21
N GLU A 7 21.26 -19.45 -14.16
CA GLU A 7 20.17 -20.39 -13.94
C GLU A 7 18.86 -19.64 -13.67
N GLN A 8 18.95 -18.57 -12.89
CA GLN A 8 17.78 -17.78 -12.53
C GLN A 8 17.39 -16.86 -13.69
N ILE A 9 18.38 -16.23 -14.30
CA ILE A 9 18.14 -15.32 -15.42
C ILE A 9 17.59 -16.07 -16.62
N ALA A 10 18.09 -17.29 -16.84
CA ALA A 10 17.64 -18.12 -17.96
C ALA A 10 16.12 -18.27 -17.95
N GLU A 11 15.59 -18.69 -16.80
CA GLU A 11 14.15 -18.88 -16.66
C GLU A 11 13.39 -17.57 -16.87
N PHE A 12 13.85 -16.53 -16.18
CA PHE A 12 13.22 -15.22 -16.27
C PHE A 12 13.17 -14.75 -17.73
N LYS A 13 14.30 -14.90 -18.43
CA LYS A 13 14.39 -14.48 -19.82
C LYS A 13 13.30 -15.15 -20.66
N GLU A 14 12.84 -16.32 -20.20
CA GLU A 14 11.80 -17.06 -20.91
C GLU A 14 10.43 -16.40 -20.71
N ALA A 15 10.25 -15.78 -19.55
CA ALA A 15 8.99 -15.11 -19.24
C ALA A 15 8.81 -13.85 -20.07
N PHE A 16 9.92 -13.18 -20.38
CA PHE A 16 9.89 -11.96 -21.17
C PHE A 16 9.66 -12.28 -22.64
N SER A 17 10.50 -13.14 -23.20
CA SER A 17 10.40 -13.53 -24.60
C SER A 17 9.00 -14.02 -24.92
N LEU A 18 8.32 -14.60 -23.93
CA LEU A 18 6.98 -15.11 -24.10
C LEU A 18 6.00 -13.99 -24.44
N PHE A 19 6.16 -12.86 -23.75
CA PHE A 19 5.29 -11.71 -23.99
C PHE A 19 5.69 -10.96 -25.25
N ASP A 20 6.99 -11.00 -25.56
CA ASP A 20 7.51 -10.33 -26.75
C ASP A 20 7.19 -11.13 -28.00
N LYS A 21 6.13 -10.73 -28.71
CA LYS A 21 5.72 -11.41 -29.93
C LYS A 21 6.76 -11.23 -31.03
N ASP A 22 7.17 -10.00 -31.25
CA ASP A 22 8.17 -9.69 -32.28
C ASP A 22 9.58 -9.94 -31.76
N GLY A 23 9.68 -10.17 -30.45
CA GLY A 23 10.98 -10.43 -29.84
C GLY A 23 12.00 -9.36 -30.20
N ASP A 24 11.59 -8.10 -30.13
CA ASP A 24 12.48 -6.99 -30.45
C ASP A 24 13.26 -6.54 -29.21
N GLY A 25 12.80 -6.97 -28.04
CA GLY A 25 13.46 -6.61 -26.80
C GLY A 25 12.68 -5.57 -26.02
N THR A 26 11.68 -4.98 -26.66
CA THR A 26 10.87 -3.96 -26.01
C THR A 26 9.38 -4.25 -26.17
N ILE A 27 8.65 -4.20 -25.07
CA ILE A 27 7.21 -4.46 -25.10
C ILE A 27 6.42 -3.16 -25.18
N THR A 28 5.75 -2.95 -26.31
CA THR A 28 4.95 -1.74 -26.51
C THR A 28 3.49 -1.99 -26.17
N THR A 29 2.69 -0.93 -26.23
CA THR A 29 1.26 -1.04 -25.93
C THR A 29 0.57 -2.00 -26.88
N LYS A 30 0.99 -2.00 -28.13
CA LYS A 30 0.41 -2.89 -29.14
C LYS A 30 0.59 -4.35 -28.75
N GLU A 31 1.83 -4.71 -28.41
CA GLU A 31 2.14 -6.08 -28.02
C GLU A 31 1.57 -6.40 -26.63
N LEU A 32 1.52 -5.39 -25.78
CA LEU A 32 0.99 -5.54 -24.43
C LEU A 32 -0.51 -5.81 -24.45
N GLY A 33 -1.22 -5.04 -25.27
CA GLY A 33 -2.66 -5.22 -25.37
C GLY A 33 -3.05 -6.49 -26.10
N THR A 34 -2.17 -6.95 -26.99
CA THR A 34 -2.43 -8.16 -27.76
C THR A 34 -2.34 -9.40 -26.88
N VAL A 35 -1.22 -9.53 -26.17
CA VAL A 35 -1.02 -10.68 -25.28
C VAL A 35 -2.19 -10.84 -24.32
N MET A 36 -2.53 -9.75 -23.63
CA MET A 36 -3.63 -9.77 -22.68
C MET A 36 -4.90 -10.33 -23.31
N ARG A 37 -5.13 -9.98 -24.57
CA ARG A 37 -6.31 -10.45 -25.30
C ARG A 37 -6.35 -11.98 -25.32
N SER A 38 -5.21 -12.58 -25.60
CA SER A 38 -5.11 -14.04 -25.67
C SER A 38 -5.31 -14.66 -24.28
N LEU A 39 -5.00 -13.89 -23.25
CA LEU A 39 -5.14 -14.36 -21.88
C LEU A 39 -6.57 -14.13 -21.37
N GLY A 40 -7.26 -13.20 -22.00
CA GLY A 40 -8.63 -12.89 -21.61
C GLY A 40 -8.72 -11.62 -20.77
N GLN A 41 -7.82 -10.68 -21.03
CA GLN A 41 -7.80 -9.42 -20.29
C GLN A 41 -8.01 -8.24 -21.23
N ASN A 42 -9.04 -7.45 -20.96
CA ASN A 42 -9.35 -6.29 -21.78
C ASN A 42 -9.06 -4.99 -21.02
N PRO A 43 -7.77 -4.64 -20.94
CA PRO A 43 -7.32 -3.43 -20.26
C PRO A 43 -7.71 -2.16 -21.00
N THR A 44 -8.13 -1.14 -20.25
CA THR A 44 -8.53 0.13 -20.85
C THR A 44 -7.32 0.90 -21.36
N GLU A 45 -7.57 1.87 -22.24
CA GLU A 45 -6.51 2.68 -22.82
C GLU A 45 -5.63 3.28 -21.72
N ALA A 46 -6.27 3.76 -20.66
CA ALA A 46 -5.54 4.36 -19.54
C ALA A 46 -4.84 3.29 -18.71
N GLU A 47 -5.44 2.10 -18.65
CA GLU A 47 -4.87 1.00 -17.89
C GLU A 47 -3.56 0.53 -18.51
N LEU A 48 -3.57 0.28 -19.81
CA LEU A 48 -2.38 -0.17 -20.52
C LEU A 48 -1.22 0.80 -20.31
N GLN A 49 -1.49 2.09 -20.46
CA GLN A 49 -0.47 3.12 -20.28
C GLN A 49 -0.02 3.18 -18.82
N ASP A 50 -0.92 2.83 -17.91
CA ASP A 50 -0.61 2.85 -16.49
C ASP A 50 0.37 1.74 -16.13
N MET A 51 0.05 0.52 -16.58
CA MET A 51 0.90 -0.64 -16.30
C MET A 51 2.30 -0.43 -16.87
N ILE A 52 2.38 -0.21 -18.17
CA ILE A 52 3.66 0.01 -18.83
C ILE A 52 4.46 1.13 -18.15
N ASN A 53 3.77 2.21 -17.81
CA ASN A 53 4.42 3.34 -17.16
C ASN A 53 4.94 2.95 -15.78
N GLU A 54 4.17 2.12 -15.08
CA GLU A 54 4.55 1.66 -13.75
C GLU A 54 5.86 0.89 -13.79
N VAL A 55 6.10 0.20 -14.90
CA VAL A 55 7.31 -0.58 -15.07
C VAL A 55 8.28 0.11 -16.03
N ASP A 56 8.02 1.39 -16.31
CA ASP A 56 8.87 2.16 -17.20
C ASP A 56 10.00 2.85 -16.44
N ALA A 57 11.18 2.25 -16.49
CA ALA A 57 12.34 2.81 -15.79
C ALA A 57 13.08 3.81 -16.67
N ASP A 58 13.30 3.44 -17.93
CA ASP A 58 13.99 4.30 -18.88
C ASP A 58 13.05 5.34 -19.47
N GLY A 59 11.78 5.29 -19.05
CA GLY A 59 10.80 6.23 -19.54
C GLY A 59 10.73 6.25 -21.06
N ASN A 60 10.50 5.09 -21.66
CA ASN A 60 10.42 4.98 -23.11
C ASN A 60 9.01 4.59 -23.55
N GLY A 61 8.22 4.11 -22.60
CA GLY A 61 6.86 3.70 -22.91
C GLY A 61 6.76 2.23 -23.28
N THR A 62 7.81 1.47 -22.97
CA THR A 62 7.83 0.05 -23.27
C THR A 62 8.64 -0.73 -22.23
N ILE A 63 8.47 -2.04 -22.21
CA ILE A 63 9.17 -2.89 -21.26
C ILE A 63 10.37 -3.56 -21.91
N ASP A 64 11.57 -3.13 -21.52
CA ASP A 64 12.80 -3.69 -22.08
C ASP A 64 13.08 -5.07 -21.49
N PHE A 65 14.25 -5.61 -21.80
CA PHE A 65 14.64 -6.93 -21.30
C PHE A 65 14.81 -6.91 -19.78
N PRO A 66 15.72 -6.04 -19.31
CA PRO A 66 16.00 -5.89 -17.89
C PRO A 66 14.85 -5.25 -17.12
N GLU A 67 14.05 -4.47 -17.83
CA GLU A 67 12.90 -3.80 -17.22
C GLU A 67 11.91 -4.81 -16.66
N PHE A 68 11.65 -5.86 -17.43
CA PHE A 68 10.71 -6.91 -17.01
C PHE A 68 11.31 -7.75 -15.89
N LEU A 69 12.62 -7.98 -15.96
CA LEU A 69 13.31 -8.77 -14.95
C LEU A 69 13.23 -8.10 -13.58
N THR A 70 13.63 -6.84 -13.52
CA THR A 70 13.60 -6.09 -12.27
C THR A 70 12.18 -5.98 -11.73
N MET A 71 11.21 -5.96 -12.64
CA MET A 71 9.80 -5.86 -12.24
C MET A 71 9.39 -7.06 -11.40
N MET A 72 9.75 -8.26 -11.85
CA MET A 72 9.42 -9.48 -11.14
C MET A 72 10.32 -9.65 -9.91
N ALA A 73 11.62 -9.50 -10.11
CA ALA A 73 12.59 -9.64 -9.03
C ALA A 73 12.27 -8.69 -7.88
N ARG A 74 11.64 -7.58 -8.21
CA ARG A 74 11.27 -6.57 -7.20
C ARG A 74 10.25 -7.14 -6.23
N LYS A 75 9.57 -8.21 -6.65
CA LYS A 75 8.55 -8.85 -5.81
C LYS A 75 9.12 -9.18 -4.44
N MET A 76 10.42 -9.43 -4.37
CA MET A 76 11.08 -9.76 -3.11
C MET A 76 12.10 -8.68 -2.74
N LYS A 77 11.96 -7.51 -3.34
CA LYS A 77 12.86 -6.40 -3.06
C LYS A 77 12.25 -5.43 -2.07
N ASP A 78 11.21 -4.72 -2.49
CA ASP A 78 10.53 -3.77 -1.63
C ASP A 78 9.27 -3.22 -2.30
N THR A 79 8.61 -2.28 -1.64
CA THR A 79 7.39 -1.69 -2.17
C THR A 79 6.28 -2.73 -2.30
N ASP A 80 5.29 -2.66 -1.42
CA ASP A 80 4.17 -3.58 -1.44
C ASP A 80 3.06 -3.12 -0.51
N SER A 81 3.45 -2.58 0.65
CA SER A 81 2.48 -2.10 1.62
C SER A 81 1.50 -1.13 0.98
N GLU A 82 1.98 -0.35 0.02
CA GLU A 82 1.15 0.63 -0.66
C GLU A 82 -0.06 -0.04 -1.30
N GLU A 83 0.09 -1.33 -1.63
CA GLU A 83 -0.99 -2.09 -2.24
C GLU A 83 -2.05 -2.46 -1.22
N GLU A 84 -1.61 -2.97 -0.07
CA GLU A 84 -2.52 -3.36 0.99
C GLU A 84 -3.45 -2.21 1.38
N ILE A 85 -2.88 -1.01 1.42
CA ILE A 85 -3.65 0.19 1.78
C ILE A 85 -4.84 0.37 0.84
N ARG A 86 -4.64 0.03 -0.44
CA ARG A 86 -5.68 0.17 -1.43
C ARG A 86 -6.80 -0.85 -1.19
N GLU A 87 -6.43 -2.00 -0.66
CA GLU A 87 -7.40 -3.06 -0.38
C GLU A 87 -8.22 -2.73 0.88
N ALA A 88 -7.52 -2.41 1.96
CA ALA A 88 -8.18 -2.08 3.22
C ALA A 88 -9.18 -0.94 3.02
N PHE A 89 -8.73 0.14 2.40
CA PHE A 89 -9.59 1.30 2.16
C PHE A 89 -10.87 0.88 1.44
N ARG A 90 -10.73 0.03 0.43
CA ARG A 90 -11.87 -0.45 -0.33
C ARG A 90 -12.77 -1.33 0.52
N VAL A 91 -12.17 -2.26 1.27
CA VAL A 91 -12.92 -3.15 2.13
C VAL A 91 -13.82 -2.37 3.08
N PHE A 92 -13.23 -1.40 3.78
CA PHE A 92 -13.98 -0.58 4.73
C PHE A 92 -15.01 0.27 4.01
N ASP A 93 -14.73 0.59 2.75
CA ASP A 93 -15.64 1.40 1.95
C ASP A 93 -16.92 0.63 1.63
N LYS A 94 -17.96 0.84 2.44
CA LYS A 94 -19.23 0.16 2.23
C LYS A 94 -20.03 0.82 1.12
N ASP A 95 -20.21 2.14 1.23
CA ASP A 95 -20.95 2.90 0.24
C ASP A 95 -20.14 3.04 -1.06
N GLY A 96 -18.88 2.64 -0.99
CA GLY A 96 -18.02 2.73 -2.16
C GLY A 96 -17.88 4.15 -2.67
N ASN A 97 -18.02 5.12 -1.77
CA ASN A 97 -17.91 6.53 -2.13
C ASN A 97 -16.45 6.95 -2.18
N GLY A 98 -15.58 6.14 -1.58
CA GLY A 98 -14.16 6.46 -1.57
C GLY A 98 -13.79 7.39 -0.43
N TYR A 99 -14.65 7.47 0.58
CA TYR A 99 -14.40 8.32 1.73
C TYR A 99 -14.85 7.65 3.02
N ILE A 100 -14.01 7.73 4.04
CA ILE A 100 -14.31 7.14 5.34
C ILE A 100 -14.77 8.18 6.34
N SER A 101 -15.93 7.94 6.95
CA SER A 101 -16.49 8.87 7.93
C SER A 101 -16.47 8.26 9.33
N ALA A 102 -17.06 8.97 10.28
CA ALA A 102 -17.10 8.50 11.66
C ALA A 102 -18.07 7.33 11.80
N ALA A 103 -19.14 7.34 11.02
CA ALA A 103 -20.14 6.28 11.06
C ALA A 103 -19.60 5.01 10.43
N GLU A 104 -18.96 5.15 9.27
CA GLU A 104 -18.40 4.00 8.56
C GLU A 104 -17.21 3.42 9.33
N LEU A 105 -16.28 4.28 9.71
CA LEU A 105 -15.10 3.85 10.45
C LEU A 105 -15.48 3.04 11.67
N ARG A 106 -16.61 3.39 12.28
CA ARG A 106 -17.10 2.70 13.46
C ARG A 106 -17.65 1.31 13.09
N HIS A 107 -18.31 1.24 11.94
CA HIS A 107 -18.88 -0.02 11.48
C HIS A 107 -17.83 -1.12 11.45
N VAL A 108 -16.60 -0.76 11.05
CA VAL A 108 -15.51 -1.71 10.98
C VAL A 108 -15.07 -2.15 12.37
N MET A 109 -14.87 -1.19 13.25
CA MET A 109 -14.45 -1.47 14.62
C MET A 109 -15.47 -2.36 15.33
N THR A 110 -16.74 -2.10 15.07
CA THR A 110 -17.82 -2.88 15.68
C THR A 110 -17.60 -4.37 15.48
N ASN A 111 -17.20 -4.76 14.28
CA ASN A 111 -16.96 -6.16 13.95
C ASN A 111 -15.74 -6.68 14.70
N LEU A 112 -14.80 -5.79 14.99
CA LEU A 112 -13.59 -6.16 15.70
C LEU A 112 -13.88 -6.47 17.16
N GLY A 113 -14.95 -5.89 17.68
CA GLY A 113 -15.33 -6.12 19.06
C GLY A 113 -14.89 -5.00 19.98
N GLU A 114 -14.84 -3.79 19.45
CA GLU A 114 -14.43 -2.63 20.23
C GLU A 114 -15.58 -1.63 20.36
N LYS A 115 -16.07 -1.46 21.58
CA LYS A 115 -17.16 -0.53 21.84
C LYS A 115 -16.74 0.90 21.55
N LEU A 116 -17.40 1.52 20.57
CA LEU A 116 -17.08 2.90 20.19
C LEU A 116 -18.34 3.63 19.74
N THR A 117 -18.52 4.85 20.26
CA THR A 117 -19.69 5.66 19.92
C THR A 117 -19.30 6.82 19.00
N ASP A 118 -20.28 7.65 18.68
CA ASP A 118 -20.04 8.80 17.81
C ASP A 118 -18.98 9.72 18.40
N GLU A 119 -19.01 9.87 19.73
CA GLU A 119 -18.05 10.73 20.41
C GLU A 119 -16.66 10.07 20.46
N GLU A 120 -16.65 8.75 20.57
CA GLU A 120 -15.40 8.00 20.63
C GLU A 120 -14.74 7.94 19.26
N VAL A 121 -15.56 7.82 18.22
CA VAL A 121 -15.05 7.76 16.85
C VAL A 121 -14.58 9.13 16.37
N ASP A 122 -15.22 10.17 16.88
CA ASP A 122 -14.87 11.53 16.50
C ASP A 122 -13.38 11.78 16.68
N GLU A 123 -12.84 11.34 17.82
CA GLU A 123 -11.42 11.52 18.11
C GLU A 123 -10.56 10.91 17.01
N MET A 124 -11.08 9.87 16.36
CA MET A 124 -10.36 9.20 15.28
C MET A 124 -10.38 10.03 14.02
N ILE A 125 -11.57 10.36 13.54
CA ILE A 125 -11.74 11.16 12.33
C ILE A 125 -10.95 12.46 12.43
N ARG A 126 -10.91 13.02 13.64
CA ARG A 126 -10.19 14.28 13.86
C ARG A 126 -8.70 14.11 13.60
N GLU A 127 -8.19 12.91 13.86
CA GLU A 127 -6.78 12.62 13.65
C GLU A 127 -6.47 12.45 12.17
N ALA A 128 -7.23 11.60 11.50
CA ALA A 128 -7.03 11.35 10.08
C ALA A 128 -7.34 12.61 9.26
N ASP A 129 -8.32 13.38 9.71
CA ASP A 129 -8.71 14.60 9.02
C ASP A 129 -7.61 15.65 9.12
N ILE A 130 -6.66 15.60 8.19
CA ILE A 130 -5.55 16.55 8.17
C ILE A 130 -5.99 17.88 7.56
N ASP A 131 -6.68 17.82 6.43
CA ASP A 131 -7.15 19.01 5.74
C ASP A 131 -8.30 19.65 6.51
N GLY A 132 -8.80 18.95 7.51
CA GLY A 132 -9.90 19.46 8.31
C GLY A 132 -11.16 19.66 7.49
N ASP A 133 -11.47 18.68 6.64
CA ASP A 133 -12.65 18.75 5.79
C ASP A 133 -13.87 18.15 6.51
N GLY A 134 -13.61 17.42 7.58
CA GLY A 134 -14.69 16.81 8.34
C GLY A 134 -14.82 15.33 8.07
N GLN A 135 -13.93 14.79 7.24
CA GLN A 135 -13.95 13.37 6.91
C GLN A 135 -12.54 12.86 6.62
N VAL A 136 -12.42 11.54 6.47
CA VAL A 136 -11.13 10.92 6.20
C VAL A 136 -11.04 10.47 4.75
N ASN A 137 -10.20 11.15 3.97
CA ASN A 137 -10.02 10.82 2.56
C ASN A 137 -8.87 9.82 2.38
N TYR A 138 -8.81 9.21 1.20
CA TYR A 138 -7.77 8.23 0.90
C TYR A 138 -6.39 8.80 1.20
N GLU A 139 -6.15 10.03 0.74
CA GLU A 139 -4.87 10.70 0.95
C GLU A 139 -4.49 10.68 2.43
N GLU A 140 -5.47 10.89 3.29
CA GLU A 140 -5.24 10.89 4.73
C GLU A 140 -5.12 9.47 5.27
N PHE A 141 -5.98 8.59 4.79
CA PHE A 141 -5.98 7.20 5.22
C PHE A 141 -4.63 6.55 4.93
N VAL A 142 -4.03 6.92 3.81
CA VAL A 142 -2.74 6.37 3.42
C VAL A 142 -1.63 6.89 4.32
N GLN A 143 -1.72 8.16 4.71
CA GLN A 143 -0.71 8.77 5.56
C GLN A 143 -0.86 8.28 7.00
N MET A 144 -2.09 7.96 7.39
CA MET A 144 -2.35 7.48 8.75
C MET A 144 -1.89 6.03 8.90
N MET A 145 -2.38 5.15 8.04
CA MET A 145 -2.01 3.75 8.09
C MET A 145 -0.52 3.56 7.85
N THR A 146 0.08 4.52 7.14
CA THR A 146 1.50 4.47 6.84
C THR A 146 2.27 5.54 7.61
N ALA A 147 1.67 6.01 8.70
CA ALA A 147 2.30 7.03 9.52
C ALA A 147 3.72 6.63 9.91
N LYS A 148 4.70 7.40 9.44
CA LYS A 148 6.10 7.13 9.74
C LYS A 148 6.68 8.19 10.66
N LEU B 1 -1.23 18.99 22.67
CA LEU B 1 -1.81 19.83 21.63
C LEU B 1 -3.14 19.26 21.15
N SER B 2 -4.01 18.92 22.10
CA SER B 2 -5.32 18.36 21.77
C SER B 2 -5.18 17.04 21.03
N GLY B 3 -4.34 16.16 21.56
CA GLY B 3 -4.12 14.86 20.94
C GLY B 3 -5.07 13.81 21.45
N GLY B 4 -5.14 12.68 20.75
CA GLY B 4 -6.03 11.61 21.16
C GLY B 4 -5.57 10.93 22.43
N GLU B 5 -6.39 10.01 22.95
CA GLU B 5 -6.06 9.29 24.17
C GLU B 5 -5.81 7.82 23.88
N LEU B 6 -6.80 7.15 23.31
CA LEU B 6 -6.69 5.74 22.97
C LEU B 6 -6.09 5.54 21.59
N ASP B 7 -5.07 4.70 21.50
CA ASP B 7 -4.41 4.43 20.23
C ASP B 7 -5.22 3.45 19.39
N LYS B 8 -6.45 3.83 19.08
CA LYS B 8 -7.34 2.98 18.29
C LYS B 8 -6.85 2.90 16.84
N TRP B 9 -6.42 4.03 16.29
CA TRP B 9 -5.93 4.08 14.93
C TRP B 9 -4.86 3.02 14.69
N GLU B 10 -3.91 2.94 15.62
CA GLU B 10 -2.82 1.97 15.51
C GLU B 10 -3.37 0.56 15.36
N LYS B 11 -4.57 0.33 15.90
CA LYS B 11 -5.21 -0.97 15.83
C LYS B 11 -5.76 -1.24 14.43
N ILE B 12 -6.12 -0.17 13.73
CA ILE B 12 -6.66 -0.28 12.38
C ILE B 12 -5.55 -0.50 11.36
N ARG B 13 -4.35 -0.05 11.70
CA ARG B 13 -3.19 -0.19 10.82
C ARG B 13 -3.03 -1.63 10.36
N LEU B 14 -3.45 -2.57 11.21
CA LEU B 14 -3.34 -3.99 10.89
C LEU B 14 -1.90 -4.38 10.59
N ARG B 15 -1.71 -5.64 10.21
CA ARG B 15 -0.37 -6.13 9.90
C ARG B 15 -0.45 -7.36 8.99
N PRO B 16 -0.93 -7.16 7.76
CA PRO B 16 -1.07 -8.23 6.78
C PRO B 16 0.28 -8.72 6.27
N GLY B 17 1.20 -7.80 6.05
CA GLY B 17 2.52 -8.17 5.57
C GLY B 17 2.58 -8.32 4.06
N GLY B 18 2.05 -7.32 3.35
CA GLY B 18 2.05 -7.36 1.90
C GLY B 18 3.42 -7.67 1.32
N LYS B 19 3.47 -7.90 0.01
CA LYS B 19 4.72 -8.20 -0.67
C LYS B 19 4.53 -8.24 -2.17
N LYS B 20 3.65 -7.39 -2.69
CA LYS B 20 3.37 -7.33 -4.12
C LYS B 20 2.42 -6.19 -4.44
N GLN B 21 2.92 -5.19 -5.15
CA GLN B 21 2.10 -4.04 -5.53
C GLN B 21 1.79 -4.06 -7.02
N TYR B 22 2.72 -4.56 -7.81
CA TYR B 22 2.55 -4.64 -9.26
C TYR B 22 1.37 -5.54 -9.61
N LYS B 23 0.39 -4.97 -10.32
CA LYS B 23 -0.79 -5.72 -10.72
C LYS B 23 -0.63 -6.25 -12.14
N LEU B 24 0.61 -6.47 -12.56
CA LEU B 24 0.89 -6.97 -13.90
C LEU B 24 1.61 -8.32 -13.83
N LYS B 25 2.40 -8.51 -12.79
CA LYS B 25 3.14 -9.75 -12.59
C LYS B 25 2.22 -10.96 -12.75
N HIS B 26 1.04 -10.88 -12.14
CA HIS B 26 0.07 -11.97 -12.21
C HIS B 26 -0.17 -12.39 -13.65
N ILE B 27 -0.17 -11.42 -14.55
CA ILE B 27 -0.39 -11.70 -15.97
C ILE B 27 0.53 -12.82 -16.46
N VAL B 28 1.77 -12.79 -15.99
CA VAL B 28 2.75 -13.80 -16.38
C VAL B 28 2.17 -15.21 -16.23
N TRP B 29 1.41 -15.43 -15.16
CA TRP B 29 0.81 -16.73 -14.91
C TRP B 29 -0.10 -17.14 -16.06
N ALA B 30 -0.83 -16.17 -16.61
CA ALA B 30 -1.74 -16.43 -17.71
C ALA B 30 -0.98 -16.88 -18.96
N SER B 31 0.32 -16.59 -18.97
CA SER B 31 1.17 -16.97 -20.10
C SER B 31 1.42 -18.47 -20.12
N ARG B 32 1.19 -19.12 -18.99
CA ARG B 32 1.40 -20.56 -18.87
C ARG B 32 0.46 -21.32 -19.80
N GLU B 33 -0.66 -20.70 -20.15
CA GLU B 33 -1.64 -21.31 -21.03
C GLU B 33 -1.18 -21.24 -22.49
N LEU B 34 -0.75 -20.06 -22.91
CA LEU B 34 -0.27 -19.85 -24.27
C LEU B 34 0.83 -20.83 -24.62
N GLU B 35 0.73 -21.44 -25.80
CA GLU B 35 1.72 -22.40 -26.26
C GLU B 35 2.61 -21.80 -27.33
N ARG B 36 3.91 -22.08 -27.24
CA ARG B 36 4.87 -21.56 -28.21
C ARG B 36 4.73 -22.28 -29.55
CA CA C . -17.16 4.99 2.52
CA CA D . -9.90 15.16 5.51
CA CA E . 8.20 -6.11 -28.77
CA CA F . 10.82 1.23 -20.26
N ALA A 1 18.40 0.62 -18.37
CA ALA A 1 19.72 0.50 -17.79
C ALA A 1 19.98 -0.93 -17.29
N ASP A 2 19.05 -1.45 -16.51
CA ASP A 2 19.16 -2.80 -15.97
C ASP A 2 18.63 -3.83 -16.97
N GLN A 3 19.30 -4.98 -17.03
CA GLN A 3 18.90 -6.04 -17.94
C GLN A 3 19.36 -7.40 -17.43
N LEU A 4 18.65 -8.45 -17.83
CA LEU A 4 18.99 -9.81 -17.42
C LEU A 4 19.65 -10.57 -18.55
N THR A 5 20.50 -11.54 -18.20
CA THR A 5 21.20 -12.35 -19.18
C THR A 5 20.85 -13.82 -19.03
N GLU A 6 21.32 -14.64 -19.97
CA GLU A 6 21.05 -16.07 -19.94
C GLU A 6 21.45 -16.67 -18.58
N GLU A 7 22.44 -16.06 -17.95
CA GLU A 7 22.90 -16.54 -16.64
C GLU A 7 21.84 -16.33 -15.57
N GLN A 8 21.17 -15.18 -15.62
CA GLN A 8 20.13 -14.86 -14.64
C GLN A 8 18.84 -15.60 -14.99
N ILE A 9 18.53 -15.67 -16.28
CA ILE A 9 17.32 -16.34 -16.74
C ILE A 9 17.42 -17.85 -16.53
N ALA A 10 18.61 -18.40 -16.75
CA ALA A 10 18.84 -19.83 -16.58
C ALA A 10 18.35 -20.31 -15.22
N GLU A 11 18.78 -19.62 -14.16
CA GLU A 11 18.39 -19.98 -12.81
C GLU A 11 16.88 -19.98 -12.66
N PHE A 12 16.25 -18.88 -13.06
CA PHE A 12 14.80 -18.76 -12.96
C PHE A 12 14.10 -19.87 -13.75
N LYS A 13 14.63 -20.16 -14.94
CA LYS A 13 14.06 -21.20 -15.79
C LYS A 13 13.91 -22.50 -15.02
N GLU A 14 14.91 -22.83 -14.22
CA GLU A 14 14.89 -24.05 -13.42
C GLU A 14 13.73 -24.03 -12.42
N ALA A 15 13.41 -22.85 -11.93
CA ALA A 15 12.31 -22.69 -10.97
C ALA A 15 10.96 -22.96 -11.62
N PHE A 16 10.82 -22.54 -12.88
CA PHE A 16 9.57 -22.74 -13.60
C PHE A 16 9.37 -24.21 -13.95
N SER A 17 10.38 -24.81 -14.57
CA SER A 17 10.31 -26.22 -14.96
C SER A 17 9.92 -27.09 -13.76
N LEU A 18 10.41 -26.72 -12.58
CA LEU A 18 10.11 -27.46 -11.36
C LEU A 18 8.61 -27.50 -11.10
N PHE A 19 7.96 -26.35 -11.23
CA PHE A 19 6.52 -26.26 -11.01
C PHE A 19 5.75 -26.91 -12.15
N ASP A 20 6.29 -26.81 -13.36
CA ASP A 20 5.66 -27.39 -14.54
C ASP A 20 5.86 -28.89 -14.58
N LYS A 21 4.85 -29.64 -14.13
CA LYS A 21 4.92 -31.09 -14.12
C LYS A 21 4.84 -31.66 -15.54
N ASP A 22 3.78 -31.29 -16.25
CA ASP A 22 3.59 -31.77 -17.62
C ASP A 22 4.52 -31.04 -18.58
N GLY A 23 5.19 -30.00 -18.08
CA GLY A 23 6.11 -29.24 -18.91
C GLY A 23 5.47 -28.78 -20.21
N ASP A 24 4.24 -28.27 -20.12
CA ASP A 24 3.53 -27.79 -21.29
C ASP A 24 3.81 -26.32 -21.55
N GLY A 25 4.36 -25.65 -20.54
CA GLY A 25 4.68 -24.24 -20.67
C GLY A 25 3.68 -23.35 -19.94
N THR A 26 2.56 -23.94 -19.52
CA THR A 26 1.53 -23.20 -18.81
C THR A 26 1.16 -23.88 -17.51
N ILE A 27 1.08 -23.09 -16.43
CA ILE A 27 0.73 -23.62 -15.13
C ILE A 27 -0.71 -23.28 -14.76
N THR A 28 -1.55 -24.30 -14.71
CA THR A 28 -2.96 -24.12 -14.37
C THR A 28 -3.20 -24.35 -12.88
N THR A 29 -4.46 -24.21 -12.46
CA THR A 29 -4.83 -24.40 -11.06
C THR A 29 -4.52 -25.81 -10.61
N LYS A 30 -4.62 -26.77 -11.53
CA LYS A 30 -4.36 -28.17 -11.22
C LYS A 30 -2.87 -28.39 -10.94
N GLU A 31 -2.02 -27.89 -11.83
CA GLU A 31 -0.58 -28.04 -11.68
C GLU A 31 -0.08 -27.16 -10.53
N LEU A 32 -0.71 -26.02 -10.34
CA LEU A 32 -0.33 -25.10 -9.28
C LEU A 32 -0.75 -25.62 -7.91
N GLY A 33 -1.95 -26.19 -7.84
CA GLY A 33 -2.45 -26.73 -6.59
C GLY A 33 -1.75 -28.01 -6.18
N THR A 34 -1.49 -28.87 -7.16
CA THR A 34 -0.82 -30.14 -6.90
C THR A 34 0.53 -29.92 -6.23
N VAL A 35 1.38 -29.14 -6.88
CA VAL A 35 2.71 -28.83 -6.35
C VAL A 35 2.62 -28.33 -4.91
N MET A 36 1.69 -27.43 -4.66
CA MET A 36 1.50 -26.85 -3.33
C MET A 36 1.25 -27.96 -2.30
N ARG A 37 0.57 -29.01 -2.73
CA ARG A 37 0.26 -30.14 -1.85
C ARG A 37 1.53 -30.73 -1.27
N SER A 38 2.45 -31.12 -2.15
CA SER A 38 3.71 -31.71 -1.73
C SER A 38 4.49 -30.76 -0.83
N LEU A 39 4.26 -29.47 -1.02
CA LEU A 39 4.94 -28.44 -0.22
C LEU A 39 4.29 -28.31 1.15
N GLY A 40 3.08 -28.84 1.29
CA GLY A 40 2.39 -28.77 2.56
C GLY A 40 1.32 -27.68 2.58
N GLN A 41 0.80 -27.35 1.41
CA GLN A 41 -0.24 -26.33 1.29
C GLN A 41 -1.37 -26.80 0.41
N ASN A 42 -2.59 -26.79 0.96
CA ASN A 42 -3.77 -27.22 0.21
C ASN A 42 -4.67 -26.03 -0.11
N PRO A 43 -4.26 -25.25 -1.12
CA PRO A 43 -5.03 -24.07 -1.55
C PRO A 43 -6.34 -24.44 -2.24
N THR A 44 -7.25 -23.47 -2.32
CA THR A 44 -8.54 -23.70 -2.95
C THR A 44 -8.57 -23.15 -4.37
N GLU A 45 -9.60 -23.51 -5.12
CA GLU A 45 -9.75 -23.06 -6.50
C GLU A 45 -9.66 -21.53 -6.58
N ALA A 46 -10.46 -20.86 -5.75
CA ALA A 46 -10.48 -19.41 -5.74
C ALA A 46 -9.16 -18.84 -5.21
N GLU A 47 -8.53 -19.58 -4.30
CA GLU A 47 -7.26 -19.17 -3.72
C GLU A 47 -6.16 -19.12 -4.78
N LEU A 48 -6.08 -20.17 -5.58
CA LEU A 48 -5.07 -20.25 -6.63
C LEU A 48 -5.34 -19.23 -7.73
N GLN A 49 -6.57 -19.23 -8.24
CA GLN A 49 -6.96 -18.30 -9.29
C GLN A 49 -6.63 -16.86 -8.89
N ASP A 50 -6.64 -16.60 -7.59
CA ASP A 50 -6.36 -15.26 -7.07
C ASP A 50 -4.92 -14.87 -7.38
N MET A 51 -3.98 -15.75 -7.07
CA MET A 51 -2.57 -15.49 -7.30
C MET A 51 -2.23 -15.66 -8.79
N ILE A 52 -2.88 -16.63 -9.43
CA ILE A 52 -2.65 -16.89 -10.84
C ILE A 52 -3.12 -15.73 -11.70
N ASN A 53 -4.24 -15.13 -11.32
CA ASN A 53 -4.80 -13.99 -12.05
C ASN A 53 -3.85 -12.81 -12.02
N GLU A 54 -3.28 -12.54 -10.85
CA GLU A 54 -2.35 -11.42 -10.69
C GLU A 54 -1.16 -11.56 -11.64
N VAL A 55 -0.63 -12.78 -11.74
CA VAL A 55 0.50 -13.04 -12.62
C VAL A 55 0.05 -13.24 -14.06
N ASP A 56 -1.26 -13.41 -14.25
CA ASP A 56 -1.82 -13.61 -15.57
C ASP A 56 -1.67 -12.35 -16.43
N ALA A 57 -0.63 -12.32 -17.26
CA ALA A 57 -0.38 -11.18 -18.12
C ALA A 57 -1.12 -11.31 -19.44
N ASP A 58 -1.07 -12.50 -20.02
CA ASP A 58 -1.73 -12.77 -21.30
C ASP A 58 -3.21 -13.06 -21.09
N GLY A 59 -3.64 -13.02 -19.83
CA GLY A 59 -5.03 -13.29 -19.51
C GLY A 59 -5.52 -14.61 -20.07
N ASN A 60 -4.84 -15.69 -19.69
CA ASN A 60 -5.20 -17.03 -20.17
C ASN A 60 -5.69 -17.90 -19.02
N GLY A 61 -5.41 -17.47 -17.79
CA GLY A 61 -5.83 -18.22 -16.63
C GLY A 61 -4.76 -19.17 -16.13
N THR A 62 -3.53 -18.95 -16.58
CA THR A 62 -2.41 -19.80 -16.18
C THR A 62 -1.11 -19.01 -16.16
N ILE A 63 -0.03 -19.66 -15.71
CA ILE A 63 1.27 -19.01 -15.64
C ILE A 63 2.21 -19.55 -16.71
N ASP A 64 2.51 -18.71 -17.71
CA ASP A 64 3.39 -19.11 -18.80
C ASP A 64 4.85 -19.12 -18.33
N PHE A 65 5.76 -19.31 -19.28
CA PHE A 65 7.19 -19.35 -18.97
C PHE A 65 7.67 -17.99 -18.48
N PRO A 66 7.48 -16.96 -19.31
CA PRO A 66 7.89 -15.59 -18.99
C PRO A 66 7.04 -14.97 -17.89
N GLU A 67 5.80 -15.45 -17.78
CA GLU A 67 4.88 -14.94 -16.77
C GLU A 67 5.42 -15.20 -15.36
N PHE A 68 6.00 -16.39 -15.16
CA PHE A 68 6.55 -16.76 -13.87
C PHE A 68 7.86 -16.02 -13.61
N LEU A 69 8.64 -15.83 -14.66
CA LEU A 69 9.93 -15.14 -14.54
C LEU A 69 9.72 -13.66 -14.24
N THR A 70 8.94 -13.00 -15.08
CA THR A 70 8.66 -11.57 -14.91
C THR A 70 8.15 -11.28 -13.50
N MET A 71 7.45 -12.25 -12.92
CA MET A 71 6.90 -12.10 -11.57
C MET A 71 8.01 -11.81 -10.57
N MET A 72 9.06 -12.64 -10.60
CA MET A 72 10.18 -12.48 -9.68
C MET A 72 10.95 -11.19 -9.98
N ALA A 73 11.26 -10.97 -11.25
CA ALA A 73 11.98 -9.77 -11.67
C ALA A 73 11.25 -8.51 -11.21
N ARG A 74 9.93 -8.60 -11.10
CA ARG A 74 9.12 -7.47 -10.67
C ARG A 74 9.46 -7.06 -9.24
N LYS A 75 10.07 -7.98 -8.49
CA LYS A 75 10.45 -7.71 -7.11
C LYS A 75 11.25 -6.42 -7.01
N MET A 76 11.99 -6.10 -8.06
CA MET A 76 12.79 -4.89 -8.09
C MET A 76 11.96 -3.66 -7.72
N LYS A 77 10.70 -3.67 -8.14
CA LYS A 77 9.80 -2.56 -7.85
C LYS A 77 8.38 -2.86 -8.36
N ASP A 78 7.38 -2.49 -7.57
CA ASP A 78 5.99 -2.73 -7.94
C ASP A 78 5.05 -1.97 -7.01
N THR A 79 4.90 -2.47 -5.79
CA THR A 79 4.03 -1.85 -4.80
C THR A 79 4.31 -2.37 -3.40
N ASP A 80 3.62 -1.81 -2.42
CA ASP A 80 3.79 -2.22 -1.03
C ASP A 80 2.65 -1.70 -0.15
N SER A 81 2.69 -0.40 0.13
CA SER A 81 1.66 0.22 0.96
C SER A 81 0.38 0.44 0.16
N GLU A 82 0.52 1.08 -1.00
CA GLU A 82 -0.63 1.35 -1.86
C GLU A 82 -1.40 0.07 -2.17
N GLU A 83 -0.69 -1.05 -2.13
CA GLU A 83 -1.30 -2.35 -2.42
C GLU A 83 -2.24 -2.76 -1.30
N GLU A 84 -1.73 -2.75 -0.07
CA GLU A 84 -2.53 -3.12 1.10
C GLU A 84 -3.60 -2.08 1.38
N ILE A 85 -3.20 -0.81 1.39
CA ILE A 85 -4.13 0.29 1.65
C ILE A 85 -5.31 0.24 0.68
N ARG A 86 -5.01 0.07 -0.60
CA ARG A 86 -6.05 0.01 -1.63
C ARG A 86 -7.09 -1.05 -1.29
N GLU A 87 -6.65 -2.12 -0.65
CA GLU A 87 -7.55 -3.21 -0.26
C GLU A 87 -8.37 -2.82 0.96
N ALA A 88 -7.69 -2.48 2.06
CA ALA A 88 -8.36 -2.09 3.28
C ALA A 88 -9.35 -0.96 3.03
N PHE A 89 -8.91 0.07 2.33
CA PHE A 89 -9.77 1.21 2.02
C PHE A 89 -11.08 0.75 1.40
N ARG A 90 -10.99 -0.08 0.36
CA ARG A 90 -12.16 -0.59 -0.32
C ARG A 90 -13.01 -1.43 0.62
N VAL A 91 -12.38 -2.33 1.35
CA VAL A 91 -13.07 -3.19 2.28
C VAL A 91 -13.96 -2.38 3.23
N PHE A 92 -13.39 -1.33 3.81
CA PHE A 92 -14.11 -0.47 4.73
C PHE A 92 -15.12 0.41 3.98
N ASP A 93 -14.83 0.68 2.71
CA ASP A 93 -15.70 1.50 1.88
C ASP A 93 -17.00 0.76 1.56
N LYS A 94 -18.03 1.02 2.35
CA LYS A 94 -19.33 0.39 2.17
C LYS A 94 -20.10 1.05 1.03
N ASP A 95 -20.23 2.37 1.12
CA ASP A 95 -20.94 3.13 0.09
C ASP A 95 -20.13 3.22 -1.20
N GLY A 96 -18.87 2.78 -1.12
CA GLY A 96 -18.01 2.81 -2.28
C GLY A 96 -17.82 4.21 -2.82
N ASN A 97 -17.91 5.20 -1.93
CA ASN A 97 -17.74 6.59 -2.33
C ASN A 97 -16.26 6.97 -2.39
N GLY A 98 -15.42 6.14 -1.80
CA GLY A 98 -13.99 6.39 -1.80
C GLY A 98 -13.56 7.26 -0.64
N TYR A 99 -14.39 7.34 0.38
CA TYR A 99 -14.08 8.15 1.56
C TYR A 99 -14.48 7.43 2.83
N ILE A 100 -13.79 7.72 3.93
CA ILE A 100 -14.07 7.11 5.21
C ILE A 100 -14.55 8.14 6.23
N SER A 101 -15.75 7.91 6.77
CA SER A 101 -16.33 8.83 7.75
C SER A 101 -16.46 8.14 9.11
N ALA A 102 -17.11 8.83 10.04
CA ALA A 102 -17.32 8.28 11.38
C ALA A 102 -18.39 7.20 11.38
N ALA A 103 -19.45 7.42 10.60
CA ALA A 103 -20.55 6.46 10.51
C ALA A 103 -20.06 5.14 9.94
N GLU A 104 -19.19 5.22 8.94
CA GLU A 104 -18.66 4.02 8.29
C GLU A 104 -17.58 3.37 9.16
N LEU A 105 -16.66 4.19 9.66
CA LEU A 105 -15.58 3.69 10.51
C LEU A 105 -16.13 2.87 11.67
N ARG A 106 -17.19 3.38 12.30
CA ARG A 106 -17.81 2.69 13.42
C ARG A 106 -18.14 1.25 13.07
N HIS A 107 -18.59 1.03 11.83
CA HIS A 107 -18.93 -0.31 11.37
C HIS A 107 -17.70 -1.21 11.36
N VAL A 108 -16.55 -0.63 11.03
CA VAL A 108 -15.30 -1.39 10.97
C VAL A 108 -14.84 -1.78 12.37
N MET A 109 -14.77 -0.80 13.27
CA MET A 109 -14.34 -1.05 14.64
C MET A 109 -15.30 -2.01 15.34
N THR A 110 -16.59 -1.78 15.16
CA THR A 110 -17.61 -2.62 15.78
C THR A 110 -17.38 -4.09 15.45
N ASN A 111 -16.85 -4.36 14.26
CA ASN A 111 -16.59 -5.72 13.83
C ASN A 111 -15.35 -6.29 14.54
N LEU A 112 -14.42 -5.41 14.87
CA LEU A 112 -13.19 -5.81 15.55
C LEU A 112 -13.49 -6.21 16.99
N GLY A 113 -14.56 -5.66 17.56
CA GLY A 113 -14.93 -5.98 18.91
C GLY A 113 -14.50 -4.90 19.90
N GLU A 114 -14.31 -3.69 19.40
CA GLU A 114 -13.89 -2.58 20.24
C GLU A 114 -15.05 -1.64 20.52
N LYS A 115 -15.44 -1.55 21.79
CA LYS A 115 -16.55 -0.69 22.20
C LYS A 115 -16.21 0.78 21.95
N LEU A 116 -16.99 1.42 21.09
CA LEU A 116 -16.77 2.83 20.77
C LEU A 116 -18.09 3.54 20.48
N THR A 117 -18.30 4.68 21.12
CA THR A 117 -19.52 5.45 20.93
C THR A 117 -19.36 6.49 19.83
N ASP A 118 -20.47 7.11 19.44
CA ASP A 118 -20.44 8.13 18.39
C ASP A 118 -19.41 9.20 18.70
N GLU A 119 -19.37 9.64 19.96
CA GLU A 119 -18.42 10.66 20.38
C GLU A 119 -16.98 10.16 20.27
N GLU A 120 -16.79 8.88 20.54
CA GLU A 120 -15.47 8.27 20.48
C GLU A 120 -14.94 8.26 19.05
N VAL A 121 -15.83 7.95 18.10
CA VAL A 121 -15.46 7.91 16.69
C VAL A 121 -14.96 9.27 16.21
N ASP A 122 -15.62 10.33 16.69
CA ASP A 122 -15.24 11.69 16.31
C ASP A 122 -13.74 11.93 16.52
N GLU A 123 -13.27 11.57 17.72
CA GLU A 123 -11.86 11.75 18.05
C GLU A 123 -10.97 11.04 17.04
N MET A 124 -11.48 9.97 16.44
CA MET A 124 -10.73 9.21 15.45
C MET A 124 -10.63 9.97 14.13
N ILE A 125 -11.80 10.26 13.55
CA ILE A 125 -11.85 10.99 12.28
C ILE A 125 -11.08 12.30 12.37
N ARG A 126 -11.12 12.94 13.54
CA ARG A 126 -10.41 14.19 13.75
C ARG A 126 -8.91 14.00 13.62
N GLU A 127 -8.44 12.82 13.99
CA GLU A 127 -7.01 12.52 13.92
C GLU A 127 -6.56 12.35 12.47
N ALA A 128 -7.36 11.63 11.68
CA ALA A 128 -7.04 11.40 10.29
C ALA A 128 -7.34 12.64 9.44
N ASP A 129 -8.27 13.46 9.91
CA ASP A 129 -8.64 14.68 9.21
C ASP A 129 -7.50 15.69 9.24
N ILE A 130 -6.61 15.59 8.26
CA ILE A 130 -5.47 16.50 8.16
C ILE A 130 -5.88 17.83 7.55
N ASP A 131 -6.57 17.77 6.42
CA ASP A 131 -7.03 18.98 5.73
C ASP A 131 -8.18 19.63 6.49
N GLY A 132 -8.68 18.94 7.51
CA GLY A 132 -9.78 19.47 8.29
C GLY A 132 -11.05 19.65 7.48
N ASP A 133 -11.37 18.64 6.67
CA ASP A 133 -12.56 18.70 5.83
C ASP A 133 -13.76 18.10 6.56
N GLY A 134 -13.48 17.35 7.63
CA GLY A 134 -14.55 16.74 8.39
C GLY A 134 -14.67 15.24 8.12
N GLN A 135 -13.77 14.72 7.30
CA GLN A 135 -13.78 13.31 6.96
C GLN A 135 -12.37 12.81 6.67
N VAL A 136 -12.23 11.49 6.51
CA VAL A 136 -10.93 10.89 6.23
C VAL A 136 -10.83 10.46 4.77
N ASN A 137 -10.01 11.17 4.00
CA ASN A 137 -9.82 10.86 2.59
C ASN A 137 -8.69 9.85 2.39
N TYR A 138 -8.63 9.26 1.21
CA TYR A 138 -7.60 8.28 0.90
C TYR A 138 -6.21 8.81 1.22
N GLU A 139 -5.93 10.04 0.80
CA GLU A 139 -4.64 10.67 1.05
C GLU A 139 -4.30 10.61 2.53
N GLU A 140 -5.29 10.78 3.38
CA GLU A 140 -5.10 10.75 4.83
C GLU A 140 -4.97 9.32 5.33
N PHE A 141 -5.89 8.47 4.89
CA PHE A 141 -5.89 7.07 5.30
C PHE A 141 -4.54 6.42 5.00
N VAL A 142 -3.94 6.81 3.88
CA VAL A 142 -2.64 6.27 3.49
C VAL A 142 -1.53 6.76 4.41
N GLN A 143 -1.57 8.06 4.72
CA GLN A 143 -0.57 8.66 5.60
C GLN A 143 -0.69 8.12 7.03
N MET A 144 -1.92 7.77 7.41
CA MET A 144 -2.18 7.26 8.75
C MET A 144 -1.63 5.84 8.90
N MET A 145 -2.06 4.94 8.03
CA MET A 145 -1.62 3.56 8.06
C MET A 145 -0.12 3.46 7.73
N THR A 146 0.37 4.44 6.98
CA THR A 146 1.78 4.46 6.59
C THR A 146 2.53 5.56 7.32
N ALA A 147 1.99 5.99 8.46
CA ALA A 147 2.61 7.03 9.27
C ALA A 147 4.07 6.70 9.56
N LYS A 148 4.96 7.63 9.26
CA LYS A 148 6.38 7.44 9.48
C LYS A 148 6.82 8.11 10.78
N LEU B 1 9.66 13.70 21.22
CA LEU B 1 8.53 14.42 21.80
C LEU B 1 7.24 13.62 21.64
N SER B 2 6.49 13.48 22.73
CA SER B 2 5.23 12.74 22.72
C SER B 2 4.15 13.49 23.50
N GLY B 3 2.91 13.03 23.34
CA GLY B 3 1.81 13.67 24.05
C GLY B 3 0.51 13.59 23.27
N GLY B 4 0.13 12.38 22.88
CA GLY B 4 -1.10 12.19 22.14
C GLY B 4 -1.07 10.93 21.27
N GLU B 5 -1.35 11.09 19.99
CA GLU B 5 -1.36 9.96 19.07
C GLU B 5 -2.34 8.88 19.54
N LEU B 6 -3.56 8.95 19.02
CA LEU B 6 -4.59 7.98 19.39
C LEU B 6 -4.09 6.54 19.19
N ASP B 7 -4.18 5.75 20.25
CA ASP B 7 -3.73 4.36 20.19
C ASP B 7 -4.70 3.51 19.38
N LYS B 8 -5.97 3.89 19.38
CA LYS B 8 -6.99 3.17 18.63
C LYS B 8 -6.60 3.05 17.16
N TRP B 9 -6.24 4.17 16.55
CA TRP B 9 -5.84 4.18 15.14
C TRP B 9 -4.75 3.15 14.87
N GLU B 10 -3.79 3.07 15.78
CA GLU B 10 -2.68 2.13 15.63
C GLU B 10 -3.21 0.71 15.46
N LYS B 11 -4.39 0.45 16.01
CA LYS B 11 -5.00 -0.87 15.92
C LYS B 11 -5.45 -1.16 14.49
N ILE B 12 -5.82 -0.11 13.76
CA ILE B 12 -6.25 -0.27 12.38
C ILE B 12 -5.07 -0.38 11.43
N ARG B 13 -3.92 0.15 11.85
CA ARG B 13 -2.71 0.10 11.04
C ARG B 13 -2.40 -1.33 10.62
N LEU B 14 -2.81 -2.29 11.45
CA LEU B 14 -2.58 -3.70 11.16
C LEU B 14 -1.08 -3.99 11.01
N ARG B 15 -0.75 -5.24 10.78
CA ARG B 15 0.65 -5.65 10.60
C ARG B 15 0.75 -7.14 10.33
N PRO B 16 0.08 -7.60 9.27
CA PRO B 16 0.07 -9.02 8.87
C PRO B 16 1.42 -9.46 8.33
N GLY B 17 1.47 -10.67 7.78
CA GLY B 17 2.70 -11.20 7.23
C GLY B 17 2.46 -12.08 6.03
N GLY B 18 1.30 -11.95 5.41
CA GLY B 18 0.97 -12.75 4.25
C GLY B 18 -0.29 -12.28 3.55
N LYS B 19 -0.58 -10.99 3.67
CA LYS B 19 -1.77 -10.41 3.04
C LYS B 19 -1.38 -9.36 2.01
N LYS B 20 -0.18 -9.50 1.46
CA LYS B 20 0.31 -8.55 0.45
C LYS B 20 1.41 -9.19 -0.39
N GLN B 21 1.81 -8.49 -1.45
CA GLN B 21 2.86 -8.97 -2.34
C GLN B 21 2.44 -10.27 -3.02
N TYR B 22 3.24 -10.74 -3.95
CA TYR B 22 2.94 -11.97 -4.68
C TYR B 22 3.02 -13.18 -3.76
N LYS B 23 1.87 -13.55 -3.19
CA LYS B 23 1.81 -14.69 -2.29
C LYS B 23 2.29 -15.97 -2.98
N LEU B 24 2.23 -15.97 -4.31
CA LEU B 24 2.66 -17.12 -5.10
C LEU B 24 4.18 -17.28 -5.04
N LYS B 25 4.89 -16.17 -5.20
CA LYS B 25 6.34 -16.17 -5.18
C LYS B 25 6.86 -16.95 -3.96
N HIS B 26 6.26 -16.69 -2.81
CA HIS B 26 6.65 -17.36 -1.57
C HIS B 26 6.70 -18.87 -1.77
N ILE B 27 5.75 -19.40 -2.53
CA ILE B 27 5.69 -20.83 -2.80
C ILE B 27 7.03 -21.36 -3.29
N VAL B 28 7.70 -20.57 -4.13
CA VAL B 28 8.99 -20.96 -4.67
C VAL B 28 9.94 -21.41 -3.56
N TRP B 29 9.89 -20.73 -2.43
CA TRP B 29 10.74 -21.07 -1.30
C TRP B 29 10.50 -22.50 -0.84
N ALA B 30 9.23 -22.91 -0.84
CA ALA B 30 8.86 -24.26 -0.44
C ALA B 30 9.46 -25.30 -1.38
N SER B 31 9.85 -24.86 -2.57
CA SER B 31 10.43 -25.76 -3.55
C SER B 31 11.83 -26.21 -3.13
N ARG B 32 12.42 -25.47 -2.20
CA ARG B 32 13.75 -25.80 -1.71
C ARG B 32 13.82 -27.24 -1.23
N GLU B 33 12.69 -27.77 -0.78
CA GLU B 33 12.62 -29.15 -0.31
C GLU B 33 12.38 -30.11 -1.46
N LEU B 34 11.40 -29.79 -2.31
CA LEU B 34 11.06 -30.63 -3.45
C LEU B 34 12.23 -30.68 -4.45
N GLU B 35 12.50 -31.86 -4.98
CA GLU B 35 13.57 -32.05 -5.94
C GLU B 35 13.20 -33.07 -7.00
N ARG B 36 12.86 -32.59 -8.20
CA ARG B 36 12.48 -33.47 -9.29
C ARG B 36 12.97 -32.92 -10.64
CA CA C . -17.29 5.13 2.40
CA CA D . -9.73 15.18 5.65
CA CA E . 1.93 -27.06 -16.70
CA CA F . -1.01 -16.18 -18.21
N ALA A 1 26.09 -12.59 -10.41
CA ALA A 1 25.39 -11.40 -10.87
C ALA A 1 24.43 -10.89 -9.81
N ASP A 2 24.50 -9.59 -9.53
CA ASP A 2 23.64 -8.97 -8.53
C ASP A 2 23.13 -7.62 -9.02
N GLN A 3 22.80 -7.54 -10.30
CA GLN A 3 22.31 -6.30 -10.89
C GLN A 3 21.78 -6.54 -12.30
N LEU A 4 20.82 -5.73 -12.71
CA LEU A 4 20.22 -5.85 -14.04
C LEU A 4 21.11 -5.20 -15.09
N THR A 5 21.22 -5.83 -16.25
CA THR A 5 22.04 -5.31 -17.33
C THR A 5 21.17 -4.59 -18.38
N GLU A 6 21.83 -3.98 -19.35
CA GLU A 6 21.12 -3.24 -20.40
C GLU A 6 20.11 -4.16 -21.10
N GLU A 7 20.43 -5.45 -21.17
CA GLU A 7 19.55 -6.42 -21.81
C GLU A 7 18.26 -6.58 -21.01
N GLN A 8 18.35 -6.36 -19.70
CA GLN A 8 17.19 -6.51 -18.83
C GLN A 8 16.28 -5.29 -18.94
N ILE A 9 16.87 -4.11 -18.90
CA ILE A 9 16.10 -2.87 -19.00
C ILE A 9 15.59 -2.64 -20.42
N ALA A 10 16.42 -2.96 -21.40
CA ALA A 10 16.04 -2.82 -22.80
C ALA A 10 14.73 -3.53 -23.10
N GLU A 11 14.49 -4.63 -22.40
CA GLU A 11 13.27 -5.41 -22.59
C GLU A 11 12.07 -4.71 -21.96
N PHE A 12 12.20 -4.33 -20.69
CA PHE A 12 11.13 -3.66 -19.97
C PHE A 12 10.77 -2.34 -20.66
N LYS A 13 11.79 -1.57 -21.02
CA LYS A 13 11.57 -0.29 -21.69
C LYS A 13 10.70 -0.46 -22.93
N GLU A 14 10.87 -1.58 -23.62
CA GLU A 14 10.10 -1.86 -24.82
C GLU A 14 8.61 -2.02 -24.49
N ALA A 15 8.33 -2.52 -23.29
CA ALA A 15 6.96 -2.72 -22.85
C ALA A 15 6.26 -1.39 -22.59
N PHE A 16 6.93 -0.51 -21.84
CA PHE A 16 6.38 0.80 -21.53
C PHE A 16 6.00 1.56 -22.79
N SER A 17 6.95 1.69 -23.70
CA SER A 17 6.72 2.40 -24.96
C SER A 17 5.52 1.82 -25.69
N LEU A 18 5.27 0.53 -25.48
CA LEU A 18 4.14 -0.14 -26.12
C LEU A 18 2.81 0.42 -25.62
N PHE A 19 2.72 0.60 -24.31
CA PHE A 19 1.51 1.13 -23.70
C PHE A 19 1.39 2.63 -23.94
N ASP A 20 2.53 3.28 -24.13
CA ASP A 20 2.55 4.72 -24.37
C ASP A 20 2.20 5.04 -25.82
N LYS A 21 0.94 5.40 -26.05
CA LYS A 21 0.47 5.73 -27.40
C LYS A 21 1.14 7.01 -27.90
N ASP A 22 1.08 8.07 -27.09
CA ASP A 22 1.68 9.34 -27.45
C ASP A 22 3.19 9.34 -27.19
N GLY A 23 3.66 8.29 -26.51
CA GLY A 23 5.08 8.20 -26.21
C GLY A 23 5.62 9.44 -25.56
N ASP A 24 4.86 10.01 -24.62
CA ASP A 24 5.29 11.22 -23.92
C ASP A 24 6.11 10.88 -22.68
N GLY A 25 6.04 9.62 -22.27
CA GLY A 25 6.79 9.19 -21.10
C GLY A 25 5.91 9.07 -19.87
N THR A 26 4.60 9.00 -20.08
CA THR A 26 3.65 8.89 -18.97
C THR A 26 2.36 8.22 -19.42
N ILE A 27 1.92 7.22 -18.67
CA ILE A 27 0.69 6.51 -19.00
C ILE A 27 -0.48 7.05 -18.19
N THR A 28 -1.52 7.50 -18.89
CA THR A 28 -2.71 8.03 -18.23
C THR A 28 -3.88 7.05 -18.31
N THR A 29 -4.99 7.41 -17.68
CA THR A 29 -6.18 6.56 -17.68
C THR A 29 -6.69 6.33 -19.10
N LYS A 30 -6.46 7.31 -19.97
CA LYS A 30 -6.90 7.22 -21.36
C LYS A 30 -6.04 6.22 -22.14
N GLU A 31 -4.73 6.36 -22.02
CA GLU A 31 -3.80 5.48 -22.72
C GLU A 31 -3.84 4.08 -22.12
N LEU A 32 -4.09 4.00 -20.82
CA LEU A 32 -4.15 2.72 -20.12
C LEU A 32 -5.42 1.96 -20.51
N GLY A 33 -6.54 2.67 -20.56
CA GLY A 33 -7.81 2.05 -20.92
C GLY A 33 -7.86 1.66 -22.37
N THR A 34 -7.12 2.37 -23.22
CA THR A 34 -7.10 2.08 -24.64
C THR A 34 -6.33 0.80 -24.93
N VAL A 35 -5.07 0.76 -24.52
CA VAL A 35 -4.23 -0.41 -24.73
C VAL A 35 -4.92 -1.67 -24.23
N MET A 36 -5.42 -1.63 -23.01
CA MET A 36 -6.11 -2.77 -22.42
C MET A 36 -7.32 -3.17 -23.25
N ARG A 37 -8.05 -2.17 -23.75
CA ARG A 37 -9.23 -2.40 -24.55
C ARG A 37 -8.92 -3.36 -25.70
N SER A 38 -7.78 -3.14 -26.36
CA SER A 38 -7.37 -3.98 -27.48
C SER A 38 -6.98 -5.37 -27.00
N LEU A 39 -6.57 -5.46 -25.74
CA LEU A 39 -6.16 -6.75 -25.16
C LEU A 39 -7.39 -7.60 -24.82
N GLY A 40 -8.54 -6.95 -24.69
CA GLY A 40 -9.76 -7.68 -24.38
C GLY A 40 -10.15 -7.56 -22.92
N GLN A 41 -9.78 -6.44 -22.30
CA GLN A 41 -10.09 -6.21 -20.90
C GLN A 41 -10.76 -4.85 -20.70
N ASN A 42 -11.96 -4.87 -20.13
CA ASN A 42 -12.71 -3.64 -19.88
C ASN A 42 -12.77 -3.32 -18.39
N PRO A 43 -11.68 -2.73 -17.87
CA PRO A 43 -11.60 -2.37 -16.46
C PRO A 43 -12.52 -1.21 -16.09
N THR A 44 -12.69 -0.97 -14.80
CA THR A 44 -13.55 0.10 -14.31
C THR A 44 -12.75 1.38 -14.08
N GLU A 45 -13.45 2.51 -14.08
CA GLU A 45 -12.81 3.80 -13.87
C GLU A 45 -11.94 3.78 -12.62
N ALA A 46 -12.48 3.23 -11.54
CA ALA A 46 -11.75 3.14 -10.28
C ALA A 46 -10.63 2.11 -10.35
N GLU A 47 -10.85 1.07 -11.15
CA GLU A 47 -9.86 0.00 -11.32
C GLU A 47 -8.65 0.52 -12.09
N LEU A 48 -8.90 1.29 -13.14
CA LEU A 48 -7.82 1.84 -13.95
C LEU A 48 -6.89 2.70 -13.12
N GLN A 49 -7.47 3.65 -12.38
CA GLN A 49 -6.70 4.54 -11.54
C GLN A 49 -6.13 3.81 -10.33
N ASP A 50 -6.84 2.76 -9.90
CA ASP A 50 -6.41 1.98 -8.75
C ASP A 50 -5.00 1.43 -8.96
N MET A 51 -4.78 0.81 -10.12
CA MET A 51 -3.48 0.24 -10.45
C MET A 51 -2.44 1.34 -10.67
N ILE A 52 -2.87 2.43 -11.30
CA ILE A 52 -1.99 3.56 -11.57
C ILE A 52 -1.46 4.17 -10.28
N ASN A 53 -2.37 4.51 -9.37
CA ASN A 53 -2.00 5.10 -8.09
C ASN A 53 -0.98 4.21 -7.36
N GLU A 54 -1.12 2.91 -7.54
CA GLU A 54 -0.21 1.95 -6.90
C GLU A 54 1.22 2.18 -7.32
N VAL A 55 1.46 2.18 -8.63
CA VAL A 55 2.80 2.39 -9.16
C VAL A 55 3.17 3.87 -9.14
N ASP A 56 2.18 4.72 -8.90
CA ASP A 56 2.40 6.16 -8.83
C ASP A 56 3.26 6.53 -7.63
N ALA A 57 4.56 6.67 -7.86
CA ALA A 57 5.49 7.02 -6.79
C ALA A 57 5.61 8.54 -6.64
N ASP A 58 5.56 9.25 -7.76
CA ASP A 58 5.66 10.70 -7.74
C ASP A 58 4.29 11.34 -7.54
N GLY A 59 3.28 10.50 -7.41
CA GLY A 59 1.92 11.00 -7.21
C GLY A 59 1.53 12.04 -8.25
N ASN A 60 1.52 11.62 -9.52
CA ASN A 60 1.17 12.52 -10.61
C ASN A 60 -0.12 12.07 -11.28
N GLY A 61 -0.51 10.83 -11.03
CA GLY A 61 -1.72 10.29 -11.62
C GLY A 61 -1.46 9.55 -12.91
N THR A 62 -0.21 9.16 -13.13
CA THR A 62 0.18 8.43 -14.33
C THR A 62 1.37 7.52 -14.07
N ILE A 63 1.73 6.73 -15.07
CA ILE A 63 2.86 5.81 -14.95
C ILE A 63 4.07 6.32 -15.70
N ASP A 64 5.11 6.72 -14.97
CA ASP A 64 6.33 7.23 -15.58
C ASP A 64 7.16 6.09 -16.17
N PHE A 65 8.37 6.41 -16.63
CA PHE A 65 9.25 5.43 -17.22
C PHE A 65 9.68 4.39 -16.17
N PRO A 66 10.31 4.87 -15.10
CA PRO A 66 10.79 4.01 -14.00
C PRO A 66 9.64 3.41 -13.20
N GLU A 67 8.51 4.11 -13.17
CA GLU A 67 7.35 3.65 -12.43
C GLU A 67 6.85 2.31 -12.97
N PHE A 68 6.86 2.18 -14.29
CA PHE A 68 6.41 0.94 -14.92
C PHE A 68 7.46 -0.16 -14.78
N LEU A 69 8.73 0.23 -14.83
CA LEU A 69 9.82 -0.72 -14.68
C LEU A 69 9.89 -1.29 -13.28
N THR A 70 9.96 -0.40 -12.29
CA THR A 70 10.02 -0.81 -10.89
C THR A 70 8.88 -1.76 -10.55
N MET A 71 7.76 -1.63 -11.26
CA MET A 71 6.61 -2.49 -11.02
C MET A 71 6.93 -3.94 -11.37
N MET A 72 7.52 -4.16 -12.54
CA MET A 72 7.88 -5.50 -12.98
C MET A 72 8.92 -6.11 -12.04
N ALA A 73 9.86 -5.29 -11.58
CA ALA A 73 10.90 -5.76 -10.67
C ALA A 73 10.36 -5.98 -9.27
N ARG A 74 9.32 -5.23 -8.91
CA ARG A 74 8.71 -5.35 -7.60
C ARG A 74 8.04 -6.71 -7.42
N LYS A 75 7.77 -7.37 -8.54
CA LYS A 75 7.14 -8.68 -8.52
C LYS A 75 7.86 -9.62 -7.57
N MET A 76 9.17 -9.43 -7.44
CA MET A 76 9.98 -10.26 -6.55
C MET A 76 9.40 -10.29 -5.15
N LYS A 77 9.26 -9.11 -4.54
CA LYS A 77 8.72 -8.99 -3.20
C LYS A 77 8.50 -7.53 -2.82
N ASP A 78 7.93 -7.32 -1.64
CA ASP A 78 7.67 -5.96 -1.16
C ASP A 78 6.67 -5.25 -2.06
N THR A 79 5.39 -5.54 -1.86
CA THR A 79 4.33 -4.93 -2.65
C THR A 79 2.97 -5.10 -1.98
N ASP A 80 2.98 -5.23 -0.66
CA ASP A 80 1.75 -5.39 0.10
C ASP A 80 1.52 -4.22 1.03
N SER A 81 2.61 -3.54 1.41
CA SER A 81 2.52 -2.40 2.30
C SER A 81 1.71 -1.27 1.67
N GLU A 82 1.71 -1.22 0.34
CA GLU A 82 0.98 -0.20 -0.39
C GLU A 82 -0.37 -0.72 -0.86
N GLU A 83 -0.44 -2.02 -1.12
CA GLU A 83 -1.68 -2.65 -1.58
C GLU A 83 -2.68 -2.77 -0.44
N GLU A 84 -2.19 -3.23 0.72
CA GLU A 84 -3.04 -3.41 1.89
C GLU A 84 -3.75 -2.11 2.24
N ILE A 85 -3.06 -0.99 2.04
CA ILE A 85 -3.62 0.33 2.34
C ILE A 85 -4.84 0.61 1.46
N ARG A 86 -4.71 0.34 0.16
CA ARG A 86 -5.80 0.56 -0.79
C ARG A 86 -6.92 -0.46 -0.58
N GLU A 87 -6.55 -1.74 -0.61
CA GLU A 87 -7.52 -2.81 -0.43
C GLU A 87 -8.35 -2.59 0.83
N ALA A 88 -7.69 -2.25 1.92
CA ALA A 88 -8.36 -2.01 3.19
C ALA A 88 -9.43 -0.92 3.05
N PHE A 89 -9.10 0.13 2.31
CA PHE A 89 -10.03 1.23 2.10
C PHE A 89 -11.35 0.72 1.52
N ARG A 90 -11.27 -0.29 0.67
CA ARG A 90 -12.47 -0.86 0.06
C ARG A 90 -13.30 -1.62 1.09
N VAL A 91 -12.63 -2.45 1.88
CA VAL A 91 -13.30 -3.24 2.91
C VAL A 91 -14.14 -2.34 3.83
N PHE A 92 -13.72 -1.10 3.97
CA PHE A 92 -14.42 -0.14 4.81
C PHE A 92 -15.39 0.70 3.99
N ASP A 93 -15.06 0.89 2.71
CA ASP A 93 -15.91 1.67 1.82
C ASP A 93 -17.07 0.83 1.29
N LYS A 94 -18.12 0.70 2.09
CA LYS A 94 -19.29 -0.07 1.71
C LYS A 94 -20.15 0.70 0.71
N ASP A 95 -20.35 1.99 0.97
CA ASP A 95 -21.14 2.84 0.09
C ASP A 95 -20.38 3.14 -1.20
N GLY A 96 -19.12 2.78 -1.23
CA GLY A 96 -18.30 3.01 -2.41
C GLY A 96 -18.20 4.49 -2.75
N ASN A 97 -18.25 5.33 -1.73
CA ASN A 97 -18.16 6.78 -1.91
C ASN A 97 -16.71 7.22 -2.04
N GLY A 98 -15.79 6.35 -1.64
CA GLY A 98 -14.38 6.67 -1.72
C GLY A 98 -13.91 7.54 -0.57
N TYR A 99 -14.70 7.57 0.50
CA TYR A 99 -14.36 8.37 1.67
C TYR A 99 -14.77 7.65 2.95
N ILE A 100 -13.94 7.80 3.99
CA ILE A 100 -14.21 7.16 5.28
C ILE A 100 -14.72 8.19 6.29
N SER A 101 -15.93 7.96 6.78
CA SER A 101 -16.54 8.86 7.76
C SER A 101 -16.52 8.24 9.16
N ALA A 102 -17.12 8.94 10.11
CA ALA A 102 -17.18 8.45 11.49
C ALA A 102 -18.17 7.31 11.63
N ALA A 103 -19.19 7.30 10.78
CA ALA A 103 -20.21 6.27 10.81
C ALA A 103 -19.66 4.93 10.30
N GLU A 104 -18.82 5.01 9.27
CA GLU A 104 -18.22 3.81 8.69
C GLU A 104 -17.14 3.24 9.61
N LEU A 105 -16.29 4.13 10.13
CA LEU A 105 -15.21 3.72 11.00
C LEU A 105 -15.74 2.88 12.16
N ARG A 106 -16.95 3.19 12.62
CA ARG A 106 -17.57 2.46 13.71
C ARG A 106 -17.97 1.05 13.27
N HIS A 107 -18.56 0.96 12.09
CA HIS A 107 -18.98 -0.34 11.56
C HIS A 107 -17.82 -1.33 11.53
N VAL A 108 -16.64 -0.83 11.21
CA VAL A 108 -15.44 -1.66 11.16
C VAL A 108 -14.98 -2.05 12.56
N MET A 109 -15.17 -1.15 13.51
CA MET A 109 -14.77 -1.40 14.89
C MET A 109 -15.65 -2.46 15.53
N THR A 110 -16.92 -2.50 15.12
CA THR A 110 -17.87 -3.46 15.66
C THR A 110 -17.42 -4.89 15.38
N ASN A 111 -16.94 -5.13 14.17
CA ASN A 111 -16.47 -6.45 13.78
C ASN A 111 -15.12 -6.76 14.41
N LEU A 112 -14.32 -5.72 14.63
CA LEU A 112 -13.00 -5.88 15.23
C LEU A 112 -13.12 -6.26 16.70
N GLY A 113 -14.23 -5.87 17.32
CA GLY A 113 -14.44 -6.18 18.73
C GLY A 113 -14.14 -5.00 19.64
N GLU A 114 -14.37 -3.80 19.12
CA GLU A 114 -14.13 -2.58 19.88
C GLU A 114 -15.38 -1.71 19.95
N LYS A 115 -15.98 -1.63 21.12
CA LYS A 115 -17.19 -0.83 21.32
C LYS A 115 -16.86 0.65 21.36
N LEU A 116 -17.52 1.43 20.51
CA LEU A 116 -17.29 2.87 20.46
C LEU A 116 -18.59 3.62 20.14
N THR A 117 -18.60 4.92 20.40
CA THR A 117 -19.77 5.74 20.14
C THR A 117 -19.47 6.83 19.11
N ASP A 118 -20.50 7.56 18.72
CA ASP A 118 -20.34 8.64 17.73
C ASP A 118 -19.34 9.67 18.23
N GLU A 119 -19.38 9.96 19.53
CA GLU A 119 -18.48 10.94 20.12
C GLU A 119 -17.05 10.39 20.19
N GLU A 120 -16.94 9.08 20.41
CA GLU A 120 -15.64 8.43 20.50
C GLU A 120 -14.96 8.39 19.13
N VAL A 121 -15.73 8.03 18.10
CA VAL A 121 -15.19 7.94 16.75
C VAL A 121 -14.64 9.28 16.29
N ASP A 122 -15.24 10.37 16.78
CA ASP A 122 -14.80 11.71 16.43
C ASP A 122 -13.31 11.87 16.64
N GLU A 123 -12.81 11.34 17.76
CA GLU A 123 -11.40 11.43 18.10
C GLU A 123 -10.54 10.80 17.00
N MET A 124 -11.09 9.79 16.33
CA MET A 124 -10.38 9.10 15.27
C MET A 124 -10.38 9.95 13.99
N ILE A 125 -11.57 10.26 13.49
CA ILE A 125 -11.71 11.07 12.28
C ILE A 125 -10.93 12.37 12.39
N ARG A 126 -10.91 12.94 13.59
CA ARG A 126 -10.20 14.19 13.84
C ARG A 126 -8.69 14.02 13.60
N GLU A 127 -8.19 12.82 13.87
CA GLU A 127 -6.78 12.53 13.69
C GLU A 127 -6.44 12.38 12.21
N ALA A 128 -7.18 11.52 11.53
CA ALA A 128 -6.96 11.28 10.11
C ALA A 128 -7.27 12.53 9.28
N ASP A 129 -8.25 13.30 9.73
CA ASP A 129 -8.63 14.52 9.04
C ASP A 129 -7.54 15.58 9.16
N ILE A 130 -6.57 15.54 8.24
CA ILE A 130 -5.47 16.49 8.24
C ILE A 130 -5.89 17.82 7.63
N ASP A 131 -6.57 17.76 6.49
CA ASP A 131 -7.03 18.95 5.81
C ASP A 131 -8.20 19.58 6.55
N GLY A 132 -8.71 18.88 7.55
CA GLY A 132 -9.84 19.39 8.32
C GLY A 132 -11.07 19.57 7.48
N ASP A 133 -11.36 18.60 6.61
CA ASP A 133 -12.53 18.67 5.75
C ASP A 133 -13.75 18.07 6.44
N GLY A 134 -13.52 17.33 7.52
CA GLY A 134 -14.61 16.72 8.25
C GLY A 134 -14.73 15.23 7.98
N GLN A 135 -13.81 14.71 7.16
CA GLN A 135 -13.83 13.29 6.83
C GLN A 135 -12.42 12.78 6.57
N VAL A 136 -12.29 11.46 6.40
CA VAL A 136 -10.99 10.85 6.15
C VAL A 136 -10.87 10.40 4.71
N ASN A 137 -10.03 11.08 3.95
CA ASN A 137 -9.82 10.75 2.54
C ASN A 137 -8.67 9.76 2.38
N TYR A 138 -8.58 9.14 1.20
CA TYR A 138 -7.53 8.18 0.93
C TYR A 138 -6.16 8.75 1.25
N GLU A 139 -5.91 9.98 0.79
CA GLU A 139 -4.63 10.64 1.03
C GLU A 139 -4.29 10.62 2.52
N GLU A 140 -5.28 10.82 3.36
CA GLU A 140 -5.08 10.83 4.81
C GLU A 140 -4.98 9.41 5.35
N PHE A 141 -5.70 8.49 4.72
CA PHE A 141 -5.70 7.09 5.13
C PHE A 141 -4.33 6.46 4.86
N VAL A 142 -3.74 6.81 3.73
CA VAL A 142 -2.43 6.26 3.36
C VAL A 142 -1.33 6.84 4.24
N GLN A 143 -1.30 8.16 4.37
CA GLN A 143 -0.29 8.83 5.18
C GLN A 143 -0.40 8.41 6.64
N MET A 144 -1.63 8.25 7.11
CA MET A 144 -1.87 7.84 8.49
C MET A 144 -1.43 6.40 8.72
N MET A 145 -1.97 5.49 7.92
CA MET A 145 -1.62 4.07 8.03
C MET A 145 -0.14 3.85 7.80
N THR A 146 0.47 4.72 6.99
CA THR A 146 1.89 4.61 6.70
C THR A 146 2.69 5.69 7.43
N ALA A 147 2.11 6.22 8.50
CA ALA A 147 2.76 7.26 9.29
C ALA A 147 4.16 6.84 9.69
N LYS A 148 5.14 7.72 9.47
CA LYS A 148 6.52 7.44 9.82
C LYS A 148 6.64 6.97 11.26
N LEU B 1 4.41 0.21 25.77
CA LEU B 1 3.31 1.10 25.38
C LEU B 1 2.51 1.53 26.60
N SER B 2 1.46 2.32 26.38
CA SER B 2 0.62 2.80 27.46
C SER B 2 -0.84 2.88 27.02
N GLY B 3 -1.75 2.91 28.00
CA GLY B 3 -3.16 2.97 27.70
C GLY B 3 -3.78 4.30 28.10
N GLY B 4 -5.10 4.38 28.01
CA GLY B 4 -5.80 5.61 28.38
C GLY B 4 -5.61 6.70 27.36
N GLU B 5 -5.42 6.32 26.10
CA GLU B 5 -5.23 7.28 25.02
C GLU B 5 -5.90 6.80 23.74
N LEU B 6 -5.63 7.50 22.65
CA LEU B 6 -6.20 7.15 21.35
C LEU B 6 -5.33 6.13 20.63
N ASP B 7 -5.41 4.88 21.06
CA ASP B 7 -4.63 3.80 20.46
C ASP B 7 -5.49 2.96 19.52
N LYS B 8 -6.58 3.55 19.03
CA LYS B 8 -7.48 2.86 18.13
C LYS B 8 -6.90 2.78 16.72
N TRP B 9 -6.46 3.93 16.21
CA TRP B 9 -5.87 3.98 14.88
C TRP B 9 -4.76 2.96 14.71
N GLU B 10 -3.94 2.81 15.75
CA GLU B 10 -2.84 1.85 15.73
C GLU B 10 -3.34 0.45 15.43
N LYS B 11 -4.59 0.19 15.76
CA LYS B 11 -5.20 -1.12 15.53
C LYS B 11 -5.61 -1.27 14.06
N ILE B 12 -5.88 -0.15 13.40
CA ILE B 12 -6.28 -0.16 12.00
C ILE B 12 -5.05 -0.11 11.09
N ARG B 13 -3.96 0.44 11.60
CA ARG B 13 -2.73 0.55 10.83
C ARG B 13 -2.33 -0.81 10.24
N LEU B 14 -2.55 -1.87 11.01
CA LEU B 14 -2.23 -3.22 10.57
C LEU B 14 -0.76 -3.31 10.16
N ARG B 15 -0.37 -4.48 9.64
CA ARG B 15 1.01 -4.70 9.22
C ARG B 15 1.06 -5.48 7.91
N PRO B 16 2.09 -5.22 7.10
CA PRO B 16 2.28 -5.89 5.81
C PRO B 16 2.64 -7.37 5.98
N GLY B 17 1.65 -8.23 5.78
CA GLY B 17 1.89 -9.66 5.92
C GLY B 17 1.05 -10.48 4.95
N GLY B 18 0.91 -9.98 3.73
CA GLY B 18 0.12 -10.68 2.72
C GLY B 18 0.86 -10.81 1.41
N LYS B 19 0.27 -11.59 0.49
CA LYS B 19 0.88 -11.79 -0.82
C LYS B 19 0.65 -10.60 -1.73
N LYS B 20 -0.59 -10.44 -2.20
CA LYS B 20 -0.95 -9.34 -3.07
C LYS B 20 -0.11 -9.34 -4.34
N GLN B 21 -0.40 -8.41 -5.25
CA GLN B 21 0.33 -8.33 -6.50
C GLN B 21 -0.17 -7.16 -7.34
N TYR B 22 0.50 -6.90 -8.46
CA TYR B 22 0.12 -5.81 -9.35
C TYR B 22 -0.86 -6.30 -10.42
N LYS B 23 -1.99 -5.62 -10.53
CA LYS B 23 -3.01 -5.99 -11.52
C LYS B 23 -2.76 -5.28 -12.85
N LEU B 24 -1.60 -4.63 -12.95
CA LEU B 24 -1.24 -3.92 -14.17
C LEU B 24 -0.14 -4.67 -14.93
N LYS B 25 0.92 -5.04 -14.21
CA LYS B 25 2.03 -5.77 -14.82
C LYS B 25 1.52 -6.95 -15.65
N HIS B 26 0.58 -7.70 -15.09
CA HIS B 26 0.03 -8.85 -15.78
C HIS B 26 -0.45 -8.46 -17.19
N ILE B 27 -1.04 -7.28 -17.29
CA ILE B 27 -1.54 -6.79 -18.57
C ILE B 27 -0.46 -6.90 -19.66
N VAL B 28 0.77 -6.62 -19.27
CA VAL B 28 1.89 -6.67 -20.21
C VAL B 28 1.88 -7.98 -20.99
N TRP B 29 1.55 -9.07 -20.32
CA TRP B 29 1.50 -10.38 -20.95
C TRP B 29 0.52 -10.39 -22.12
N ALA B 30 -0.61 -9.72 -21.94
CA ALA B 30 -1.62 -9.64 -22.99
C ALA B 30 -1.08 -8.92 -24.23
N SER B 31 0.00 -8.17 -24.04
CA SER B 31 0.61 -7.43 -25.14
C SER B 31 1.24 -8.38 -26.16
N ARG B 32 1.47 -9.61 -25.73
CA ARG B 32 2.07 -10.62 -26.61
C ARG B 32 1.31 -10.73 -27.92
N GLU B 33 0.01 -10.44 -27.86
CA GLU B 33 -0.84 -10.51 -29.06
C GLU B 33 -0.71 -9.23 -29.88
N LEU B 34 -0.82 -8.09 -29.21
CA LEU B 34 -0.71 -6.80 -29.89
C LEU B 34 0.67 -6.62 -30.52
N GLU B 35 0.84 -5.52 -31.25
CA GLU B 35 2.11 -5.24 -31.90
C GLU B 35 2.35 -3.74 -32.02
N ARG B 36 3.47 -3.36 -32.62
CA ARG B 36 3.82 -1.95 -32.78
C ARG B 36 4.33 -1.68 -34.20
CA CA C . -17.35 5.15 2.58
CA CA D . -9.75 15.08 5.50
CA CA E . 1.04 8.90 -22.63
CA CA F . 3.51 8.47 -11.57
N ALA A 1 16.27 22.21 2.95
CA ALA A 1 15.09 21.57 3.51
C ALA A 1 15.38 20.11 3.88
N ASP A 2 16.12 19.91 4.97
CA ASP A 2 16.49 18.57 5.42
C ASP A 2 15.25 17.84 5.94
N GLN A 3 15.20 16.53 5.70
CA GLN A 3 14.08 15.72 6.15
C GLN A 3 14.41 15.04 7.47
N LEU A 4 15.66 14.66 7.65
CA LEU A 4 16.10 13.99 8.87
C LEU A 4 16.92 14.94 9.74
N THR A 5 16.80 14.77 11.06
CA THR A 5 17.53 15.62 12.00
C THR A 5 18.45 14.77 12.89
N GLU A 6 19.21 15.45 13.75
CA GLU A 6 20.13 14.77 14.65
C GLU A 6 19.38 13.76 15.52
N GLU A 7 18.12 14.05 15.81
CA GLU A 7 17.30 13.17 16.63
C GLU A 7 17.02 11.86 15.90
N GLN A 8 16.74 11.95 14.61
CA GLN A 8 16.44 10.77 13.81
C GLN A 8 17.72 10.03 13.44
N ILE A 9 18.79 10.77 13.19
CA ILE A 9 20.08 10.19 12.84
C ILE A 9 20.73 9.53 14.05
N ALA A 10 20.59 10.17 15.21
CA ALA A 10 21.16 9.65 16.44
C ALA A 10 20.69 8.22 16.71
N GLU A 11 19.39 7.99 16.54
CA GLU A 11 18.82 6.67 16.77
C GLU A 11 19.33 5.67 15.74
N PHE A 12 19.60 6.16 14.53
CA PHE A 12 20.09 5.30 13.46
C PHE A 12 21.55 4.92 13.70
N LYS A 13 22.36 5.91 14.06
CA LYS A 13 23.78 5.67 14.32
C LYS A 13 23.97 4.61 15.40
N GLU A 14 23.09 4.63 16.40
CA GLU A 14 23.16 3.67 17.49
C GLU A 14 23.03 2.24 16.97
N ALA A 15 22.28 2.09 15.88
CA ALA A 15 22.07 0.77 15.28
C ALA A 15 23.37 0.23 14.69
N PHE A 16 24.12 1.09 14.02
CA PHE A 16 25.38 0.69 13.41
C PHE A 16 26.35 0.13 14.45
N SER A 17 26.58 0.90 15.50
CA SER A 17 27.49 0.48 16.57
C SER A 17 27.09 -0.90 17.09
N LEU A 18 25.80 -1.20 17.04
CA LEU A 18 25.30 -2.49 17.51
C LEU A 18 25.82 -3.63 16.64
N PHE A 19 25.69 -3.47 15.33
CA PHE A 19 26.14 -4.48 14.39
C PHE A 19 27.66 -4.51 14.31
N ASP A 20 28.28 -3.38 14.62
CA ASP A 20 29.74 -3.27 14.59
C ASP A 20 30.34 -3.73 15.91
N LYS A 21 30.81 -4.97 15.95
CA LYS A 21 31.41 -5.54 17.15
C LYS A 21 32.76 -4.87 17.45
N ASP A 22 33.63 -4.84 16.46
CA ASP A 22 34.95 -4.22 16.62
C ASP A 22 34.85 -2.71 16.55
N GLY A 23 33.68 -2.22 16.16
CA GLY A 23 33.48 -0.78 16.06
C GLY A 23 34.55 -0.10 15.22
N ASP A 24 34.82 -0.66 14.05
CA ASP A 24 35.83 -0.09 13.16
C ASP A 24 35.21 0.94 12.23
N GLY A 25 33.89 0.95 12.14
CA GLY A 25 33.20 1.90 11.30
C GLY A 25 32.66 1.28 10.03
N THR A 26 33.09 0.04 9.75
CA THR A 26 32.64 -0.68 8.57
C THR A 26 32.19 -2.09 8.92
N ILE A 27 31.02 -2.47 8.44
CA ILE A 27 30.48 -3.80 8.70
C ILE A 27 30.92 -4.79 7.62
N THR A 28 31.73 -5.78 8.02
CA THR A 28 32.21 -6.78 7.09
C THR A 28 31.32 -8.01 7.09
N THR A 29 31.55 -8.91 6.15
CA THR A 29 30.77 -10.13 6.04
C THR A 29 30.83 -10.95 7.33
N LYS A 30 31.99 -10.91 7.99
CA LYS A 30 32.19 -11.64 9.23
C LYS A 30 31.57 -10.89 10.41
N GLU A 31 31.90 -9.61 10.52
CA GLU A 31 31.38 -8.78 11.60
C GLU A 31 29.85 -8.73 11.57
N LEU A 32 29.29 -8.76 10.36
CA LEU A 32 27.85 -8.72 10.19
C LEU A 32 27.22 -10.06 10.56
N GLY A 33 27.69 -11.12 9.92
CA GLY A 33 27.17 -12.45 10.20
C GLY A 33 27.18 -12.79 11.68
N THR A 34 28.12 -12.18 12.41
CA THR A 34 28.24 -12.42 13.84
C THR A 34 26.95 -12.06 14.56
N VAL A 35 26.52 -10.81 14.42
CA VAL A 35 25.31 -10.34 15.07
C VAL A 35 24.11 -11.20 14.67
N MET A 36 23.98 -11.45 13.38
CA MET A 36 22.87 -12.26 12.88
C MET A 36 22.79 -13.59 13.61
N ARG A 37 23.95 -14.19 13.87
CA ARG A 37 24.00 -15.48 14.57
C ARG A 37 23.23 -15.40 15.89
N SER A 38 23.45 -14.33 16.63
CA SER A 38 22.78 -14.15 17.92
C SER A 38 21.27 -14.09 17.74
N LEU A 39 20.84 -13.67 16.56
CA LEU A 39 19.41 -13.57 16.26
C LEU A 39 18.88 -14.88 15.67
N GLY A 40 19.80 -15.73 15.22
CA GLY A 40 19.40 -17.00 14.65
C GLY A 40 19.44 -17.00 13.14
N GLN A 41 20.31 -16.16 12.58
CA GLN A 41 20.44 -16.05 11.12
C GLN A 41 21.84 -16.47 10.68
N ASN A 42 21.94 -17.65 10.07
CA ASN A 42 23.22 -18.15 9.60
C ASN A 42 23.27 -18.16 8.08
N PRO A 43 23.46 -16.97 7.49
CA PRO A 43 23.54 -16.80 6.03
C PRO A 43 24.81 -17.42 5.45
N THR A 44 24.85 -17.54 4.13
CA THR A 44 26.00 -18.10 3.44
C THR A 44 27.04 -17.03 3.13
N GLU A 45 28.30 -17.45 2.96
CA GLU A 45 29.38 -16.52 2.67
C GLU A 45 29.02 -15.63 1.47
N ALA A 46 28.42 -16.24 0.45
CA ALA A 46 28.02 -15.50 -0.74
C ALA A 46 26.81 -14.61 -0.46
N GLU A 47 25.94 -15.07 0.44
CA GLU A 47 24.75 -14.31 0.78
C GLU A 47 25.10 -13.04 1.55
N LEU A 48 25.93 -13.20 2.58
CA LEU A 48 26.35 -12.06 3.40
C LEU A 48 26.98 -10.97 2.53
N GLN A 49 27.85 -11.38 1.62
CA GLN A 49 28.51 -10.44 0.72
C GLN A 49 27.54 -9.88 -0.31
N ASP A 50 26.53 -10.68 -0.65
CA ASP A 50 25.54 -10.27 -1.64
C ASP A 50 24.75 -9.07 -1.14
N MET A 51 24.25 -9.16 0.10
CA MET A 51 23.48 -8.08 0.69
C MET A 51 24.35 -6.84 0.91
N ILE A 52 25.60 -7.07 1.30
CA ILE A 52 26.54 -5.98 1.54
C ILE A 52 26.87 -5.25 0.25
N ASN A 53 27.01 -6.01 -0.84
CA ASN A 53 27.33 -5.42 -2.13
C ASN A 53 26.26 -4.41 -2.56
N GLU A 54 25.01 -4.72 -2.26
CA GLU A 54 23.90 -3.84 -2.60
C GLU A 54 24.03 -2.49 -1.91
N VAL A 55 24.31 -2.53 -0.61
CA VAL A 55 24.47 -1.30 0.16
C VAL A 55 25.83 -0.67 -0.07
N ASP A 56 26.75 -1.45 -0.65
CA ASP A 56 28.09 -0.96 -0.93
C ASP A 56 28.06 0.13 -2.00
N ALA A 57 28.03 1.38 -1.55
CA ALA A 57 28.00 2.52 -2.46
C ALA A 57 29.41 2.96 -2.84
N ASP A 58 30.32 2.87 -1.88
CA ASP A 58 31.72 3.26 -2.10
C ASP A 58 32.52 2.09 -2.64
N GLY A 59 31.87 0.94 -2.80
CA GLY A 59 32.55 -0.24 -3.30
C GLY A 59 33.77 -0.60 -2.48
N ASN A 60 33.57 -0.86 -1.20
CA ASN A 60 34.67 -1.22 -0.30
C ASN A 60 34.53 -2.64 0.20
N GLY A 61 33.33 -3.21 0.03
CA GLY A 61 33.09 -4.57 0.47
C GLY A 61 32.52 -4.63 1.87
N THR A 62 32.08 -3.49 2.38
CA THR A 62 31.52 -3.42 3.73
C THR A 62 30.47 -2.31 3.83
N ILE A 63 29.77 -2.26 4.95
CA ILE A 63 28.76 -1.24 5.17
C ILE A 63 29.32 -0.06 5.96
N ASP A 64 29.36 1.10 5.32
CA ASP A 64 29.87 2.30 5.97
C ASP A 64 28.83 2.91 6.90
N PHE A 65 29.14 4.07 7.47
CA PHE A 65 28.22 4.75 8.38
C PHE A 65 26.95 5.16 7.67
N PRO A 66 27.10 5.96 6.60
CA PRO A 66 25.96 6.45 5.81
C PRO A 66 25.31 5.34 5.00
N GLU A 67 26.12 4.36 4.59
CA GLU A 67 25.62 3.24 3.80
C GLU A 67 24.52 2.49 4.55
N PHE A 68 24.72 2.31 5.86
CA PHE A 68 23.74 1.62 6.69
C PHE A 68 22.52 2.49 6.95
N LEU A 69 22.75 3.79 7.08
CA LEU A 69 21.67 4.74 7.33
C LEU A 69 20.76 4.86 6.11
N THR A 70 21.36 5.17 4.97
CA THR A 70 20.61 5.32 3.72
C THR A 70 19.75 4.09 3.45
N MET A 71 20.21 2.93 3.93
CA MET A 71 19.49 1.68 3.74
C MET A 71 18.12 1.74 4.42
N MET A 72 18.10 2.26 5.64
CA MET A 72 16.85 2.37 6.40
C MET A 72 15.95 3.44 5.80
N ALA A 73 16.55 4.45 5.19
CA ALA A 73 15.81 5.55 4.59
C ALA A 73 14.89 5.03 3.49
N ARG A 74 15.28 3.93 2.85
CA ARG A 74 14.49 3.33 1.78
C ARG A 74 13.13 2.86 2.30
N LYS A 75 13.07 2.59 3.60
CA LYS A 75 11.83 2.14 4.22
C LYS A 75 10.68 3.08 3.88
N MET A 76 11.00 4.35 3.69
CA MET A 76 9.99 5.35 3.36
C MET A 76 9.14 4.89 2.17
N LYS A 77 9.76 4.16 1.25
CA LYS A 77 9.07 3.66 0.07
C LYS A 77 8.12 2.52 0.44
N ASP A 78 8.69 1.38 0.83
CA ASP A 78 7.90 0.22 1.21
C ASP A 78 6.88 -0.12 0.12
N THR A 79 7.35 -0.79 -0.94
CA THR A 79 6.48 -1.17 -2.04
C THR A 79 5.67 -2.41 -1.70
N ASP A 80 4.72 -2.25 -0.78
CA ASP A 80 3.88 -3.37 -0.36
C ASP A 80 2.68 -2.86 0.45
N SER A 81 2.92 -1.87 1.30
CA SER A 81 1.86 -1.31 2.13
C SER A 81 0.77 -0.69 1.27
N GLU A 82 1.17 0.08 0.26
CA GLU A 82 0.22 0.72 -0.64
C GLU A 82 -0.76 -0.29 -1.20
N GLU A 83 -0.31 -1.53 -1.34
CA GLU A 83 -1.15 -2.60 -1.88
C GLU A 83 -2.21 -3.01 -0.87
N GLU A 84 -1.83 -3.03 0.41
CA GLU A 84 -2.75 -3.41 1.48
C GLU A 84 -3.70 -2.28 1.81
N ILE A 85 -3.17 -1.06 1.89
CA ILE A 85 -3.98 0.11 2.20
C ILE A 85 -5.11 0.28 1.19
N ARG A 86 -4.76 0.24 -0.10
CA ARG A 86 -5.75 0.39 -1.16
C ARG A 86 -6.77 -0.74 -1.11
N GLU A 87 -6.34 -1.90 -0.61
CA GLU A 87 -7.20 -3.07 -0.51
C GLU A 87 -8.18 -2.92 0.64
N ALA A 88 -7.66 -2.52 1.80
CA ALA A 88 -8.48 -2.34 2.99
C ALA A 88 -9.51 -1.23 2.79
N PHE A 89 -9.07 -0.13 2.18
CA PHE A 89 -9.95 1.01 1.92
C PHE A 89 -11.22 0.56 1.21
N ARG A 90 -11.05 -0.19 0.13
CA ARG A 90 -12.19 -0.68 -0.65
C ARG A 90 -13.05 -1.61 0.19
N VAL A 91 -12.42 -2.39 1.04
CA VAL A 91 -13.14 -3.32 1.91
C VAL A 91 -14.05 -2.59 2.88
N PHE A 92 -13.53 -1.51 3.46
CA PHE A 92 -14.31 -0.71 4.41
C PHE A 92 -15.31 0.18 3.68
N ASP A 93 -14.94 0.61 2.47
CA ASP A 93 -15.80 1.48 1.67
C ASP A 93 -17.12 0.79 1.36
N LYS A 94 -18.15 1.08 2.16
CA LYS A 94 -19.47 0.49 1.97
C LYS A 94 -20.20 1.15 0.80
N ASP A 95 -20.30 2.48 0.87
CA ASP A 95 -20.97 3.24 -0.18
C ASP A 95 -20.12 3.31 -1.44
N GLY A 96 -18.88 2.86 -1.33
CA GLY A 96 -17.97 2.89 -2.47
C GLY A 96 -17.75 4.29 -3.00
N ASN A 97 -17.92 5.29 -2.14
CA ASN A 97 -17.74 6.67 -2.53
C ASN A 97 -16.26 7.07 -2.51
N GLY A 98 -15.45 6.25 -1.84
CA GLY A 98 -14.03 6.52 -1.75
C GLY A 98 -13.69 7.44 -0.60
N TYR A 99 -14.60 7.53 0.37
CA TYR A 99 -14.39 8.39 1.53
C TYR A 99 -14.84 7.69 2.80
N ILE A 100 -14.01 7.75 3.84
CA ILE A 100 -14.34 7.13 5.11
C ILE A 100 -14.86 8.16 6.11
N SER A 101 -16.04 7.90 6.67
CA SER A 101 -16.65 8.80 7.63
C SER A 101 -16.63 8.19 9.03
N ALA A 102 -17.30 8.86 9.98
CA ALA A 102 -17.35 8.39 11.35
C ALA A 102 -18.26 7.17 11.47
N ALA A 103 -19.35 7.16 10.71
CA ALA A 103 -20.30 6.05 10.74
C ALA A 103 -19.70 4.81 10.10
N GLU A 104 -19.14 4.98 8.90
CA GLU A 104 -18.54 3.86 8.18
C GLU A 104 -17.35 3.29 8.96
N LEU A 105 -16.47 4.17 9.41
CA LEU A 105 -15.30 3.76 10.17
C LEU A 105 -15.70 2.95 11.39
N ARG A 106 -16.91 3.19 11.89
CA ARG A 106 -17.41 2.49 13.06
C ARG A 106 -17.78 1.05 12.72
N HIS A 107 -18.17 0.84 11.46
CA HIS A 107 -18.55 -0.49 11.00
C HIS A 107 -17.35 -1.43 10.99
N VAL A 108 -16.19 -0.89 10.67
CA VAL A 108 -14.97 -1.67 10.63
C VAL A 108 -14.47 -2.01 12.03
N MET A 109 -14.58 -1.04 12.93
CA MET A 109 -14.14 -1.23 14.32
C MET A 109 -15.12 -2.13 15.07
N THR A 110 -16.41 -1.95 14.80
CA THR A 110 -17.44 -2.73 15.46
C THR A 110 -17.18 -4.23 15.30
N ASN A 111 -16.60 -4.60 14.16
CA ASN A 111 -16.30 -6.00 13.89
C ASN A 111 -15.09 -6.47 14.69
N LEU A 112 -14.20 -5.53 15.01
CA LEU A 112 -13.01 -5.85 15.79
C LEU A 112 -13.37 -6.17 17.25
N GLY A 113 -14.50 -5.63 17.70
CA GLY A 113 -14.93 -5.87 19.07
C GLY A 113 -14.61 -4.72 19.99
N GLU A 114 -14.37 -3.54 19.41
CA GLU A 114 -14.05 -2.35 20.18
C GLU A 114 -15.26 -1.42 20.29
N LYS A 115 -15.60 -1.04 21.52
CA LYS A 115 -16.73 -0.16 21.76
C LYS A 115 -16.35 1.30 21.51
N LEU A 116 -17.00 1.92 20.54
CA LEU A 116 -16.72 3.31 20.20
C LEU A 116 -18.02 4.11 20.12
N THR A 117 -18.18 5.06 21.06
CA THR A 117 -19.38 5.90 21.09
C THR A 117 -19.26 7.06 20.11
N ASP A 118 -20.36 7.78 19.94
CA ASP A 118 -20.38 8.92 19.02
C ASP A 118 -19.24 9.88 19.33
N GLU A 119 -18.92 10.04 20.61
CA GLU A 119 -17.85 10.93 21.03
C GLU A 119 -16.49 10.31 20.75
N GLU A 120 -16.41 8.99 20.85
CA GLU A 120 -15.16 8.28 20.61
C GLU A 120 -14.80 8.31 19.14
N VAL A 121 -15.79 8.13 18.28
CA VAL A 121 -15.57 8.14 16.83
C VAL A 121 -15.03 9.49 16.38
N ASP A 122 -15.55 10.57 16.97
CA ASP A 122 -15.11 11.92 16.63
C ASP A 122 -13.61 12.07 16.80
N GLU A 123 -13.10 11.58 17.93
CA GLU A 123 -11.67 11.66 18.22
C GLU A 123 -10.85 10.99 17.12
N MET A 124 -11.39 9.93 16.55
CA MET A 124 -10.72 9.19 15.48
C MET A 124 -10.69 10.02 14.20
N ILE A 125 -11.86 10.37 13.69
CA ILE A 125 -11.97 11.15 12.47
C ILE A 125 -11.15 12.44 12.57
N ARG A 126 -11.11 13.02 13.77
CA ARG A 126 -10.37 14.25 14.00
C ARG A 126 -8.88 14.04 13.76
N GLU A 127 -8.40 12.83 14.04
CA GLU A 127 -7.00 12.49 13.86
C GLU A 127 -6.66 12.31 12.39
N ALA A 128 -7.44 11.46 11.71
CA ALA A 128 -7.24 11.20 10.30
C ALA A 128 -7.49 12.45 9.46
N ASP A 129 -8.45 13.25 9.90
CA ASP A 129 -8.79 14.48 9.19
C ASP A 129 -7.66 15.50 9.29
N ILE A 130 -6.71 15.41 8.36
CA ILE A 130 -5.56 16.32 8.35
C ILE A 130 -5.95 17.66 7.72
N ASP A 131 -6.62 17.60 6.58
CA ASP A 131 -7.05 18.81 5.88
C ASP A 131 -8.20 19.48 6.61
N GLY A 132 -8.73 18.81 7.62
CA GLY A 132 -9.83 19.36 8.39
C GLY A 132 -11.07 19.58 7.55
N ASP A 133 -11.39 18.61 6.70
CA ASP A 133 -12.56 18.70 5.84
C ASP A 133 -13.80 18.14 6.54
N GLY A 134 -13.58 17.40 7.62
CA GLY A 134 -14.69 16.83 8.37
C GLY A 134 -14.85 15.35 8.10
N GLN A 135 -13.96 14.79 7.29
CA GLN A 135 -14.01 13.37 6.96
C GLN A 135 -12.61 12.81 6.71
N VAL A 136 -12.52 11.49 6.56
CA VAL A 136 -11.24 10.84 6.31
C VAL A 136 -11.13 10.37 4.86
N ASN A 137 -10.28 11.04 4.09
CA ASN A 137 -10.09 10.70 2.69
C ASN A 137 -8.95 9.69 2.53
N TYR A 138 -8.88 9.06 1.36
CA TYR A 138 -7.85 8.08 1.07
C TYR A 138 -6.47 8.64 1.37
N GLU A 139 -6.22 9.86 0.92
CA GLU A 139 -4.93 10.52 1.13
C GLU A 139 -4.55 10.50 2.61
N GLU A 140 -5.55 10.71 3.47
CA GLU A 140 -5.31 10.71 4.91
C GLU A 140 -5.20 9.30 5.45
N PHE A 141 -6.01 8.40 4.90
CA PHE A 141 -6.00 7.00 5.32
C PHE A 141 -4.67 6.35 5.03
N VAL A 142 -4.09 6.67 3.87
CA VAL A 142 -2.81 6.11 3.47
C VAL A 142 -1.70 6.55 4.42
N GLN A 143 -1.62 7.85 4.68
CA GLN A 143 -0.60 8.40 5.56
C GLN A 143 -0.88 8.02 7.01
N MET A 144 -2.15 7.73 7.30
CA MET A 144 -2.57 7.35 8.65
C MET A 144 -2.14 5.92 8.97
N MET A 145 -1.84 5.15 7.93
CA MET A 145 -1.41 3.77 8.10
C MET A 145 0.10 3.65 8.03
N THR A 146 0.72 4.51 7.22
CA THR A 146 2.17 4.49 7.06
C THR A 146 2.86 5.08 8.29
N ALA A 147 2.14 5.91 9.03
CA ALA A 147 2.68 6.53 10.23
C ALA A 147 2.20 5.80 11.49
N LYS A 148 0.95 6.03 11.85
CA LYS A 148 0.37 5.39 13.04
C LYS A 148 -1.13 5.17 12.85
N LEU B 1 3.67 7.44 28.90
CA LEU B 1 2.50 6.62 29.18
C LEU B 1 1.47 7.40 30.00
N SER B 2 0.19 7.18 29.69
CA SER B 2 -0.88 7.86 30.39
C SER B 2 -2.18 7.07 30.28
N GLY B 3 -3.09 7.31 31.22
CA GLY B 3 -4.37 6.61 31.22
C GLY B 3 -5.26 7.04 30.07
N GLY B 4 -5.09 8.27 29.62
CA GLY B 4 -5.90 8.78 28.52
C GLY B 4 -5.25 8.54 27.17
N GLU B 5 -5.67 9.29 26.17
CA GLU B 5 -5.13 9.16 24.82
C GLU B 5 -5.24 7.71 24.34
N LEU B 6 -6.36 7.39 23.71
CA LEU B 6 -6.59 6.04 23.20
C LEU B 6 -6.05 5.90 21.78
N ASP B 7 -5.13 4.96 21.60
CA ASP B 7 -4.54 4.72 20.28
C ASP B 7 -5.23 3.54 19.59
N LYS B 8 -6.52 3.68 19.34
CA LYS B 8 -7.29 2.63 18.69
C LYS B 8 -7.06 2.64 17.18
N TRP B 9 -6.65 3.80 16.67
CA TRP B 9 -6.40 3.95 15.23
C TRP B 9 -5.46 2.86 14.73
N GLU B 10 -4.47 2.51 15.54
CA GLU B 10 -3.50 1.49 15.18
C GLU B 10 -4.21 0.17 14.84
N LYS B 11 -5.34 -0.06 15.49
CA LYS B 11 -6.11 -1.28 15.26
C LYS B 11 -6.38 -1.48 13.77
N ILE B 12 -6.48 -0.38 13.03
CA ILE B 12 -6.73 -0.44 11.60
C ILE B 12 -5.42 -0.45 10.81
N ARG B 13 -4.36 0.07 11.42
CA ARG B 13 -3.05 0.11 10.78
C ARG B 13 -2.49 -1.29 10.60
N LEU B 14 -2.93 -2.22 11.46
CA LEU B 14 -2.47 -3.60 11.39
C LEU B 14 -0.97 -3.69 11.59
N ARG B 15 -0.41 -4.88 11.43
CA ARG B 15 1.02 -5.10 11.61
C ARG B 15 1.70 -5.26 10.25
N PRO B 16 2.94 -4.75 10.15
CA PRO B 16 3.73 -4.82 8.92
C PRO B 16 4.19 -6.24 8.62
N GLY B 17 4.97 -6.38 7.55
CA GLY B 17 5.47 -7.70 7.16
C GLY B 17 5.47 -7.90 5.67
N GLY B 18 6.61 -8.30 5.12
CA GLY B 18 6.72 -8.53 3.69
C GLY B 18 8.16 -8.63 3.23
N LYS B 19 8.36 -8.56 1.92
CA LYS B 19 9.70 -8.65 1.34
C LYS B 19 10.55 -7.45 1.79
N LYS B 20 9.91 -6.35 2.10
CA LYS B 20 10.60 -5.15 2.55
C LYS B 20 11.53 -4.62 1.46
N GLN B 21 12.33 -3.62 1.80
CA GLN B 21 13.27 -3.02 0.86
C GLN B 21 14.48 -3.93 0.65
N TYR B 22 15.36 -3.97 1.64
CA TYR B 22 16.56 -4.80 1.55
C TYR B 22 16.32 -6.17 2.18
N LYS B 23 17.34 -7.01 2.16
CA LYS B 23 17.25 -8.35 2.74
C LYS B 23 17.91 -8.41 4.10
N LEU B 24 18.81 -7.46 4.37
CA LEU B 24 19.51 -7.40 5.65
C LEU B 24 18.83 -6.43 6.60
N LYS B 25 18.17 -5.42 6.04
CA LYS B 25 17.47 -4.42 6.84
C LYS B 25 16.59 -5.07 7.88
N HIS B 26 15.83 -6.08 7.47
CA HIS B 26 14.93 -6.80 8.37
C HIS B 26 15.68 -7.26 9.61
N ILE B 27 16.94 -7.66 9.44
CA ILE B 27 17.75 -8.12 10.55
C ILE B 27 17.73 -7.13 11.71
N VAL B 28 17.76 -5.84 11.37
CA VAL B 28 17.73 -4.78 12.37
C VAL B 28 16.62 -5.01 13.38
N TRP B 29 15.47 -5.45 12.90
CA TRP B 29 14.32 -5.72 13.77
C TRP B 29 14.67 -6.75 14.83
N ALA B 30 15.43 -7.77 14.44
CA ALA B 30 15.83 -8.82 15.35
C ALA B 30 16.72 -8.28 16.46
N SER B 31 17.29 -7.10 16.23
CA SER B 31 18.16 -6.47 17.21
C SER B 31 17.37 -5.99 18.43
N ARG B 32 16.06 -5.89 18.26
CA ARG B 32 15.18 -5.46 19.34
C ARG B 32 15.22 -6.44 20.51
N GLU B 33 15.57 -7.69 20.20
CA GLU B 33 15.65 -8.73 21.23
C GLU B 33 16.96 -8.63 21.99
N LEU B 34 18.07 -8.52 21.26
CA LEU B 34 19.39 -8.43 21.87
C LEU B 34 19.42 -7.32 22.93
N GLU B 35 20.50 -7.27 23.70
CA GLU B 35 20.66 -6.26 24.73
C GLU B 35 20.81 -4.87 24.12
N ARG B 36 20.01 -3.93 24.62
CA ARG B 36 20.04 -2.56 24.13
C ARG B 36 21.45 -1.97 24.27
CA CA C . -17.22 5.21 2.19
CA CA D . -9.90 15.02 5.64
CA CA E . 33.60 -3.86 11.75
CA CA F . 30.69 0.46 1.37
N ALA A 1 21.74 -4.16 -11.34
CA ALA A 1 20.86 -3.32 -12.15
C ALA A 1 19.93 -2.48 -11.27
N ASP A 2 20.27 -1.22 -11.11
CA ASP A 2 19.46 -0.31 -10.30
C ASP A 2 18.72 0.70 -11.17
N GLN A 3 19.47 1.59 -11.81
CA GLN A 3 18.88 2.60 -12.68
C GLN A 3 18.64 2.04 -14.08
N LEU A 4 18.04 2.85 -14.95
CA LEU A 4 17.75 2.44 -16.32
C LEU A 4 18.33 3.44 -17.31
N THR A 5 18.66 2.95 -18.51
CA THR A 5 19.21 3.80 -19.55
C THR A 5 18.28 3.87 -20.76
N GLU A 6 18.65 4.69 -21.74
CA GLU A 6 17.85 4.84 -22.94
C GLU A 6 17.59 3.50 -23.61
N GLU A 7 18.53 2.57 -23.44
CA GLU A 7 18.39 1.24 -24.01
C GLU A 7 17.25 0.47 -23.38
N GLN A 8 17.08 0.66 -22.08
CA GLN A 8 16.01 -0.02 -21.34
C GLN A 8 14.67 0.65 -21.58
N ILE A 9 14.67 1.98 -21.57
CA ILE A 9 13.45 2.74 -21.78
C ILE A 9 12.97 2.63 -23.22
N ALA A 10 13.91 2.58 -24.15
CA ALA A 10 13.59 2.46 -25.57
C ALA A 10 12.65 1.29 -25.82
N GLU A 11 12.89 0.19 -25.10
CA GLU A 11 12.07 -1.00 -25.25
C GLU A 11 10.69 -0.80 -24.63
N PHE A 12 10.68 -0.36 -23.38
CA PHE A 12 9.43 -0.13 -22.65
C PHE A 12 8.54 0.85 -23.42
N LYS A 13 9.16 1.87 -24.01
CA LYS A 13 8.43 2.88 -24.78
C LYS A 13 7.64 2.23 -25.90
N GLU A 14 8.16 1.13 -26.44
CA GLU A 14 7.50 0.41 -27.51
C GLU A 14 6.26 -0.33 -27.01
N ALA A 15 6.31 -0.74 -25.75
CA ALA A 15 5.19 -1.46 -25.14
C ALA A 15 4.03 -0.51 -24.85
N PHE A 16 4.34 0.72 -24.49
CA PHE A 16 3.32 1.72 -24.18
C PHE A 16 2.68 2.25 -25.47
N SER A 17 3.52 2.69 -26.40
CA SER A 17 3.03 3.22 -27.67
C SER A 17 2.07 2.26 -28.33
N LEU A 18 2.29 0.96 -28.12
CA LEU A 18 1.44 -0.07 -28.69
C LEU A 18 0.02 0.03 -28.15
N PHE A 19 -0.10 0.16 -26.83
CA PHE A 19 -1.40 0.27 -26.19
C PHE A 19 -2.06 1.60 -26.52
N ASP A 20 -1.25 2.60 -26.84
CA ASP A 20 -1.75 3.93 -27.18
C ASP A 20 -2.10 4.01 -28.66
N LYS A 21 -3.39 3.85 -28.97
CA LYS A 21 -3.85 3.91 -30.35
C LYS A 21 -3.80 5.34 -30.88
N ASP A 22 -4.44 6.26 -30.17
CA ASP A 22 -4.45 7.67 -30.58
C ASP A 22 -3.08 8.30 -30.36
N GLY A 23 -2.20 7.59 -29.68
CA GLY A 23 -0.86 8.10 -29.41
C GLY A 23 -0.90 9.49 -28.81
N ASP A 24 -1.83 9.72 -27.90
CA ASP A 24 -1.96 11.02 -27.24
C ASP A 24 -1.07 11.09 -26.00
N GLY A 25 -0.61 9.93 -25.54
CA GLY A 25 0.23 9.89 -24.35
C GLY A 25 -0.51 9.40 -23.13
N THR A 26 -1.83 9.31 -23.23
CA THR A 26 -2.65 8.86 -22.12
C THR A 26 -3.61 7.75 -22.56
N ILE A 27 -3.64 6.66 -21.79
CA ILE A 27 -4.52 5.53 -22.11
C ILE A 27 -5.81 5.61 -21.31
N THR A 28 -6.93 5.50 -22.00
CA THR A 28 -8.24 5.55 -21.35
C THR A 28 -8.90 4.17 -21.35
N THR A 29 -10.12 4.11 -20.82
CA THR A 29 -10.86 2.87 -20.75
C THR A 29 -11.18 2.34 -22.15
N LYS A 30 -11.50 3.25 -23.06
CA LYS A 30 -11.82 2.88 -24.43
C LYS A 30 -10.57 2.42 -25.19
N GLU A 31 -9.51 3.21 -25.12
CA GLU A 31 -8.26 2.89 -25.78
C GLU A 31 -7.69 1.57 -25.26
N LEU A 32 -7.86 1.33 -23.96
CA LEU A 32 -7.37 0.11 -23.34
C LEU A 32 -8.24 -1.09 -23.71
N GLY A 33 -9.54 -0.98 -23.45
CA GLY A 33 -10.46 -2.04 -23.77
C GLY A 33 -10.34 -2.50 -25.21
N THR A 34 -9.93 -1.59 -26.08
CA THR A 34 -9.78 -1.91 -27.50
C THR A 34 -8.67 -2.93 -27.73
N VAL A 35 -7.48 -2.63 -27.22
CA VAL A 35 -6.34 -3.51 -27.36
C VAL A 35 -6.65 -4.90 -26.81
N MET A 36 -7.18 -4.94 -25.58
CA MET A 36 -7.52 -6.20 -24.94
C MET A 36 -8.41 -7.04 -25.85
N ARG A 37 -9.31 -6.39 -26.56
CA ARG A 37 -10.23 -7.08 -27.46
C ARG A 37 -9.46 -7.95 -28.44
N SER A 38 -8.49 -7.37 -29.13
CA SER A 38 -7.69 -8.09 -30.10
C SER A 38 -6.86 -9.17 -29.42
N LEU A 39 -6.55 -8.95 -28.15
CA LEU A 39 -5.76 -9.91 -27.37
C LEU A 39 -6.62 -11.09 -26.90
N GLY A 40 -7.94 -10.87 -26.91
CA GLY A 40 -8.85 -11.91 -26.48
C GLY A 40 -9.36 -11.70 -25.08
N GLN A 41 -9.43 -10.43 -24.66
CA GLN A 41 -9.90 -10.09 -23.32
C GLN A 41 -11.05 -9.10 -23.39
N ASN A 42 -12.13 -9.41 -22.69
CA ASN A 42 -13.31 -8.53 -22.67
C ASN A 42 -13.47 -7.87 -21.31
N PRO A 43 -12.69 -6.80 -21.08
CA PRO A 43 -12.73 -6.06 -19.81
C PRO A 43 -14.03 -5.27 -19.65
N THR A 44 -14.47 -5.12 -18.40
CA THR A 44 -15.69 -4.39 -18.11
C THR A 44 -15.39 -2.95 -17.73
N GLU A 45 -16.42 -2.10 -17.79
CA GLU A 45 -16.27 -0.68 -17.45
C GLU A 45 -15.68 -0.52 -16.05
N ALA A 46 -16.20 -1.29 -15.11
CA ALA A 46 -15.73 -1.23 -13.73
C ALA A 46 -14.35 -1.89 -13.59
N GLU A 47 -14.10 -2.90 -14.41
CA GLU A 47 -12.81 -3.60 -14.38
C GLU A 47 -11.68 -2.67 -14.82
N LEU A 48 -11.88 -2.01 -15.95
CA LEU A 48 -10.87 -1.09 -16.49
C LEU A 48 -10.48 -0.04 -15.45
N GLN A 49 -11.48 0.63 -14.90
CA GLN A 49 -11.25 1.65 -13.89
C GLN A 49 -10.43 1.11 -12.73
N ASP A 50 -10.56 -0.19 -12.48
CA ASP A 50 -9.81 -0.83 -11.40
C ASP A 50 -8.34 -0.97 -11.76
N MET A 51 -8.07 -1.31 -13.01
CA MET A 51 -6.70 -1.48 -13.49
C MET A 51 -6.03 -0.13 -13.71
N ILE A 52 -6.84 0.89 -13.96
CA ILE A 52 -6.33 2.24 -14.20
C ILE A 52 -5.99 2.93 -12.88
N ASN A 53 -6.85 2.75 -11.88
CA ASN A 53 -6.64 3.34 -10.57
C ASN A 53 -5.33 2.87 -9.95
N GLU A 54 -5.11 1.57 -9.97
CA GLU A 54 -3.89 0.99 -9.42
C GLU A 54 -2.65 1.60 -10.06
N VAL A 55 -2.81 2.07 -11.29
CA VAL A 55 -1.70 2.67 -12.02
C VAL A 55 -1.89 4.19 -12.15
N ASP A 56 -2.86 4.72 -11.41
CA ASP A 56 -3.14 6.15 -11.43
C ASP A 56 -2.32 6.89 -10.39
N ALA A 57 -1.21 7.47 -10.83
CA ALA A 57 -0.32 8.22 -9.93
C ALA A 57 -0.76 9.68 -9.82
N ASP A 58 -1.03 10.29 -10.97
CA ASP A 58 -1.46 11.68 -11.00
C ASP A 58 -2.95 11.81 -10.70
N GLY A 59 -3.60 10.67 -10.47
CA GLY A 59 -5.02 10.68 -10.17
C GLY A 59 -5.83 11.41 -11.22
N ASN A 60 -5.70 10.98 -12.48
CA ASN A 60 -6.43 11.61 -13.58
C ASN A 60 -7.43 10.64 -14.19
N GLY A 61 -7.27 9.36 -13.88
CA GLY A 61 -8.17 8.35 -14.40
C GLY A 61 -7.68 7.75 -15.70
N THR A 62 -6.40 7.93 -15.98
CA THR A 62 -5.81 7.40 -17.21
C THR A 62 -4.36 6.97 -16.97
N ILE A 63 -3.80 6.26 -17.94
CA ILE A 63 -2.41 5.78 -17.84
C ILE A 63 -1.50 6.58 -18.75
N ASP A 64 -0.64 7.40 -18.16
CA ASP A 64 0.30 8.20 -18.91
C ASP A 64 1.47 7.36 -19.41
N PHE A 65 2.47 8.03 -19.99
CA PHE A 65 3.64 7.33 -20.52
C PHE A 65 4.44 6.70 -19.38
N PRO A 66 4.88 7.53 -18.42
CA PRO A 66 5.66 7.06 -17.27
C PRO A 66 4.83 6.24 -16.31
N GLU A 67 3.52 6.46 -16.31
CA GLU A 67 2.61 5.73 -15.43
C GLU A 67 2.62 4.24 -15.76
N PHE A 68 2.65 3.92 -17.06
CA PHE A 68 2.66 2.53 -17.50
C PHE A 68 4.01 1.89 -17.26
N LEU A 69 5.07 2.68 -17.44
CA LEU A 69 6.44 2.19 -17.25
C LEU A 69 6.72 1.95 -15.77
N THR A 70 6.49 2.97 -14.96
CA THR A 70 6.73 2.88 -13.52
C THR A 70 5.96 1.71 -12.92
N MET A 71 4.85 1.34 -13.56
CA MET A 71 4.02 0.24 -13.08
C MET A 71 4.80 -1.07 -13.12
N MET A 72 5.59 -1.26 -14.17
CA MET A 72 6.38 -2.48 -14.32
C MET A 72 7.65 -2.41 -13.47
N ALA A 73 8.27 -1.24 -13.42
CA ALA A 73 9.48 -1.04 -12.64
C ALA A 73 9.20 -1.15 -11.14
N ARG A 74 8.02 -0.70 -10.73
CA ARG A 74 7.62 -0.75 -9.33
C ARG A 74 7.65 -2.19 -8.81
N LYS A 75 7.50 -3.14 -9.73
CA LYS A 75 7.51 -4.55 -9.36
C LYS A 75 8.92 -5.02 -9.04
N MET A 76 9.90 -4.16 -9.27
CA MET A 76 11.30 -4.48 -9.01
C MET A 76 11.47 -5.03 -7.59
N LYS A 77 10.63 -4.55 -6.68
CA LYS A 77 10.68 -4.99 -5.29
C LYS A 77 9.53 -4.41 -4.49
N ASP A 78 9.63 -3.12 -4.17
CA ASP A 78 8.59 -2.43 -3.40
C ASP A 78 7.34 -2.23 -4.25
N THR A 79 6.26 -2.89 -3.87
CA THR A 79 5.00 -2.79 -4.59
C THR A 79 3.85 -3.37 -3.79
N ASP A 80 3.97 -3.33 -2.46
CA ASP A 80 2.96 -3.86 -1.58
C ASP A 80 2.51 -2.80 -0.57
N SER A 81 2.99 -1.57 -0.76
CA SER A 81 2.65 -0.48 0.14
C SER A 81 1.26 0.06 -0.16
N GLU A 82 1.00 0.39 -1.42
CA GLU A 82 -0.28 0.91 -1.84
C GLU A 82 -1.35 -0.19 -1.84
N GLU A 83 -0.97 -1.36 -2.32
CA GLU A 83 -1.89 -2.50 -2.36
C GLU A 83 -2.49 -2.77 -1.00
N GLU A 84 -1.75 -2.42 0.05
CA GLU A 84 -2.23 -2.63 1.42
C GLU A 84 -3.37 -1.68 1.75
N ILE A 85 -3.17 -0.39 1.48
CA ILE A 85 -4.18 0.61 1.75
C ILE A 85 -5.36 0.48 0.78
N ARG A 86 -5.05 0.43 -0.51
CA ARG A 86 -6.07 0.30 -1.54
C ARG A 86 -6.95 -0.91 -1.27
N GLU A 87 -6.39 -1.92 -0.61
CA GLU A 87 -7.13 -3.14 -0.30
C GLU A 87 -8.11 -2.90 0.85
N ALA A 88 -7.59 -2.48 1.99
CA ALA A 88 -8.42 -2.21 3.16
C ALA A 88 -9.46 -1.15 2.86
N PHE A 89 -9.05 -0.09 2.17
CA PHE A 89 -9.95 0.99 1.82
C PHE A 89 -11.21 0.46 1.14
N ARG A 90 -11.02 -0.41 0.15
CA ARG A 90 -12.12 -1.00 -0.58
C ARG A 90 -12.92 -1.96 0.30
N VAL A 91 -12.25 -2.52 1.31
CA VAL A 91 -12.89 -3.45 2.22
C VAL A 91 -13.76 -2.71 3.24
N PHE A 92 -13.39 -1.46 3.53
CA PHE A 92 -14.13 -0.65 4.49
C PHE A 92 -15.15 0.23 3.78
N ASP A 93 -14.86 0.57 2.53
CA ASP A 93 -15.76 1.41 1.73
C ASP A 93 -17.06 0.67 1.43
N LYS A 94 -18.08 0.91 2.24
CA LYS A 94 -19.37 0.27 2.06
C LYS A 94 -20.16 0.95 0.95
N ASP A 95 -20.30 2.27 1.05
CA ASP A 95 -21.03 3.04 0.05
C ASP A 95 -20.24 3.14 -1.25
N GLY A 96 -18.98 2.70 -1.20
CA GLY A 96 -18.14 2.75 -2.38
C GLY A 96 -17.97 4.16 -2.92
N ASN A 97 -18.09 5.14 -2.03
CA ASN A 97 -17.95 6.55 -2.42
C ASN A 97 -16.48 6.95 -2.48
N GLY A 98 -15.63 6.12 -1.88
CA GLY A 98 -14.20 6.41 -1.87
C GLY A 98 -13.80 7.30 -0.72
N TYR A 99 -14.64 7.38 0.30
CA TYR A 99 -14.36 8.21 1.46
C TYR A 99 -14.83 7.53 2.75
N ILE A 100 -14.10 7.76 3.83
CA ILE A 100 -14.45 7.16 5.11
C ILE A 100 -14.88 8.23 6.12
N SER A 101 -16.05 8.03 6.72
CA SER A 101 -16.59 8.97 7.69
C SER A 101 -16.61 8.35 9.08
N ALA A 102 -17.23 9.07 10.02
CA ALA A 102 -17.32 8.59 11.40
C ALA A 102 -18.19 7.34 11.48
N ALA A 103 -19.21 7.27 10.64
CA ALA A 103 -20.10 6.12 10.61
C ALA A 103 -19.41 4.89 10.06
N GLU A 104 -18.75 5.04 8.91
CA GLU A 104 -18.05 3.93 8.28
C GLU A 104 -16.92 3.43 9.17
N LEU A 105 -16.09 4.36 9.65
CA LEU A 105 -14.96 4.01 10.52
C LEU A 105 -15.44 3.19 11.71
N ARG A 106 -16.44 3.71 12.43
CA ARG A 106 -16.98 3.03 13.59
C ARG A 106 -17.47 1.63 13.23
N HIS A 107 -18.15 1.53 12.08
CA HIS A 107 -18.68 0.25 11.63
C HIS A 107 -17.55 -0.76 11.41
N VAL A 108 -16.39 -0.27 10.98
CA VAL A 108 -15.24 -1.12 10.74
C VAL A 108 -14.64 -1.62 12.06
N MET A 109 -14.35 -0.69 12.96
CA MET A 109 -13.78 -1.04 14.26
C MET A 109 -14.74 -1.90 15.07
N THR A 110 -16.03 -1.55 15.03
CA THR A 110 -17.05 -2.30 15.75
C THR A 110 -17.00 -3.78 15.39
N ASN A 111 -16.72 -4.08 14.13
CA ASN A 111 -16.64 -5.45 13.67
C ASN A 111 -15.55 -6.22 14.40
N LEU A 112 -14.51 -5.50 14.82
CA LEU A 112 -13.40 -6.12 15.53
C LEU A 112 -13.82 -6.52 16.94
N GLY A 113 -14.86 -5.88 17.46
CA GLY A 113 -15.34 -6.19 18.78
C GLY A 113 -14.88 -5.18 19.82
N GLU A 114 -14.74 -3.93 19.40
CA GLU A 114 -14.30 -2.87 20.31
C GLU A 114 -15.42 -1.88 20.57
N LYS A 115 -15.92 -1.88 21.80
CA LYS A 115 -17.01 -0.98 22.20
C LYS A 115 -16.59 0.48 22.04
N LEU A 116 -17.40 1.25 21.33
CA LEU A 116 -17.11 2.66 21.11
C LEU A 116 -18.40 3.48 21.03
N THR A 117 -18.28 4.79 21.19
CA THR A 117 -19.43 5.68 21.15
C THR A 117 -19.31 6.68 20.02
N ASP A 118 -20.44 7.26 19.62
CA ASP A 118 -20.46 8.23 18.54
C ASP A 118 -19.45 9.34 18.80
N GLU A 119 -19.35 9.77 20.05
CA GLU A 119 -18.41 10.82 20.43
C GLU A 119 -16.97 10.32 20.40
N GLU A 120 -16.78 9.05 20.72
CA GLU A 120 -15.46 8.45 20.73
C GLU A 120 -14.88 8.38 19.31
N VAL A 121 -15.75 8.06 18.35
CA VAL A 121 -15.33 7.97 16.96
C VAL A 121 -14.82 9.30 16.44
N ASP A 122 -15.43 10.39 16.92
CA ASP A 122 -15.04 11.72 16.50
C ASP A 122 -13.53 11.93 16.66
N GLU A 123 -13.00 11.50 17.80
CA GLU A 123 -11.57 11.63 18.08
C GLU A 123 -10.75 10.96 16.98
N MET A 124 -11.31 9.92 16.38
CA MET A 124 -10.62 9.19 15.32
C MET A 124 -10.61 9.99 14.03
N ILE A 125 -11.80 10.36 13.55
CA ILE A 125 -11.93 11.12 12.32
C ILE A 125 -11.08 12.40 12.37
N ARG A 126 -11.00 12.99 13.57
CA ARG A 126 -10.22 14.21 13.75
C ARG A 126 -8.73 13.94 13.54
N GLU A 127 -8.30 12.74 13.87
CA GLU A 127 -6.90 12.36 13.73
C GLU A 127 -6.53 12.20 12.26
N ALA A 128 -7.35 11.45 11.53
CA ALA A 128 -7.12 11.21 10.11
C ALA A 128 -7.40 12.47 9.29
N ASP A 129 -8.37 13.26 9.73
CA ASP A 129 -8.72 14.49 9.03
C ASP A 129 -7.61 15.53 9.16
N ILE A 130 -6.64 15.47 8.26
CA ILE A 130 -5.52 16.41 8.27
C ILE A 130 -5.92 17.74 7.67
N ASP A 131 -6.59 17.68 6.52
CA ASP A 131 -7.03 18.90 5.83
C ASP A 131 -8.19 19.55 6.57
N GLY A 132 -8.72 18.85 7.57
CA GLY A 132 -9.83 19.39 8.33
C GLY A 132 -11.07 19.59 7.48
N ASP A 133 -11.38 18.62 6.63
CA ASP A 133 -12.54 18.72 5.76
C ASP A 133 -13.77 18.14 6.45
N GLY A 134 -13.56 17.38 7.52
CA GLY A 134 -14.66 16.79 8.25
C GLY A 134 -14.81 15.31 7.96
N GLN A 135 -13.91 14.78 7.15
CA GLN A 135 -13.94 13.35 6.80
C GLN A 135 -12.54 12.82 6.54
N VAL A 136 -12.43 11.50 6.37
CA VAL A 136 -11.15 10.86 6.12
C VAL A 136 -11.05 10.39 4.67
N ASN A 137 -10.17 11.03 3.90
CA ASN A 137 -9.97 10.68 2.51
C ASN A 137 -8.86 9.65 2.35
N TYR A 138 -8.59 9.25 1.12
CA TYR A 138 -7.55 8.26 0.84
C TYR A 138 -6.18 8.81 1.21
N GLU A 139 -5.89 10.03 0.80
CA GLU A 139 -4.62 10.66 1.08
C GLU A 139 -4.31 10.61 2.58
N GLU A 140 -5.34 10.83 3.40
CA GLU A 140 -5.18 10.81 4.84
C GLU A 140 -5.13 9.37 5.36
N PHE A 141 -5.99 8.52 4.83
CA PHE A 141 -6.04 7.13 5.24
C PHE A 141 -4.69 6.44 5.00
N VAL A 142 -4.03 6.81 3.91
CA VAL A 142 -2.74 6.24 3.57
C VAL A 142 -1.67 6.64 4.58
N GLN A 143 -1.65 7.92 4.94
CA GLN A 143 -0.69 8.43 5.91
C GLN A 143 -0.93 7.83 7.29
N MET A 144 -2.20 7.76 7.68
CA MET A 144 -2.56 7.21 8.98
C MET A 144 -2.22 5.73 9.07
N MET A 145 -2.19 5.07 7.92
CA MET A 145 -1.87 3.65 7.86
C MET A 145 -0.37 3.43 7.82
N THR A 146 0.36 4.41 7.28
CA THR A 146 1.81 4.33 7.19
C THR A 146 2.48 5.21 8.23
N ALA A 147 1.74 5.54 9.28
CA ALA A 147 2.27 6.38 10.35
C ALA A 147 3.36 5.66 11.14
N LYS A 148 4.61 6.01 10.85
CA LYS A 148 5.75 5.40 11.52
C LYS A 148 5.74 5.72 13.01
N LEU B 1 6.35 15.84 15.48
CA LEU B 1 6.62 14.42 15.28
C LEU B 1 6.85 13.72 16.62
N SER B 2 5.80 13.65 17.43
CA SER B 2 5.89 13.01 18.74
C SER B 2 4.57 12.33 19.10
N GLY B 3 3.46 13.00 18.82
CA GLY B 3 2.15 12.45 19.11
C GLY B 3 1.19 12.59 17.95
N GLY B 4 0.36 11.56 17.75
CA GLY B 4 -0.60 11.60 16.67
C GLY B 4 -1.24 10.24 16.42
N GLU B 5 -0.43 9.19 16.44
CA GLU B 5 -0.92 7.83 16.22
C GLU B 5 -1.84 7.40 17.35
N LEU B 6 -3.11 7.17 17.03
CA LEU B 6 -4.09 6.76 18.03
C LEU B 6 -4.11 5.23 18.17
N ASP B 7 -4.33 4.76 19.38
CA ASP B 7 -4.38 3.32 19.65
C ASP B 7 -5.34 2.62 18.68
N LYS B 8 -6.61 2.99 18.75
CA LYS B 8 -7.62 2.39 17.88
C LYS B 8 -7.18 2.45 16.42
N TRP B 9 -6.75 3.63 15.97
CA TRP B 9 -6.31 3.80 14.60
C TRP B 9 -5.25 2.77 14.23
N GLU B 10 -4.31 2.53 15.15
CA GLU B 10 -3.25 1.56 14.91
C GLU B 10 -3.82 0.17 14.62
N LYS B 11 -5.01 -0.09 15.16
CA LYS B 11 -5.68 -1.37 14.97
C LYS B 11 -6.12 -1.54 13.52
N ILE B 12 -6.34 -0.42 12.85
CA ILE B 12 -6.77 -0.44 11.46
C ILE B 12 -5.57 -0.51 10.51
N ARG B 13 -4.38 -0.27 11.06
CA ARG B 13 -3.17 -0.32 10.27
C ARG B 13 -2.88 -1.73 9.77
N LEU B 14 -3.13 -2.71 10.64
CA LEU B 14 -2.90 -4.11 10.29
C LEU B 14 -1.47 -4.32 9.79
N ARG B 15 -1.20 -5.50 9.26
CA ARG B 15 0.12 -5.84 8.73
C ARG B 15 0.03 -6.95 7.70
N PRO B 16 -0.75 -6.71 6.63
CA PRO B 16 -0.94 -7.69 5.55
C PRO B 16 0.32 -7.85 4.70
N GLY B 17 0.20 -8.56 3.60
CA GLY B 17 1.33 -8.78 2.72
C GLY B 17 0.93 -8.80 1.25
N GLY B 18 1.00 -9.98 0.64
CA GLY B 18 0.64 -10.11 -0.76
C GLY B 18 1.77 -9.69 -1.68
N LYS B 19 1.86 -8.40 -1.96
CA LYS B 19 2.90 -7.87 -2.83
C LYS B 19 2.75 -8.41 -4.25
N LYS B 20 3.35 -7.72 -5.22
CA LYS B 20 3.28 -8.13 -6.61
C LYS B 20 1.83 -8.21 -7.08
N GLN B 21 1.63 -8.78 -8.26
CA GLN B 21 0.30 -8.92 -8.83
C GLN B 21 -0.32 -7.55 -9.10
N TYR B 22 -0.39 -7.18 -10.38
CA TYR B 22 -0.96 -5.90 -10.77
C TYR B 22 -2.24 -6.09 -11.56
N LYS B 23 -2.40 -7.27 -12.15
CA LYS B 23 -3.58 -7.59 -12.94
C LYS B 23 -3.68 -6.68 -14.16
N LEU B 24 -2.53 -6.23 -14.66
CA LEU B 24 -2.50 -5.36 -15.82
C LEU B 24 -1.27 -5.66 -16.68
N LYS B 25 -0.10 -5.68 -16.06
CA LYS B 25 1.14 -5.95 -16.78
C LYS B 25 1.02 -7.22 -17.62
N HIS B 26 0.28 -8.19 -17.10
CA HIS B 26 0.08 -9.45 -17.82
C HIS B 26 -0.36 -9.20 -19.26
N ILE B 27 -1.27 -8.24 -19.43
CA ILE B 27 -1.77 -7.90 -20.76
C ILE B 27 -0.63 -7.66 -21.73
N VAL B 28 0.43 -7.02 -21.25
CA VAL B 28 1.60 -6.73 -22.08
C VAL B 28 2.06 -7.98 -22.83
N TRP B 29 2.02 -9.12 -22.15
CA TRP B 29 2.44 -10.37 -22.74
C TRP B 29 1.61 -10.69 -23.98
N ALA B 30 0.31 -10.40 -23.92
CA ALA B 30 -0.58 -10.65 -25.04
C ALA B 30 -0.20 -9.80 -26.25
N SER B 31 0.57 -8.75 -26.00
CA SER B 31 1.01 -7.85 -27.08
C SER B 31 2.05 -8.53 -27.96
N ARG B 32 2.65 -9.60 -27.45
CA ARG B 32 3.66 -10.34 -28.19
C ARG B 32 3.11 -10.81 -29.53
N GLU B 33 1.80 -10.98 -29.60
CA GLU B 33 1.15 -11.44 -30.82
C GLU B 33 0.81 -10.26 -31.73
N LEU B 34 0.19 -9.24 -31.15
CA LEU B 34 -0.19 -8.04 -31.90
C LEU B 34 1.04 -7.32 -32.43
N GLU B 35 0.86 -6.59 -33.53
CA GLU B 35 1.96 -5.84 -34.13
C GLU B 35 1.85 -4.35 -33.82
N ARG B 36 0.72 -3.75 -34.20
CA ARG B 36 0.48 -2.34 -33.96
C ARG B 36 -0.78 -2.12 -33.13
CA CA C . -17.13 4.98 2.20
CA CA D . -9.84 15.07 5.51
CA CA E . -4.65 7.15 -25.72
CA CA F . -2.85 8.62 -14.27
N ALA A 1 31.18 -10.90 -6.45
CA ALA A 1 29.75 -11.18 -6.42
C ALA A 1 28.97 -10.04 -7.07
N ASP A 2 27.98 -10.40 -7.88
CA ASP A 2 27.14 -9.42 -8.56
C ASP A 2 25.66 -9.66 -8.28
N GLN A 3 24.85 -8.64 -8.46
CA GLN A 3 23.42 -8.74 -8.23
C GLN A 3 22.76 -9.66 -9.25
N LEU A 4 22.62 -9.17 -10.48
CA LEU A 4 22.02 -9.95 -11.55
C LEU A 4 22.94 -10.02 -12.77
N THR A 5 22.83 -11.10 -13.52
CA THR A 5 23.67 -11.29 -14.71
C THR A 5 22.80 -11.41 -15.96
N GLU A 6 23.44 -11.41 -17.12
CA GLU A 6 22.75 -11.53 -18.39
C GLU A 6 21.86 -12.77 -18.42
N GLU A 7 22.31 -13.82 -17.73
CA GLU A 7 21.57 -15.07 -17.68
C GLU A 7 20.25 -14.89 -16.92
N GLN A 8 20.29 -14.08 -15.87
CA GLN A 8 19.11 -13.82 -15.06
C GLN A 8 18.18 -12.83 -15.75
N ILE A 9 18.76 -11.79 -16.35
CA ILE A 9 17.99 -10.78 -17.04
C ILE A 9 17.36 -11.34 -18.32
N ALA A 10 18.13 -12.15 -19.03
CA ALA A 10 17.65 -12.76 -20.27
C ALA A 10 16.33 -13.49 -20.05
N GLU A 11 16.14 -14.02 -18.85
CA GLU A 11 14.92 -14.73 -18.51
C GLU A 11 13.75 -13.77 -18.31
N PHE A 12 14.03 -12.63 -17.69
CA PHE A 12 13.01 -11.63 -17.44
C PHE A 12 12.62 -10.91 -18.72
N LYS A 13 13.62 -10.52 -19.51
CA LYS A 13 13.38 -9.83 -20.77
C LYS A 13 12.72 -10.76 -21.78
N GLU A 14 12.96 -12.06 -21.63
CA GLU A 14 12.37 -13.05 -22.53
C GLU A 14 10.87 -13.11 -22.37
N ALA A 15 10.40 -12.99 -21.13
CA ALA A 15 8.97 -13.04 -20.84
C ALA A 15 8.25 -11.85 -21.48
N PHE A 16 8.92 -10.72 -21.55
CA PHE A 16 8.34 -9.52 -22.14
C PHE A 16 7.92 -9.77 -23.58
N SER A 17 8.84 -10.27 -24.39
CA SER A 17 8.55 -10.55 -25.79
C SER A 17 7.32 -11.43 -25.93
N LEU A 18 7.08 -12.27 -24.92
CA LEU A 18 5.92 -13.16 -24.92
C LEU A 18 4.63 -12.38 -24.83
N PHE A 19 4.57 -11.45 -23.88
CA PHE A 19 3.38 -10.62 -23.69
C PHE A 19 3.23 -9.62 -24.83
N ASP A 20 4.33 -9.27 -25.46
CA ASP A 20 4.32 -8.33 -26.57
C ASP A 20 3.95 -9.02 -27.87
N LYS A 21 2.68 -8.89 -28.25
CA LYS A 21 2.19 -9.51 -29.48
C LYS A 21 2.77 -8.81 -30.71
N ASP A 22 2.61 -7.49 -30.76
CA ASP A 22 3.13 -6.71 -31.88
C ASP A 22 4.63 -6.51 -31.76
N GLY A 23 5.18 -6.88 -30.61
CA GLY A 23 6.61 -6.74 -30.39
C GLY A 23 7.10 -5.34 -30.68
N ASP A 24 6.40 -4.34 -30.19
CA ASP A 24 6.76 -2.95 -30.40
C ASP A 24 7.71 -2.46 -29.31
N GLY A 25 7.83 -3.25 -28.24
CA GLY A 25 8.71 -2.89 -27.14
C GLY A 25 7.95 -2.40 -25.93
N THR A 26 6.65 -2.15 -26.11
CA THR A 26 5.81 -1.68 -25.02
C THR A 26 4.50 -2.46 -24.96
N ILE A 27 4.15 -2.93 -23.77
CA ILE A 27 2.92 -3.69 -23.58
C ILE A 27 1.73 -2.75 -23.37
N THR A 28 0.70 -2.93 -24.18
CA THR A 28 -0.50 -2.11 -24.08
C THR A 28 -1.67 -2.90 -23.50
N THR A 29 -2.76 -2.20 -23.20
CA THR A 29 -3.94 -2.84 -22.64
C THR A 29 -4.41 -4.00 -23.51
N LYS A 30 -4.46 -3.75 -24.82
CA LYS A 30 -4.89 -4.77 -25.78
C LYS A 30 -3.99 -5.99 -25.71
N GLU A 31 -2.70 -5.76 -25.51
CA GLU A 31 -1.73 -6.85 -25.42
C GLU A 31 -1.86 -7.59 -24.09
N LEU A 32 -2.22 -6.86 -23.05
CA LEU A 32 -2.38 -7.45 -21.72
C LEU A 32 -3.66 -8.27 -21.64
N GLY A 33 -4.72 -7.75 -22.25
CA GLY A 33 -6.00 -8.46 -22.23
C GLY A 33 -5.98 -9.70 -23.11
N THR A 34 -5.31 -9.61 -24.25
CA THR A 34 -5.23 -10.73 -25.18
C THR A 34 -4.51 -11.92 -24.54
N VAL A 35 -3.29 -11.68 -24.08
CA VAL A 35 -2.50 -12.73 -23.44
C VAL A 35 -3.26 -13.37 -22.30
N MET A 36 -3.77 -12.55 -21.38
CA MET A 36 -4.52 -13.04 -20.24
C MET A 36 -5.64 -13.98 -20.68
N ARG A 37 -6.18 -13.73 -21.87
CA ARG A 37 -7.25 -14.55 -22.42
C ARG A 37 -6.78 -15.98 -22.65
N SER A 38 -5.58 -16.12 -23.21
CA SER A 38 -5.02 -17.43 -23.50
C SER A 38 -4.75 -18.19 -22.20
N LEU A 39 -4.36 -17.46 -21.16
CA LEU A 39 -4.07 -18.06 -19.86
C LEU A 39 -5.35 -18.53 -19.18
N GLY A 40 -6.48 -17.98 -19.61
CA GLY A 40 -7.76 -18.35 -19.02
C GLY A 40 -8.26 -17.32 -18.04
N GLN A 41 -7.91 -16.06 -18.26
CA GLN A 41 -8.34 -14.98 -17.39
C GLN A 41 -9.18 -13.96 -18.14
N ASN A 42 -10.32 -13.58 -17.55
CA ASN A 42 -11.21 -12.61 -18.18
C ASN A 42 -11.19 -11.29 -17.42
N PRO A 43 -10.13 -10.50 -17.62
CA PRO A 43 -9.97 -9.20 -16.96
C PRO A 43 -10.96 -8.17 -17.49
N THR A 44 -11.10 -7.07 -16.75
CA THR A 44 -12.02 -6.01 -17.13
C THR A 44 -11.25 -4.73 -17.51
N GLU A 45 -11.96 -3.80 -18.14
CA GLU A 45 -11.34 -2.54 -18.54
C GLU A 45 -10.78 -1.79 -17.33
N ALA A 46 -11.55 -1.78 -16.25
CA ALA A 46 -11.13 -1.11 -15.02
C ALA A 46 -10.03 -1.88 -14.32
N GLU A 47 -10.06 -3.20 -14.45
CA GLU A 47 -9.06 -4.06 -13.83
C GLU A 47 -7.70 -3.91 -14.53
N LEU A 48 -7.71 -4.08 -15.85
CA LEU A 48 -6.49 -3.98 -16.63
C LEU A 48 -5.81 -2.64 -16.41
N GLN A 49 -6.57 -1.55 -16.57
CA GLN A 49 -6.05 -0.21 -16.39
C GLN A 49 -5.35 -0.07 -15.03
N ASP A 50 -5.81 -0.86 -14.06
CA ASP A 50 -5.25 -0.82 -12.72
C ASP A 50 -3.91 -1.55 -12.68
N MET A 51 -3.84 -2.70 -13.34
CA MET A 51 -2.62 -3.50 -13.39
C MET A 51 -1.47 -2.69 -13.99
N ILE A 52 -1.67 -2.22 -15.22
CA ILE A 52 -0.65 -1.44 -15.91
C ILE A 52 -0.25 -0.22 -15.09
N ASN A 53 -1.23 0.44 -14.49
CA ASN A 53 -0.98 1.62 -13.67
C ASN A 53 -0.08 1.29 -12.49
N GLU A 54 -0.19 0.05 -12.00
CA GLU A 54 0.62 -0.40 -10.88
C GLU A 54 2.08 -0.58 -11.28
N VAL A 55 2.30 -0.78 -12.58
CA VAL A 55 3.65 -0.96 -13.11
C VAL A 55 4.04 0.19 -14.03
N ASP A 56 3.23 1.24 -14.02
CA ASP A 56 3.50 2.41 -14.85
C ASP A 56 4.37 3.43 -14.10
N ALA A 57 5.66 3.39 -14.37
CA ALA A 57 6.60 4.31 -13.71
C ALA A 57 6.73 5.61 -14.51
N ASP A 58 6.85 5.47 -15.82
CA ASP A 58 6.99 6.64 -16.70
C ASP A 58 5.62 7.24 -17.02
N GLY A 59 4.57 6.62 -16.49
CA GLY A 59 3.22 7.11 -16.73
C GLY A 59 2.93 7.29 -18.21
N ASN A 60 3.09 6.22 -18.98
CA ASN A 60 2.85 6.27 -20.42
C ASN A 60 1.66 5.39 -20.80
N GLY A 61 1.26 4.51 -19.88
CA GLY A 61 0.14 3.63 -20.14
C GLY A 61 0.56 2.33 -20.80
N THR A 62 1.85 2.02 -20.71
CA THR A 62 2.38 0.80 -21.31
C THR A 62 3.58 0.28 -20.52
N ILE A 63 3.87 -1.01 -20.68
CA ILE A 63 5.00 -1.62 -19.98
C ILE A 63 6.25 -1.62 -20.86
N ASP A 64 7.23 -0.81 -20.49
CA ASP A 64 8.48 -0.73 -21.25
C ASP A 64 9.38 -1.91 -20.95
N PHE A 65 10.60 -1.88 -21.46
CA PHE A 65 11.56 -2.95 -21.24
C PHE A 65 11.94 -3.07 -19.77
N PRO A 66 12.46 -1.98 -19.21
CA PRO A 66 12.86 -1.93 -17.79
C PRO A 66 11.67 -1.96 -16.85
N GLU A 67 10.54 -1.42 -17.30
CA GLU A 67 9.32 -1.40 -16.49
C GLU A 67 8.93 -2.80 -16.07
N PHE A 68 9.03 -3.75 -16.98
CA PHE A 68 8.68 -5.13 -16.70
C PHE A 68 9.72 -5.79 -15.79
N LEU A 69 10.98 -5.42 -16.00
CA LEU A 69 12.08 -5.98 -15.20
C LEU A 69 11.95 -5.55 -13.74
N THR A 70 11.85 -4.24 -13.53
CA THR A 70 11.73 -3.71 -12.17
C THR A 70 10.55 -4.33 -11.44
N MET A 71 9.54 -4.74 -12.19
CA MET A 71 8.36 -5.36 -11.61
C MET A 71 8.69 -6.73 -11.01
N MET A 72 9.54 -7.48 -11.71
CA MET A 72 9.94 -8.80 -11.25
C MET A 72 11.03 -8.70 -10.19
N ALA A 73 11.89 -7.70 -10.32
CA ALA A 73 12.97 -7.49 -9.37
C ALA A 73 12.44 -6.90 -8.05
N ARG A 74 11.40 -6.08 -8.16
CA ARG A 74 10.82 -5.45 -6.97
C ARG A 74 10.29 -6.51 -6.01
N LYS A 75 10.05 -7.71 -6.53
CA LYS A 75 9.54 -8.81 -5.72
C LYS A 75 10.39 -8.99 -4.46
N MET A 76 11.68 -8.67 -4.57
CA MET A 76 12.58 -8.80 -3.44
C MET A 76 12.05 -8.08 -2.21
N LYS A 77 11.74 -6.79 -2.38
CA LYS A 77 11.21 -5.98 -1.29
C LYS A 77 10.44 -4.79 -1.82
N ASP A 78 9.65 -4.17 -0.95
CA ASP A 78 8.85 -3.01 -1.34
C ASP A 78 7.84 -3.37 -2.41
N THR A 79 6.75 -4.04 -2.00
CA THR A 79 5.71 -4.45 -2.93
C THR A 79 4.61 -5.21 -2.22
N ASP A 80 3.80 -4.50 -1.45
CA ASP A 80 2.71 -5.11 -0.70
C ASP A 80 1.92 -4.06 0.08
N SER A 81 2.65 -3.12 0.69
CA SER A 81 2.03 -2.07 1.48
C SER A 81 0.94 -1.35 0.67
N GLU A 82 1.27 -0.99 -0.57
CA GLU A 82 0.34 -0.31 -1.45
C GLU A 82 -0.99 -1.07 -1.52
N GLU A 83 -0.92 -2.32 -1.98
CA GLU A 83 -2.12 -3.14 -2.11
C GLU A 83 -2.81 -3.31 -0.76
N GLU A 84 -2.02 -3.40 0.30
CA GLU A 84 -2.55 -3.55 1.65
C GLU A 84 -3.43 -2.37 2.03
N ILE A 85 -3.00 -1.17 1.64
CA ILE A 85 -3.75 0.03 1.95
C ILE A 85 -4.98 0.16 1.05
N ARG A 86 -4.77 0.00 -0.25
CA ARG A 86 -5.86 0.09 -1.21
C ARG A 86 -6.91 -0.99 -0.95
N GLU A 87 -6.47 -2.12 -0.39
CA GLU A 87 -7.37 -3.22 -0.09
C GLU A 87 -8.31 -2.86 1.05
N ALA A 88 -7.73 -2.53 2.21
CA ALA A 88 -8.52 -2.17 3.38
C ALA A 88 -9.49 -1.05 3.06
N PHE A 89 -9.00 -0.02 2.36
CA PHE A 89 -9.83 1.13 1.99
C PHE A 89 -11.12 0.66 1.30
N ARG A 90 -10.96 -0.17 0.28
CA ARG A 90 -12.11 -0.69 -0.46
C ARG A 90 -13.03 -1.51 0.45
N VAL A 91 -12.43 -2.30 1.33
CA VAL A 91 -13.20 -3.12 2.26
C VAL A 91 -14.10 -2.26 3.14
N PHE A 92 -13.51 -1.25 3.77
CA PHE A 92 -14.26 -0.35 4.64
C PHE A 92 -15.22 0.50 3.84
N ASP A 93 -14.88 0.77 2.59
CA ASP A 93 -15.73 1.58 1.71
C ASP A 93 -16.99 0.82 1.32
N LYS A 94 -18.06 1.03 2.08
CA LYS A 94 -19.33 0.37 1.82
C LYS A 94 -20.07 1.04 0.66
N ASP A 95 -20.23 2.36 0.76
CA ASP A 95 -20.91 3.12 -0.28
C ASP A 95 -20.05 3.24 -1.53
N GLY A 96 -18.79 2.82 -1.42
CA GLY A 96 -17.89 2.88 -2.54
C GLY A 96 -17.69 4.29 -3.05
N ASN A 97 -17.83 5.27 -2.15
CA ASN A 97 -17.66 6.67 -2.52
C ASN A 97 -16.19 7.06 -2.53
N GLY A 98 -15.36 6.23 -1.92
CA GLY A 98 -13.94 6.51 -1.87
C GLY A 98 -13.54 7.36 -0.67
N TYR A 99 -14.41 7.40 0.33
CA TYR A 99 -14.16 8.18 1.53
C TYR A 99 -14.53 7.40 2.78
N ILE A 100 -13.97 7.81 3.91
CA ILE A 100 -14.24 7.14 5.18
C ILE A 100 -14.81 8.11 6.21
N SER A 101 -16.01 7.82 6.69
CA SER A 101 -16.67 8.66 7.68
C SER A 101 -16.83 7.94 9.01
N ALA A 102 -17.33 8.65 10.01
CA ALA A 102 -17.54 8.07 11.33
C ALA A 102 -18.61 7.00 11.30
N ALA A 103 -19.51 7.10 10.33
CA ALA A 103 -20.59 6.14 10.18
C ALA A 103 -20.07 4.78 9.70
N GLU A 104 -19.27 4.81 8.63
CA GLU A 104 -18.71 3.60 8.07
C GLU A 104 -17.53 3.10 8.92
N LEU A 105 -16.63 4.01 9.24
CA LEU A 105 -15.47 3.67 10.06
C LEU A 105 -15.88 2.97 11.34
N ARG A 106 -16.96 3.45 11.95
CA ARG A 106 -17.46 2.86 13.19
C ARG A 106 -17.75 1.38 13.02
N HIS A 107 -18.48 1.04 11.96
CA HIS A 107 -18.83 -0.34 11.68
C HIS A 107 -17.58 -1.21 11.62
N VAL A 108 -16.49 -0.66 11.09
CA VAL A 108 -15.23 -1.39 10.98
C VAL A 108 -14.69 -1.74 12.35
N MET A 109 -14.58 -0.75 13.23
CA MET A 109 -14.08 -0.96 14.58
C MET A 109 -14.96 -1.96 15.33
N THR A 110 -16.22 -2.04 14.94
CA THR A 110 -17.16 -2.94 15.58
C THR A 110 -16.78 -4.40 15.33
N ASN A 111 -16.46 -4.71 14.07
CA ASN A 111 -16.08 -6.07 13.70
C ASN A 111 -14.92 -6.57 14.56
N LEU A 112 -14.07 -5.65 14.99
CA LEU A 112 -12.92 -5.99 15.82
C LEU A 112 -13.36 -6.29 17.25
N GLY A 113 -14.48 -5.71 17.65
CA GLY A 113 -14.99 -5.94 18.99
C GLY A 113 -14.69 -4.77 19.93
N GLU A 114 -14.67 -3.56 19.37
CA GLU A 114 -14.39 -2.37 20.16
C GLU A 114 -15.53 -1.35 20.02
N LYS A 115 -16.28 -1.18 21.10
CA LYS A 115 -17.39 -0.22 21.11
C LYS A 115 -16.89 1.21 21.17
N LEU A 116 -17.37 2.05 20.26
CA LEU A 116 -16.98 3.44 20.21
C LEU A 116 -18.19 4.35 20.06
N THR A 117 -18.31 5.33 20.96
CA THR A 117 -19.42 6.26 20.93
C THR A 117 -19.20 7.35 19.88
N ASP A 118 -20.12 8.31 19.83
CA ASP A 118 -20.02 9.41 18.87
C ASP A 118 -18.71 10.19 19.07
N GLU A 119 -18.35 10.41 20.33
CA GLU A 119 -17.13 11.14 20.65
C GLU A 119 -15.90 10.27 20.41
N GLU A 120 -16.04 8.97 20.65
CA GLU A 120 -14.93 8.04 20.47
C GLU A 120 -14.64 7.83 18.99
N VAL A 121 -15.70 7.78 18.18
CA VAL A 121 -15.55 7.58 16.74
C VAL A 121 -15.04 8.85 16.06
N ASP A 122 -15.39 10.00 16.63
CA ASP A 122 -14.97 11.28 16.08
C ASP A 122 -13.52 11.59 16.46
N GLU A 123 -13.09 11.05 17.60
CA GLU A 123 -11.73 11.27 18.08
C GLU A 123 -10.70 10.85 17.02
N MET A 124 -10.88 9.64 16.50
CA MET A 124 -9.98 9.11 15.48
C MET A 124 -10.09 9.91 14.18
N ILE A 125 -11.32 10.20 13.79
CA ILE A 125 -11.56 10.96 12.57
C ILE A 125 -10.79 12.27 12.57
N ARG A 126 -10.67 12.87 13.75
CA ARG A 126 -9.95 14.14 13.90
C ARG A 126 -8.46 13.96 13.62
N GLU A 127 -7.95 12.77 13.95
CA GLU A 127 -6.54 12.47 13.73
C GLU A 127 -6.22 12.36 12.25
N ALA A 128 -7.08 11.66 11.51
CA ALA A 128 -6.89 11.47 10.08
C ALA A 128 -7.30 12.73 9.31
N ASP A 129 -8.30 13.44 9.83
CA ASP A 129 -8.78 14.66 9.19
C ASP A 129 -7.75 15.77 9.29
N ILE A 130 -6.82 15.81 8.34
CA ILE A 130 -5.77 16.82 8.33
C ILE A 130 -6.29 18.13 7.77
N ASP A 131 -7.02 18.05 6.66
CA ASP A 131 -7.58 19.24 6.01
C ASP A 131 -8.74 19.79 6.82
N GLY A 132 -9.17 19.04 7.83
CA GLY A 132 -10.28 19.47 8.66
C GLY A 132 -11.57 19.60 7.87
N ASP A 133 -11.83 18.65 7.00
CA ASP A 133 -13.04 18.65 6.18
C ASP A 133 -14.19 17.97 6.91
N GLY A 134 -13.86 17.21 7.95
CA GLY A 134 -14.88 16.52 8.71
C GLY A 134 -14.95 15.04 8.38
N GLN A 135 -14.04 14.59 7.53
CA GLN A 135 -14.01 13.19 7.11
C GLN A 135 -12.58 12.74 6.80
N VAL A 136 -12.41 11.45 6.58
CA VAL A 136 -11.09 10.90 6.26
C VAL A 136 -11.02 10.42 4.82
N ASN A 137 -10.19 11.10 4.03
CA ASN A 137 -10.03 10.74 2.62
C ASN A 137 -8.91 9.74 2.43
N TYR A 138 -8.82 9.16 1.25
CA TYR A 138 -7.79 8.17 0.94
C TYR A 138 -6.40 8.72 1.28
N GLU A 139 -6.14 9.95 0.85
CA GLU A 139 -4.85 10.59 1.11
C GLU A 139 -4.51 10.54 2.58
N GLU A 140 -5.45 10.99 3.42
CA GLU A 140 -5.24 11.01 4.86
C GLU A 140 -5.15 9.58 5.41
N PHE A 141 -5.98 8.69 4.89
CA PHE A 141 -5.99 7.31 5.32
C PHE A 141 -4.62 6.65 5.10
N VAL A 142 -4.09 6.82 3.89
CA VAL A 142 -2.80 6.25 3.55
C VAL A 142 -1.71 6.72 4.51
N GLN A 143 -1.77 8.00 4.88
CA GLN A 143 -0.80 8.58 5.79
C GLN A 143 -0.98 8.03 7.21
N MET A 144 -2.21 7.65 7.53
CA MET A 144 -2.52 7.11 8.85
C MET A 144 -2.01 5.68 8.98
N MET A 145 -2.40 4.82 8.05
CA MET A 145 -1.97 3.42 8.06
C MET A 145 -0.47 3.31 7.80
N THR A 146 0.08 4.29 7.09
CA THR A 146 1.51 4.30 6.78
C THR A 146 2.23 5.39 7.57
N ALA A 147 1.63 5.82 8.67
CA ALA A 147 2.21 6.85 9.52
C ALA A 147 3.57 6.40 10.06
N LYS A 148 4.13 7.20 10.97
CA LYS A 148 5.42 6.88 11.57
C LYS A 148 5.78 7.89 12.66
N LEU B 1 -3.74 -0.67 25.66
CA LEU B 1 -5.11 -1.04 25.97
C LEU B 1 -5.48 -0.66 27.40
N SER B 2 -4.93 0.47 27.86
CA SER B 2 -5.19 0.95 29.20
C SER B 2 -4.55 2.32 29.43
N GLY B 3 -5.24 3.37 28.97
CA GLY B 3 -4.73 4.71 29.12
C GLY B 3 -5.71 5.77 28.64
N GLY B 4 -5.18 6.88 28.14
CA GLY B 4 -6.03 7.95 27.65
C GLY B 4 -5.51 8.54 26.35
N GLU B 5 -4.71 7.78 25.62
CA GLU B 5 -4.15 8.24 24.35
C GLU B 5 -4.93 7.67 23.18
N LEU B 6 -4.68 8.23 21.99
CA LEU B 6 -5.35 7.78 20.78
C LEU B 6 -4.60 6.61 20.13
N ASP B 7 -4.73 5.43 20.71
CA ASP B 7 -4.08 4.24 20.20
C ASP B 7 -5.06 3.36 19.42
N LYS B 8 -6.11 3.98 18.92
CA LYS B 8 -7.14 3.25 18.16
C LYS B 8 -6.67 3.01 16.73
N TRP B 9 -6.20 4.06 16.08
CA TRP B 9 -5.72 3.96 14.70
C TRP B 9 -4.69 2.85 14.57
N GLU B 10 -3.80 2.75 15.56
CA GLU B 10 -2.76 1.73 15.54
C GLU B 10 -3.36 0.33 15.40
N LYS B 11 -4.60 0.18 15.84
CA LYS B 11 -5.29 -1.09 15.75
C LYS B 11 -5.78 -1.36 14.33
N ILE B 12 -6.06 -0.28 13.61
CA ILE B 12 -6.54 -0.39 12.23
C ILE B 12 -5.38 -0.70 11.27
N ARG B 13 -4.19 -0.25 11.62
CA ARG B 13 -3.01 -0.48 10.80
C ARG B 13 -2.83 -1.97 10.51
N LEU B 14 -3.30 -2.81 11.43
CA LEU B 14 -3.19 -4.25 11.27
C LEU B 14 -1.74 -4.67 11.11
N ARG B 15 -1.51 -5.98 10.96
CA ARG B 15 -0.17 -6.51 10.79
C ARG B 15 -0.21 -8.00 10.48
N PRO B 16 -0.93 -8.36 9.40
CA PRO B 16 -1.05 -9.76 8.97
C PRO B 16 0.24 -10.32 8.42
N GLY B 17 0.24 -11.63 8.11
CA GLY B 17 1.43 -12.26 7.58
C GLY B 17 1.26 -12.67 6.13
N GLY B 18 0.65 -11.81 5.34
CA GLY B 18 0.43 -12.12 3.93
C GLY B 18 1.73 -12.11 3.14
N LYS B 19 1.65 -11.65 1.89
CA LYS B 19 2.83 -11.60 1.02
C LYS B 19 2.64 -10.56 -0.07
N LYS B 20 3.61 -10.48 -0.97
CA LYS B 20 3.56 -9.52 -2.08
C LYS B 20 2.24 -9.62 -2.83
N GLN B 21 1.79 -8.51 -3.39
CA GLN B 21 0.55 -8.48 -4.14
C GLN B 21 0.59 -7.44 -5.25
N TYR B 22 0.80 -7.89 -6.48
CA TYR B 22 0.87 -7.00 -7.62
C TYR B 22 -0.31 -7.22 -8.57
N LYS B 23 -0.86 -8.43 -8.53
CA LYS B 23 -2.00 -8.78 -9.38
C LYS B 23 -1.62 -8.70 -10.85
N LEU B 24 -0.32 -8.77 -11.13
CA LEU B 24 0.17 -8.71 -12.50
C LEU B 24 1.36 -9.66 -12.71
N LYS B 25 2.38 -9.51 -11.87
CA LYS B 25 3.56 -10.36 -11.95
C LYS B 25 3.18 -11.83 -11.99
N HIS B 26 2.25 -12.22 -11.11
CA HIS B 26 1.79 -13.60 -11.05
C HIS B 26 1.40 -14.11 -12.44
N ILE B 27 0.81 -13.23 -13.24
CA ILE B 27 0.39 -13.58 -14.58
C ILE B 27 1.51 -14.27 -15.35
N VAL B 28 2.73 -13.76 -15.19
CA VAL B 28 3.89 -14.33 -15.86
C VAL B 28 3.95 -15.84 -15.67
N TRP B 29 3.64 -16.29 -14.47
CA TRP B 29 3.65 -17.72 -14.16
C TRP B 29 2.69 -18.49 -15.06
N ALA B 30 1.54 -17.88 -15.34
CA ALA B 30 0.54 -18.51 -16.19
C ALA B 30 1.07 -18.70 -17.61
N SER B 31 2.11 -17.95 -17.94
CA SER B 31 2.72 -18.02 -19.27
C SER B 31 3.45 -19.35 -19.47
N ARG B 32 3.74 -20.02 -18.37
CA ARG B 32 4.44 -21.30 -18.41
C ARG B 32 3.63 -22.33 -19.21
N GLU B 33 2.31 -22.15 -19.23
CA GLU B 33 1.44 -23.06 -19.95
C GLU B 33 1.53 -22.83 -21.46
N LEU B 34 1.46 -21.57 -21.86
CA LEU B 34 1.54 -21.22 -23.28
C LEU B 34 2.79 -21.81 -23.91
N GLU B 35 2.88 -21.71 -25.24
CA GLU B 35 4.03 -22.24 -25.97
C GLU B 35 4.54 -21.22 -26.98
N ARG B 36 4.33 -19.94 -26.69
CA ARG B 36 4.77 -18.87 -27.57
C ARG B 36 4.07 -18.97 -28.93
CA CA C . -17.32 5.09 2.16
CA CA D . -10.09 15.19 5.71
CA CA E . 3.22 -4.13 -27.68
CA CA F . 5.02 2.74 -18.27
N ALA A 1 19.48 -6.20 -11.26
CA ALA A 1 18.75 -6.80 -12.37
C ALA A 1 17.49 -6.00 -12.70
N ASP A 2 17.67 -4.80 -13.23
CA ASP A 2 16.55 -3.94 -13.58
C ASP A 2 16.69 -3.44 -15.02
N GLN A 3 16.90 -4.36 -15.95
CA GLN A 3 17.06 -4.00 -17.36
C GLN A 3 16.26 -4.94 -18.24
N LEU A 4 15.26 -4.41 -18.93
CA LEU A 4 14.43 -5.20 -19.82
C LEU A 4 14.84 -5.03 -21.27
N THR A 5 14.39 -5.94 -22.13
CA THR A 5 14.72 -5.88 -23.55
C THR A 5 13.45 -5.79 -24.41
N GLU A 6 13.65 -5.56 -25.70
CA GLU A 6 12.52 -5.45 -26.63
C GLU A 6 11.60 -6.66 -26.51
N GLU A 7 12.18 -7.80 -26.14
CA GLU A 7 11.41 -9.03 -25.98
C GLU A 7 10.41 -8.92 -24.83
N GLN A 8 10.83 -8.28 -23.75
CA GLN A 8 9.99 -8.10 -22.58
C GLN A 8 8.98 -6.98 -22.80
N ILE A 9 9.44 -5.89 -23.41
CA ILE A 9 8.58 -4.74 -23.68
C ILE A 9 7.55 -5.08 -24.75
N ALA A 10 7.96 -5.87 -25.74
CA ALA A 10 7.06 -6.27 -26.81
C ALA A 10 5.77 -6.85 -26.27
N GLU A 11 5.86 -7.53 -25.13
CA GLU A 11 4.69 -8.14 -24.50
C GLU A 11 3.82 -7.08 -23.83
N PHE A 12 4.43 -6.25 -23.00
CA PHE A 12 3.71 -5.19 -22.30
C PHE A 12 3.02 -4.26 -23.28
N LYS A 13 3.76 -3.85 -24.31
CA LYS A 13 3.22 -2.95 -25.33
C LYS A 13 1.93 -3.51 -25.93
N GLU A 14 1.84 -4.84 -25.97
CA GLU A 14 0.65 -5.49 -26.51
C GLU A 14 -0.55 -5.31 -25.58
N ALA A 15 -0.27 -5.22 -24.28
CA ALA A 15 -1.33 -5.04 -23.29
C ALA A 15 -2.00 -3.68 -23.44
N PHE A 16 -1.20 -2.63 -23.55
CA PHE A 16 -1.71 -1.28 -23.69
C PHE A 16 -2.64 -1.18 -24.90
N SER A 17 -2.14 -1.59 -26.06
CA SER A 17 -2.93 -1.54 -27.29
C SER A 17 -4.20 -2.38 -27.15
N LEU A 18 -4.15 -3.38 -26.29
CA LEU A 18 -5.30 -4.25 -26.06
C LEU A 18 -6.43 -3.50 -25.38
N PHE A 19 -6.06 -2.61 -24.45
CA PHE A 19 -7.04 -1.82 -23.72
C PHE A 19 -7.51 -0.63 -24.54
N ASP A 20 -6.57 -0.01 -25.25
CA ASP A 20 -6.88 1.15 -26.08
C ASP A 20 -7.86 0.78 -27.19
N LYS A 21 -9.13 1.07 -26.97
CA LYS A 21 -10.16 0.76 -27.96
C LYS A 21 -10.07 1.70 -29.16
N ASP A 22 -10.12 3.00 -28.89
CA ASP A 22 -10.05 4.00 -29.94
C ASP A 22 -8.64 4.07 -30.52
N GLY A 23 -7.69 3.39 -29.86
CA GLY A 23 -6.32 3.39 -30.32
C GLY A 23 -5.79 4.79 -30.59
N ASP A 24 -5.66 5.57 -29.53
CA ASP A 24 -5.16 6.94 -29.66
C ASP A 24 -3.82 7.10 -28.95
N GLY A 25 -3.49 6.13 -28.10
CA GLY A 25 -2.23 6.18 -27.38
C GLY A 25 -2.40 6.67 -25.95
N THR A 26 -3.65 6.77 -25.50
CA THR A 26 -3.95 7.22 -24.16
C THR A 26 -5.24 6.63 -23.65
N ILE A 27 -5.21 6.07 -22.44
CA ILE A 27 -6.38 5.46 -21.83
C ILE A 27 -7.15 6.48 -21.01
N THR A 28 -8.42 6.68 -21.35
CA THR A 28 -9.27 7.63 -20.63
C THR A 28 -10.32 6.89 -19.79
N THR A 29 -11.05 7.65 -18.98
CA THR A 29 -12.07 7.08 -18.12
C THR A 29 -13.16 6.39 -18.94
N LYS A 30 -13.36 6.87 -20.16
CA LYS A 30 -14.36 6.31 -21.06
C LYS A 30 -13.90 4.96 -21.63
N GLU A 31 -12.60 4.87 -21.89
CA GLU A 31 -12.02 3.64 -22.44
C GLU A 31 -11.90 2.57 -21.36
N LEU A 32 -11.66 2.99 -20.12
CA LEU A 32 -11.52 2.07 -19.01
C LEU A 32 -12.86 1.37 -18.71
N GLY A 33 -13.95 2.14 -18.79
CA GLY A 33 -15.26 1.59 -18.52
C GLY A 33 -15.69 0.58 -19.58
N THR A 34 -15.31 0.84 -20.83
CA THR A 34 -15.66 -0.04 -21.93
C THR A 34 -15.04 -1.42 -21.74
N VAL A 35 -13.72 -1.46 -21.58
CA VAL A 35 -13.01 -2.73 -21.39
C VAL A 35 -13.42 -3.39 -20.09
N MET A 36 -13.32 -2.64 -18.99
CA MET A 36 -13.66 -3.16 -17.68
C MET A 36 -15.07 -3.78 -17.69
N ARG A 37 -15.94 -3.23 -18.53
CA ARG A 37 -17.31 -3.72 -18.63
C ARG A 37 -17.33 -5.13 -19.20
N SER A 38 -16.59 -5.33 -20.29
CA SER A 38 -16.53 -6.65 -20.93
C SER A 38 -15.92 -7.69 -19.98
N LEU A 39 -14.98 -7.25 -19.16
CA LEU A 39 -14.32 -8.14 -18.21
C LEU A 39 -15.29 -8.61 -17.13
N GLY A 40 -16.36 -7.83 -16.94
CA GLY A 40 -17.35 -8.19 -15.93
C GLY A 40 -17.19 -7.37 -14.66
N GLN A 41 -16.72 -6.14 -14.80
CA GLN A 41 -16.52 -5.27 -13.65
C GLN A 41 -17.20 -3.92 -13.87
N ASN A 42 -18.16 -3.59 -13.01
CA ASN A 42 -18.88 -2.33 -13.11
C ASN A 42 -18.51 -1.39 -11.97
N PRO A 43 -17.32 -0.78 -12.07
CA PRO A 43 -16.81 0.16 -11.06
C PRO A 43 -17.61 1.47 -11.03
N THR A 44 -17.38 2.26 -9.99
CA THR A 44 -18.07 3.53 -9.83
C THR A 44 -17.28 4.66 -10.48
N GLU A 45 -17.95 5.78 -10.75
CA GLU A 45 -17.32 6.94 -11.36
C GLU A 45 -16.05 7.32 -10.60
N ALA A 46 -16.15 7.34 -9.27
CA ALA A 46 -15.02 7.68 -8.42
C ALA A 46 -13.98 6.57 -8.41
N GLU A 47 -14.43 5.33 -8.54
CA GLU A 47 -13.54 4.18 -8.54
C GLU A 47 -12.62 4.20 -9.76
N LEU A 48 -13.23 4.41 -10.93
CA LEU A 48 -12.46 4.46 -12.17
C LEU A 48 -11.35 5.48 -12.10
N GLN A 49 -11.61 6.59 -11.40
CA GLN A 49 -10.62 7.65 -11.25
C GLN A 49 -9.48 7.21 -10.33
N ASP A 50 -9.80 6.31 -9.41
CA ASP A 50 -8.80 5.81 -8.46
C ASP A 50 -7.77 4.94 -9.18
N MET A 51 -8.25 4.03 -10.01
CA MET A 51 -7.37 3.13 -10.76
C MET A 51 -6.43 3.92 -11.65
N ILE A 52 -6.99 4.80 -12.48
CA ILE A 52 -6.19 5.62 -13.38
C ILE A 52 -5.21 6.50 -12.62
N ASN A 53 -5.68 7.06 -11.51
CA ASN A 53 -4.84 7.93 -10.68
C ASN A 53 -3.74 7.12 -10.01
N GLU A 54 -4.03 5.87 -9.69
CA GLU A 54 -3.06 5.00 -9.04
C GLU A 54 -1.83 4.81 -9.92
N VAL A 55 -2.00 5.00 -11.22
CA VAL A 55 -0.91 4.84 -12.17
C VAL A 55 -0.53 6.18 -12.79
N ASP A 56 -1.40 7.18 -12.63
CA ASP A 56 -1.15 8.50 -13.17
C ASP A 56 0.03 9.17 -12.46
N ALA A 57 1.20 9.08 -13.08
CA ALA A 57 2.41 9.67 -12.51
C ALA A 57 2.57 11.11 -12.96
N ASP A 58 2.13 11.41 -14.18
CA ASP A 58 2.22 12.76 -14.72
C ASP A 58 0.97 13.57 -14.41
N GLY A 59 0.02 12.93 -13.73
CA GLY A 59 -1.22 13.60 -13.39
C GLY A 59 -1.89 14.25 -14.59
N ASN A 60 -2.26 13.44 -15.56
CA ASN A 60 -2.90 13.95 -16.78
C ASN A 60 -4.34 13.44 -16.88
N GLY A 61 -4.66 12.41 -16.09
CA GLY A 61 -6.00 11.86 -16.11
C GLY A 61 -6.16 10.75 -17.14
N THR A 62 -5.03 10.24 -17.63
CA THR A 62 -5.05 9.18 -18.63
C THR A 62 -3.80 8.31 -18.53
N ILE A 63 -3.87 7.12 -19.11
CA ILE A 63 -2.74 6.19 -19.09
C ILE A 63 -1.97 6.25 -20.39
N ASP A 64 -0.72 6.70 -20.33
CA ASP A 64 0.13 6.80 -21.51
C ASP A 64 0.76 5.44 -21.83
N PHE A 65 1.67 5.44 -22.81
CA PHE A 65 2.35 4.23 -23.21
C PHE A 65 3.25 3.70 -22.10
N PRO A 66 4.21 4.54 -21.67
CA PRO A 66 5.15 4.18 -20.61
C PRO A 66 4.47 4.09 -19.24
N GLU A 67 3.43 4.87 -19.05
CA GLU A 67 2.68 4.88 -17.79
C GLU A 67 2.10 3.50 -17.50
N PHE A 68 1.58 2.85 -18.54
CA PHE A 68 0.98 1.53 -18.39
C PHE A 68 2.06 0.46 -18.21
N LEU A 69 3.19 0.65 -18.89
CA LEU A 69 4.29 -0.30 -18.80
C LEU A 69 4.95 -0.24 -17.44
N THR A 70 5.37 0.96 -17.04
CA THR A 70 6.02 1.16 -15.74
C THR A 70 5.18 0.55 -14.61
N MET A 71 3.87 0.52 -14.80
CA MET A 71 2.96 -0.02 -13.80
C MET A 71 3.25 -1.51 -13.57
N MET A 72 3.46 -2.24 -14.66
CA MET A 72 3.74 -3.67 -14.57
C MET A 72 5.20 -3.91 -14.21
N ALA A 73 6.07 -2.99 -14.61
CA ALA A 73 7.50 -3.10 -14.33
C ALA A 73 7.79 -2.78 -12.86
N ARG A 74 6.95 -1.95 -12.26
CA ARG A 74 7.13 -1.56 -10.86
C ARG A 74 6.92 -2.76 -9.95
N LYS A 75 6.24 -3.78 -10.46
CA LYS A 75 5.97 -4.99 -9.68
C LYS A 75 7.25 -5.53 -9.05
N MET A 76 8.38 -5.32 -9.73
CA MET A 76 9.66 -5.78 -9.24
C MET A 76 10.03 -5.10 -7.92
N LYS A 77 9.79 -3.80 -7.85
CA LYS A 77 10.08 -3.02 -6.66
C LYS A 77 9.21 -3.47 -5.49
N ASP A 78 9.51 -2.95 -4.30
CA ASP A 78 8.74 -3.31 -3.11
C ASP A 78 7.48 -2.46 -3.00
N THR A 79 6.37 -3.11 -2.64
CA THR A 79 5.09 -2.41 -2.51
C THR A 79 4.10 -3.24 -1.70
N ASP A 80 4.18 -3.12 -0.38
CA ASP A 80 3.29 -3.85 0.52
C ASP A 80 2.39 -2.90 1.29
N SER A 81 2.89 -1.68 1.53
CA SER A 81 2.12 -0.67 2.26
C SER A 81 0.88 -0.26 1.48
N GLU A 82 1.08 0.12 0.23
CA GLU A 82 -0.03 0.54 -0.62
C GLU A 82 -1.02 -0.60 -0.84
N GLU A 83 -0.51 -1.83 -0.74
CA GLU A 83 -1.35 -3.02 -0.93
C GLU A 83 -2.37 -3.14 0.19
N GLU A 84 -1.96 -2.80 1.40
CA GLU A 84 -2.83 -2.88 2.57
C GLU A 84 -3.81 -1.70 2.60
N ILE A 85 -3.38 -0.57 2.06
CA ILE A 85 -4.20 0.63 2.02
C ILE A 85 -5.36 0.46 1.05
N ARG A 86 -5.05 0.05 -0.17
CA ARG A 86 -6.07 -0.16 -1.20
C ARG A 86 -7.07 -1.22 -0.77
N GLU A 87 -6.59 -2.21 -0.01
CA GLU A 87 -7.45 -3.28 0.47
C GLU A 87 -8.32 -2.82 1.63
N ALA A 88 -7.67 -2.33 2.68
CA ALA A 88 -8.39 -1.85 3.86
C ALA A 88 -9.45 -0.81 3.48
N PHE A 89 -9.03 0.19 2.71
CA PHE A 89 -9.94 1.24 2.27
C PHE A 89 -11.16 0.66 1.57
N ARG A 90 -10.93 -0.35 0.74
CA ARG A 90 -12.01 -1.00 0.01
C ARG A 90 -12.89 -1.82 0.95
N VAL A 91 -12.29 -2.28 2.04
CA VAL A 91 -13.02 -3.08 3.02
C VAL A 91 -13.94 -2.20 3.87
N PHE A 92 -13.55 -0.95 4.04
CA PHE A 92 -14.34 -0.01 4.84
C PHE A 92 -15.31 0.77 3.95
N ASP A 93 -14.87 1.09 2.74
CA ASP A 93 -15.69 1.83 1.79
C ASP A 93 -16.93 1.01 1.39
N LYS A 94 -18.03 1.26 2.09
CA LYS A 94 -19.28 0.55 1.82
C LYS A 94 -19.98 1.15 0.61
N ASP A 95 -20.16 2.47 0.62
CA ASP A 95 -20.81 3.16 -0.49
C ASP A 95 -19.91 3.22 -1.71
N GLY A 96 -18.65 2.82 -1.53
CA GLY A 96 -17.70 2.84 -2.62
C GLY A 96 -17.50 4.22 -3.21
N ASN A 97 -17.70 5.25 -2.37
CA ASN A 97 -17.54 6.63 -2.81
C ASN A 97 -16.08 7.03 -2.80
N GLY A 98 -15.25 6.25 -2.11
CA GLY A 98 -13.83 6.56 -2.03
C GLY A 98 -13.49 7.43 -0.84
N TYR A 99 -14.38 7.47 0.13
CA TYR A 99 -14.17 8.28 1.33
C TYR A 99 -14.57 7.51 2.59
N ILE A 100 -13.88 7.79 3.68
CA ILE A 100 -14.16 7.12 4.95
C ILE A 100 -14.70 8.11 5.98
N SER A 101 -15.90 7.84 6.48
CA SER A 101 -16.53 8.70 7.47
C SER A 101 -16.72 7.96 8.80
N ALA A 102 -17.19 8.68 9.80
CA ALA A 102 -17.42 8.09 11.12
C ALA A 102 -18.54 7.06 11.07
N ALA A 103 -19.53 7.30 10.21
CA ALA A 103 -20.65 6.39 10.06
C ALA A 103 -20.18 5.01 9.60
N GLU A 104 -19.37 4.98 8.54
CA GLU A 104 -18.86 3.73 8.01
C GLU A 104 -17.73 3.19 8.87
N LEU A 105 -16.77 4.06 9.18
CA LEU A 105 -15.63 3.66 10.00
C LEU A 105 -16.10 3.02 11.31
N ARG A 106 -17.21 3.50 11.84
CA ARG A 106 -17.76 2.98 13.08
C ARG A 106 -18.07 1.49 12.95
N HIS A 107 -18.76 1.13 11.87
CA HIS A 107 -19.13 -0.25 11.62
C HIS A 107 -17.90 -1.16 11.66
N VAL A 108 -16.78 -0.63 11.21
CA VAL A 108 -15.53 -1.39 11.20
C VAL A 108 -15.06 -1.70 12.61
N MET A 109 -15.03 -0.68 13.46
CA MET A 109 -14.61 -0.85 14.85
C MET A 109 -15.49 -1.86 15.57
N THR A 110 -16.80 -1.73 15.38
CA THR A 110 -17.76 -2.64 16.01
C THR A 110 -17.47 -4.09 15.64
N ASN A 111 -17.10 -4.31 14.38
CA ASN A 111 -16.80 -5.65 13.90
C ASN A 111 -15.45 -6.13 14.42
N LEU A 112 -14.56 -5.18 14.70
CA LEU A 112 -13.23 -5.50 15.21
C LEU A 112 -13.31 -6.03 16.64
N GLY A 113 -14.36 -5.63 17.36
CA GLY A 113 -14.52 -6.07 18.73
C GLY A 113 -14.10 -5.02 19.74
N GLU A 114 -14.31 -3.75 19.38
CA GLU A 114 -13.94 -2.65 20.26
C GLU A 114 -15.14 -1.75 20.53
N LYS A 115 -15.59 -1.73 21.78
CA LYS A 115 -16.73 -0.92 22.17
C LYS A 115 -16.37 0.57 22.16
N LEU A 116 -17.06 1.34 21.32
CA LEU A 116 -16.82 2.76 21.20
C LEU A 116 -18.13 3.54 21.13
N THR A 117 -18.06 4.84 21.36
CA THR A 117 -19.25 5.70 21.32
C THR A 117 -19.16 6.68 20.15
N ASP A 118 -20.25 7.43 19.94
CA ASP A 118 -20.30 8.40 18.87
C ASP A 118 -19.11 9.36 18.93
N GLU A 119 -18.85 9.89 20.13
CA GLU A 119 -17.75 10.81 20.33
C GLU A 119 -16.41 10.14 20.04
N GLU A 120 -16.30 8.87 20.42
CA GLU A 120 -15.07 8.11 20.20
C GLU A 120 -14.77 8.00 18.71
N VAL A 121 -15.79 7.64 17.94
CA VAL A 121 -15.64 7.48 16.49
C VAL A 121 -15.12 8.77 15.85
N ASP A 122 -15.49 9.90 16.43
CA ASP A 122 -15.07 11.20 15.92
C ASP A 122 -13.64 11.51 16.35
N GLU A 123 -13.23 10.95 17.50
CA GLU A 123 -11.89 11.17 18.02
C GLU A 123 -10.84 10.77 16.99
N MET A 124 -10.98 9.57 16.44
CA MET A 124 -10.04 9.07 15.45
C MET A 124 -10.12 9.88 14.16
N ILE A 125 -11.34 10.17 13.72
CA ILE A 125 -11.56 10.94 12.50
C ILE A 125 -10.81 12.27 12.56
N ARG A 126 -10.73 12.85 13.75
CA ARG A 126 -10.04 14.12 13.93
C ARG A 126 -8.53 13.96 13.70
N GLU A 127 -8.02 12.78 14.01
CA GLU A 127 -6.60 12.50 13.84
C GLU A 127 -6.24 12.39 12.37
N ALA A 128 -7.04 11.65 11.62
CA ALA A 128 -6.82 11.46 10.19
C ALA A 128 -7.20 12.72 9.41
N ASP A 129 -8.22 13.41 9.89
CA ASP A 129 -8.69 14.62 9.23
C ASP A 129 -7.67 15.75 9.37
N ILE A 130 -6.71 15.79 8.44
CA ILE A 130 -5.67 16.80 8.46
C ILE A 130 -6.18 18.12 7.89
N ASP A 131 -6.88 18.05 6.77
CA ASP A 131 -7.43 19.23 6.12
C ASP A 131 -8.62 19.78 6.90
N GLY A 132 -9.07 19.02 7.90
CA GLY A 132 -10.19 19.44 8.70
C GLY A 132 -11.47 19.58 7.90
N ASP A 133 -11.70 18.63 6.99
CA ASP A 133 -12.89 18.66 6.15
C ASP A 133 -14.07 17.98 6.84
N GLY A 134 -13.76 17.21 7.88
CA GLY A 134 -14.80 16.51 8.62
C GLY A 134 -14.88 15.04 8.26
N GLN A 135 -13.96 14.59 7.40
CA GLN A 135 -13.93 13.21 6.98
C GLN A 135 -12.51 12.76 6.68
N VAL A 136 -12.34 11.46 6.43
CA VAL A 136 -11.03 10.91 6.13
C VAL A 136 -10.95 10.42 4.69
N ASN A 137 -10.19 11.16 3.87
CA ASN A 137 -10.03 10.82 2.47
C ASN A 137 -8.90 9.81 2.27
N TYR A 138 -8.73 9.36 1.04
CA TYR A 138 -7.68 8.40 0.72
C TYR A 138 -6.29 8.97 1.03
N GLU A 139 -6.07 10.21 0.60
CA GLU A 139 -4.79 10.87 0.84
C GLU A 139 -4.42 10.83 2.31
N GLU A 140 -5.42 10.94 3.18
CA GLU A 140 -5.20 10.93 4.62
C GLU A 140 -5.00 9.49 5.12
N PHE A 141 -5.79 8.57 4.58
CA PHE A 141 -5.70 7.16 4.97
C PHE A 141 -4.33 6.59 4.62
N VAL A 142 -3.87 6.86 3.41
CA VAL A 142 -2.57 6.37 2.95
C VAL A 142 -1.47 6.73 3.95
N GLN A 143 -1.46 7.98 4.39
CA GLN A 143 -0.47 8.45 5.34
C GLN A 143 -0.73 7.87 6.73
N MET A 144 -1.98 7.51 6.99
CA MET A 144 -2.35 6.94 8.27
C MET A 144 -1.87 5.50 8.40
N MET A 145 -2.02 4.73 7.33
CA MET A 145 -1.59 3.34 7.31
C MET A 145 -0.07 3.24 7.28
N THR A 146 0.58 4.25 6.73
CA THR A 146 2.03 4.27 6.64
C THR A 146 2.63 5.34 7.56
N ALA A 147 1.85 5.74 8.57
CA ALA A 147 2.30 6.74 9.52
C ALA A 147 3.31 6.15 10.51
N LYS A 148 3.71 6.96 11.48
CA LYS A 148 4.68 6.53 12.49
C LYS A 148 4.58 7.38 13.74
N LEU B 1 -6.97 -3.60 21.54
CA LEU B 1 -7.58 -3.45 22.85
C LEU B 1 -7.64 -1.99 23.27
N SER B 2 -8.43 -1.71 24.30
CA SER B 2 -8.58 -0.34 24.79
C SER B 2 -7.26 0.19 25.34
N GLY B 3 -7.29 1.41 25.87
CA GLY B 3 -6.09 2.00 26.42
C GLY B 3 -6.29 3.45 26.84
N GLY B 4 -5.20 4.18 26.97
CA GLY B 4 -5.29 5.57 27.38
C GLY B 4 -5.38 6.52 26.19
N GLU B 5 -4.22 6.84 25.61
CA GLU B 5 -4.18 7.74 24.46
C GLU B 5 -4.97 7.16 23.29
N LEU B 6 -4.88 7.82 22.13
CA LEU B 6 -5.57 7.37 20.94
C LEU B 6 -4.72 6.38 20.15
N ASP B 7 -4.65 5.15 20.65
CA ASP B 7 -3.87 4.10 19.99
C ASP B 7 -4.79 3.16 19.21
N LYS B 8 -5.96 3.66 18.83
CA LYS B 8 -6.91 2.86 18.08
C LYS B 8 -6.54 2.79 16.61
N TRP B 9 -6.06 3.90 16.07
CA TRP B 9 -5.66 3.97 14.67
C TRP B 9 -4.63 2.90 14.35
N GLU B 10 -3.69 2.69 15.26
CA GLU B 10 -2.65 1.68 15.08
C GLU B 10 -3.25 0.30 14.88
N LYS B 11 -4.45 0.10 15.41
CA LYS B 11 -5.15 -1.18 15.28
C LYS B 11 -5.69 -1.37 13.86
N ILE B 12 -5.93 -0.26 13.17
CA ILE B 12 -6.45 -0.30 11.82
C ILE B 12 -5.32 -0.52 10.81
N ARG B 13 -4.10 -0.20 11.23
CA ARG B 13 -2.93 -0.35 10.36
C ARG B 13 -2.57 -1.83 10.20
N LEU B 14 -2.91 -2.63 11.19
CA LEU B 14 -2.63 -4.06 11.15
C LEU B 14 -1.16 -4.31 10.86
N ARG B 15 -0.82 -5.57 10.60
CA ARG B 15 0.56 -5.94 10.29
C ARG B 15 0.61 -7.29 9.57
N PRO B 16 -0.08 -7.38 8.44
CA PRO B 16 -0.14 -8.61 7.63
C PRO B 16 1.20 -8.92 6.96
N GLY B 17 1.77 -7.90 6.31
CA GLY B 17 3.04 -8.08 5.63
C GLY B 17 3.04 -7.49 4.23
N GLY B 18 2.01 -7.82 3.46
CA GLY B 18 1.91 -7.31 2.10
C GLY B 18 3.05 -7.78 1.23
N LYS B 19 2.89 -7.64 -0.09
CA LYS B 19 3.92 -8.04 -1.04
C LYS B 19 3.86 -7.20 -2.30
N LYS B 20 2.86 -7.46 -3.13
CA LYS B 20 2.69 -6.71 -4.38
C LYS B 20 1.21 -6.64 -4.77
N GLN B 21 0.76 -5.47 -5.17
CA GLN B 21 -0.62 -5.27 -5.57
C GLN B 21 -0.78 -3.98 -6.38
N TYR B 22 -2.00 -3.73 -6.85
CA TYR B 22 -2.29 -2.54 -7.64
C TYR B 22 -3.77 -2.44 -7.97
N LYS B 23 -4.30 -1.23 -7.92
CA LYS B 23 -5.71 -0.99 -8.22
C LYS B 23 -5.92 -0.77 -9.70
N LEU B 24 -5.37 -1.65 -10.53
CA LEU B 24 -5.50 -1.54 -11.97
C LEU B 24 -4.78 -2.69 -12.68
N LYS B 25 -3.54 -2.93 -12.27
CA LYS B 25 -2.74 -3.99 -12.86
C LYS B 25 -3.54 -5.30 -12.92
N HIS B 26 -4.21 -5.63 -11.83
CA HIS B 26 -5.02 -6.85 -11.77
C HIS B 26 -5.94 -6.95 -12.98
N ILE B 27 -6.51 -5.82 -13.38
CA ILE B 27 -7.41 -5.79 -14.52
C ILE B 27 -6.80 -6.48 -15.73
N VAL B 28 -5.50 -6.26 -15.94
CA VAL B 28 -4.79 -6.86 -17.05
C VAL B 28 -5.09 -8.35 -17.15
N TRP B 29 -5.13 -9.02 -16.00
CA TRP B 29 -5.40 -10.45 -15.95
C TRP B 29 -6.75 -10.77 -16.59
N ALA B 30 -7.73 -9.92 -16.31
CA ALA B 30 -9.07 -10.12 -16.85
C ALA B 30 -9.07 -10.01 -18.37
N SER B 31 -8.02 -9.39 -18.92
CA SER B 31 -7.91 -9.21 -20.36
C SER B 31 -7.67 -10.54 -21.05
N ARG B 32 -7.24 -11.54 -20.28
CA ARG B 32 -6.97 -12.87 -20.82
C ARG B 32 -8.27 -13.58 -21.19
N GLU B 33 -9.37 -13.14 -20.59
CA GLU B 33 -10.68 -13.73 -20.86
C GLU B 33 -11.20 -13.32 -22.23
N LEU B 34 -11.13 -12.02 -22.51
CA LEU B 34 -11.59 -11.48 -23.79
C LEU B 34 -10.93 -12.21 -24.95
N GLU B 35 -11.39 -11.93 -26.17
CA GLU B 35 -10.85 -12.55 -27.36
C GLU B 35 -9.55 -11.87 -27.78
N ARG B 36 -8.43 -12.55 -27.56
CA ARG B 36 -7.13 -12.01 -27.92
C ARG B 36 -6.89 -10.66 -27.24
CA CA C . -17.37 5.38 1.97
CA CA D . -9.93 15.19 5.74
CA CA E . -7.69 5.65 -25.92
CA CA F . -1.05 9.57 -16.74
N ALA A 1 1.41 -16.00 -21.90
CA ALA A 1 0.44 -16.01 -20.80
C ALA A 1 -0.01 -14.59 -20.46
N ASP A 2 -1.32 -14.43 -20.30
CA ASP A 2 -1.89 -13.12 -19.97
C ASP A 2 -1.55 -12.09 -21.06
N GLN A 3 -1.43 -12.57 -22.29
CA GLN A 3 -1.12 -11.70 -23.42
C GLN A 3 -2.27 -10.74 -23.71
N LEU A 4 -1.99 -9.67 -24.42
CA LEU A 4 -3.00 -8.68 -24.77
C LEU A 4 -3.02 -8.42 -26.28
N THR A 5 -4.20 -8.13 -26.81
CA THR A 5 -4.35 -7.85 -28.24
C THR A 5 -4.66 -6.38 -28.49
N GLU A 6 -4.76 -6.01 -29.75
CA GLU A 6 -5.05 -4.63 -30.13
C GLU A 6 -6.35 -4.16 -29.49
N GLU A 7 -7.27 -5.10 -29.26
CA GLU A 7 -8.55 -4.78 -28.64
C GLU A 7 -8.37 -4.34 -27.19
N GLN A 8 -7.41 -4.96 -26.50
CA GLN A 8 -7.14 -4.63 -25.11
C GLN A 8 -6.35 -3.33 -25.00
N ILE A 9 -5.37 -3.15 -25.87
CA ILE A 9 -4.56 -1.95 -25.87
C ILE A 9 -5.36 -0.74 -26.34
N ALA A 10 -6.18 -0.94 -27.35
CA ALA A 10 -7.01 0.13 -27.89
C ALA A 10 -7.96 0.68 -26.82
N GLU A 11 -8.29 -0.15 -25.85
CA GLU A 11 -9.18 0.26 -24.77
C GLU A 11 -8.47 1.20 -23.79
N PHE A 12 -7.31 0.77 -23.32
CA PHE A 12 -6.53 1.57 -22.38
C PHE A 12 -5.97 2.82 -23.07
N LYS A 13 -5.55 2.66 -24.31
CA LYS A 13 -4.99 3.76 -25.08
C LYS A 13 -5.93 4.97 -25.06
N GLU A 14 -7.19 4.73 -25.38
CA GLU A 14 -8.19 5.79 -25.39
C GLU A 14 -8.25 6.50 -24.04
N ALA A 15 -8.10 5.73 -22.97
CA ALA A 15 -8.14 6.27 -21.62
C ALA A 15 -7.06 7.33 -21.42
N PHE A 16 -5.99 7.21 -22.20
CA PHE A 16 -4.87 8.15 -22.11
C PHE A 16 -5.26 9.51 -22.66
N SER A 17 -5.76 9.53 -23.89
CA SER A 17 -6.17 10.77 -24.53
C SER A 17 -7.14 11.55 -23.65
N LEU A 18 -7.94 10.82 -22.87
CA LEU A 18 -8.90 11.44 -21.98
C LEU A 18 -8.21 12.30 -20.92
N PHE A 19 -7.08 11.80 -20.41
CA PHE A 19 -6.33 12.52 -19.39
C PHE A 19 -5.48 13.61 -20.03
N ASP A 20 -4.95 13.34 -21.22
CA ASP A 20 -4.12 14.29 -21.93
C ASP A 20 -4.94 15.50 -22.37
N LYS A 21 -4.86 16.58 -21.59
CA LYS A 21 -5.60 17.80 -21.91
C LYS A 21 -5.01 18.48 -23.14
N ASP A 22 -3.71 18.75 -23.10
CA ASP A 22 -3.02 19.41 -24.21
C ASP A 22 -2.80 18.43 -25.36
N GLY A 23 -3.05 17.15 -25.10
CA GLY A 23 -2.87 16.14 -26.12
C GLY A 23 -1.50 16.19 -26.76
N ASP A 24 -0.47 16.31 -25.94
CA ASP A 24 0.90 16.38 -26.42
C ASP A 24 1.54 14.99 -26.44
N GLY A 25 0.92 14.05 -25.74
CA GLY A 25 1.44 12.69 -25.70
C GLY A 25 2.21 12.41 -24.42
N THR A 26 1.99 13.24 -23.41
CA THR A 26 2.67 13.09 -22.13
C THR A 26 1.86 13.69 -21.00
N ILE A 27 1.68 12.94 -19.93
CA ILE A 27 0.92 13.41 -18.77
C ILE A 27 1.85 14.01 -17.72
N THR A 28 1.64 15.28 -17.40
CA THR A 28 2.45 15.97 -16.41
C THR A 28 1.68 16.21 -15.14
N THR A 29 2.34 16.77 -14.13
CA THR A 29 1.71 17.06 -12.85
C THR A 29 0.65 18.15 -12.99
N LYS A 30 0.90 19.09 -13.89
CA LYS A 30 -0.04 20.19 -14.12
C LYS A 30 -1.38 19.65 -14.61
N GLU A 31 -1.34 18.80 -15.64
CA GLU A 31 -2.55 18.23 -16.20
C GLU A 31 -3.11 17.13 -15.28
N LEU A 32 -2.26 16.17 -14.93
CA LEU A 32 -2.66 15.06 -14.07
C LEU A 32 -3.29 15.58 -12.78
N GLY A 33 -2.70 16.64 -12.23
CA GLY A 33 -3.21 17.22 -11.00
C GLY A 33 -4.55 17.91 -11.20
N THR A 34 -4.75 18.46 -12.39
CA THR A 34 -5.99 19.16 -12.71
C THR A 34 -7.13 18.19 -12.92
N VAL A 35 -6.88 17.14 -13.69
CA VAL A 35 -7.89 16.13 -13.97
C VAL A 35 -8.52 15.61 -12.69
N MET A 36 -7.69 15.29 -11.71
CA MET A 36 -8.16 14.78 -10.42
C MET A 36 -9.13 15.77 -9.79
N ARG A 37 -8.89 17.05 -9.99
CA ARG A 37 -9.74 18.09 -9.43
C ARG A 37 -11.19 17.91 -9.88
N SER A 38 -11.38 17.54 -11.14
CA SER A 38 -12.71 17.33 -11.68
C SER A 38 -13.29 16.00 -11.21
N LEU A 39 -12.40 15.05 -10.89
CA LEU A 39 -12.82 13.74 -10.44
C LEU A 39 -13.17 13.77 -8.95
N GLY A 40 -12.62 14.75 -8.24
CA GLY A 40 -12.89 14.88 -6.82
C GLY A 40 -11.74 14.37 -5.97
N GLN A 41 -10.52 14.50 -6.48
CA GLN A 41 -9.34 14.05 -5.78
C GLN A 41 -8.35 15.20 -5.57
N ASN A 42 -7.97 15.43 -4.32
CA ASN A 42 -7.03 16.50 -3.99
C ASN A 42 -5.70 15.93 -3.55
N PRO A 43 -4.90 15.46 -4.52
CA PRO A 43 -3.58 14.88 -4.25
C PRO A 43 -2.56 15.93 -3.79
N THR A 44 -1.43 15.46 -3.29
CA THR A 44 -0.38 16.36 -2.82
C THR A 44 0.83 16.32 -3.73
N GLU A 45 1.59 17.41 -3.75
CA GLU A 45 2.78 17.51 -4.59
C GLU A 45 3.69 16.31 -4.37
N ALA A 46 3.81 15.87 -3.13
CA ALA A 46 4.65 14.73 -2.79
C ALA A 46 4.01 13.43 -3.25
N GLU A 47 2.68 13.39 -3.25
CA GLU A 47 1.95 12.19 -3.67
C GLU A 47 2.03 12.00 -5.18
N LEU A 48 1.69 13.06 -5.91
CA LEU A 48 1.71 13.01 -7.37
C LEU A 48 3.09 12.60 -7.87
N GLN A 49 4.13 13.09 -7.20
CA GLN A 49 5.50 12.78 -7.58
C GLN A 49 5.79 11.30 -7.40
N ASP A 50 5.13 10.69 -6.42
CA ASP A 50 5.33 9.27 -6.15
C ASP A 50 4.66 8.41 -7.22
N MET A 51 3.45 8.81 -7.62
CA MET A 51 2.71 8.08 -8.65
C MET A 51 3.43 8.16 -10.00
N ILE A 52 3.66 9.38 -10.47
CA ILE A 52 4.34 9.58 -11.75
C ILE A 52 5.67 8.84 -11.79
N ASN A 53 6.44 8.95 -10.71
CA ASN A 53 7.73 8.28 -10.63
C ASN A 53 7.58 6.78 -10.69
N GLU A 54 6.44 6.29 -10.20
CA GLU A 54 6.16 4.85 -10.20
C GLU A 54 5.87 4.35 -11.61
N VAL A 55 5.45 5.26 -12.47
CA VAL A 55 5.14 4.91 -13.86
C VAL A 55 6.13 5.55 -14.83
N ASP A 56 7.16 6.19 -14.27
CA ASP A 56 8.18 6.84 -15.09
C ASP A 56 9.27 5.85 -15.49
N ALA A 57 9.16 5.32 -16.70
CA ALA A 57 10.13 4.36 -17.20
C ALA A 57 11.29 5.06 -17.90
N ASP A 58 10.97 6.09 -18.68
CA ASP A 58 11.98 6.86 -19.40
C ASP A 58 12.56 7.96 -18.52
N GLY A 59 12.07 8.04 -17.28
CA GLY A 59 12.55 9.05 -16.36
C GLY A 59 12.46 10.45 -16.93
N ASN A 60 11.26 10.84 -17.33
CA ASN A 60 11.04 12.17 -17.90
C ASN A 60 10.14 13.01 -17.00
N GLY A 61 9.46 12.35 -16.06
CA GLY A 61 8.58 13.05 -15.14
C GLY A 61 7.17 13.16 -15.67
N THR A 62 6.83 12.31 -16.62
CA THR A 62 5.50 12.31 -17.21
C THR A 62 5.11 10.92 -17.70
N ILE A 63 3.81 10.72 -17.95
CA ILE A 63 3.32 9.44 -18.42
C ILE A 63 3.13 9.44 -19.94
N ASP A 64 3.97 8.68 -20.62
CA ASP A 64 3.89 8.59 -22.08
C ASP A 64 2.75 7.68 -22.51
N PHE A 65 2.70 7.40 -23.81
CA PHE A 65 1.65 6.53 -24.35
C PHE A 65 1.80 5.11 -23.83
N PRO A 66 2.98 4.51 -24.08
CA PRO A 66 3.28 3.14 -23.65
C PRO A 66 3.43 3.03 -22.13
N GLU A 67 3.76 4.16 -21.50
CA GLU A 67 3.94 4.19 -20.05
C GLU A 67 2.62 3.88 -19.33
N PHE A 68 1.53 4.48 -19.82
CA PHE A 68 0.22 4.27 -19.23
C PHE A 68 -0.29 2.86 -19.52
N LEU A 69 0.01 2.35 -20.71
CA LEU A 69 -0.41 1.02 -21.11
C LEU A 69 0.36 -0.05 -20.35
N THR A 70 1.68 0.03 -20.40
CA THR A 70 2.54 -0.92 -19.71
C THR A 70 2.27 -0.91 -18.20
N MET A 71 1.82 0.23 -17.70
CA MET A 71 1.53 0.38 -16.27
C MET A 71 0.41 -0.57 -15.85
N MET A 72 -0.69 -0.54 -16.58
CA MET A 72 -1.84 -1.39 -16.28
C MET A 72 -1.41 -2.85 -16.13
N ALA A 73 -0.59 -3.30 -17.07
CA ALA A 73 -0.10 -4.68 -17.04
C ALA A 73 0.97 -4.86 -15.98
N ARG A 74 1.69 -3.79 -15.68
CA ARG A 74 2.76 -3.83 -14.69
C ARG A 74 2.18 -4.03 -13.29
N LYS A 75 0.89 -3.74 -13.14
CA LYS A 75 0.21 -3.88 -11.85
C LYS A 75 0.48 -5.26 -11.25
N MET A 76 0.67 -6.24 -12.11
CA MET A 76 0.94 -7.60 -11.66
C MET A 76 2.10 -7.63 -10.66
N LYS A 77 3.01 -6.68 -10.80
CA LYS A 77 4.17 -6.59 -9.91
C LYS A 77 4.50 -5.14 -9.60
N ASP A 78 5.65 -4.91 -8.98
CA ASP A 78 6.10 -3.57 -8.64
C ASP A 78 5.02 -2.83 -7.85
N THR A 79 4.83 -3.22 -6.60
CA THR A 79 3.84 -2.59 -5.74
C THR A 79 3.80 -3.23 -4.36
N ASP A 80 3.27 -2.50 -3.38
CA ASP A 80 3.19 -3.00 -2.02
C ASP A 80 2.41 -2.04 -1.14
N SER A 81 3.04 -0.92 -0.78
CA SER A 81 2.40 0.08 0.07
C SER A 81 1.04 0.48 -0.49
N GLU A 82 0.90 0.41 -1.81
CA GLU A 82 -0.34 0.75 -2.47
C GLU A 82 -1.43 -0.29 -2.19
N GLU A 83 -1.15 -1.53 -2.58
CA GLU A 83 -2.10 -2.62 -2.37
C GLU A 83 -2.53 -2.70 -0.91
N GLU A 84 -1.60 -2.39 0.00
CA GLU A 84 -1.89 -2.43 1.42
C GLU A 84 -2.96 -1.40 1.79
N ILE A 85 -2.87 -0.22 1.17
CA ILE A 85 -3.83 0.84 1.42
C ILE A 85 -5.17 0.55 0.76
N ARG A 86 -5.12 0.23 -0.54
CA ARG A 86 -6.34 -0.08 -1.29
C ARG A 86 -7.07 -1.27 -0.68
N GLU A 87 -6.31 -2.29 -0.29
CA GLU A 87 -6.89 -3.48 0.30
C GLU A 87 -7.83 -3.13 1.45
N ALA A 88 -7.34 -2.27 2.34
CA ALA A 88 -8.13 -1.84 3.49
C ALA A 88 -9.22 -0.85 3.08
N PHE A 89 -8.83 0.17 2.33
CA PHE A 89 -9.78 1.18 1.87
C PHE A 89 -10.98 0.53 1.18
N ARG A 90 -10.73 -0.58 0.50
CA ARG A 90 -11.79 -1.30 -0.21
C ARG A 90 -12.70 -2.03 0.78
N VAL A 91 -12.08 -2.72 1.74
CA VAL A 91 -12.84 -3.46 2.75
C VAL A 91 -13.72 -2.53 3.57
N PHE A 92 -13.26 -1.30 3.75
CA PHE A 92 -14.01 -0.31 4.52
C PHE A 92 -15.03 0.41 3.63
N ASP A 93 -14.59 0.80 2.43
CA ASP A 93 -15.46 1.50 1.50
C ASP A 93 -16.57 0.58 0.99
N LYS A 94 -17.67 0.54 1.72
CA LYS A 94 -18.81 -0.30 1.35
C LYS A 94 -19.62 0.35 0.23
N ASP A 95 -19.92 1.63 0.40
CA ASP A 95 -20.69 2.37 -0.60
C ASP A 95 -19.85 2.64 -1.85
N GLY A 96 -18.56 2.35 -1.76
CA GLY A 96 -17.67 2.58 -2.88
C GLY A 96 -17.62 4.03 -3.31
N ASN A 97 -17.80 4.93 -2.34
CA ASN A 97 -17.77 6.36 -2.62
C ASN A 97 -16.35 6.88 -2.69
N GLY A 98 -15.41 6.09 -2.17
CA GLY A 98 -14.01 6.50 -2.19
C GLY A 98 -13.67 7.43 -1.04
N TYR A 99 -14.51 7.45 -0.03
CA TYR A 99 -14.30 8.32 1.13
C TYR A 99 -14.72 7.62 2.43
N ILE A 100 -13.95 7.87 3.48
CA ILE A 100 -14.25 7.26 4.78
C ILE A 100 -14.79 8.29 5.77
N SER A 101 -15.90 7.96 6.41
CA SER A 101 -16.53 8.86 7.37
C SER A 101 -16.49 8.26 8.77
N ALA A 102 -17.18 8.91 9.71
CA ALA A 102 -17.23 8.45 11.09
C ALA A 102 -18.16 7.26 11.23
N ALA A 103 -19.29 7.31 10.53
CA ALA A 103 -20.27 6.23 10.58
C ALA A 103 -19.70 4.94 10.01
N GLU A 104 -18.89 5.07 8.95
CA GLU A 104 -18.28 3.91 8.31
C GLU A 104 -17.24 3.26 9.23
N LEU A 105 -16.35 4.09 9.76
CA LEU A 105 -15.30 3.60 10.65
C LEU A 105 -15.90 2.83 11.84
N ARG A 106 -16.81 3.49 12.55
CA ARG A 106 -17.46 2.87 13.70
C ARG A 106 -18.06 1.52 13.32
N HIS A 107 -18.73 1.47 12.18
CA HIS A 107 -19.35 0.23 11.71
C HIS A 107 -18.30 -0.86 11.54
N VAL A 108 -17.10 -0.47 11.12
CA VAL A 108 -16.01 -1.42 10.91
C VAL A 108 -15.43 -1.90 12.24
N MET A 109 -15.07 -0.95 13.10
CA MET A 109 -14.51 -1.27 14.40
C MET A 109 -15.50 -2.09 15.23
N THR A 110 -16.77 -1.69 15.19
CA THR A 110 -17.80 -2.39 15.93
C THR A 110 -17.80 -3.88 15.63
N ASN A 111 -17.45 -4.22 14.39
CA ASN A 111 -17.40 -5.61 13.97
C ASN A 111 -16.19 -6.33 14.57
N LEU A 112 -15.13 -5.57 14.81
CA LEU A 112 -13.90 -6.13 15.38
C LEU A 112 -14.11 -6.50 16.85
N GLY A 113 -15.07 -5.86 17.49
CA GLY A 113 -15.36 -6.14 18.88
C GLY A 113 -14.77 -5.10 19.81
N GLU A 114 -14.71 -3.85 19.35
CA GLU A 114 -14.16 -2.77 20.16
C GLU A 114 -15.25 -1.77 20.55
N LYS A 115 -15.53 -1.69 21.84
CA LYS A 115 -16.55 -0.77 22.35
C LYS A 115 -16.15 0.68 22.09
N LEU A 116 -17.02 1.41 21.40
CA LEU A 116 -16.76 2.81 21.09
C LEU A 116 -18.04 3.63 21.20
N THR A 117 -17.89 4.93 21.44
CA THR A 117 -19.03 5.82 21.55
C THR A 117 -18.99 6.91 20.48
N ASP A 118 -20.10 7.63 20.34
CA ASP A 118 -20.20 8.69 19.34
C ASP A 118 -19.03 9.67 19.49
N GLU A 119 -18.64 9.94 20.73
CA GLU A 119 -17.54 10.85 21.01
C GLU A 119 -16.20 10.23 20.64
N GLU A 120 -16.09 8.92 20.83
CA GLU A 120 -14.86 8.21 20.52
C GLU A 120 -14.58 8.23 19.01
N VAL A 121 -15.61 7.97 18.22
CA VAL A 121 -15.48 7.97 16.76
C VAL A 121 -14.94 9.31 16.26
N ASP A 122 -15.26 10.38 16.98
CA ASP A 122 -14.81 11.71 16.62
C ASP A 122 -13.29 11.83 16.75
N GLU A 123 -12.77 11.33 17.86
CA GLU A 123 -11.33 11.39 18.11
C GLU A 123 -10.55 10.72 16.98
N MET A 124 -11.18 9.74 16.33
CA MET A 124 -10.55 9.02 15.23
C MET A 124 -10.55 9.87 13.97
N ILE A 125 -11.74 10.24 13.52
CA ILE A 125 -11.89 11.06 12.32
C ILE A 125 -11.04 12.33 12.40
N ARG A 126 -10.96 12.88 13.61
CA ARG A 126 -10.19 14.10 13.84
C ARG A 126 -8.70 13.85 13.62
N GLU A 127 -8.25 12.63 13.92
CA GLU A 127 -6.85 12.27 13.76
C GLU A 127 -6.49 12.16 12.28
N ALA A 128 -7.31 11.45 11.52
CA ALA A 128 -7.07 11.29 10.09
C ALA A 128 -7.36 12.57 9.33
N ASP A 129 -8.34 13.33 9.81
CA ASP A 129 -8.72 14.59 9.17
C ASP A 129 -7.61 15.63 9.34
N ILE A 130 -6.65 15.62 8.43
CA ILE A 130 -5.54 16.57 8.48
C ILE A 130 -5.95 17.92 7.92
N ASP A 131 -6.63 17.90 6.77
CA ASP A 131 -7.08 19.13 6.13
C ASP A 131 -8.24 19.75 6.89
N GLY A 132 -8.76 19.01 7.87
CA GLY A 132 -9.87 19.51 8.67
C GLY A 132 -11.12 19.74 7.84
N ASP A 133 -11.44 18.78 6.98
CA ASP A 133 -12.63 18.88 6.14
C ASP A 133 -13.84 18.26 6.82
N GLY A 134 -13.59 17.46 7.85
CA GLY A 134 -14.67 16.80 8.57
C GLY A 134 -14.83 15.35 8.18
N GLN A 135 -13.93 14.87 7.32
CA GLN A 135 -13.98 13.48 6.87
C GLN A 135 -12.58 12.96 6.57
N VAL A 136 -12.49 11.66 6.30
CA VAL A 136 -11.20 11.03 6.00
C VAL A 136 -11.18 10.50 4.57
N ASN A 137 -10.33 11.09 3.74
CA ASN A 137 -10.20 10.67 2.34
C ASN A 137 -9.08 9.66 2.17
N TYR A 138 -8.78 9.32 0.93
CA TYR A 138 -7.72 8.36 0.63
C TYR A 138 -6.35 8.93 0.99
N GLU A 139 -6.08 10.15 0.53
CA GLU A 139 -4.80 10.80 0.80
C GLU A 139 -4.48 10.78 2.30
N GLU A 140 -5.48 11.13 3.11
CA GLU A 140 -5.31 11.16 4.56
C GLU A 140 -5.20 9.74 5.11
N PHE A 141 -6.03 8.84 4.59
CA PHE A 141 -6.03 7.45 5.04
C PHE A 141 -4.67 6.80 4.82
N VAL A 142 -4.01 7.19 3.73
CA VAL A 142 -2.69 6.65 3.41
C VAL A 142 -1.66 7.04 4.47
N GLN A 143 -1.78 8.26 4.97
CA GLN A 143 -0.86 8.75 5.99
C GLN A 143 -1.08 8.04 7.33
N MET A 144 -2.34 7.68 7.59
CA MET A 144 -2.69 6.99 8.83
C MET A 144 -2.24 5.53 8.78
N MET A 145 -2.70 4.81 7.77
CA MET A 145 -2.35 3.40 7.61
C MET A 145 -0.85 3.23 7.46
N THR A 146 -0.19 4.26 6.92
CA THR A 146 1.25 4.22 6.71
C THR A 146 1.96 5.20 7.65
N ALA A 147 1.29 5.57 8.73
CA ALA A 147 1.86 6.49 9.71
C ALA A 147 3.25 6.03 10.15
N LYS A 148 4.26 6.82 9.81
CA LYS A 148 5.64 6.50 10.17
C LYS A 148 5.98 7.04 11.56
N LEU B 1 7.64 0.21 17.48
CA LEU B 1 6.89 -0.44 18.56
C LEU B 1 6.14 0.60 19.40
N SER B 2 5.22 1.31 18.76
CA SER B 2 4.44 2.33 19.45
C SER B 2 3.67 1.74 20.62
N GLY B 3 4.01 2.19 21.83
CA GLY B 3 3.35 1.68 23.03
C GLY B 3 2.86 2.80 23.92
N GLY B 4 2.41 3.89 23.32
CA GLY B 4 1.92 5.01 24.09
C GLY B 4 0.49 4.82 24.57
N GLU B 5 -0.42 5.61 24.04
CA GLU B 5 -1.83 5.52 24.41
C GLU B 5 -2.60 4.65 23.43
N LEU B 6 -3.89 4.48 23.69
CA LEU B 6 -4.74 3.66 22.83
C LEU B 6 -4.64 4.12 21.38
N ASP B 7 -3.96 3.32 20.56
CA ASP B 7 -3.81 3.65 19.14
C ASP B 7 -4.77 2.85 18.28
N LYS B 8 -6.06 3.15 18.41
CA LYS B 8 -7.09 2.45 17.64
C LYS B 8 -6.76 2.47 16.15
N TRP B 9 -6.38 3.64 15.64
CA TRP B 9 -6.04 3.78 14.24
C TRP B 9 -5.01 2.74 13.82
N GLU B 10 -3.96 2.60 14.62
CA GLU B 10 -2.90 1.64 14.33
C GLU B 10 -3.47 0.22 14.21
N LYS B 11 -4.59 -0.02 14.87
CA LYS B 11 -5.24 -1.32 14.83
C LYS B 11 -5.90 -1.57 13.48
N ILE B 12 -6.26 -0.49 12.80
CA ILE B 12 -6.90 -0.59 11.50
C ILE B 12 -5.89 -0.92 10.42
N ARG B 13 -4.62 -0.62 10.68
CA ARG B 13 -3.55 -0.89 9.73
C ARG B 13 -3.61 -2.34 9.25
N LEU B 14 -3.89 -3.26 10.16
CA LEU B 14 -3.98 -4.67 9.83
C LEU B 14 -2.70 -5.14 9.14
N ARG B 15 -2.72 -6.37 8.64
CA ARG B 15 -1.57 -6.94 7.96
C ARG B 15 -1.81 -7.01 6.46
N PRO B 16 -0.79 -6.64 5.67
CA PRO B 16 -0.87 -6.66 4.20
C PRO B 16 -0.91 -8.07 3.64
N GLY B 17 -1.31 -8.19 2.38
CA GLY B 17 -1.39 -9.50 1.75
C GLY B 17 -0.96 -9.47 0.30
N GLY B 18 -1.91 -9.14 -0.59
CA GLY B 18 -1.60 -9.08 -2.01
C GLY B 18 -0.85 -7.82 -2.38
N LYS B 19 0.00 -7.91 -3.40
CA LYS B 19 0.78 -6.76 -3.86
C LYS B 19 0.79 -6.70 -5.38
N LYS B 20 -0.38 -6.45 -5.97
CA LYS B 20 -0.51 -6.35 -7.41
C LYS B 20 -1.58 -5.34 -7.79
N GLN B 21 -1.24 -4.06 -7.73
CA GLN B 21 -2.18 -2.99 -8.06
C GLN B 21 -1.51 -1.62 -7.94
N TYR B 22 -1.49 -0.87 -9.04
CA TYR B 22 -0.90 0.45 -9.06
C TYR B 22 -1.71 1.42 -8.20
N LYS B 23 -1.27 2.68 -8.19
CA LYS B 23 -1.96 3.71 -7.41
C LYS B 23 -2.36 4.88 -8.32
N LEU B 24 -2.56 4.60 -9.59
CA LEU B 24 -2.95 5.63 -10.56
C LEU B 24 -4.07 5.12 -11.47
N LYS B 25 -3.94 3.87 -11.91
CA LYS B 25 -4.94 3.26 -12.78
C LYS B 25 -6.35 3.52 -12.27
N HIS B 26 -6.53 3.39 -10.96
CA HIS B 26 -7.83 3.62 -10.34
C HIS B 26 -8.44 4.93 -10.81
N ILE B 27 -7.62 5.98 -10.84
CA ILE B 27 -8.08 7.29 -11.28
C ILE B 27 -8.79 7.21 -12.63
N VAL B 28 -8.27 6.37 -13.52
CA VAL B 28 -8.86 6.20 -14.84
C VAL B 28 -10.35 5.94 -14.74
N TRP B 29 -10.76 5.17 -13.75
CA TRP B 29 -12.17 4.85 -13.55
C TRP B 29 -12.99 6.12 -13.34
N ALA B 30 -12.42 7.07 -12.61
CA ALA B 30 -13.10 8.33 -12.34
C ALA B 30 -13.33 9.12 -13.62
N SER B 31 -12.57 8.78 -14.66
CA SER B 31 -12.69 9.46 -15.94
C SER B 31 -13.98 9.07 -16.65
N ARG B 32 -14.58 7.96 -16.22
CA ARG B 32 -15.81 7.47 -16.82
C ARG B 32 -16.92 8.52 -16.71
N GLU B 33 -16.80 9.39 -15.72
CA GLU B 33 -17.79 10.44 -15.50
C GLU B 33 -17.45 11.68 -16.33
N LEU B 34 -16.16 11.87 -16.60
CA LEU B 34 -15.72 13.01 -17.38
C LEU B 34 -15.87 12.75 -18.88
N GLU B 35 -16.47 13.71 -19.59
CA GLU B 35 -16.67 13.58 -21.02
C GLU B 35 -17.11 14.92 -21.62
N ARG B 36 -16.62 15.19 -22.84
CA ARG B 36 -16.96 16.43 -23.53
C ARG B 36 -18.46 16.50 -23.82
CA CA C . -17.08 4.87 1.90
CA CA D . -9.88 15.28 5.68
CA CA E . -0.10 16.50 -21.59
CA CA F . 7.79 8.75 -18.32
N ALA A 1 7.96 -16.54 -19.59
CA ALA A 1 6.86 -15.73 -20.07
C ALA A 1 7.34 -14.36 -20.54
N ASP A 2 7.86 -13.58 -19.61
CA ASP A 2 8.37 -12.24 -19.94
C ASP A 2 9.73 -12.00 -19.29
N GLN A 3 10.63 -11.36 -20.04
CA GLN A 3 11.97 -11.08 -19.55
C GLN A 3 12.41 -9.67 -19.93
N LEU A 4 13.51 -9.22 -19.36
CA LEU A 4 14.04 -7.89 -19.66
C LEU A 4 14.90 -7.91 -20.91
N THR A 5 14.40 -7.32 -21.98
CA THR A 5 15.12 -7.25 -23.25
C THR A 5 15.57 -5.84 -23.56
N GLU A 6 16.39 -5.70 -24.61
CA GLU A 6 16.90 -4.39 -25.01
C GLU A 6 15.76 -3.40 -25.19
N GLU A 7 14.70 -3.85 -25.85
CA GLU A 7 13.54 -2.99 -26.10
C GLU A 7 12.89 -2.56 -24.78
N GLN A 8 13.07 -3.38 -23.75
CA GLN A 8 12.50 -3.08 -22.44
C GLN A 8 13.35 -2.03 -21.71
N ILE A 9 14.63 -2.33 -21.53
CA ILE A 9 15.54 -1.42 -20.85
C ILE A 9 15.67 -0.10 -21.62
N ALA A 10 15.99 -0.21 -22.90
CA ALA A 10 16.15 0.96 -23.75
C ALA A 10 14.93 1.88 -23.66
N GLU A 11 13.76 1.28 -23.48
CA GLU A 11 12.52 2.04 -23.37
C GLU A 11 12.42 2.72 -22.01
N PHE A 12 12.60 1.94 -20.95
CA PHE A 12 12.51 2.46 -19.59
C PHE A 12 13.54 3.58 -19.39
N LYS A 13 14.74 3.38 -19.90
CA LYS A 13 15.81 4.37 -19.77
C LYS A 13 15.33 5.74 -20.23
N GLU A 14 14.52 5.76 -21.29
CA GLU A 14 14.00 7.00 -21.83
C GLU A 14 13.05 7.67 -20.84
N ALA A 15 12.30 6.86 -20.11
CA ALA A 15 11.35 7.36 -19.12
C ALA A 15 12.08 8.06 -17.97
N PHE A 16 13.18 7.47 -17.54
CA PHE A 16 13.97 8.03 -16.44
C PHE A 16 14.34 9.49 -16.73
N SER A 17 14.90 9.74 -17.90
CA SER A 17 15.29 11.09 -18.30
C SER A 17 14.13 12.06 -18.15
N LEU A 18 12.92 11.56 -18.38
CA LEU A 18 11.72 12.38 -18.29
C LEU A 18 11.50 12.86 -16.85
N PHE A 19 11.79 11.98 -15.90
CA PHE A 19 11.63 12.31 -14.48
C PHE A 19 12.84 13.09 -13.97
N ASP A 20 13.99 12.85 -14.58
CA ASP A 20 15.23 13.53 -14.19
C ASP A 20 15.32 14.92 -14.83
N LYS A 21 14.95 15.94 -14.06
CA LYS A 21 14.99 17.31 -14.56
C LYS A 21 16.43 17.78 -14.74
N ASP A 22 17.22 17.66 -13.67
CA ASP A 22 18.62 18.08 -13.71
C ASP A 22 19.48 17.04 -14.44
N GLY A 23 18.88 15.89 -14.71
CA GLY A 23 19.59 14.83 -15.40
C GLY A 23 20.92 14.50 -14.74
N ASP A 24 20.92 14.44 -13.41
CA ASP A 24 22.13 14.14 -12.65
C ASP A 24 22.29 12.63 -12.47
N GLY A 25 21.21 11.90 -12.70
CA GLY A 25 21.24 10.45 -12.55
C GLY A 25 20.54 9.98 -11.29
N THR A 26 20.21 10.93 -10.41
CA THR A 26 19.53 10.60 -9.16
C THR A 26 18.25 11.41 -9.01
N ILE A 27 17.16 10.74 -8.68
CA ILE A 27 15.88 11.40 -8.50
C ILE A 27 15.59 11.65 -7.03
N THR A 28 15.30 12.90 -6.69
CA THR A 28 15.00 13.27 -5.31
C THR A 28 13.54 13.66 -5.14
N THR A 29 13.17 14.05 -3.93
CA THR A 29 11.80 14.45 -3.64
C THR A 29 11.44 15.75 -4.36
N LYS A 30 12.45 16.56 -4.65
CA LYS A 30 12.24 17.82 -5.35
C LYS A 30 11.97 17.58 -6.83
N GLU A 31 12.84 16.80 -7.46
CA GLU A 31 12.70 16.49 -8.89
C GLU A 31 11.51 15.57 -9.13
N LEU A 32 11.35 14.58 -8.25
CA LEU A 32 10.26 13.63 -8.36
C LEU A 32 8.92 14.27 -7.97
N GLY A 33 8.91 14.94 -6.83
CA GLY A 33 7.70 15.59 -6.36
C GLY A 33 7.12 16.54 -7.39
N THR A 34 7.98 17.08 -8.24
CA THR A 34 7.55 18.02 -9.27
C THR A 34 6.73 17.31 -10.34
N VAL A 35 7.29 16.24 -10.90
CA VAL A 35 6.60 15.47 -11.93
C VAL A 35 5.20 15.08 -11.49
N MET A 36 5.11 14.49 -10.30
CA MET A 36 3.82 14.06 -9.76
C MET A 36 2.83 15.23 -9.73
N ARG A 37 3.28 16.36 -9.20
CA ARG A 37 2.43 17.54 -9.11
C ARG A 37 1.96 17.98 -10.49
N SER A 38 2.88 17.95 -11.45
CA SER A 38 2.56 18.35 -12.82
C SER A 38 1.41 17.51 -13.38
N LEU A 39 1.31 16.28 -12.91
CA LEU A 39 0.25 15.37 -13.36
C LEU A 39 -0.97 15.47 -12.45
N GLY A 40 -0.85 16.26 -11.39
CA GLY A 40 -1.96 16.43 -10.46
C GLY A 40 -1.79 15.60 -9.21
N GLN A 41 -0.84 14.67 -9.24
CA GLN A 41 -0.58 13.81 -8.08
C GLN A 41 0.29 14.53 -7.06
N ASN A 42 -0.34 15.12 -6.05
CA ASN A 42 0.38 15.84 -5.00
C ASN A 42 0.32 15.08 -3.68
N PRO A 43 1.20 14.08 -3.53
CA PRO A 43 1.27 13.27 -2.31
C PRO A 43 1.78 14.05 -1.11
N THR A 44 1.65 13.47 0.08
CA THR A 44 2.10 14.12 1.30
C THR A 44 3.58 13.87 1.53
N GLU A 45 4.20 14.73 2.34
CA GLU A 45 5.63 14.62 2.64
C GLU A 45 5.95 13.21 3.14
N ALA A 46 5.16 12.72 4.08
CA ALA A 46 5.38 11.39 4.64
C ALA A 46 5.13 10.32 3.60
N GLU A 47 4.22 10.59 2.66
CA GLU A 47 3.89 9.64 1.61
C GLU A 47 5.06 9.47 0.65
N LEU A 48 5.57 10.60 0.14
CA LEU A 48 6.69 10.58 -0.79
C LEU A 48 7.88 9.83 -0.20
N GLN A 49 8.23 10.16 1.03
CA GLN A 49 9.34 9.51 1.72
C GLN A 49 9.18 8.00 1.72
N ASP A 50 7.93 7.55 1.71
CA ASP A 50 7.63 6.12 1.72
C ASP A 50 7.89 5.51 0.35
N MET A 51 7.75 6.31 -0.69
CA MET A 51 7.97 5.85 -2.06
C MET A 51 9.46 5.67 -2.34
N ILE A 52 10.23 6.74 -2.17
CA ILE A 52 11.66 6.70 -2.39
C ILE A 52 12.31 5.57 -1.59
N ASN A 53 12.05 5.56 -0.29
CA ASN A 53 12.61 4.53 0.59
C ASN A 53 12.23 3.14 0.11
N GLU A 54 11.11 3.05 -0.62
CA GLU A 54 10.65 1.77 -1.13
C GLU A 54 11.48 1.33 -2.33
N VAL A 55 12.03 2.29 -3.06
CA VAL A 55 12.86 2.01 -4.22
C VAL A 55 14.32 2.33 -3.96
N ASP A 56 14.65 2.59 -2.69
CA ASP A 56 16.02 2.92 -2.30
C ASP A 56 16.81 1.65 -2.02
N ALA A 57 17.61 1.23 -3.00
CA ALA A 57 18.43 0.03 -2.84
C ALA A 57 19.78 0.36 -2.22
N ASP A 58 20.43 1.40 -2.72
CA ASP A 58 21.73 1.82 -2.21
C ASP A 58 21.57 2.66 -0.95
N GLY A 59 20.32 2.88 -0.54
CA GLY A 59 20.05 3.68 0.65
C GLY A 59 20.68 5.04 0.58
N ASN A 60 20.37 5.79 -0.48
CA ASN A 60 20.91 7.13 -0.66
C ASN A 60 19.80 8.18 -0.59
N GLY A 61 18.55 7.73 -0.70
CA GLY A 61 17.43 8.65 -0.63
C GLY A 61 17.05 9.19 -2.00
N THR A 62 17.47 8.49 -3.05
CA THR A 62 17.18 8.92 -4.42
C THR A 62 17.08 7.72 -5.35
N ILE A 63 16.45 7.93 -6.50
CA ILE A 63 16.28 6.86 -7.48
C ILE A 63 17.33 6.98 -8.59
N ASP A 64 18.22 5.99 -8.66
CA ASP A 64 19.26 5.97 -9.68
C ASP A 64 18.73 5.44 -11.00
N PHE A 65 19.63 5.24 -11.96
CA PHE A 65 19.25 4.73 -13.27
C PHE A 65 18.72 3.30 -13.16
N PRO A 66 19.55 2.40 -12.63
CA PRO A 66 19.18 0.98 -12.46
C PRO A 66 18.12 0.80 -11.39
N GLU A 67 18.04 1.73 -10.46
CA GLU A 67 17.07 1.67 -9.38
C GLU A 67 15.64 1.76 -9.92
N PHE A 68 15.44 2.66 -10.88
CA PHE A 68 14.14 2.86 -11.48
C PHE A 68 13.77 1.69 -12.40
N LEU A 69 14.78 1.15 -13.09
CA LEU A 69 14.57 0.03 -13.99
C LEU A 69 14.21 -1.23 -13.22
N THR A 70 15.06 -1.58 -12.26
CA THR A 70 14.84 -2.78 -11.44
C THR A 70 13.49 -2.71 -10.73
N MET A 71 13.03 -1.49 -10.47
CA MET A 71 11.76 -1.29 -9.78
C MET A 71 10.61 -1.87 -10.60
N MET A 72 10.55 -1.51 -11.88
CA MET A 72 9.50 -1.99 -12.76
C MET A 72 9.39 -3.51 -12.69
N ALA A 73 10.54 -4.19 -12.74
CA ALA A 73 10.57 -5.64 -12.69
C ALA A 73 10.31 -6.14 -11.27
N ARG A 74 10.67 -5.34 -10.29
CA ARG A 74 10.47 -5.70 -8.88
C ARG A 74 8.99 -5.74 -8.54
N LYS A 75 8.17 -5.13 -9.39
CA LYS A 75 6.73 -5.10 -9.16
C LYS A 75 6.19 -6.50 -8.91
N MET A 76 6.86 -7.50 -9.49
CA MET A 76 6.45 -8.89 -9.33
C MET A 76 6.28 -9.24 -7.85
N LYS A 77 7.04 -8.57 -7.00
CA LYS A 77 6.98 -8.80 -5.56
C LYS A 77 7.94 -7.88 -4.82
N ASP A 78 7.39 -6.95 -4.06
CA ASP A 78 8.21 -6.01 -3.29
C ASP A 78 7.54 -5.67 -1.96
N THR A 79 6.42 -4.96 -2.03
CA THR A 79 5.69 -4.57 -0.83
C THR A 79 4.26 -5.10 -0.86
N ASP A 80 3.80 -5.60 0.28
CA ASP A 80 2.45 -6.14 0.38
C ASP A 80 1.58 -5.27 1.28
N SER A 81 2.19 -4.71 2.33
CA SER A 81 1.47 -3.87 3.27
C SER A 81 0.77 -2.73 2.54
N GLU A 82 1.38 -2.25 1.47
CA GLU A 82 0.82 -1.16 0.68
C GLU A 82 -0.55 -1.56 0.10
N GLU A 83 -0.59 -2.69 -0.58
CA GLU A 83 -1.82 -3.18 -1.18
C GLU A 83 -2.94 -3.25 -0.14
N GLU A 84 -2.58 -3.63 1.09
CA GLU A 84 -3.55 -3.74 2.16
C GLU A 84 -4.21 -2.39 2.45
N ILE A 85 -3.44 -1.32 2.27
CA ILE A 85 -3.95 0.03 2.50
C ILE A 85 -4.95 0.43 1.43
N ARG A 86 -4.63 0.14 0.17
CA ARG A 86 -5.51 0.47 -0.94
C ARG A 86 -6.73 -0.44 -0.96
N GLU A 87 -6.54 -1.68 -0.53
CA GLU A 87 -7.62 -2.65 -0.50
C GLU A 87 -8.55 -2.39 0.68
N ALA A 88 -7.97 -2.21 1.86
CA ALA A 88 -8.75 -1.95 3.07
C ALA A 88 -9.69 -0.77 2.87
N PHE A 89 -9.19 0.28 2.23
CA PHE A 89 -10.00 1.47 1.98
C PHE A 89 -11.32 1.10 1.29
N ARG A 90 -11.26 0.12 0.40
CA ARG A 90 -12.44 -0.34 -0.32
C ARG A 90 -13.40 -1.08 0.61
N VAL A 91 -12.83 -1.87 1.50
CA VAL A 91 -13.63 -2.65 2.45
C VAL A 91 -14.44 -1.73 3.36
N PHE A 92 -13.78 -0.73 3.92
CA PHE A 92 -14.43 0.23 4.81
C PHE A 92 -15.43 1.09 4.05
N ASP A 93 -15.18 1.26 2.75
CA ASP A 93 -16.05 2.07 1.91
C ASP A 93 -17.35 1.34 1.62
N LYS A 94 -18.37 1.60 2.46
CA LYS A 94 -19.67 0.97 2.30
C LYS A 94 -20.48 1.65 1.19
N ASP A 95 -20.57 2.97 1.25
CA ASP A 95 -21.30 3.73 0.26
C ASP A 95 -20.54 3.78 -1.07
N GLY A 96 -19.30 3.31 -1.05
CA GLY A 96 -18.48 3.30 -2.24
C GLY A 96 -18.27 4.69 -2.80
N ASN A 97 -18.27 5.68 -1.93
CA ASN A 97 -18.07 7.06 -2.35
C ASN A 97 -16.59 7.39 -2.50
N GLY A 98 -15.75 6.53 -1.92
CA GLY A 98 -14.31 6.74 -2.00
C GLY A 98 -13.77 7.50 -0.81
N TYR A 99 -14.54 7.51 0.28
CA TYR A 99 -14.13 8.21 1.49
C TYR A 99 -14.48 7.39 2.74
N ILE A 100 -13.91 7.77 3.87
CA ILE A 100 -14.16 7.08 5.12
C ILE A 100 -14.71 8.04 6.18
N SER A 101 -15.96 7.82 6.58
CA SER A 101 -16.59 8.66 7.59
C SER A 101 -16.61 7.97 8.94
N ALA A 102 -17.07 8.69 9.97
CA ALA A 102 -17.15 8.15 11.31
C ALA A 102 -18.19 7.03 11.40
N ALA A 103 -19.23 7.13 10.57
CA ALA A 103 -20.29 6.13 10.55
C ALA A 103 -19.78 4.80 10.02
N GLU A 104 -19.00 4.85 8.94
CA GLU A 104 -18.46 3.64 8.33
C GLU A 104 -17.32 3.08 9.18
N LEU A 105 -16.40 3.95 9.59
CA LEU A 105 -15.26 3.53 10.40
C LEU A 105 -15.72 2.79 11.64
N ARG A 106 -16.68 3.39 12.36
CA ARG A 106 -17.21 2.78 13.57
C ARG A 106 -17.65 1.34 13.31
N HIS A 107 -18.30 1.13 12.17
CA HIS A 107 -18.77 -0.20 11.80
C HIS A 107 -17.62 -1.20 11.71
N VAL A 108 -16.47 -0.71 11.26
CA VAL A 108 -15.28 -1.55 11.14
C VAL A 108 -14.78 -2.01 12.49
N MET A 109 -14.71 -1.07 13.44
CA MET A 109 -14.24 -1.39 14.78
C MET A 109 -15.15 -2.43 15.44
N THR A 110 -16.44 -2.34 15.17
CA THR A 110 -17.41 -3.27 15.74
C THR A 110 -17.03 -4.71 15.43
N ASN A 111 -16.46 -4.93 14.24
CA ASN A 111 -16.05 -6.26 13.81
C ASN A 111 -14.85 -6.74 14.62
N LEU A 112 -14.01 -5.80 15.04
CA LEU A 112 -12.82 -6.12 15.82
C LEU A 112 -13.19 -6.52 17.24
N GLY A 113 -14.33 -6.02 17.71
CA GLY A 113 -14.77 -6.35 19.06
C GLY A 113 -14.47 -5.24 20.05
N GLU A 114 -14.44 -4.00 19.56
CA GLU A 114 -14.16 -2.85 20.42
C GLU A 114 -15.37 -1.93 20.52
N LYS A 115 -15.95 -1.86 21.71
CA LYS A 115 -17.12 -1.02 21.94
C LYS A 115 -16.76 0.45 21.81
N LEU A 116 -17.40 1.14 20.87
CA LEU A 116 -17.15 2.56 20.65
C LEU A 116 -18.45 3.30 20.36
N THR A 117 -18.46 4.60 20.62
CA THR A 117 -19.63 5.43 20.38
C THR A 117 -19.37 6.47 19.29
N ASP A 118 -20.42 7.14 18.86
CA ASP A 118 -20.30 8.17 17.83
C ASP A 118 -19.34 9.27 18.26
N GLU A 119 -19.31 9.55 19.56
CA GLU A 119 -18.44 10.58 20.10
C GLU A 119 -16.99 10.10 20.16
N GLU A 120 -16.82 8.80 20.41
CA GLU A 120 -15.49 8.21 20.49
C GLU A 120 -14.84 8.14 19.12
N VAL A 121 -15.66 7.97 18.09
CA VAL A 121 -15.16 7.89 16.72
C VAL A 121 -14.67 9.24 16.23
N ASP A 122 -15.31 10.31 16.72
CA ASP A 122 -14.94 11.67 16.33
C ASP A 122 -13.44 11.89 16.53
N GLU A 123 -12.93 11.49 17.68
CA GLU A 123 -11.51 11.65 17.99
C GLU A 123 -10.64 11.00 16.91
N MET A 124 -11.17 9.95 16.29
CA MET A 124 -10.44 9.23 15.25
C MET A 124 -10.45 10.03 13.94
N ILE A 125 -11.64 10.32 13.42
CA ILE A 125 -11.77 11.07 12.19
C ILE A 125 -11.02 12.39 12.27
N ARG A 126 -11.02 13.00 13.45
CA ARG A 126 -10.34 14.28 13.66
C ARG A 126 -8.84 14.12 13.45
N GLU A 127 -8.31 12.95 13.77
CA GLU A 127 -6.89 12.68 13.63
C GLU A 127 -6.53 12.48 12.15
N ALA A 128 -7.25 11.59 11.49
CA ALA A 128 -7.00 11.31 10.08
C ALA A 128 -7.31 12.52 9.21
N ASP A 129 -8.31 13.29 9.61
CA ASP A 129 -8.70 14.49 8.88
C ASP A 129 -7.64 15.56 8.98
N ILE A 130 -6.66 15.51 8.08
CA ILE A 130 -5.57 16.48 8.07
C ILE A 130 -6.01 17.78 7.41
N ASP A 131 -6.66 17.67 6.26
CA ASP A 131 -7.14 18.83 5.53
C ASP A 131 -8.34 19.47 6.22
N GLY A 132 -8.84 18.79 7.25
CA GLY A 132 -9.99 19.30 7.99
C GLY A 132 -11.22 19.44 7.12
N ASP A 133 -11.47 18.43 6.28
CA ASP A 133 -12.63 18.44 5.39
C ASP A 133 -13.86 17.86 6.09
N GLY A 134 -13.62 17.15 7.19
CA GLY A 134 -14.72 16.55 7.93
C GLY A 134 -14.81 15.05 7.70
N GLN A 135 -13.87 14.51 6.92
CA GLN A 135 -13.86 13.08 6.63
C GLN A 135 -12.43 12.58 6.41
N VAL A 136 -12.28 11.28 6.30
CA VAL A 136 -10.97 10.67 6.09
C VAL A 136 -10.82 10.16 4.65
N ASN A 137 -9.96 10.82 3.89
CA ASN A 137 -9.72 10.43 2.49
C ASN A 137 -8.55 9.46 2.40
N TYR A 138 -8.43 8.81 1.24
CA TYR A 138 -7.36 7.85 1.02
C TYR A 138 -6.00 8.45 1.35
N GLU A 139 -5.77 9.66 0.85
CA GLU A 139 -4.51 10.35 1.10
C GLU A 139 -4.19 10.38 2.59
N GLU A 140 -5.21 10.65 3.41
CA GLU A 140 -5.03 10.71 4.86
C GLU A 140 -4.92 9.31 5.45
N PHE A 141 -5.65 8.37 4.86
CA PHE A 141 -5.63 6.99 5.34
C PHE A 141 -4.26 6.35 5.14
N VAL A 142 -3.63 6.68 4.02
CA VAL A 142 -2.30 6.14 3.70
C VAL A 142 -1.23 6.76 4.60
N GLN A 143 -1.35 8.07 4.83
CA GLN A 143 -0.40 8.78 5.66
C GLN A 143 -0.57 8.39 7.13
N MET A 144 -1.81 8.34 7.60
CA MET A 144 -2.09 7.98 8.97
C MET A 144 -1.70 6.53 9.25
N MET A 145 -1.68 5.71 8.20
CA MET A 145 -1.31 4.31 8.34
C MET A 145 0.20 4.12 8.20
N THR A 146 0.80 4.87 7.27
CA THR A 146 2.23 4.79 7.04
C THR A 146 2.97 5.89 7.78
N ALA A 147 2.34 6.43 8.82
CA ALA A 147 2.94 7.48 9.62
C ALA A 147 4.33 7.09 10.10
N LYS A 148 5.23 8.06 10.14
CA LYS A 148 6.62 7.81 10.57
C LYS A 148 6.76 8.04 12.07
N LEU B 1 5.31 0.37 23.15
CA LEU B 1 6.12 1.17 24.07
C LEU B 1 6.12 2.63 23.66
N SER B 2 6.10 3.53 24.64
CA SER B 2 6.09 4.96 24.38
C SER B 2 4.98 5.33 23.41
N GLY B 3 3.79 5.58 23.96
CA GLY B 3 2.65 5.95 23.13
C GLY B 3 2.66 7.43 22.76
N GLY B 4 1.67 8.16 23.29
CA GLY B 4 1.59 9.58 22.99
C GLY B 4 0.45 9.90 22.03
N GLU B 5 0.15 8.96 21.14
CA GLU B 5 -0.91 9.15 20.16
C GLU B 5 -2.09 8.23 20.45
N LEU B 6 -3.12 8.31 19.61
CA LEU B 6 -4.30 7.49 19.78
C LEU B 6 -3.96 6.01 19.61
N ASP B 7 -4.51 5.18 20.50
CA ASP B 7 -4.27 3.75 20.47
C ASP B 7 -5.22 3.07 19.48
N LYS B 8 -6.38 3.66 19.29
CA LYS B 8 -7.38 3.11 18.37
C LYS B 8 -6.83 3.03 16.96
N TRP B 9 -6.38 4.16 16.43
CA TRP B 9 -5.84 4.21 15.08
C TRP B 9 -4.70 3.19 14.92
N GLU B 10 -3.89 3.04 15.96
CA GLU B 10 -2.77 2.11 15.93
C GLU B 10 -3.26 0.69 15.63
N LYS B 11 -4.50 0.41 16.00
CA LYS B 11 -5.09 -0.90 15.77
C LYS B 11 -5.42 -1.10 14.29
N ILE B 12 -5.67 0.00 13.59
CA ILE B 12 -6.00 -0.06 12.17
C ILE B 12 -4.76 0.12 11.32
N ARG B 13 -3.73 0.74 11.89
CA ARG B 13 -2.48 0.96 11.17
C ARG B 13 -1.96 -0.34 10.58
N LEU B 14 -2.11 -1.43 11.32
CA LEU B 14 -1.65 -2.74 10.86
C LEU B 14 -0.15 -2.72 10.58
N ARG B 15 0.40 -3.89 10.23
CA ARG B 15 1.82 -4.01 9.94
C ARG B 15 2.15 -5.41 9.47
N PRO B 16 1.61 -5.80 8.30
CA PRO B 16 1.84 -7.12 7.70
C PRO B 16 3.27 -7.28 7.20
N GLY B 17 3.75 -6.30 6.45
CA GLY B 17 5.10 -6.35 5.93
C GLY B 17 5.33 -7.56 5.03
N GLY B 18 5.19 -7.36 3.73
CA GLY B 18 5.38 -8.45 2.79
C GLY B 18 5.74 -7.96 1.39
N LYS B 19 5.32 -8.71 0.38
CA LYS B 19 5.60 -8.35 -1.00
C LYS B 19 4.37 -8.56 -1.87
N LYS B 20 4.10 -7.60 -2.76
CA LYS B 20 2.95 -7.69 -3.66
C LYS B 20 3.16 -6.82 -4.89
N GLN B 21 3.08 -5.51 -4.71
CA GLN B 21 3.27 -4.58 -5.81
C GLN B 21 3.89 -3.27 -5.33
N TYR B 22 4.12 -2.34 -6.25
CA TYR B 22 4.72 -1.06 -5.91
C TYR B 22 3.67 0.05 -5.89
N LYS B 23 4.12 1.27 -5.64
CA LYS B 23 3.22 2.42 -5.60
C LYS B 23 3.92 3.68 -6.09
N LEU B 24 4.55 3.57 -7.26
CA LEU B 24 5.26 4.71 -7.86
C LEU B 24 5.20 4.65 -9.38
N LYS B 25 5.48 3.47 -9.93
CA LYS B 25 5.45 3.28 -11.38
C LYS B 25 4.18 3.85 -11.98
N HIS B 26 3.08 3.79 -11.22
CA HIS B 26 1.79 4.30 -11.69
C HIS B 26 1.95 5.70 -12.26
N ILE B 27 2.66 6.57 -11.54
CA ILE B 27 2.88 7.94 -11.99
C ILE B 27 3.43 7.97 -13.42
N VAL B 28 4.31 7.02 -13.73
CA VAL B 28 4.91 6.94 -15.06
C VAL B 28 3.83 7.02 -16.14
N TRP B 29 2.71 6.35 -15.90
CA TRP B 29 1.60 6.34 -16.85
C TRP B 29 1.11 7.76 -17.13
N ALA B 30 1.05 8.58 -16.09
CA ALA B 30 0.59 9.95 -16.22
C ALA B 30 1.53 10.76 -17.12
N SER B 31 2.74 10.25 -17.30
CA SER B 31 3.74 10.92 -18.13
C SER B 31 3.29 10.96 -19.59
N ARG B 32 2.32 10.11 -19.93
CA ARG B 32 1.80 10.05 -21.29
C ARG B 32 1.39 11.44 -21.78
N GLU B 33 0.98 12.29 -20.84
CA GLU B 33 0.56 13.65 -21.17
C GLU B 33 1.74 14.62 -21.13
N LEU B 34 2.52 14.54 -20.06
CA LEU B 34 3.68 15.41 -19.89
C LEU B 34 4.63 15.26 -21.07
N GLU B 35 5.08 16.39 -21.61
CA GLU B 35 6.00 16.38 -22.74
C GLU B 35 7.12 17.39 -22.53
N ARG B 36 7.90 17.18 -21.46
CA ARG B 36 9.01 18.07 -21.14
C ARG B 36 10.31 17.55 -21.74
CA CA C . -17.35 5.56 2.29
CA CA D . -9.79 14.91 5.31
CA CA E . 17.75 14.41 -10.58
CA CA F . 18.71 4.83 -4.12
N ALA A 1 19.09 -11.86 -3.97
CA ALA A 1 19.73 -12.10 -5.26
C ALA A 1 19.44 -10.95 -6.23
N ASP A 2 20.01 -11.04 -7.43
CA ASP A 2 19.81 -10.03 -8.44
C ASP A 2 20.16 -10.56 -9.84
N GLN A 3 19.99 -9.72 -10.85
CA GLN A 3 20.29 -10.11 -12.22
C GLN A 3 19.47 -11.34 -12.63
N LEU A 4 18.32 -11.09 -13.25
CA LEU A 4 17.43 -12.17 -13.69
C LEU A 4 18.11 -13.00 -14.78
N THR A 5 18.47 -14.23 -14.43
CA THR A 5 19.12 -15.12 -15.38
C THR A 5 18.11 -16.04 -16.06
N GLU A 6 18.58 -16.84 -17.01
CA GLU A 6 17.70 -17.75 -17.74
C GLU A 6 17.04 -18.74 -16.78
N GLU A 7 17.79 -19.19 -15.78
CA GLU A 7 17.27 -20.15 -14.81
C GLU A 7 16.22 -19.49 -13.92
N GLN A 8 16.39 -18.21 -13.66
CA GLN A 8 15.46 -17.46 -12.81
C GLN A 8 14.21 -17.10 -13.60
N ILE A 9 14.39 -16.69 -14.85
CA ILE A 9 13.27 -16.31 -15.71
C ILE A 9 12.48 -17.53 -16.14
N ALA A 10 13.19 -18.57 -16.58
CA ALA A 10 12.55 -19.79 -17.02
C ALA A 10 11.57 -20.32 -15.98
N GLU A 11 11.85 -20.03 -14.71
CA GLU A 11 10.99 -20.47 -13.62
C GLU A 11 9.70 -19.65 -13.58
N PHE A 12 9.82 -18.35 -13.85
CA PHE A 12 8.67 -17.47 -13.84
C PHE A 12 7.83 -17.66 -15.09
N LYS A 13 8.48 -17.72 -16.25
CA LYS A 13 7.78 -17.90 -17.51
C LYS A 13 7.02 -19.21 -17.53
N GLU A 14 7.59 -20.23 -16.89
CA GLU A 14 6.96 -21.54 -16.83
C GLU A 14 5.59 -21.46 -16.18
N ALA A 15 5.46 -20.61 -15.17
CA ALA A 15 4.20 -20.43 -14.47
C ALA A 15 3.19 -19.68 -15.33
N PHE A 16 3.65 -18.62 -16.00
CA PHE A 16 2.78 -17.83 -16.86
C PHE A 16 2.11 -18.70 -17.91
N SER A 17 2.92 -19.45 -18.66
CA SER A 17 2.40 -20.32 -19.70
C SER A 17 1.31 -21.25 -19.15
N LEU A 18 1.42 -21.58 -17.87
CA LEU A 18 0.45 -22.45 -17.22
C LEU A 18 -0.92 -21.78 -17.16
N PHE A 19 -0.92 -20.49 -16.82
CA PHE A 19 -2.16 -19.73 -16.72
C PHE A 19 -2.71 -19.40 -18.10
N ASP A 20 -1.82 -19.34 -19.09
CA ASP A 20 -2.22 -19.02 -20.44
C ASP A 20 -2.70 -20.28 -21.18
N LYS A 21 -4.02 -20.44 -21.23
CA LYS A 21 -4.61 -21.59 -21.89
C LYS A 21 -4.45 -21.50 -23.41
N ASP A 22 -4.92 -20.39 -23.98
CA ASP A 22 -4.83 -20.17 -25.42
C ASP A 22 -3.38 -19.87 -25.83
N GLY A 23 -2.53 -19.65 -24.83
CA GLY A 23 -1.13 -19.35 -25.11
C GLY A 23 -0.97 -18.23 -26.10
N ASP A 24 -1.78 -17.18 -25.95
CA ASP A 24 -1.71 -16.03 -26.85
C ASP A 24 -0.70 -15.00 -26.34
N GLY A 25 -0.31 -15.14 -25.08
CA GLY A 25 0.65 -14.22 -24.49
C GLY A 25 0.00 -13.24 -23.54
N THR A 26 -1.33 -13.24 -23.49
CA THR A 26 -2.07 -12.35 -22.61
C THR A 26 -3.12 -13.10 -21.81
N ILE A 27 -3.14 -12.87 -20.51
CA ILE A 27 -4.11 -13.52 -19.64
C ILE A 27 -5.35 -12.66 -19.44
N THR A 28 -6.50 -13.20 -19.82
CA THR A 28 -7.76 -12.48 -19.69
C THR A 28 -8.54 -12.97 -18.48
N THR A 29 -9.67 -12.32 -18.20
CA THR A 29 -10.51 -12.68 -17.07
C THR A 29 -11.05 -14.10 -17.22
N LYS A 30 -11.14 -14.56 -18.47
CA LYS A 30 -11.64 -15.90 -18.75
C LYS A 30 -10.61 -16.95 -18.36
N GLU A 31 -9.37 -16.77 -18.81
CA GLU A 31 -8.31 -17.70 -18.50
C GLU A 31 -7.85 -17.56 -17.05
N LEU A 32 -7.92 -16.34 -16.54
CA LEU A 32 -7.52 -16.06 -15.16
C LEU A 32 -8.56 -16.61 -14.17
N GLY A 33 -9.83 -16.43 -14.50
CA GLY A 33 -10.89 -16.91 -13.65
C GLY A 33 -11.01 -18.43 -13.65
N THR A 34 -10.86 -19.02 -14.82
CA THR A 34 -10.95 -20.47 -14.96
C THR A 34 -9.91 -21.18 -14.11
N VAL A 35 -8.64 -20.82 -14.33
CA VAL A 35 -7.55 -21.42 -13.57
C VAL A 35 -7.80 -21.34 -12.07
N MET A 36 -8.15 -20.14 -11.60
CA MET A 36 -8.41 -19.94 -10.18
C MET A 36 -9.43 -20.95 -9.66
N ARG A 37 -10.35 -21.35 -10.54
CA ARG A 37 -11.39 -22.31 -10.17
C ARG A 37 -10.77 -23.67 -9.83
N SER A 38 -9.88 -24.14 -10.69
CA SER A 38 -9.22 -25.43 -10.49
C SER A 38 -8.44 -25.43 -9.18
N LEU A 39 -7.98 -24.26 -8.77
CA LEU A 39 -7.22 -24.12 -7.53
C LEU A 39 -8.15 -24.09 -6.32
N GLY A 40 -9.43 -23.85 -6.57
CA GLY A 40 -10.41 -23.79 -5.50
C GLY A 40 -10.77 -22.37 -5.11
N GLN A 41 -10.66 -21.45 -6.06
CA GLN A 41 -10.97 -20.05 -5.82
C GLN A 41 -12.09 -19.57 -6.74
N ASN A 42 -13.05 -18.85 -6.16
CA ASN A 42 -14.18 -18.34 -6.93
C ASN A 42 -14.08 -16.82 -7.09
N PRO A 43 -13.20 -16.38 -7.99
CA PRO A 43 -13.00 -14.94 -8.26
C PRO A 43 -14.20 -14.31 -8.97
N THR A 44 -14.41 -13.02 -8.70
CA THR A 44 -15.52 -12.30 -9.31
C THR A 44 -15.05 -11.48 -10.51
N GLU A 45 -16.00 -10.84 -11.18
CA GLU A 45 -15.69 -10.02 -12.34
C GLU A 45 -14.82 -8.83 -11.96
N ALA A 46 -15.22 -8.13 -10.90
CA ALA A 46 -14.47 -6.98 -10.42
C ALA A 46 -13.17 -7.40 -9.75
N GLU A 47 -13.23 -8.49 -8.99
CA GLU A 47 -12.06 -8.99 -8.28
C GLU A 47 -10.91 -9.25 -9.25
N LEU A 48 -11.19 -10.00 -10.31
CA LEU A 48 -10.17 -10.31 -11.30
C LEU A 48 -9.60 -9.05 -11.92
N GLN A 49 -10.48 -8.17 -12.39
CA GLN A 49 -10.05 -6.91 -13.00
C GLN A 49 -9.19 -6.10 -12.03
N ASP A 50 -9.44 -6.29 -10.74
CA ASP A 50 -8.70 -5.57 -9.71
C ASP A 50 -7.22 -5.95 -9.74
N MET A 51 -6.95 -7.25 -9.76
CA MET A 51 -5.58 -7.75 -9.79
C MET A 51 -4.97 -7.60 -11.19
N ILE A 52 -5.80 -7.82 -12.21
CA ILE A 52 -5.35 -7.70 -13.58
C ILE A 52 -4.96 -6.26 -13.92
N ASN A 53 -5.83 -5.32 -13.55
CA ASN A 53 -5.58 -3.91 -13.81
C ASN A 53 -4.27 -3.46 -13.15
N GLU A 54 -3.97 -4.04 -12.00
CA GLU A 54 -2.74 -3.71 -11.27
C GLU A 54 -1.51 -4.04 -12.10
N VAL A 55 -1.45 -5.26 -12.61
CA VAL A 55 -0.32 -5.71 -13.41
C VAL A 55 -0.42 -5.17 -14.83
N ASP A 56 -1.59 -4.68 -15.20
CA ASP A 56 -1.82 -4.13 -16.53
C ASP A 56 -1.01 -2.86 -16.74
N ALA A 57 0.17 -3.00 -17.34
CA ALA A 57 1.04 -1.87 -17.59
C ALA A 57 0.72 -1.22 -18.93
N ASP A 58 0.35 -2.04 -19.91
CA ASP A 58 0.02 -1.56 -21.24
C ASP A 58 -1.46 -1.18 -21.33
N GLY A 59 -2.18 -1.36 -20.22
CA GLY A 59 -3.59 -1.04 -20.20
C GLY A 59 -4.36 -1.71 -21.32
N ASN A 60 -4.31 -3.03 -21.36
CA ASN A 60 -5.00 -3.79 -22.40
C ASN A 60 -6.12 -4.64 -21.79
N GLY A 61 -6.07 -4.82 -20.48
CA GLY A 61 -7.08 -5.61 -19.79
C GLY A 61 -6.67 -7.06 -19.64
N THR A 62 -5.37 -7.33 -19.77
CA THR A 62 -4.86 -8.68 -19.64
C THR A 62 -3.42 -8.67 -19.11
N ILE A 63 -2.92 -9.85 -18.77
CA ILE A 63 -1.55 -9.98 -18.26
C ILE A 63 -0.61 -10.50 -19.34
N ASP A 64 0.28 -9.63 -19.81
CA ASP A 64 1.25 -9.99 -20.83
C ASP A 64 2.35 -10.87 -20.26
N PHE A 65 3.36 -11.15 -21.06
CA PHE A 65 4.48 -11.98 -20.64
C PHE A 65 5.27 -11.29 -19.52
N PRO A 66 5.78 -10.09 -19.81
CA PRO A 66 6.56 -9.31 -18.85
C PRO A 66 5.71 -8.78 -17.70
N GLU A 67 4.41 -8.61 -17.96
CA GLU A 67 3.49 -8.11 -16.95
C GLU A 67 3.40 -9.08 -15.77
N PHE A 68 3.38 -10.38 -16.09
CA PHE A 68 3.29 -11.40 -15.05
C PHE A 68 4.61 -11.56 -14.31
N LEU A 69 5.71 -11.40 -15.05
CA LEU A 69 7.04 -11.52 -14.46
C LEU A 69 7.35 -10.33 -13.56
N THR A 70 7.21 -9.13 -14.10
CA THR A 70 7.48 -7.91 -13.35
C THR A 70 6.71 -7.91 -12.03
N MET A 71 5.55 -8.57 -12.02
CA MET A 71 4.73 -8.64 -10.82
C MET A 71 5.50 -9.31 -9.68
N MET A 72 6.23 -10.37 -9.99
CA MET A 72 7.01 -11.08 -8.99
C MET A 72 8.32 -10.36 -8.70
N ALA A 73 8.82 -9.64 -9.70
CA ALA A 73 10.07 -8.90 -9.54
C ALA A 73 9.86 -7.64 -8.71
N ARG A 74 8.65 -7.10 -8.75
CA ARG A 74 8.32 -5.89 -8.00
C ARG A 74 8.37 -6.16 -6.49
N LYS A 75 8.29 -7.44 -6.13
CA LYS A 75 8.33 -7.82 -4.72
C LYS A 75 9.53 -7.19 -4.02
N MET A 76 10.61 -6.97 -4.76
CA MET A 76 11.81 -6.38 -4.20
C MET A 76 11.72 -4.86 -4.19
N LYS A 77 11.02 -4.31 -5.19
CA LYS A 77 10.85 -2.87 -5.30
C LYS A 77 9.95 -2.34 -4.18
N ASP A 78 9.82 -1.02 -4.11
CA ASP A 78 8.99 -0.39 -3.09
C ASP A 78 7.75 0.25 -3.71
N THR A 79 6.78 -0.58 -4.05
CA THR A 79 5.54 -0.10 -4.66
C THR A 79 4.39 -1.05 -4.38
N ASP A 80 4.41 -1.69 -3.23
CA ASP A 80 3.36 -2.63 -2.84
C ASP A 80 2.60 -2.13 -1.61
N SER A 81 3.26 -1.31 -0.81
CA SER A 81 2.65 -0.75 0.40
C SER A 81 1.31 -0.10 0.08
N GLU A 82 1.29 0.68 -1.00
CA GLU A 82 0.07 1.36 -1.41
C GLU A 82 -1.09 0.38 -1.56
N GLU A 83 -0.76 -0.87 -1.87
CA GLU A 83 -1.77 -1.90 -2.05
C GLU A 83 -2.46 -2.22 -0.73
N GLU A 84 -1.67 -2.26 0.35
CA GLU A 84 -2.20 -2.55 1.68
C GLU A 84 -3.31 -1.56 2.05
N ILE A 85 -3.13 -0.31 1.65
CA ILE A 85 -4.10 0.74 1.95
C ILE A 85 -5.33 0.61 1.05
N ARG A 86 -5.10 0.50 -0.25
CA ARG A 86 -6.18 0.36 -1.21
C ARG A 86 -6.99 -0.90 -0.95
N GLU A 87 -6.34 -1.90 -0.38
CA GLU A 87 -7.00 -3.17 -0.08
C GLU A 87 -8.03 -2.99 1.04
N ALA A 88 -7.63 -2.33 2.11
CA ALA A 88 -8.51 -2.10 3.25
C ALA A 88 -9.53 -1.01 2.92
N PHE A 89 -9.11 -0.02 2.14
CA PHE A 89 -10.00 1.07 1.76
C PHE A 89 -11.28 0.54 1.13
N ARG A 90 -11.14 -0.38 0.19
CA ARG A 90 -12.28 -0.97 -0.48
C ARG A 90 -13.08 -1.85 0.47
N VAL A 91 -12.42 -2.37 1.49
CA VAL A 91 -13.07 -3.23 2.47
C VAL A 91 -13.88 -2.41 3.47
N PHE A 92 -13.45 -1.16 3.68
CA PHE A 92 -14.13 -0.27 4.61
C PHE A 92 -15.15 0.61 3.89
N ASP A 93 -14.90 0.85 2.60
CA ASP A 93 -15.78 1.67 1.79
C ASP A 93 -17.07 0.92 1.45
N LYS A 94 -18.10 1.14 2.26
CA LYS A 94 -19.39 0.48 2.04
C LYS A 94 -20.17 1.16 0.93
N ASP A 95 -20.33 2.48 1.04
CA ASP A 95 -21.05 3.25 0.03
C ASP A 95 -20.24 3.37 -1.25
N GLY A 96 -18.98 2.95 -1.19
CA GLY A 96 -18.12 3.03 -2.36
C GLY A 96 -17.94 4.44 -2.86
N ASN A 97 -18.05 5.41 -1.95
CA ASN A 97 -17.90 6.82 -2.32
C ASN A 97 -16.43 7.21 -2.39
N GLY A 98 -15.57 6.37 -1.82
CA GLY A 98 -14.15 6.65 -1.84
C GLY A 98 -13.71 7.48 -0.66
N TYR A 99 -14.53 7.52 0.38
CA TYR A 99 -14.22 8.29 1.58
C TYR A 99 -14.68 7.56 2.84
N ILE A 100 -14.02 7.84 3.96
CA ILE A 100 -14.35 7.20 5.23
C ILE A 100 -14.77 8.24 6.26
N SER A 101 -15.94 8.03 6.86
CA SER A 101 -16.46 8.96 7.87
C SER A 101 -16.50 8.29 9.24
N ALA A 102 -17.03 9.01 10.22
CA ALA A 102 -17.11 8.49 11.58
C ALA A 102 -18.23 7.45 11.70
N ALA A 103 -19.24 7.57 10.84
CA ALA A 103 -20.36 6.64 10.85
C ALA A 103 -19.94 5.27 10.30
N GLU A 104 -19.25 5.29 9.16
CA GLU A 104 -18.79 4.05 8.54
C GLU A 104 -17.72 3.37 9.38
N LEU A 105 -16.76 4.16 9.84
CA LEU A 105 -15.67 3.65 10.66
C LEU A 105 -16.21 2.86 11.85
N ARG A 106 -17.29 3.37 12.44
CA ARG A 106 -17.90 2.72 13.60
C ARG A 106 -18.26 1.27 13.27
N HIS A 107 -18.74 1.05 12.06
CA HIS A 107 -19.12 -0.29 11.62
C HIS A 107 -17.91 -1.21 11.52
N VAL A 108 -16.76 -0.63 11.14
CA VAL A 108 -15.52 -1.39 11.01
C VAL A 108 -14.98 -1.77 12.38
N MET A 109 -14.85 -0.77 13.25
CA MET A 109 -14.33 -1.01 14.59
C MET A 109 -15.21 -1.98 15.36
N THR A 110 -16.52 -1.80 15.25
CA THR A 110 -17.47 -2.66 15.94
C THR A 110 -17.23 -4.13 15.61
N ASN A 111 -16.66 -4.37 14.42
CA ASN A 111 -16.37 -5.73 13.99
C ASN A 111 -15.22 -6.33 14.78
N LEU A 112 -14.29 -5.48 15.21
CA LEU A 112 -13.15 -5.92 15.99
C LEU A 112 -13.57 -6.32 17.39
N GLY A 113 -14.67 -5.75 17.88
CA GLY A 113 -15.16 -6.06 19.20
C GLY A 113 -14.80 -5.00 20.22
N GLU A 114 -14.74 -3.76 19.78
CA GLU A 114 -14.40 -2.64 20.66
C GLU A 114 -15.58 -1.70 20.83
N LYS A 115 -16.04 -1.55 22.07
CA LYS A 115 -17.16 -0.68 22.37
C LYS A 115 -16.79 0.79 22.16
N LEU A 116 -17.15 1.33 21.00
CA LEU A 116 -16.86 2.72 20.68
C LEU A 116 -18.09 3.42 20.11
N THR A 117 -18.53 4.47 20.80
CA THR A 117 -19.70 5.22 20.37
C THR A 117 -19.33 6.27 19.33
N ASP A 118 -20.33 6.94 18.78
CA ASP A 118 -20.10 7.97 17.78
C ASP A 118 -19.10 9.01 18.28
N GLU A 119 -19.24 9.41 19.54
CA GLU A 119 -18.34 10.39 20.13
C GLU A 119 -16.90 9.87 20.16
N GLU A 120 -16.76 8.56 20.35
CA GLU A 120 -15.45 7.93 20.40
C GLU A 120 -14.79 7.93 19.02
N VAL A 121 -15.58 7.68 17.99
CA VAL A 121 -15.08 7.66 16.62
C VAL A 121 -14.60 9.04 16.19
N ASP A 122 -15.22 10.08 16.72
CA ASP A 122 -14.85 11.45 16.40
C ASP A 122 -13.35 11.66 16.58
N GLU A 123 -12.82 11.19 17.71
CA GLU A 123 -11.40 11.32 18.01
C GLU A 123 -10.55 10.72 16.90
N MET A 124 -11.09 9.70 16.24
CA MET A 124 -10.38 9.03 15.16
C MET A 124 -10.39 9.88 13.89
N ILE A 125 -11.58 10.18 13.40
CA ILE A 125 -11.72 10.99 12.19
C ILE A 125 -10.96 12.31 12.32
N ARG A 126 -10.95 12.86 13.53
CA ARG A 126 -10.27 14.12 13.78
C ARG A 126 -8.77 13.98 13.55
N GLU A 127 -8.25 12.78 13.81
CA GLU A 127 -6.82 12.52 13.63
C GLU A 127 -6.48 12.37 12.15
N ALA A 128 -7.21 11.51 11.46
CA ALA A 128 -6.99 11.28 10.04
C ALA A 128 -7.29 12.54 9.23
N ASP A 129 -8.30 13.29 9.67
CA ASP A 129 -8.69 14.51 8.99
C ASP A 129 -7.61 15.58 9.11
N ILE A 130 -6.65 15.56 8.20
CA ILE A 130 -5.56 16.53 8.21
C ILE A 130 -5.99 17.85 7.61
N ASP A 131 -6.67 17.79 6.46
CA ASP A 131 -7.14 18.98 5.78
C ASP A 131 -8.32 19.60 6.53
N GLY A 132 -8.83 18.88 7.52
CA GLY A 132 -9.96 19.37 8.29
C GLY A 132 -11.20 19.54 7.45
N ASP A 133 -11.47 18.56 6.58
CA ASP A 133 -12.64 18.62 5.71
C ASP A 133 -13.85 18.01 6.39
N GLY A 134 -13.61 17.25 7.46
CA GLY A 134 -14.69 16.61 8.20
C GLY A 134 -14.79 15.14 7.90
N GLN A 135 -13.87 14.63 7.09
CA GLN A 135 -13.87 13.21 6.73
C GLN A 135 -12.45 12.72 6.47
N VAL A 136 -12.30 11.42 6.30
CA VAL A 136 -10.99 10.83 6.04
C VAL A 136 -10.87 10.36 4.59
N ASN A 137 -10.01 11.04 3.84
CA ASN A 137 -9.79 10.70 2.43
C ASN A 137 -8.64 9.72 2.28
N TYR A 138 -8.52 9.12 1.10
CA TYR A 138 -7.46 8.17 0.82
C TYR A 138 -6.10 8.75 1.18
N GLU A 139 -5.86 9.99 0.74
CA GLU A 139 -4.60 10.65 1.02
C GLU A 139 -4.26 10.61 2.51
N GLU A 140 -5.27 10.87 3.34
CA GLU A 140 -5.09 10.86 4.78
C GLU A 140 -4.99 9.43 5.31
N PHE A 141 -5.69 8.52 4.65
CA PHE A 141 -5.68 7.11 5.05
C PHE A 141 -4.31 6.48 4.81
N VAL A 142 -3.65 6.91 3.74
CA VAL A 142 -2.33 6.39 3.40
C VAL A 142 -1.27 6.89 4.38
N GLN A 143 -1.36 8.18 4.73
CA GLN A 143 -0.41 8.78 5.66
C GLN A 143 -0.63 8.27 7.07
N MET A 144 -1.88 7.90 7.37
CA MET A 144 -2.22 7.38 8.70
C MET A 144 -1.69 5.96 8.89
N MET A 145 -2.07 5.07 7.98
CA MET A 145 -1.64 3.69 8.05
C MET A 145 -0.13 3.57 7.83
N THR A 146 0.41 4.45 6.99
CA THR A 146 1.84 4.45 6.71
C THR A 146 2.57 5.51 7.52
N ALA A 147 1.95 5.94 8.62
CA ALA A 147 2.54 6.94 9.48
C ALA A 147 3.96 6.58 9.88
N LYS A 148 4.89 7.49 9.64
CA LYS A 148 6.30 7.25 9.96
C LYS A 148 6.85 6.05 9.19
N LEU B 1 4.52 -0.11 26.71
CA LEU B 1 4.43 1.32 26.94
C LEU B 1 3.11 1.87 26.42
N SER B 2 2.86 3.16 26.68
CA SER B 2 1.63 3.81 26.23
C SER B 2 0.42 3.15 26.87
N GLY B 3 -0.76 3.71 26.61
CA GLY B 3 -1.98 3.16 27.16
C GLY B 3 -3.03 4.24 27.42
N GLY B 4 -2.58 5.40 27.86
CA GLY B 4 -3.50 6.49 28.14
C GLY B 4 -3.52 7.53 27.04
N GLU B 5 -3.66 7.06 25.80
CA GLU B 5 -3.69 7.96 24.64
C GLU B 5 -4.55 7.38 23.53
N LEU B 6 -4.57 8.06 22.39
CA LEU B 6 -5.35 7.62 21.24
C LEU B 6 -4.56 6.64 20.38
N ASP B 7 -4.44 5.41 20.86
CA ASP B 7 -3.71 4.38 20.13
C ASP B 7 -4.66 3.42 19.43
N LYS B 8 -5.87 3.91 19.14
CA LYS B 8 -6.88 3.11 18.46
C LYS B 8 -6.56 2.95 16.98
N TRP B 9 -6.17 4.05 16.34
CA TRP B 9 -5.82 4.03 14.92
C TRP B 9 -4.81 2.94 14.63
N GLU B 10 -3.85 2.76 15.53
CA GLU B 10 -2.81 1.76 15.36
C GLU B 10 -3.42 0.37 15.16
N LYS B 11 -4.58 0.15 15.79
CA LYS B 11 -5.27 -1.13 15.68
C LYS B 11 -5.71 -1.40 14.25
N ILE B 12 -5.97 -0.33 13.51
CA ILE B 12 -6.39 -0.44 12.12
C ILE B 12 -5.20 -0.53 11.19
N ARG B 13 -4.07 0.00 11.63
CA ARG B 13 -2.84 -0.02 10.83
C ARG B 13 -2.31 -1.44 10.70
N LEU B 14 -2.62 -2.28 11.68
CA LEU B 14 -2.17 -3.66 11.68
C LEU B 14 -0.64 -3.74 11.75
N ARG B 15 -0.10 -4.95 11.58
CA ARG B 15 1.34 -5.15 11.63
C ARG B 15 2.03 -4.40 10.49
N PRO B 16 3.27 -3.95 10.74
CA PRO B 16 4.06 -3.22 9.76
C PRO B 16 4.50 -4.09 8.60
N GLY B 17 4.47 -3.53 7.38
CA GLY B 17 4.87 -4.28 6.21
C GLY B 17 4.96 -3.42 4.97
N GLY B 18 4.27 -3.82 3.91
CA GLY B 18 4.28 -3.06 2.68
C GLY B 18 5.56 -3.26 1.89
N LYS B 19 5.55 -4.25 1.00
CA LYS B 19 6.72 -4.56 0.18
C LYS B 19 6.40 -5.63 -0.86
N LYS B 20 5.60 -6.61 -0.45
CA LYS B 20 5.21 -7.69 -1.34
C LYS B 20 3.74 -8.07 -1.14
N GLN B 21 2.85 -7.29 -1.74
CA GLN B 21 1.41 -7.54 -1.62
C GLN B 21 0.69 -7.22 -2.93
N TYR B 22 0.44 -8.26 -3.73
CA TYR B 22 -0.24 -8.09 -5.00
C TYR B 22 -1.59 -8.80 -5.01
N LYS B 23 -1.74 -9.78 -4.12
CA LYS B 23 -2.97 -10.54 -4.01
C LYS B 23 -3.25 -11.30 -5.30
N LEU B 24 -2.20 -11.55 -6.08
CA LEU B 24 -2.34 -12.27 -7.34
C LEU B 24 -1.20 -13.28 -7.51
N LYS B 25 0.02 -12.81 -7.35
CA LYS B 25 1.20 -13.68 -7.48
C LYS B 25 1.03 -14.95 -6.65
N HIS B 26 0.44 -14.81 -5.47
CA HIS B 26 0.23 -15.95 -4.58
C HIS B 26 -0.45 -17.09 -5.33
N ILE B 27 -1.42 -16.75 -6.16
CA ILE B 27 -2.15 -17.75 -6.93
C ILE B 27 -1.19 -18.69 -7.66
N VAL B 28 -0.10 -18.13 -8.18
CA VAL B 28 0.89 -18.91 -8.90
C VAL B 28 1.30 -20.15 -8.10
N TRP B 29 1.44 -19.97 -6.79
CA TRP B 29 1.83 -21.07 -5.91
C TRP B 29 0.81 -22.21 -6.00
N ALA B 30 -0.46 -21.87 -6.08
CA ALA B 30 -1.52 -22.87 -6.17
C ALA B 30 -1.41 -23.66 -7.46
N SER B 31 -0.68 -23.12 -8.43
CA SER B 31 -0.49 -23.80 -9.71
C SER B 31 0.43 -25.01 -9.57
N ARG B 32 1.18 -25.03 -8.47
CA ARG B 32 2.11 -26.14 -8.22
C ARG B 32 1.36 -27.47 -8.12
N GLU B 33 0.08 -27.40 -7.75
CA GLU B 33 -0.74 -28.60 -7.63
C GLU B 33 -1.19 -29.09 -9.00
N LEU B 34 -1.70 -28.18 -9.81
CA LEU B 34 -2.17 -28.53 -11.14
C LEU B 34 -1.10 -29.27 -11.93
N GLU B 35 -1.41 -30.50 -12.34
CA GLU B 35 -0.47 -31.31 -13.09
C GLU B 35 0.67 -31.80 -12.20
N ARG B 36 1.53 -30.87 -11.79
CA ARG B 36 2.66 -31.19 -10.94
C ARG B 36 2.26 -31.18 -9.46
CA CA C . -17.36 5.25 2.38
CA CA D . -9.81 15.08 5.46
CA CA E . -4.76 -15.92 -22.98
CA CA F . -1.57 -5.85 -19.87
N ALA A 1 10.63 -14.17 -13.03
CA ALA A 1 11.58 -13.18 -13.49
C ALA A 1 12.89 -13.27 -12.70
N ASP A 2 13.84 -14.02 -13.25
CA ASP A 2 15.14 -14.19 -12.59
C ASP A 2 16.27 -13.73 -13.51
N GLN A 3 16.17 -14.09 -14.78
CA GLN A 3 17.19 -13.72 -15.76
C GLN A 3 16.62 -12.78 -16.82
N LEU A 4 17.05 -11.52 -16.78
CA LEU A 4 16.58 -10.53 -17.73
C LEU A 4 17.69 -10.12 -18.69
N THR A 5 17.35 -10.01 -19.97
CA THR A 5 18.32 -9.63 -20.99
C THR A 5 17.99 -8.27 -21.59
N GLU A 6 18.84 -7.79 -22.49
CA GLU A 6 18.64 -6.50 -23.13
C GLU A 6 17.24 -6.40 -23.74
N GLU A 7 16.69 -7.54 -24.14
CA GLU A 7 15.37 -7.58 -24.74
C GLU A 7 14.30 -7.22 -23.70
N GLN A 8 14.46 -7.74 -22.49
CA GLN A 8 13.52 -7.47 -21.41
C GLN A 8 13.74 -6.09 -20.82
N ILE A 9 15.01 -5.72 -20.67
CA ILE A 9 15.36 -4.42 -20.11
C ILE A 9 14.98 -3.29 -21.06
N ALA A 10 15.15 -3.53 -22.36
CA ALA A 10 14.82 -2.55 -23.37
C ALA A 10 13.40 -2.02 -23.20
N GLU A 11 12.45 -2.95 -23.07
CA GLU A 11 11.05 -2.58 -22.89
C GLU A 11 10.88 -1.64 -21.71
N PHE A 12 11.61 -1.90 -20.63
CA PHE A 12 11.54 -1.08 -19.43
C PHE A 12 12.22 0.27 -19.65
N LYS A 13 13.36 0.25 -20.33
CA LYS A 13 14.12 1.46 -20.62
C LYS A 13 13.24 2.49 -21.32
N GLU A 14 12.44 2.02 -22.26
CA GLU A 14 11.54 2.90 -23.01
C GLU A 14 10.58 3.62 -22.08
N ALA A 15 10.15 2.93 -21.02
CA ALA A 15 9.22 3.51 -20.06
C ALA A 15 9.89 4.62 -19.26
N PHE A 16 11.08 4.32 -18.72
CA PHE A 16 11.82 5.29 -17.93
C PHE A 16 11.97 6.61 -18.69
N SER A 17 12.42 6.52 -19.94
CA SER A 17 12.61 7.70 -20.77
C SER A 17 11.31 8.50 -20.89
N LEU A 18 10.18 7.80 -20.82
CA LEU A 18 8.88 8.45 -20.92
C LEU A 18 8.62 9.35 -19.72
N PHE A 19 8.99 8.87 -18.53
CA PHE A 19 8.80 9.64 -17.30
C PHE A 19 9.88 10.71 -17.17
N ASP A 20 11.02 10.47 -17.80
CA ASP A 20 12.14 11.41 -17.75
C ASP A 20 11.91 12.57 -18.71
N LYS A 21 11.43 13.69 -18.17
CA LYS A 21 11.17 14.88 -18.99
C LYS A 21 12.47 15.46 -19.53
N ASP A 22 13.43 15.66 -18.64
CA ASP A 22 14.73 16.22 -19.04
C ASP A 22 15.63 15.13 -19.62
N GLY A 23 15.21 13.88 -19.49
CA GLY A 23 15.98 12.77 -20.01
C GLY A 23 17.42 12.79 -19.53
N ASP A 24 17.60 12.83 -18.22
CA ASP A 24 18.95 12.86 -17.64
C ASP A 24 19.25 11.56 -16.91
N GLY A 25 18.48 10.52 -17.21
CA GLY A 25 18.68 9.23 -16.57
C GLY A 25 18.24 9.23 -15.12
N THR A 26 17.43 10.22 -14.74
CA THR A 26 16.96 10.32 -13.37
C THR A 26 15.53 10.86 -13.33
N ILE A 27 14.82 10.58 -12.24
CA ILE A 27 13.45 11.04 -12.07
C ILE A 27 13.25 11.70 -10.72
N THR A 28 12.76 12.93 -10.73
CA THR A 28 12.51 13.67 -9.50
C THR A 28 11.01 13.84 -9.24
N THR A 29 10.68 14.45 -8.11
CA THR A 29 9.29 14.67 -7.74
C THR A 29 8.60 15.60 -8.75
N LYS A 30 9.39 16.44 -9.41
CA LYS A 30 8.86 17.38 -10.39
C LYS A 30 8.61 16.68 -11.72
N GLU A 31 9.61 15.94 -12.21
CA GLU A 31 9.49 15.23 -13.47
C GLU A 31 8.49 14.09 -13.35
N LEU A 32 8.47 13.44 -12.20
CA LEU A 32 7.57 12.32 -11.96
C LEU A 32 6.14 12.82 -11.75
N GLY A 33 5.97 13.75 -10.82
CA GLY A 33 4.65 14.29 -10.54
C GLY A 33 3.96 14.79 -11.80
N THR A 34 4.74 15.21 -12.78
CA THR A 34 4.20 15.70 -14.03
C THR A 34 3.42 14.62 -14.77
N VAL A 35 4.10 13.53 -15.09
CA VAL A 35 3.48 12.41 -15.79
C VAL A 35 2.28 11.88 -15.01
N MET A 36 2.38 11.91 -13.69
CA MET A 36 1.30 11.43 -12.83
C MET A 36 0.02 12.21 -13.08
N ARG A 37 0.12 13.53 -13.10
CA ARG A 37 -1.04 14.39 -13.33
C ARG A 37 -1.70 14.06 -14.66
N SER A 38 -0.88 13.85 -15.69
CA SER A 38 -1.39 13.53 -17.02
C SER A 38 -2.26 12.27 -16.97
N LEU A 39 -2.01 11.42 -15.99
CA LEU A 39 -2.76 10.18 -15.84
C LEU A 39 -3.92 10.35 -14.88
N GLY A 40 -3.94 11.50 -14.19
CA GLY A 40 -5.01 11.77 -13.24
C GLY A 40 -4.58 11.54 -11.81
N GLN A 41 -3.39 10.98 -11.63
CA GLN A 41 -2.87 10.71 -10.30
C GLN A 41 -2.14 11.92 -9.72
N ASN A 42 -2.82 12.63 -8.82
CA ASN A 42 -2.24 13.82 -8.20
C ASN A 42 -1.92 13.57 -6.73
N PRO A 43 -0.83 12.84 -6.48
CA PRO A 43 -0.38 12.51 -5.12
C PRO A 43 0.13 13.73 -4.36
N THR A 44 0.32 13.57 -3.06
CA THR A 44 0.80 14.66 -2.22
C THR A 44 2.32 14.74 -2.25
N GLU A 45 2.86 15.88 -1.84
CA GLU A 45 4.31 16.08 -1.82
C GLU A 45 5.00 14.96 -1.05
N ALA A 46 4.38 14.53 0.03
CA ALA A 46 4.93 13.45 0.85
C ALA A 46 4.80 12.10 0.16
N GLU A 47 3.66 11.90 -0.49
CA GLU A 47 3.40 10.65 -1.20
C GLU A 47 4.42 10.43 -2.31
N LEU A 48 4.63 11.47 -3.11
CA LEU A 48 5.58 11.39 -4.22
C LEU A 48 6.96 10.96 -3.73
N GLN A 49 7.43 11.60 -2.66
CA GLN A 49 8.73 11.28 -2.09
C GLN A 49 8.70 9.92 -1.39
N ASP A 50 7.53 9.55 -0.90
CA ASP A 50 7.37 8.27 -0.21
C ASP A 50 7.81 7.11 -1.09
N MET A 51 7.31 7.08 -2.32
CA MET A 51 7.66 6.03 -3.27
C MET A 51 9.11 6.16 -3.72
N ILE A 52 9.58 7.39 -3.86
CA ILE A 52 10.95 7.64 -4.28
C ILE A 52 11.94 7.12 -3.25
N ASN A 53 11.63 7.34 -1.98
CA ASN A 53 12.50 6.89 -0.89
C ASN A 53 12.48 5.38 -0.77
N GLU A 54 11.34 4.78 -1.10
CA GLU A 54 11.19 3.32 -1.03
C GLU A 54 11.99 2.64 -2.14
N VAL A 55 12.22 3.36 -3.23
CA VAL A 55 12.97 2.83 -4.36
C VAL A 55 14.37 3.43 -4.43
N ASP A 56 14.73 4.20 -3.41
CA ASP A 56 16.04 4.83 -3.34
C ASP A 56 17.09 3.86 -2.82
N ALA A 57 17.85 3.28 -3.73
CA ALA A 57 18.90 2.33 -3.36
C ALA A 57 20.21 3.05 -3.08
N ASP A 58 20.47 4.12 -3.81
CA ASP A 58 21.69 4.90 -3.65
C ASP A 58 21.48 6.05 -2.66
N GLY A 59 20.27 6.15 -2.14
CA GLY A 59 19.95 7.20 -1.18
C GLY A 59 20.37 8.57 -1.69
N ASN A 60 19.79 8.99 -2.80
CA ASN A 60 20.11 10.29 -3.38
C ASN A 60 18.90 11.21 -3.35
N GLY A 61 17.72 10.63 -3.12
CA GLY A 61 16.50 11.41 -3.08
C GLY A 61 15.77 11.44 -4.41
N THR A 62 16.14 10.53 -5.30
CA THR A 62 15.52 10.46 -6.62
C THR A 62 15.58 9.04 -7.17
N ILE A 63 14.96 8.83 -8.33
CA ILE A 63 14.94 7.53 -8.97
C ILE A 63 15.86 7.50 -10.19
N ASP A 64 16.95 6.75 -10.09
CA ASP A 64 17.90 6.63 -11.19
C ASP A 64 17.38 5.68 -12.26
N PHE A 65 18.23 5.38 -13.24
CA PHE A 65 17.86 4.49 -14.32
C PHE A 65 17.60 3.08 -13.81
N PRO A 66 18.61 2.49 -13.16
CA PRO A 66 18.53 1.14 -12.61
C PRO A 66 17.59 1.07 -11.40
N GLU A 67 17.48 2.18 -10.68
CA GLU A 67 16.62 2.24 -9.51
C GLU A 67 15.16 1.98 -9.88
N PHE A 68 14.74 2.52 -11.03
CA PHE A 68 13.38 2.34 -11.50
C PHE A 68 13.17 0.93 -12.04
N LEU A 69 14.19 0.39 -12.68
CA LEU A 69 14.13 -0.96 -13.24
C LEU A 69 14.09 -2.01 -12.14
N THR A 70 15.06 -1.96 -11.23
CA THR A 70 15.14 -2.91 -10.13
C THR A 70 13.82 -2.95 -9.36
N MET A 71 13.09 -1.84 -9.37
CA MET A 71 11.81 -1.75 -8.68
C MET A 71 10.80 -2.71 -9.28
N MET A 72 10.66 -2.67 -10.60
CA MET A 72 9.72 -3.54 -11.30
C MET A 72 9.96 -5.00 -10.93
N ALA A 73 11.23 -5.40 -10.90
CA ALA A 73 11.59 -6.77 -10.57
C ALA A 73 11.44 -7.02 -9.07
N ARG A 74 11.71 -6.00 -8.27
CA ARG A 74 11.61 -6.10 -6.82
C ARG A 74 10.19 -6.43 -6.40
N LYS A 75 9.24 -6.18 -7.29
CA LYS A 75 7.83 -6.45 -7.01
C LYS A 75 7.64 -7.86 -6.48
N MET A 76 8.50 -8.78 -6.93
CA MET A 76 8.42 -10.18 -6.51
C MET A 76 8.55 -10.29 -4.98
N LYS A 77 9.38 -9.42 -4.41
CA LYS A 77 9.59 -9.43 -2.96
C LYS A 77 8.35 -8.95 -2.23
N ASP A 78 8.49 -8.71 -0.93
CA ASP A 78 7.37 -8.24 -0.12
C ASP A 78 7.04 -6.79 -0.42
N THR A 79 5.76 -6.51 -0.66
CA THR A 79 5.31 -5.16 -0.97
C THR A 79 3.83 -4.98 -0.64
N ASP A 80 3.32 -5.82 0.26
CA ASP A 80 1.93 -5.76 0.66
C ASP A 80 1.64 -4.49 1.45
N SER A 81 2.70 -3.82 1.88
CA SER A 81 2.57 -2.59 2.65
C SER A 81 1.65 -1.59 1.95
N GLU A 82 1.63 -1.66 0.63
CA GLU A 82 0.80 -0.76 -0.18
C GLU A 82 -0.59 -1.38 -0.40
N GLU A 83 -0.61 -2.62 -0.84
CA GLU A 83 -1.87 -3.32 -1.10
C GLU A 83 -2.78 -3.28 0.13
N GLU A 84 -2.18 -3.48 1.30
CA GLU A 84 -2.93 -3.46 2.55
C GLU A 84 -3.67 -2.14 2.72
N ILE A 85 -3.13 -1.07 2.13
CA ILE A 85 -3.74 0.24 2.22
C ILE A 85 -4.96 0.34 1.31
N ARG A 86 -4.81 -0.11 0.07
CA ARG A 86 -5.91 -0.07 -0.89
C ARG A 86 -7.01 -1.05 -0.50
N GLU A 87 -6.62 -2.30 -0.27
CA GLU A 87 -7.59 -3.33 0.10
C GLU A 87 -8.39 -2.91 1.34
N ALA A 88 -7.69 -2.53 2.40
CA ALA A 88 -8.33 -2.10 3.62
C ALA A 88 -9.34 -1.00 3.36
N PHE A 89 -8.90 0.05 2.65
CA PHE A 89 -9.77 1.17 2.32
C PHE A 89 -11.07 0.69 1.69
N ARG A 90 -10.95 -0.14 0.66
CA ARG A 90 -12.11 -0.66 -0.04
C ARG A 90 -13.01 -1.46 0.91
N VAL A 91 -12.39 -2.31 1.73
CA VAL A 91 -13.12 -3.12 2.69
C VAL A 91 -14.02 -2.25 3.57
N PHE A 92 -13.46 -1.16 4.07
CA PHE A 92 -14.20 -0.24 4.93
C PHE A 92 -15.17 0.61 4.11
N ASP A 93 -14.84 0.82 2.84
CA ASP A 93 -15.66 1.62 1.95
C ASP A 93 -16.98 0.90 1.66
N LYS A 94 -18.03 1.27 2.41
CA LYS A 94 -19.34 0.67 2.23
C LYS A 94 -20.02 1.21 0.98
N ASP A 95 -20.10 2.53 0.87
CA ASP A 95 -20.72 3.18 -0.29
C ASP A 95 -19.79 3.15 -1.49
N GLY A 96 -18.54 2.74 -1.26
CA GLY A 96 -17.57 2.68 -2.33
C GLY A 96 -17.34 4.04 -2.99
N ASN A 97 -17.57 5.11 -2.24
CA ASN A 97 -17.40 6.45 -2.74
C ASN A 97 -15.93 6.87 -2.69
N GLY A 98 -15.14 6.14 -1.91
CA GLY A 98 -13.73 6.44 -1.79
C GLY A 98 -13.44 7.40 -0.65
N TYR A 99 -14.40 7.52 0.27
CA TYR A 99 -14.24 8.42 1.41
C TYR A 99 -14.79 7.78 2.68
N ILE A 100 -14.01 7.85 3.76
CA ILE A 100 -14.41 7.28 5.04
C ILE A 100 -14.92 8.36 5.98
N SER A 101 -16.05 8.09 6.65
CA SER A 101 -16.63 9.05 7.57
C SER A 101 -16.66 8.47 8.99
N ALA A 102 -17.21 9.24 9.92
CA ALA A 102 -17.29 8.81 11.31
C ALA A 102 -18.30 7.68 11.47
N ALA A 103 -19.38 7.74 10.70
CA ALA A 103 -20.42 6.71 10.75
C ALA A 103 -19.93 5.41 10.14
N GLU A 104 -19.11 5.51 9.10
CA GLU A 104 -18.58 4.33 8.42
C GLU A 104 -17.45 3.70 9.23
N LEU A 105 -16.53 4.54 9.69
CA LEU A 105 -15.40 4.07 10.48
C LEU A 105 -15.87 3.22 11.66
N ARG A 106 -16.85 3.73 12.39
CA ARG A 106 -17.39 3.02 13.55
C ARG A 106 -17.79 1.60 13.17
N HIS A 107 -18.36 1.44 11.98
CA HIS A 107 -18.78 0.13 11.51
C HIS A 107 -17.62 -0.85 11.52
N VAL A 108 -16.43 -0.34 11.23
CA VAL A 108 -15.22 -1.17 11.20
C VAL A 108 -14.79 -1.57 12.61
N MET A 109 -14.66 -0.59 13.48
CA MET A 109 -14.26 -0.84 14.86
C MET A 109 -15.18 -1.86 15.51
N THR A 110 -16.43 -1.93 15.05
CA THR A 110 -17.40 -2.88 15.58
C THR A 110 -17.00 -4.31 15.27
N ASN A 111 -16.44 -4.52 14.07
CA ASN A 111 -16.02 -5.86 13.66
C ASN A 111 -14.75 -6.28 14.38
N LEU A 112 -13.97 -5.30 14.82
CA LEU A 112 -12.72 -5.58 15.53
C LEU A 112 -13.01 -6.12 16.93
N GLY A 113 -14.17 -5.76 17.47
CA GLY A 113 -14.55 -6.23 18.79
C GLY A 113 -14.34 -5.17 19.86
N GLU A 114 -14.26 -3.92 19.43
CA GLU A 114 -14.06 -2.81 20.36
C GLU A 114 -15.31 -1.93 20.44
N LYS A 115 -15.93 -1.89 21.61
CA LYS A 115 -17.13 -1.10 21.83
C LYS A 115 -16.81 0.39 21.82
N LEU A 116 -17.44 1.12 20.91
CA LEU A 116 -17.22 2.56 20.80
C LEU A 116 -18.51 3.29 20.44
N THR A 117 -18.53 4.60 20.70
CA THR A 117 -19.71 5.41 20.41
C THR A 117 -19.39 6.49 19.38
N ASP A 118 -20.42 7.21 18.96
CA ASP A 118 -20.26 8.28 17.98
C ASP A 118 -19.16 9.26 18.42
N GLU A 119 -19.23 9.68 19.68
CA GLU A 119 -18.25 10.61 20.23
C GLU A 119 -16.85 10.01 20.19
N GLU A 120 -16.77 8.69 20.36
CA GLU A 120 -15.49 8.00 20.33
C GLU A 120 -14.89 7.99 18.93
N VAL A 121 -15.72 7.71 17.95
CA VAL A 121 -15.27 7.68 16.55
C VAL A 121 -14.68 9.02 16.13
N ASP A 122 -15.22 10.10 16.69
CA ASP A 122 -14.74 11.44 16.38
C ASP A 122 -13.22 11.53 16.56
N GLU A 123 -12.73 10.96 17.65
CA GLU A 123 -11.30 10.98 17.95
C GLU A 123 -10.50 10.37 16.80
N MET A 124 -11.11 9.41 16.11
CA MET A 124 -10.45 8.75 14.99
C MET A 124 -10.46 9.65 13.75
N ILE A 125 -11.65 10.01 13.30
CA ILE A 125 -11.79 10.87 12.12
C ILE A 125 -10.98 12.16 12.28
N ARG A 126 -10.92 12.66 13.50
CA ARG A 126 -10.17 13.88 13.79
C ARG A 126 -8.67 13.67 13.56
N GLU A 127 -8.21 12.46 13.80
CA GLU A 127 -6.80 12.12 13.62
C GLU A 127 -6.44 12.07 12.14
N ALA A 128 -7.24 11.33 11.37
CA ALA A 128 -7.01 11.21 9.94
C ALA A 128 -7.31 12.51 9.21
N ASP A 129 -8.29 13.25 9.71
CA ASP A 129 -8.67 14.52 9.10
C ASP A 129 -7.56 15.56 9.29
N ILE A 130 -6.61 15.58 8.37
CA ILE A 130 -5.50 16.52 8.44
C ILE A 130 -5.92 17.89 7.91
N ASP A 131 -6.61 17.90 6.77
CA ASP A 131 -7.07 19.15 6.17
C ASP A 131 -8.22 19.74 6.96
N GLY A 132 -8.73 18.97 7.93
CA GLY A 132 -9.84 19.45 8.74
C GLY A 132 -11.09 19.70 7.93
N ASP A 133 -11.40 18.78 7.03
CA ASP A 133 -12.59 18.90 6.19
C ASP A 133 -13.80 18.27 6.86
N GLY A 134 -13.55 17.45 7.88
CA GLY A 134 -14.63 16.80 8.59
C GLY A 134 -14.79 15.34 8.19
N GLN A 135 -13.91 14.87 7.32
CA GLN A 135 -13.95 13.49 6.86
C GLN A 135 -12.55 12.96 6.54
N VAL A 136 -12.46 11.67 6.27
CA VAL A 136 -11.17 11.05 5.95
C VAL A 136 -11.13 10.58 4.49
N ASN A 137 -10.26 11.20 3.70
CA ASN A 137 -10.12 10.84 2.30
C ASN A 137 -9.03 9.80 2.11
N TYR A 138 -8.98 9.22 0.90
CA TYR A 138 -7.98 8.20 0.60
C TYR A 138 -6.58 8.70 0.92
N GLU A 139 -6.30 9.94 0.56
CA GLU A 139 -4.99 10.53 0.81
C GLU A 139 -4.65 10.48 2.30
N GLU A 140 -5.53 11.01 3.13
CA GLU A 140 -5.32 11.01 4.58
C GLU A 140 -5.25 9.59 5.12
N PHE A 141 -6.17 8.74 4.68
CA PHE A 141 -6.22 7.35 5.11
C PHE A 141 -4.88 6.66 4.86
N VAL A 142 -4.42 6.70 3.62
CA VAL A 142 -3.15 6.08 3.25
C VAL A 142 -2.02 6.58 4.14
N GLN A 143 -1.99 7.88 4.38
CA GLN A 143 -0.96 8.48 5.22
C GLN A 143 -1.04 7.96 6.65
N MET A 144 -2.20 8.17 7.28
CA MET A 144 -2.41 7.73 8.66
C MET A 144 -2.20 6.21 8.77
N MET A 145 -2.36 5.51 7.67
CA MET A 145 -2.18 4.06 7.65
C MET A 145 -0.72 3.69 7.40
N THR A 146 0.01 4.62 6.77
CA THR A 146 1.42 4.39 6.46
C THR A 146 2.31 4.86 7.61
N ALA A 147 1.80 5.80 8.39
CA ALA A 147 2.54 6.35 9.52
C ALA A 147 2.97 5.23 10.48
N LYS A 148 4.01 5.49 11.26
CA LYS A 148 4.52 4.52 12.21
C LYS A 148 4.60 5.12 13.62
N LEU B 1 -8.49 -4.12 24.81
CA LEU B 1 -9.54 -3.42 25.53
C LEU B 1 -8.97 -2.64 26.71
N SER B 2 -8.15 -1.63 26.41
CA SER B 2 -7.53 -0.82 27.44
C SER B 2 -7.69 0.67 27.13
N GLY B 3 -7.36 1.52 28.10
CA GLY B 3 -7.48 2.95 27.90
C GLY B 3 -6.20 3.68 28.27
N GLY B 4 -5.96 4.81 27.61
CA GLY B 4 -4.76 5.59 27.89
C GLY B 4 -4.32 6.42 26.70
N GLU B 5 -3.93 5.74 25.62
CA GLU B 5 -3.49 6.43 24.41
C GLU B 5 -4.40 6.11 23.23
N LEU B 6 -4.34 6.94 22.21
CA LEU B 6 -5.17 6.76 21.02
C LEU B 6 -4.48 5.84 20.02
N ASP B 7 -4.50 4.54 20.29
CA ASP B 7 -3.87 3.57 19.42
C ASP B 7 -4.92 2.83 18.58
N LYS B 8 -6.07 3.48 18.39
CA LYS B 8 -7.15 2.89 17.61
C LYS B 8 -6.73 2.67 16.16
N TRP B 9 -6.32 3.75 15.51
CA TRP B 9 -5.89 3.69 14.11
C TRP B 9 -4.82 2.62 13.93
N GLU B 10 -3.89 2.54 14.87
CA GLU B 10 -2.81 1.55 14.81
C GLU B 10 -3.37 0.14 14.73
N LYS B 11 -4.55 -0.06 15.33
CA LYS B 11 -5.20 -1.36 15.32
C LYS B 11 -5.54 -1.80 13.90
N ILE B 12 -5.77 -0.82 13.03
CA ILE B 12 -6.10 -1.10 11.64
C ILE B 12 -4.88 -0.98 10.74
N ARG B 13 -3.89 -0.21 11.19
CA ARG B 13 -2.67 -0.01 10.43
C ARG B 13 -2.05 -1.35 10.03
N LEU B 14 -2.27 -2.36 10.85
CA LEU B 14 -1.74 -3.70 10.58
C LEU B 14 -0.23 -3.65 10.37
N ARG B 15 0.35 -4.80 10.02
CA ARG B 15 1.78 -4.88 9.80
C ARG B 15 2.08 -5.45 8.40
N PRO B 16 3.06 -4.84 7.71
CA PRO B 16 3.46 -5.27 6.37
C PRO B 16 4.17 -6.61 6.38
N GLY B 17 3.70 -7.53 5.54
CA GLY B 17 4.31 -8.84 5.46
C GLY B 17 3.67 -9.72 4.42
N GLY B 18 3.49 -9.19 3.21
CA GLY B 18 2.87 -9.94 2.14
C GLY B 18 3.72 -9.94 0.88
N LYS B 19 3.06 -9.69 -0.26
CA LYS B 19 3.76 -9.65 -1.54
C LYS B 19 2.79 -9.32 -2.68
N LYS B 20 3.05 -8.21 -3.35
CA LYS B 20 2.21 -7.77 -4.46
C LYS B 20 3.02 -6.98 -5.48
N GLN B 21 3.32 -5.72 -5.15
CA GLN B 21 4.09 -4.87 -6.04
C GLN B 21 4.26 -3.48 -5.43
N TYR B 22 5.16 -2.69 -6.03
CA TYR B 22 5.43 -1.34 -5.54
C TYR B 22 4.21 -0.44 -5.74
N LYS B 23 4.33 0.79 -5.27
CA LYS B 23 3.24 1.76 -5.38
C LYS B 23 3.57 2.82 -6.44
N LEU B 24 4.56 2.54 -7.27
CA LEU B 24 4.97 3.46 -8.31
C LEU B 24 4.92 2.79 -9.69
N LYS B 25 5.51 1.61 -9.77
CA LYS B 25 5.54 0.86 -11.02
C LYS B 25 4.15 0.82 -11.67
N HIS B 26 3.14 0.66 -10.84
CA HIS B 26 1.76 0.61 -11.32
C HIS B 26 1.48 1.75 -12.28
N ILE B 27 1.88 2.96 -11.89
CA ILE B 27 1.67 4.14 -12.71
C ILE B 27 2.19 3.92 -14.13
N VAL B 28 3.32 3.23 -14.25
CA VAL B 28 3.91 2.95 -15.55
C VAL B 28 2.88 2.36 -16.51
N TRP B 29 2.00 1.50 -15.98
CA TRP B 29 0.97 0.88 -16.79
C TRP B 29 0.06 1.93 -17.42
N ALA B 30 -0.24 2.97 -16.66
CA ALA B 30 -1.10 4.05 -17.15
C ALA B 30 -0.46 4.78 -18.32
N SER B 31 0.85 4.61 -18.46
CA SER B 31 1.59 5.26 -19.54
C SER B 31 1.25 4.63 -20.89
N ARG B 32 0.69 3.42 -20.84
CA ARG B 32 0.32 2.71 -22.06
C ARG B 32 -0.54 3.59 -22.97
N GLU B 33 -1.30 4.50 -22.37
CA GLU B 33 -2.15 5.40 -23.12
C GLU B 33 -1.44 6.71 -23.43
N LEU B 34 -0.68 7.21 -22.46
CA LEU B 34 0.05 8.45 -22.63
C LEU B 34 0.91 8.40 -23.89
N GLU B 35 1.48 9.56 -24.26
CA GLU B 35 2.32 9.64 -25.45
C GLU B 35 3.69 10.21 -25.10
N ARG B 36 3.69 11.34 -24.40
CA ARG B 36 4.93 11.98 -24.00
C ARG B 36 4.87 12.44 -22.55
CA CA C . -17.34 5.53 2.15
CA CA D . -9.87 15.31 5.64
CA CA E . 15.18 13.80 -14.78
CA CA F . 18.18 6.98 -6.07
N ALA A 1 10.65 11.68 9.82
CA ALA A 1 10.75 10.34 9.23
C ALA A 1 11.94 10.26 8.28
N ASP A 2 12.19 11.34 7.55
CA ASP A 2 13.30 11.39 6.61
C ASP A 2 14.49 12.14 7.19
N GLN A 3 14.67 12.01 8.50
CA GLN A 3 15.78 12.68 9.18
C GLN A 3 16.33 11.81 10.31
N LEU A 4 17.46 11.15 10.03
CA LEU A 4 18.09 10.29 11.02
C LEU A 4 19.19 11.03 11.77
N THR A 5 19.40 10.65 13.03
CA THR A 5 20.43 11.28 13.85
C THR A 5 21.45 10.25 14.33
N GLU A 6 22.50 10.74 14.99
CA GLU A 6 23.55 9.87 15.50
C GLU A 6 22.96 8.75 16.36
N GLU A 7 21.82 9.03 17.00
CA GLU A 7 21.16 8.05 17.85
C GLU A 7 20.63 6.88 17.01
N GLN A 8 20.07 7.20 15.85
CA GLN A 8 19.53 6.17 14.97
C GLN A 8 20.64 5.48 14.19
N ILE A 9 21.61 6.26 13.73
CA ILE A 9 22.73 5.73 12.98
C ILE A 9 23.61 4.84 13.85
N ALA A 10 23.78 5.25 15.11
CA ALA A 10 24.59 4.50 16.05
C ALA A 10 24.18 3.03 16.09
N GLU A 11 22.89 2.79 16.24
CA GLU A 11 22.36 1.44 16.30
C GLU A 11 22.79 0.64 15.07
N PHE A 12 22.53 1.20 13.89
CA PHE A 12 22.88 0.54 12.64
C PHE A 12 24.39 0.29 12.56
N LYS A 13 25.16 1.31 12.93
CA LYS A 13 26.62 1.20 12.90
C LYS A 13 27.09 -0.04 13.65
N GLU A 14 26.36 -0.41 14.69
CA GLU A 14 26.71 -1.59 15.47
C GLU A 14 26.49 -2.87 14.68
N ALA A 15 25.45 -2.87 13.86
CA ALA A 15 25.13 -4.03 13.04
C ALA A 15 26.20 -4.27 11.98
N PHE A 16 26.51 -3.22 11.22
CA PHE A 16 27.51 -3.31 10.17
C PHE A 16 28.82 -3.87 10.71
N SER A 17 29.26 -3.34 11.85
CA SER A 17 30.50 -3.79 12.47
C SER A 17 30.44 -5.27 12.81
N LEU A 18 29.23 -5.75 13.08
CA LEU A 18 29.02 -7.16 13.42
C LEU A 18 29.29 -8.06 12.21
N PHE A 19 28.73 -7.69 11.06
CA PHE A 19 28.92 -8.46 9.85
C PHE A 19 30.34 -8.30 9.30
N ASP A 20 30.95 -7.18 9.64
CA ASP A 20 32.32 -6.90 9.19
C ASP A 20 33.34 -7.50 10.15
N LYS A 21 33.86 -8.68 9.80
CA LYS A 21 34.85 -9.37 10.62
C LYS A 21 36.20 -8.64 10.57
N ASP A 22 36.69 -8.41 9.36
CA ASP A 22 37.97 -7.73 9.18
C ASP A 22 37.84 -6.25 9.48
N GLY A 23 36.60 -5.78 9.64
CA GLY A 23 36.36 -4.38 9.92
C GLY A 23 37.05 -3.46 8.94
N ASP A 24 36.93 -3.77 7.65
CA ASP A 24 37.54 -2.97 6.60
C ASP A 24 36.61 -1.84 6.16
N GLY A 25 35.34 -1.96 6.52
CA GLY A 25 34.36 -0.94 6.16
C GLY A 25 33.45 -1.40 5.04
N THR A 26 33.80 -2.51 4.41
CA THR A 26 33.00 -3.05 3.32
C THR A 26 32.74 -4.54 3.51
N ILE A 27 31.48 -4.94 3.37
CA ILE A 27 31.10 -6.33 3.53
C ILE A 27 31.15 -7.07 2.20
N THR A 28 31.71 -8.27 2.22
CA THR A 28 31.83 -9.08 1.01
C THR A 28 31.01 -10.37 1.12
N THR A 29 31.05 -11.19 0.08
CA THR A 29 30.32 -12.45 0.07
C THR A 29 30.91 -13.44 1.07
N LYS A 30 32.22 -13.38 1.25
CA LYS A 30 32.91 -14.27 2.18
C LYS A 30 32.56 -13.93 3.63
N GLU A 31 32.49 -12.63 3.92
CA GLU A 31 32.15 -12.18 5.27
C GLU A 31 30.66 -12.33 5.55
N LEU A 32 29.86 -12.11 4.52
CA LEU A 32 28.40 -12.22 4.63
C LEU A 32 27.98 -13.67 4.71
N GLY A 33 28.40 -14.47 3.74
CA GLY A 33 28.05 -15.87 3.71
C GLY A 33 28.37 -16.58 5.03
N THR A 34 29.55 -16.28 5.57
CA THR A 34 29.97 -16.89 6.83
C THR A 34 28.96 -16.61 7.95
N VAL A 35 28.66 -15.35 8.16
CA VAL A 35 27.71 -14.96 9.20
C VAL A 35 26.40 -15.72 9.06
N MET A 36 25.85 -15.73 7.85
CA MET A 36 24.59 -16.43 7.58
C MET A 36 24.67 -17.87 8.06
N ARG A 37 25.83 -18.50 7.87
CA ARG A 37 26.02 -19.88 8.28
C ARG A 37 25.68 -20.07 9.76
N SER A 38 26.07 -19.09 10.57
CA SER A 38 25.80 -19.15 12.01
C SER A 38 24.34 -18.81 12.31
N LEU A 39 23.75 -18.00 11.44
CA LEU A 39 22.35 -17.59 11.61
C LEU A 39 21.41 -18.72 11.19
N GLY A 40 21.91 -19.63 10.38
CA GLY A 40 21.10 -20.75 9.92
C GLY A 40 20.58 -20.56 8.52
N GLN A 41 21.34 -19.86 7.70
CA GLN A 41 20.96 -19.59 6.31
C GLN A 41 21.93 -20.23 5.34
N ASN A 42 21.40 -20.79 4.26
CA ASN A 42 22.23 -21.44 3.24
C ASN A 42 22.26 -20.62 1.96
N PRO A 43 23.03 -19.53 1.96
CA PRO A 43 23.16 -18.65 0.80
C PRO A 43 23.92 -19.30 -0.35
N THR A 44 23.45 -19.07 -1.57
CA THR A 44 24.09 -19.64 -2.75
C THR A 44 25.03 -18.63 -3.40
N GLU A 45 25.98 -19.15 -4.18
CA GLU A 45 26.95 -18.29 -4.87
C GLU A 45 26.24 -17.18 -5.65
N ALA A 46 25.17 -17.56 -6.34
CA ALA A 46 24.40 -16.60 -7.14
C ALA A 46 23.58 -15.68 -6.24
N GLU A 47 23.12 -16.22 -5.11
CA GLU A 47 22.33 -15.44 -4.17
C GLU A 47 23.16 -14.34 -3.52
N LEU A 48 24.32 -14.73 -2.99
CA LEU A 48 25.20 -13.77 -2.33
C LEU A 48 25.54 -12.61 -3.27
N GLN A 49 26.00 -12.94 -4.48
CA GLN A 49 26.35 -11.93 -5.46
C GLN A 49 25.17 -11.01 -5.74
N ASP A 50 23.96 -11.54 -5.60
CA ASP A 50 22.75 -10.76 -5.85
C ASP A 50 22.52 -9.74 -4.73
N MET A 51 22.84 -10.14 -3.50
CA MET A 51 22.68 -9.26 -2.35
C MET A 51 23.58 -8.04 -2.48
N ILE A 52 24.89 -8.29 -2.58
CA ILE A 52 25.86 -7.20 -2.70
C ILE A 52 25.51 -6.28 -3.87
N ASN A 53 25.17 -6.87 -5.00
CA ASN A 53 24.83 -6.11 -6.19
C ASN A 53 23.53 -5.34 -5.98
N GLU A 54 22.62 -5.92 -5.21
CA GLU A 54 21.34 -5.29 -4.92
C GLU A 54 21.53 -3.99 -4.15
N VAL A 55 22.59 -3.93 -3.35
CA VAL A 55 22.89 -2.75 -2.56
C VAL A 55 24.15 -2.05 -3.06
N ASP A 56 24.53 -2.35 -4.30
CA ASP A 56 25.72 -1.76 -4.91
C ASP A 56 25.36 -0.47 -5.63
N ALA A 57 25.48 0.66 -4.93
CA ALA A 57 25.18 1.95 -5.52
C ALA A 57 26.39 2.55 -6.21
N ASP A 58 27.57 2.27 -5.66
CA ASP A 58 28.82 2.78 -6.23
C ASP A 58 29.41 1.78 -7.22
N GLY A 59 28.72 0.66 -7.41
CA GLY A 59 29.19 -0.35 -8.33
C GLY A 59 30.63 -0.75 -8.07
N ASN A 60 30.89 -1.26 -6.86
CA ASN A 60 32.23 -1.68 -6.48
C ASN A 60 32.28 -3.19 -6.26
N GLY A 61 31.11 -3.80 -6.11
CA GLY A 61 31.04 -5.23 -5.87
C GLY A 61 31.08 -5.59 -4.40
N THR A 62 30.80 -4.61 -3.55
CA THR A 62 30.81 -4.82 -2.11
C THR A 62 29.85 -3.87 -1.40
N ILE A 63 29.45 -4.23 -0.19
CA ILE A 63 28.55 -3.39 0.60
C ILE A 63 29.31 -2.43 1.49
N ASP A 64 29.26 -1.16 1.15
CA ASP A 64 29.94 -0.12 1.93
C ASP A 64 29.22 0.14 3.24
N PHE A 65 29.72 1.11 4.01
CA PHE A 65 29.12 1.45 5.29
C PHE A 65 27.69 1.96 5.11
N PRO A 66 27.54 3.03 4.32
CA PRO A 66 26.23 3.63 4.04
C PRO A 66 25.36 2.74 3.17
N GLU A 67 25.99 1.96 2.30
CA GLU A 67 25.28 1.06 1.41
C GLU A 67 24.38 0.10 2.20
N PHE A 68 24.91 -0.41 3.31
CA PHE A 68 24.16 -1.33 4.16
C PHE A 68 23.09 -0.59 4.95
N LEU A 69 23.40 0.63 5.37
CA LEU A 69 22.46 1.45 6.14
C LEU A 69 21.25 1.80 5.30
N THR A 70 21.49 2.38 4.13
CA THR A 70 20.41 2.78 3.24
C THR A 70 19.48 1.61 2.94
N MET A 71 20.02 0.40 3.03
CA MET A 71 19.24 -0.80 2.76
C MET A 71 18.22 -1.04 3.88
N MET A 72 18.62 -0.72 5.11
CA MET A 72 17.75 -0.90 6.26
C MET A 72 16.70 0.20 6.32
N ALA A 73 17.08 1.40 5.89
CA ALA A 73 16.17 2.54 5.91
C ALA A 73 15.14 2.44 4.79
N ARG A 74 15.62 2.11 3.59
CA ARG A 74 14.73 1.97 2.44
C ARG A 74 13.57 1.03 2.74
N LYS A 75 13.84 0.02 3.54
CA LYS A 75 12.82 -0.96 3.92
C LYS A 75 11.95 -0.43 5.06
N MET A 76 12.52 0.45 5.87
CA MET A 76 11.80 1.05 6.99
C MET A 76 10.58 1.81 6.51
N LYS A 77 10.64 2.30 5.27
CA LYS A 77 9.54 3.05 4.69
C LYS A 77 9.50 2.87 3.18
N ASP A 78 8.78 1.86 2.72
CA ASP A 78 8.66 1.59 1.29
C ASP A 78 7.27 1.98 0.77
N THR A 79 7.05 1.78 -0.53
CA THR A 79 5.77 2.10 -1.13
C THR A 79 4.94 0.85 -1.40
N ASP A 80 5.21 -0.21 -0.63
CA ASP A 80 4.49 -1.46 -0.79
C ASP A 80 3.21 -1.46 0.03
N SER A 81 3.24 -0.78 1.18
CA SER A 81 2.08 -0.71 2.04
C SER A 81 0.84 -0.23 1.28
N GLU A 82 1.06 0.68 0.34
CA GLU A 82 -0.04 1.22 -0.47
C GLU A 82 -0.84 0.09 -1.11
N GLU A 83 -0.17 -1.03 -1.38
CA GLU A 83 -0.82 -2.18 -2.00
C GLU A 83 -1.89 -2.75 -1.08
N GLU A 84 -1.58 -2.80 0.22
CA GLU A 84 -2.53 -3.34 1.20
C GLU A 84 -3.60 -2.30 1.54
N ILE A 85 -3.20 -1.04 1.61
CA ILE A 85 -4.13 0.04 1.92
C ILE A 85 -5.30 0.05 0.94
N ARG A 86 -4.98 0.03 -0.35
CA ARG A 86 -6.01 0.04 -1.39
C ARG A 86 -7.04 -1.06 -1.14
N GLU A 87 -6.59 -2.16 -0.54
CA GLU A 87 -7.48 -3.28 -0.25
C GLU A 87 -8.37 -2.98 0.94
N ALA A 88 -7.74 -2.66 2.08
CA ALA A 88 -8.49 -2.35 3.30
C ALA A 88 -9.50 -1.23 3.06
N PHE A 89 -9.07 -0.20 2.33
CA PHE A 89 -9.94 0.93 2.03
C PHE A 89 -11.26 0.46 1.42
N ARG A 90 -11.17 -0.38 0.40
CA ARG A 90 -12.35 -0.91 -0.27
C ARG A 90 -13.24 -1.66 0.72
N VAL A 91 -12.61 -2.50 1.54
CA VAL A 91 -13.34 -3.29 2.52
C VAL A 91 -14.20 -2.40 3.42
N PHE A 92 -13.59 -1.34 3.95
CA PHE A 92 -14.29 -0.41 4.83
C PHE A 92 -15.29 0.44 4.03
N ASP A 93 -14.95 0.72 2.78
CA ASP A 93 -15.81 1.51 1.91
C ASP A 93 -17.15 0.82 1.71
N LYS A 94 -18.15 1.21 2.49
CA LYS A 94 -19.48 0.63 2.40
C LYS A 94 -20.22 1.18 1.18
N ASP A 95 -20.29 2.51 1.07
CA ASP A 95 -20.97 3.15 -0.04
C ASP A 95 -20.12 3.09 -1.30
N GLY A 96 -18.87 2.65 -1.15
CA GLY A 96 -17.98 2.55 -2.29
C GLY A 96 -17.75 3.89 -2.97
N ASN A 97 -17.89 4.97 -2.20
CA ASN A 97 -17.71 6.32 -2.75
C ASN A 97 -16.23 6.68 -2.80
N GLY A 98 -15.41 5.92 -2.07
CA GLY A 98 -13.99 6.19 -2.05
C GLY A 98 -13.59 7.12 -0.92
N TYR A 99 -14.45 7.24 0.08
CA TYR A 99 -14.19 8.11 1.22
C TYR A 99 -14.57 7.41 2.53
N ILE A 100 -14.01 7.89 3.63
CA ILE A 100 -14.28 7.32 4.94
C ILE A 100 -14.83 8.38 5.90
N SER A 101 -16.01 8.11 6.45
CA SER A 101 -16.64 9.04 7.39
C SER A 101 -16.57 8.52 8.81
N ALA A 102 -17.25 9.20 9.72
CA ALA A 102 -17.26 8.80 11.12
C ALA A 102 -18.13 7.58 11.34
N ALA A 103 -19.24 7.50 10.59
CA ALA A 103 -20.15 6.37 10.70
C ALA A 103 -19.55 5.11 10.09
N GLU A 104 -18.72 5.29 9.06
CA GLU A 104 -18.08 4.18 8.39
C GLU A 104 -16.95 3.60 9.24
N LEU A 105 -16.08 4.48 9.74
CA LEU A 105 -14.96 4.06 10.57
C LEU A 105 -15.44 3.22 11.74
N ARG A 106 -16.47 3.70 12.43
CA ARG A 106 -17.01 2.99 13.58
C ARG A 106 -17.35 1.54 13.22
N HIS A 107 -17.98 1.36 12.06
CA HIS A 107 -18.35 0.03 11.59
C HIS A 107 -17.13 -0.86 11.48
N VAL A 108 -16.00 -0.27 11.10
CA VAL A 108 -14.76 -1.03 10.95
C VAL A 108 -14.25 -1.53 12.29
N MET A 109 -14.15 -0.63 13.26
CA MET A 109 -13.68 -0.98 14.59
C MET A 109 -14.65 -1.94 15.28
N THR A 110 -15.94 -1.62 15.19
CA THR A 110 -16.97 -2.45 15.80
C THR A 110 -16.83 -3.91 15.38
N ASN A 111 -16.45 -4.11 14.12
CA ASN A 111 -16.28 -5.46 13.58
C ASN A 111 -15.26 -6.24 14.39
N LEU A 112 -14.25 -5.53 14.91
CA LEU A 112 -13.20 -6.17 15.71
C LEU A 112 -13.74 -6.60 17.06
N GLY A 113 -14.82 -5.95 17.50
CA GLY A 113 -15.41 -6.28 18.78
C GLY A 113 -15.03 -5.30 19.88
N GLU A 114 -14.84 -4.04 19.50
CA GLU A 114 -14.47 -3.01 20.46
C GLU A 114 -15.62 -2.03 20.68
N LYS A 115 -16.12 -1.99 21.91
CA LYS A 115 -17.23 -1.11 22.26
C LYS A 115 -16.84 0.36 22.05
N LEU A 116 -17.58 1.04 21.19
CA LEU A 116 -17.31 2.44 20.88
C LEU A 116 -18.60 3.20 20.61
N THR A 117 -18.59 4.51 20.83
CA THR A 117 -19.75 5.35 20.61
C THR A 117 -19.48 6.40 19.55
N ASP A 118 -20.54 7.07 19.10
CA ASP A 118 -20.41 8.10 18.09
C ASP A 118 -19.37 9.14 18.49
N GLU A 119 -19.43 9.58 19.74
CA GLU A 119 -18.50 10.58 20.25
C GLU A 119 -17.07 10.03 20.24
N GLU A 120 -16.94 8.73 20.50
CA GLU A 120 -15.64 8.08 20.53
C GLU A 120 -15.01 8.07 19.14
N VAL A 121 -15.85 7.97 18.12
CA VAL A 121 -15.39 7.94 16.74
C VAL A 121 -14.82 9.29 16.32
N ASP A 122 -15.40 10.36 16.86
CA ASP A 122 -14.96 11.71 16.55
C ASP A 122 -13.45 11.85 16.74
N GLU A 123 -12.96 11.36 17.87
CA GLU A 123 -11.54 11.43 18.17
C GLU A 123 -10.71 10.79 17.07
N MET A 124 -11.29 9.81 16.39
CA MET A 124 -10.62 9.12 15.30
C MET A 124 -10.57 9.99 14.04
N ILE A 125 -11.75 10.36 13.54
CA ILE A 125 -11.84 11.18 12.35
C ILE A 125 -11.03 12.46 12.50
N ARG A 126 -11.00 13.00 13.71
CA ARG A 126 -10.26 14.22 14.00
C ARG A 126 -8.77 14.01 13.76
N GLU A 127 -8.30 12.79 14.01
CA GLU A 127 -6.88 12.46 13.83
C GLU A 127 -6.55 12.33 12.34
N ALA A 128 -7.31 11.50 11.64
CA ALA A 128 -7.09 11.28 10.22
C ALA A 128 -7.35 12.55 9.42
N ASP A 129 -8.30 13.36 9.88
CA ASP A 129 -8.64 14.61 9.20
C ASP A 129 -7.50 15.62 9.34
N ILE A 130 -6.55 15.55 8.43
CA ILE A 130 -5.41 16.47 8.46
C ILE A 130 -5.77 17.82 7.86
N ASP A 131 -6.44 17.78 6.71
CA ASP A 131 -6.86 19.00 6.04
C ASP A 131 -8.01 19.68 6.78
N GLY A 132 -8.55 18.98 7.77
CA GLY A 132 -9.66 19.53 8.56
C GLY A 132 -10.89 19.77 7.71
N ASP A 133 -11.22 18.80 6.87
CA ASP A 133 -12.40 18.92 6.01
C ASP A 133 -13.64 18.34 6.68
N GLY A 134 -13.42 17.56 7.75
CA GLY A 134 -14.52 16.97 8.46
C GLY A 134 -14.72 15.51 8.12
N GLN A 135 -13.83 14.97 7.29
CA GLN A 135 -13.91 13.58 6.88
C GLN A 135 -12.52 13.00 6.61
N VAL A 136 -12.46 11.70 6.38
CA VAL A 136 -11.19 11.03 6.11
C VAL A 136 -11.16 10.47 4.69
N ASN A 137 -10.32 11.07 3.84
CA ASN A 137 -10.20 10.63 2.47
C ASN A 137 -9.06 9.62 2.30
N TYR A 138 -8.95 9.02 1.13
CA TYR A 138 -7.92 8.04 0.85
C TYR A 138 -6.53 8.63 1.11
N GLU A 139 -6.31 9.83 0.59
CA GLU A 139 -5.03 10.51 0.77
C GLU A 139 -4.63 10.55 2.24
N GLU A 140 -5.59 10.89 3.10
CA GLU A 140 -5.33 10.97 4.54
C GLU A 140 -5.21 9.57 5.14
N PHE A 141 -6.06 8.65 4.70
CA PHE A 141 -6.04 7.29 5.19
C PHE A 141 -4.69 6.63 4.92
N VAL A 142 -4.15 6.87 3.73
CA VAL A 142 -2.86 6.29 3.34
C VAL A 142 -1.76 6.73 4.29
N GLN A 143 -1.69 8.04 4.53
CA GLN A 143 -0.67 8.60 5.42
C GLN A 143 -0.98 8.26 6.87
N MET A 144 -2.24 8.00 7.16
CA MET A 144 -2.68 7.66 8.51
C MET A 144 -2.26 6.24 8.87
N MET A 145 -1.97 5.43 7.85
CA MET A 145 -1.55 4.04 8.06
C MET A 145 -0.04 3.91 8.01
N THR A 146 0.59 4.74 7.18
CA THR A 146 2.04 4.71 7.03
C THR A 146 2.73 5.33 8.25
N ALA A 147 2.01 6.18 8.97
CA ALA A 147 2.55 6.83 10.15
C ALA A 147 2.82 5.81 11.26
N LYS A 148 3.91 6.00 11.99
CA LYS A 148 4.27 5.10 13.08
C LYS A 148 4.37 5.86 14.40
N LEU B 1 5.02 14.78 19.23
CA LEU B 1 5.46 14.87 20.62
C LEU B 1 4.34 14.43 21.58
N SER B 2 4.62 13.40 22.37
CA SER B 2 3.65 12.89 23.32
C SER B 2 2.34 12.52 22.62
N GLY B 3 1.35 12.11 23.40
CA GLY B 3 0.07 11.72 22.84
C GLY B 3 -1.10 12.23 23.66
N GLY B 4 -1.40 11.53 24.76
CA GLY B 4 -2.50 11.93 25.62
C GLY B 4 -3.84 11.44 25.11
N GLU B 5 -4.15 11.74 23.86
CA GLU B 5 -5.41 11.31 23.27
C GLU B 5 -5.32 9.89 22.75
N LEU B 6 -6.26 9.05 23.15
CA LEU B 6 -6.29 7.66 22.73
C LEU B 6 -6.19 7.54 21.22
N ASP B 7 -5.18 6.82 20.74
CA ASP B 7 -4.98 6.63 19.31
C ASP B 7 -5.33 5.21 18.90
N LYS B 8 -6.62 4.91 18.86
CA LYS B 8 -7.09 3.59 18.48
C LYS B 8 -6.70 3.26 17.04
N TRP B 9 -6.33 4.29 16.28
CA TRP B 9 -5.93 4.12 14.89
C TRP B 9 -4.87 3.03 14.76
N GLU B 10 -4.03 2.92 15.79
CA GLU B 10 -2.97 1.92 15.79
C GLU B 10 -3.53 0.52 15.54
N LYS B 11 -4.74 0.27 16.04
CA LYS B 11 -5.39 -1.02 15.88
C LYS B 11 -5.71 -1.28 14.41
N ILE B 12 -5.92 -0.21 13.65
CA ILE B 12 -6.22 -0.32 12.23
C ILE B 12 -4.95 -0.29 11.38
N ARG B 13 -3.94 0.41 11.88
CA ARG B 13 -2.67 0.52 11.18
C ARG B 13 -2.11 -0.86 10.85
N LEU B 14 -2.46 -1.85 11.67
CA LEU B 14 -1.99 -3.21 11.47
C LEU B 14 -0.47 -3.27 11.45
N ARG B 15 0.08 -4.46 11.18
CA ARG B 15 1.52 -4.64 11.13
C ARG B 15 2.00 -4.85 9.70
N PRO B 16 3.19 -4.32 9.38
CA PRO B 16 3.78 -4.44 8.06
C PRO B 16 4.22 -5.86 7.73
N GLY B 17 4.95 -6.47 8.67
CA GLY B 17 5.42 -7.83 8.47
C GLY B 17 6.75 -7.88 7.75
N GLY B 18 6.73 -7.63 6.46
CA GLY B 18 7.95 -7.65 5.67
C GLY B 18 7.69 -7.90 4.20
N LYS B 19 8.04 -9.10 3.73
CA LYS B 19 7.85 -9.46 2.33
C LYS B 19 8.18 -8.29 1.42
N LYS B 20 9.26 -7.58 1.73
CA LYS B 20 9.68 -6.44 0.93
C LYS B 20 10.69 -6.86 -0.13
N GLN B 21 11.03 -5.94 -1.02
CA GLN B 21 11.99 -6.21 -2.08
C GLN B 21 13.30 -6.74 -1.51
N TYR B 22 14.05 -5.87 -0.85
CA TYR B 22 15.32 -6.25 -0.25
C TYR B 22 15.17 -7.48 0.62
N LYS B 23 15.95 -8.52 0.32
CA LYS B 23 15.91 -9.76 1.07
C LYS B 23 17.23 -10.00 1.80
N LEU B 24 17.85 -8.93 2.24
CA LEU B 24 19.13 -9.03 2.96
C LEU B 24 19.04 -8.36 4.33
N LYS B 25 18.39 -7.20 4.38
CA LYS B 25 18.22 -6.46 5.62
C LYS B 25 17.71 -7.38 6.73
N HIS B 26 16.75 -8.23 6.40
CA HIS B 26 16.17 -9.15 7.38
C HIS B 26 17.27 -9.92 8.09
N ILE B 27 18.30 -10.31 7.36
CA ILE B 27 19.42 -11.05 7.93
C ILE B 27 19.95 -10.36 9.19
N VAL B 28 20.01 -9.04 9.15
CA VAL B 28 20.50 -8.26 10.28
C VAL B 28 19.81 -8.69 11.57
N TRP B 29 18.52 -8.96 11.48
CA TRP B 29 17.74 -9.38 12.65
C TRP B 29 18.33 -10.64 13.27
N ALA B 30 18.77 -11.57 12.41
CA ALA B 30 19.35 -12.82 12.87
C ALA B 30 20.64 -12.57 13.65
N SER B 31 21.22 -11.39 13.46
CA SER B 31 22.46 -11.04 14.15
C SER B 31 22.20 -10.75 15.62
N ARG B 32 20.93 -10.49 15.96
CA ARG B 32 20.56 -10.20 17.34
C ARG B 32 21.00 -11.32 18.28
N GLU B 33 21.03 -12.53 17.76
CA GLU B 33 21.44 -13.69 18.56
C GLU B 33 22.96 -13.77 18.66
N LEU B 34 23.63 -13.61 17.52
CA LEU B 34 25.08 -13.67 17.47
C LEU B 34 25.70 -12.57 18.33
N GLU B 35 26.42 -12.97 19.38
CA GLU B 35 27.06 -12.02 20.28
C GLU B 35 27.94 -11.05 19.50
N ARG B 36 28.25 -9.92 20.13
CA ARG B 36 29.08 -8.90 19.50
C ARG B 36 30.30 -8.58 20.37
CA CA C . -17.36 5.43 2.13
CA CA D . -9.76 15.23 5.69
CA CA E . 34.89 -6.54 5.28
CA CA F . 28.98 -0.72 -3.26
N ALA A 1 3.69 2.80 16.50
CA ALA A 1 3.56 3.34 17.85
C ALA A 1 4.93 3.55 18.48
N ASP A 2 5.10 4.69 19.14
CA ASP A 2 6.37 5.01 19.79
C ASP A 2 6.56 4.16 21.05
N GLN A 3 6.97 2.92 20.87
CA GLN A 3 7.19 2.01 21.98
C GLN A 3 8.68 1.81 22.23
N LEU A 4 9.46 2.87 22.05
CA LEU A 4 10.90 2.80 22.27
C LEU A 4 11.28 3.44 23.60
N THR A 5 11.69 2.60 24.55
CA THR A 5 12.09 3.07 25.86
C THR A 5 13.61 3.15 25.99
N GLU A 6 14.08 3.64 27.13
CA GLU A 6 15.51 3.77 27.38
C GLU A 6 16.21 2.43 27.24
N GLU A 7 15.54 1.36 27.67
CA GLU A 7 16.09 0.02 27.61
C GLU A 7 16.22 -0.44 26.16
N GLN A 8 15.27 -0.04 25.32
CA GLN A 8 15.29 -0.41 23.92
C GLN A 8 16.28 0.44 23.14
N ILE A 9 16.31 1.73 23.44
CA ILE A 9 17.21 2.65 22.76
C ILE A 9 18.65 2.41 23.18
N ALA A 10 18.87 2.20 24.48
CA ALA A 10 20.21 1.94 25.00
C ALA A 10 20.89 0.82 24.24
N GLU A 11 20.09 -0.11 23.73
CA GLU A 11 20.62 -1.25 22.98
C GLU A 11 21.07 -0.82 21.59
N PHE A 12 20.19 -0.14 20.86
CA PHE A 12 20.48 0.32 19.51
C PHE A 12 21.65 1.31 19.54
N LYS A 13 21.60 2.26 20.47
CA LYS A 13 22.65 3.27 20.59
C LYS A 13 24.01 2.61 20.76
N GLU A 14 24.02 1.40 21.30
CA GLU A 14 25.26 0.66 21.51
C GLU A 14 25.82 0.15 20.19
N ALA A 15 24.93 -0.29 19.31
CA ALA A 15 25.35 -0.81 18.01
C ALA A 15 26.00 0.30 17.17
N PHE A 16 25.41 1.48 17.18
CA PHE A 16 25.94 2.61 16.42
C PHE A 16 27.38 2.90 16.83
N SER A 17 27.61 3.09 18.12
CA SER A 17 28.93 3.39 18.63
C SER A 17 29.95 2.35 18.14
N LEU A 18 29.50 1.12 18.00
CA LEU A 18 30.37 0.04 17.53
C LEU A 18 30.87 0.31 16.12
N PHE A 19 29.95 0.71 15.24
CA PHE A 19 30.30 1.01 13.85
C PHE A 19 31.09 2.31 13.76
N ASP A 20 30.88 3.20 14.73
CA ASP A 20 31.57 4.47 14.77
C ASP A 20 32.96 4.33 15.37
N LYS A 21 33.97 4.23 14.51
CA LYS A 21 35.35 4.09 14.96
C LYS A 21 35.84 5.37 15.65
N ASP A 22 35.67 6.50 14.97
CA ASP A 22 36.08 7.78 15.52
C ASP A 22 35.06 8.31 16.52
N GLY A 23 33.90 7.64 16.58
CA GLY A 23 32.86 8.06 17.49
C GLY A 23 32.52 9.54 17.37
N ASP A 24 32.41 10.01 16.14
CA ASP A 24 32.09 11.42 15.89
C ASP A 24 30.58 11.63 15.84
N GLY A 25 29.84 10.53 15.70
CA GLY A 25 28.39 10.63 15.65
C GLY A 25 27.85 10.50 14.24
N THR A 26 28.69 9.98 13.33
CA THR A 26 28.29 9.81 11.94
C THR A 26 29.09 8.70 11.28
N ILE A 27 28.39 7.80 10.60
CA ILE A 27 29.03 6.68 9.91
C ILE A 27 29.35 7.04 8.47
N THR A 28 30.63 7.15 8.15
CA THR A 28 31.06 7.49 6.80
C THR A 28 31.46 6.23 6.03
N THR A 29 31.84 6.41 4.77
CA THR A 29 32.24 5.30 3.92
C THR A 29 33.48 4.62 4.48
N LYS A 30 34.30 5.37 5.21
CA LYS A 30 35.52 4.83 5.80
C LYS A 30 35.20 3.85 6.92
N GLU A 31 34.35 4.28 7.84
CA GLU A 31 33.95 3.44 8.97
C GLU A 31 33.00 2.35 8.52
N LEU A 32 32.17 2.65 7.52
CA LEU A 32 31.21 1.69 7.00
C LEU A 32 31.91 0.62 6.17
N GLY A 33 32.87 1.05 5.35
CA GLY A 33 33.60 0.12 4.51
C GLY A 33 34.52 -0.78 5.31
N THR A 34 35.10 -0.24 6.37
CA THR A 34 36.01 -1.00 7.22
C THR A 34 35.28 -2.11 7.96
N VAL A 35 34.29 -1.74 8.76
CA VAL A 35 33.53 -2.71 9.53
C VAL A 35 32.96 -3.80 8.62
N MET A 36 32.28 -3.37 7.56
CA MET A 36 31.70 -4.31 6.61
C MET A 36 32.73 -5.33 6.12
N ARG A 37 33.98 -4.90 6.08
CA ARG A 37 35.07 -5.76 5.64
C ARG A 37 35.39 -6.83 6.69
N SER A 38 35.61 -6.38 7.92
CA SER A 38 35.93 -7.30 9.01
C SER A 38 34.81 -8.31 9.21
N LEU A 39 33.59 -7.93 8.81
CA LEU A 39 32.44 -8.81 8.94
C LEU A 39 32.43 -9.87 7.84
N GLY A 40 33.25 -9.67 6.83
CA GLY A 40 33.33 -10.61 5.73
C GLY A 40 32.56 -10.13 4.51
N GLN A 41 32.38 -8.83 4.39
CA GLN A 41 31.66 -8.25 3.26
C GLN A 41 32.51 -7.21 2.56
N ASN A 42 32.62 -7.33 1.23
CA ASN A 42 33.41 -6.40 0.44
C ASN A 42 32.50 -5.52 -0.42
N PRO A 43 31.96 -4.46 0.18
CA PRO A 43 31.07 -3.53 -0.51
C PRO A 43 31.81 -2.68 -1.55
N THR A 44 31.05 -1.99 -2.40
CA THR A 44 31.63 -1.15 -3.44
C THR A 44 31.36 0.33 -3.17
N GLU A 45 32.22 1.19 -3.71
CA GLU A 45 32.07 2.62 -3.52
C GLU A 45 30.65 3.08 -3.90
N ALA A 46 30.12 2.52 -4.97
CA ALA A 46 28.78 2.85 -5.43
C ALA A 46 27.72 2.25 -4.52
N GLU A 47 28.03 1.10 -3.94
CA GLU A 47 27.10 0.42 -3.04
C GLU A 47 26.96 1.18 -1.73
N LEU A 48 28.09 1.52 -1.12
CA LEU A 48 28.10 2.24 0.14
C LEU A 48 27.30 3.52 0.04
N GLN A 49 27.59 4.33 -0.99
CA GLN A 49 26.90 5.59 -1.20
C GLN A 49 25.41 5.36 -1.40
N ASP A 50 25.06 4.18 -1.91
CA ASP A 50 23.66 3.85 -2.14
C ASP A 50 22.95 3.52 -0.83
N MET A 51 23.57 2.64 -0.04
CA MET A 51 22.99 2.24 1.25
C MET A 51 22.98 3.41 2.22
N ILE A 52 24.08 4.17 2.24
CA ILE A 52 24.19 5.32 3.13
C ILE A 52 23.19 6.41 2.75
N ASN A 53 23.00 6.59 1.45
CA ASN A 53 22.07 7.61 0.96
C ASN A 53 20.64 7.31 1.42
N GLU A 54 20.30 6.03 1.48
CA GLU A 54 18.97 5.61 1.91
C GLU A 54 18.71 6.02 3.36
N VAL A 55 19.79 6.07 4.14
CA VAL A 55 19.69 6.44 5.56
C VAL A 55 20.19 7.86 5.79
N ASP A 56 20.39 8.60 4.70
CA ASP A 56 20.87 9.96 4.78
C ASP A 56 19.71 10.95 4.89
N ALA A 57 19.42 11.38 6.12
CA ALA A 57 18.33 12.32 6.36
C ALA A 57 18.81 13.76 6.25
N ASP A 58 19.97 14.04 6.84
CA ASP A 58 20.54 15.38 6.81
C ASP A 58 21.32 15.61 5.52
N GLY A 59 21.35 14.58 4.67
CA GLY A 59 22.06 14.70 3.40
C GLY A 59 23.51 15.09 3.59
N ASN A 60 24.24 14.32 4.40
CA ASN A 60 25.65 14.60 4.66
C ASN A 60 26.53 13.49 4.10
N GLY A 61 25.92 12.35 3.79
CA GLY A 61 26.67 11.23 3.26
C GLY A 61 27.14 10.27 4.34
N THR A 62 26.50 10.35 5.51
CA THR A 62 26.85 9.48 6.62
C THR A 62 25.63 9.12 7.46
N ILE A 63 25.77 8.13 8.32
CA ILE A 63 24.67 7.70 9.18
C ILE A 63 24.76 8.34 10.55
N ASP A 64 23.85 9.26 10.84
CA ASP A 64 23.82 9.95 12.11
C ASP A 64 23.30 9.03 13.22
N PHE A 65 23.20 9.57 14.44
CA PHE A 65 22.71 8.79 15.57
C PHE A 65 21.29 8.31 15.33
N PRO A 66 20.37 9.26 15.11
CA PRO A 66 18.96 8.95 14.87
C PRO A 66 18.73 8.27 13.51
N GLU A 67 19.60 8.60 12.55
CA GLU A 67 19.49 8.02 11.22
C GLU A 67 19.57 6.50 11.27
N PHE A 68 20.46 5.99 12.12
CA PHE A 68 20.64 4.55 12.27
C PHE A 68 19.47 3.93 13.04
N LEU A 69 18.95 4.66 14.00
CA LEU A 69 17.82 4.19 14.81
C LEU A 69 16.55 4.12 13.98
N THR A 70 16.20 5.23 13.34
CA THR A 70 15.01 5.30 12.51
C THR A 70 14.99 4.17 11.48
N MET A 71 16.18 3.72 11.09
CA MET A 71 16.30 2.65 10.10
C MET A 71 15.74 1.35 10.66
N MET A 72 16.06 1.06 11.92
CA MET A 72 15.59 -0.16 12.56
C MET A 72 14.09 -0.08 12.86
N ALA A 73 13.63 1.11 13.21
CA ALA A 73 12.22 1.33 13.50
C ALA A 73 11.37 1.33 12.24
N ARG A 74 11.99 1.76 11.13
CA ARG A 74 11.30 1.81 9.85
C ARG A 74 10.91 0.42 9.37
N LYS A 75 11.66 -0.58 9.84
CA LYS A 75 11.39 -1.97 9.46
C LYS A 75 9.94 -2.34 9.70
N MET A 76 9.33 -1.70 10.71
CA MET A 76 7.94 -1.96 11.04
C MET A 76 7.05 -1.83 9.81
N LYS A 77 7.32 -0.81 8.99
CA LYS A 77 6.55 -0.58 7.78
C LYS A 77 7.42 0.01 6.69
N ASP A 78 7.40 -0.62 5.52
CA ASP A 78 8.20 -0.15 4.39
C ASP A 78 7.51 -0.51 3.06
N THR A 79 7.58 -1.78 2.70
CA THR A 79 6.97 -2.26 1.46
C THR A 79 5.80 -3.18 1.73
N ASP A 80 4.95 -3.37 0.73
CA ASP A 80 3.78 -4.23 0.87
C ASP A 80 2.73 -3.58 1.76
N SER A 81 3.00 -2.36 2.21
CA SER A 81 2.09 -1.63 3.07
C SER A 81 0.97 -0.99 2.26
N GLU A 82 1.32 -0.47 1.09
CA GLU A 82 0.34 0.18 0.22
C GLU A 82 -0.77 -0.79 -0.16
N GLU A 83 -0.39 -2.05 -0.40
CA GLU A 83 -1.36 -3.07 -0.77
C GLU A 83 -2.44 -3.22 0.29
N GLU A 84 -2.02 -3.24 1.55
CA GLU A 84 -2.95 -3.37 2.67
C GLU A 84 -3.87 -2.16 2.75
N ILE A 85 -3.35 -0.99 2.40
CA ILE A 85 -4.12 0.24 2.43
C ILE A 85 -5.22 0.23 1.38
N ARG A 86 -4.86 -0.08 0.14
CA ARG A 86 -5.81 -0.12 -0.95
C ARG A 86 -6.82 -1.25 -0.75
N GLU A 87 -6.36 -2.34 -0.15
CA GLU A 87 -7.22 -3.50 0.11
C GLU A 87 -8.15 -3.23 1.29
N ALA A 88 -7.63 -2.50 2.28
CA ALA A 88 -8.41 -2.18 3.47
C ALA A 88 -9.43 -1.07 3.18
N PHE A 89 -9.05 -0.14 2.31
CA PHE A 89 -9.92 0.96 1.94
C PHE A 89 -11.20 0.46 1.29
N ARG A 90 -11.05 -0.43 0.31
CA ARG A 90 -12.19 -0.99 -0.39
C ARG A 90 -13.11 -1.75 0.56
N VAL A 91 -12.54 -2.23 1.66
CA VAL A 91 -13.31 -2.97 2.66
C VAL A 91 -14.16 -2.02 3.50
N PHE A 92 -13.54 -0.98 4.04
CA PHE A 92 -14.24 -0.01 4.87
C PHE A 92 -15.17 0.85 4.02
N ASP A 93 -14.83 1.00 2.75
CA ASP A 93 -15.63 1.80 1.83
C ASP A 93 -16.89 1.04 1.41
N LYS A 94 -17.96 1.19 2.19
CA LYS A 94 -19.22 0.52 1.89
C LYS A 94 -19.94 1.20 0.73
N ASP A 95 -20.09 2.51 0.82
CA ASP A 95 -20.76 3.28 -0.23
C ASP A 95 -19.87 3.39 -1.47
N GLY A 96 -18.62 2.95 -1.34
CA GLY A 96 -17.70 3.02 -2.45
C GLY A 96 -17.49 4.43 -2.96
N ASN A 97 -17.65 5.41 -2.07
CA ASN A 97 -17.47 6.80 -2.43
C ASN A 97 -15.99 7.20 -2.39
N GLY A 98 -15.19 6.37 -1.74
CA GLY A 98 -13.76 6.65 -1.65
C GLY A 98 -13.41 7.48 -0.43
N TYR A 99 -14.32 7.53 0.54
CA TYR A 99 -14.11 8.29 1.76
C TYR A 99 -14.56 7.51 2.99
N ILE A 100 -13.94 7.81 4.12
CA ILE A 100 -14.27 7.13 5.37
C ILE A 100 -14.68 8.13 6.44
N SER A 101 -15.95 8.05 6.85
CA SER A 101 -16.48 8.96 7.87
C SER A 101 -16.68 8.21 9.19
N ALA A 102 -16.86 8.98 10.27
CA ALA A 102 -17.07 8.40 11.58
C ALA A 102 -18.19 7.36 11.57
N ALA A 103 -19.15 7.54 10.67
CA ALA A 103 -20.26 6.62 10.54
C ALA A 103 -19.81 5.27 10.00
N GLU A 104 -18.94 5.32 8.98
CA GLU A 104 -18.43 4.10 8.37
C GLU A 104 -17.35 3.46 9.24
N LEU A 105 -16.39 4.27 9.67
CA LEU A 105 -15.30 3.78 10.52
C LEU A 105 -15.85 3.05 11.74
N ARG A 106 -16.82 3.67 12.40
CA ARG A 106 -17.43 3.09 13.60
C ARG A 106 -17.92 1.67 13.31
N HIS A 107 -18.33 1.43 12.08
CA HIS A 107 -18.82 0.12 11.67
C HIS A 107 -17.69 -0.91 11.65
N VAL A 108 -16.51 -0.45 11.28
CA VAL A 108 -15.34 -1.33 11.21
C VAL A 108 -14.89 -1.75 12.61
N MET A 109 -15.08 -0.86 13.58
CA MET A 109 -14.70 -1.13 14.95
C MET A 109 -15.65 -2.14 15.60
N THR A 110 -16.95 -1.94 15.36
CA THR A 110 -17.96 -2.83 15.92
C THR A 110 -17.69 -4.28 15.54
N ASN A 111 -17.28 -4.50 14.29
CA ASN A 111 -17.00 -5.84 13.80
C ASN A 111 -15.71 -6.37 14.41
N LEU A 112 -14.77 -5.47 14.68
CA LEU A 112 -13.49 -5.85 15.27
C LEU A 112 -13.66 -6.28 16.73
N GLY A 113 -14.71 -5.77 17.36
CA GLY A 113 -14.97 -6.10 18.75
C GLY A 113 -14.53 -5.02 19.70
N GLU A 114 -14.61 -3.77 19.26
CA GLU A 114 -14.20 -2.64 20.09
C GLU A 114 -15.40 -1.77 20.44
N LYS A 115 -15.79 -1.79 21.71
CA LYS A 115 -16.93 -1.01 22.18
C LYS A 115 -16.63 0.49 22.10
N LEU A 116 -17.26 1.16 21.15
CA LEU A 116 -17.06 2.59 20.97
C LEU A 116 -18.36 3.28 20.56
N THR A 117 -18.42 4.60 20.75
CA THR A 117 -19.61 5.37 20.41
C THR A 117 -19.30 6.42 19.36
N ASP A 118 -20.32 7.14 18.92
CA ASP A 118 -20.14 8.19 17.91
C ASP A 118 -19.13 9.22 18.37
N GLU A 119 -19.22 9.62 19.63
CA GLU A 119 -18.31 10.61 20.19
C GLU A 119 -16.88 10.07 20.22
N GLU A 120 -16.76 8.77 20.45
CA GLU A 120 -15.45 8.12 20.51
C GLU A 120 -14.79 8.09 19.14
N VAL A 121 -15.57 7.73 18.12
CA VAL A 121 -15.07 7.65 16.76
C VAL A 121 -14.53 9.00 16.29
N ASP A 122 -15.12 10.08 16.79
CA ASP A 122 -14.69 11.42 16.44
C ASP A 122 -13.19 11.58 16.64
N GLU A 123 -12.68 11.06 17.75
CA GLU A 123 -11.27 11.15 18.07
C GLU A 123 -10.42 10.56 16.93
N MET A 124 -10.96 9.54 16.27
CA MET A 124 -10.26 8.90 15.16
C MET A 124 -10.31 9.76 13.91
N ILE A 125 -11.52 10.06 13.45
CA ILE A 125 -11.71 10.87 12.25
C ILE A 125 -10.96 12.20 12.38
N ARG A 126 -10.93 12.74 13.58
CA ARG A 126 -10.26 14.01 13.84
C ARG A 126 -8.76 13.89 13.57
N GLU A 127 -8.21 12.70 13.81
CA GLU A 127 -6.79 12.46 13.59
C GLU A 127 -6.48 12.34 12.11
N ALA A 128 -7.21 11.47 11.42
CA ALA A 128 -7.01 11.27 9.99
C ALA A 128 -7.37 12.52 9.21
N ASP A 129 -8.36 13.26 9.68
CA ASP A 129 -8.79 14.49 9.01
C ASP A 129 -7.72 15.57 9.13
N ILE A 130 -6.78 15.57 8.20
CA ILE A 130 -5.70 16.54 8.20
C ILE A 130 -6.18 17.87 7.61
N ASP A 131 -6.87 17.80 6.49
CA ASP A 131 -7.38 19.01 5.83
C ASP A 131 -8.55 19.59 6.61
N GLY A 132 -9.02 18.85 7.61
CA GLY A 132 -10.14 19.32 8.41
C GLY A 132 -11.40 19.49 7.59
N ASP A 133 -11.68 18.53 6.72
CA ASP A 133 -12.87 18.57 5.89
C ASP A 133 -14.07 17.93 6.60
N GLY A 134 -13.78 17.18 7.66
CA GLY A 134 -14.85 16.52 8.40
C GLY A 134 -14.94 15.04 8.10
N GLN A 135 -14.03 14.55 7.26
CA GLN A 135 -14.01 13.14 6.88
C GLN A 135 -12.59 12.67 6.59
N VAL A 136 -12.43 11.37 6.40
CA VAL A 136 -11.13 10.79 6.11
C VAL A 136 -11.03 10.35 4.65
N ASN A 137 -10.20 11.05 3.88
CA ASN A 137 -10.03 10.73 2.46
C ASN A 137 -8.84 9.78 2.27
N TYR A 138 -8.75 9.20 1.08
CA TYR A 138 -7.68 8.27 0.77
C TYR A 138 -6.31 8.89 1.08
N GLU A 139 -6.13 10.14 0.64
CA GLU A 139 -4.88 10.85 0.88
C GLU A 139 -4.50 10.80 2.35
N GLU A 140 -5.49 10.97 3.23
CA GLU A 140 -5.26 10.95 4.66
C GLU A 140 -5.10 9.52 5.17
N PHE A 141 -5.92 8.62 4.64
CA PHE A 141 -5.88 7.23 5.04
C PHE A 141 -4.51 6.61 4.73
N VAL A 142 -3.94 6.99 3.60
CA VAL A 142 -2.64 6.48 3.20
C VAL A 142 -1.52 7.06 4.06
N GLN A 143 -1.66 8.33 4.42
CA GLN A 143 -0.66 9.00 5.25
C GLN A 143 -0.72 8.49 6.68
N MET A 144 -1.91 8.10 7.12
CA MET A 144 -2.10 7.59 8.47
C MET A 144 -1.55 6.18 8.60
N MET A 145 -1.81 5.35 7.60
CA MET A 145 -1.35 3.97 7.59
C MET A 145 0.13 3.89 7.19
N THR A 146 0.58 4.88 6.42
CA THR A 146 1.96 4.93 5.97
C THR A 146 2.72 6.06 6.64
N ALA A 147 2.22 6.51 7.78
CA ALA A 147 2.85 7.60 8.51
C ALA A 147 4.27 7.22 8.93
N LYS A 148 4.87 8.05 9.78
CA LYS A 148 6.22 7.81 10.27
C LYS A 148 6.25 6.64 11.25
N LEU B 1 3.36 -3.82 25.50
CA LEU B 1 1.94 -3.70 25.80
C LEU B 1 1.55 -2.25 26.06
N SER B 2 0.28 -1.94 25.90
CA SER B 2 -0.22 -0.58 26.12
C SER B 2 -1.71 -0.59 26.46
N GLY B 3 -2.26 0.59 26.73
CA GLY B 3 -3.66 0.69 27.06
C GLY B 3 -4.01 2.00 27.74
N GLY B 4 -5.20 2.51 27.48
CA GLY B 4 -5.63 3.77 28.07
C GLY B 4 -5.49 4.94 27.12
N GLU B 5 -4.48 4.89 26.26
CA GLU B 5 -4.24 5.96 25.30
C GLU B 5 -5.04 5.72 24.02
N LEU B 6 -4.88 6.63 23.07
CA LEU B 6 -5.58 6.52 21.79
C LEU B 6 -4.79 5.68 20.79
N ASP B 7 -4.80 4.36 21.00
CA ASP B 7 -4.08 3.45 20.11
C ASP B 7 -5.03 2.76 19.14
N LYS B 8 -6.16 3.41 18.86
CA LYS B 8 -7.16 2.86 17.95
C LYS B 8 -6.61 2.77 16.53
N TRP B 9 -6.17 3.90 15.99
CA TRP B 9 -5.62 3.95 14.64
C TRP B 9 -4.49 2.95 14.49
N GLU B 10 -3.67 2.82 15.52
CA GLU B 10 -2.54 1.89 15.49
C GLU B 10 -3.02 0.47 15.20
N LYS B 11 -4.26 0.17 15.56
CA LYS B 11 -4.83 -1.14 15.34
C LYS B 11 -5.27 -1.31 13.88
N ILE B 12 -5.56 -0.19 13.22
CA ILE B 12 -5.99 -0.22 11.83
C ILE B 12 -4.79 -0.11 10.89
N ARG B 13 -3.71 0.49 11.38
CA ARG B 13 -2.50 0.66 10.59
C ARG B 13 -2.02 -0.68 10.04
N LEU B 14 -2.11 -1.72 10.85
CA LEU B 14 -1.69 -3.05 10.45
C LEU B 14 -0.27 -3.04 9.91
N ARG B 15 0.15 -4.15 9.32
CA ARG B 15 1.50 -4.26 8.76
C ARG B 15 2.55 -4.05 9.84
N PRO B 16 2.80 -5.10 10.64
CA PRO B 16 3.79 -5.05 11.73
C PRO B 16 5.22 -4.97 11.20
N GLY B 17 5.45 -5.52 10.02
CA GLY B 17 6.77 -5.51 9.42
C GLY B 17 6.72 -5.50 7.91
N GLY B 18 7.88 -5.27 7.28
CA GLY B 18 7.94 -5.24 5.83
C GLY B 18 8.60 -6.48 5.26
N LYS B 19 9.71 -6.30 4.56
CA LYS B 19 10.43 -7.41 3.95
C LYS B 19 11.92 -7.13 3.91
N LYS B 20 12.33 -6.26 3.01
CA LYS B 20 13.74 -5.90 2.86
C LYS B 20 13.92 -4.81 1.82
N GLN B 21 14.72 -3.79 2.16
CA GLN B 21 14.97 -2.69 1.25
C GLN B 21 15.97 -1.70 1.85
N TYR B 22 17.11 -2.22 2.29
CA TYR B 22 18.15 -1.39 2.88
C TYR B 22 19.52 -2.05 2.73
N LYS B 23 19.59 -3.33 3.05
CA LYS B 23 20.85 -4.08 2.95
C LYS B 23 21.90 -3.48 3.87
N LEU B 24 21.46 -2.85 4.95
CA LEU B 24 22.37 -2.23 5.91
C LEU B 24 22.08 -2.71 7.32
N LYS B 25 20.82 -2.60 7.73
CA LYS B 25 20.40 -3.03 9.07
C LYS B 25 20.94 -4.42 9.38
N HIS B 26 20.79 -5.34 8.44
CA HIS B 26 21.25 -6.71 8.61
C HIS B 26 22.71 -6.73 9.07
N ILE B 27 23.51 -5.84 8.52
CA ILE B 27 24.92 -5.75 8.87
C ILE B 27 25.10 -5.67 10.37
N VAL B 28 24.22 -4.92 11.04
CA VAL B 28 24.28 -4.77 12.48
C VAL B 28 24.42 -6.12 13.18
N TRP B 29 23.70 -7.12 12.67
CA TRP B 29 23.74 -8.46 13.23
C TRP B 29 25.15 -9.02 13.21
N ALA B 30 25.87 -8.75 12.13
CA ALA B 30 27.24 -9.23 11.97
C ALA B 30 28.16 -8.61 13.02
N SER B 31 27.71 -7.51 13.62
CA SER B 31 28.49 -6.82 14.65
C SER B 31 28.56 -7.66 15.92
N ARG B 32 27.66 -8.63 16.05
CA ARG B 32 27.62 -9.50 17.22
C ARG B 32 28.97 -10.19 17.43
N GLU B 33 29.72 -10.34 16.34
CA GLU B 33 31.03 -10.98 16.40
C GLU B 33 32.13 -9.96 16.72
N LEU B 34 32.11 -8.84 16.00
CA LEU B 34 33.10 -7.80 16.20
C LEU B 34 33.04 -7.25 17.63
N GLU B 35 34.04 -6.47 17.99
CA GLU B 35 34.09 -5.88 19.34
C GLU B 35 34.96 -4.62 19.34
N ARG B 36 36.15 -4.74 18.77
CA ARG B 36 37.08 -3.62 18.70
C ARG B 36 37.45 -3.29 17.26
CA CA C . -17.13 5.25 2.23
CA CA D . -10.01 15.06 5.52
CA CA E . 32.46 8.57 12.22
CA CA F . 23.15 11.55 7.33
N ALA A 1 12.11 -24.23 -14.94
CA ALA A 1 13.39 -24.21 -15.64
C ALA A 1 14.05 -22.84 -15.56
N ASP A 2 13.52 -21.89 -16.33
CA ASP A 2 14.06 -20.53 -16.34
C ASP A 2 13.14 -19.58 -15.58
N GLN A 3 13.48 -18.29 -15.61
CA GLN A 3 12.69 -17.29 -14.92
C GLN A 3 11.39 -17.00 -15.68
N LEU A 4 11.51 -16.28 -16.79
CA LEU A 4 10.36 -15.94 -17.60
C LEU A 4 10.64 -16.18 -19.08
N THR A 5 9.60 -16.51 -19.84
CA THR A 5 9.73 -16.77 -21.26
C THR A 5 8.90 -15.79 -22.08
N GLU A 6 8.99 -15.91 -23.41
CA GLU A 6 8.24 -15.02 -24.30
C GLU A 6 6.75 -15.09 -24.00
N GLU A 7 6.29 -16.26 -23.53
CA GLU A 7 4.89 -16.45 -23.21
C GLU A 7 4.47 -15.60 -22.01
N GLN A 8 5.36 -15.51 -21.03
CA GLN A 8 5.08 -14.72 -19.83
C GLN A 8 5.29 -13.24 -20.09
N ILE A 9 6.28 -12.91 -20.91
CA ILE A 9 6.58 -11.53 -21.25
C ILE A 9 5.53 -10.96 -22.20
N ALA A 10 5.06 -11.78 -23.13
CA ALA A 10 4.06 -11.36 -24.09
C ALA A 10 2.72 -11.08 -23.40
N GLU A 11 2.50 -11.73 -22.26
CA GLU A 11 1.27 -11.55 -21.50
C GLU A 11 1.27 -10.21 -20.77
N PHE A 12 2.40 -9.90 -20.13
CA PHE A 12 2.54 -8.65 -19.38
C PHE A 12 2.72 -7.48 -20.34
N LYS A 13 3.59 -7.65 -21.33
CA LYS A 13 3.85 -6.59 -22.31
C LYS A 13 2.57 -6.15 -22.99
N GLU A 14 1.75 -7.13 -23.39
CA GLU A 14 0.49 -6.84 -24.05
C GLU A 14 -0.35 -5.85 -23.24
N ALA A 15 -0.22 -5.93 -21.92
CA ALA A 15 -0.96 -5.05 -21.02
C ALA A 15 -0.49 -3.61 -21.16
N PHE A 16 0.83 -3.43 -21.24
CA PHE A 16 1.41 -2.10 -21.38
C PHE A 16 0.84 -1.37 -22.58
N SER A 17 0.91 -2.01 -23.75
CA SER A 17 0.40 -1.41 -24.98
C SER A 17 -1.07 -1.03 -24.82
N LEU A 18 -1.77 -1.73 -23.95
CA LEU A 18 -3.18 -1.46 -23.71
C LEU A 18 -3.37 -0.10 -23.03
N PHE A 19 -2.49 0.22 -22.09
CA PHE A 19 -2.56 1.48 -21.38
C PHE A 19 -1.91 2.60 -22.18
N ASP A 20 -0.86 2.25 -22.91
CA ASP A 20 -0.14 3.22 -23.73
C ASP A 20 -1.00 3.67 -24.92
N LYS A 21 -1.64 4.83 -24.78
CA LYS A 21 -2.49 5.37 -25.83
C LYS A 21 -1.64 5.87 -27.00
N ASP A 22 -0.73 6.79 -26.70
CA ASP A 22 0.14 7.36 -27.73
C ASP A 22 1.21 6.35 -28.15
N GLY A 23 1.31 5.25 -27.41
CA GLY A 23 2.29 4.23 -27.73
C GLY A 23 3.69 4.79 -27.87
N ASP A 24 4.07 5.67 -26.95
CA ASP A 24 5.39 6.28 -26.97
C ASP A 24 6.41 5.42 -26.23
N GLY A 25 5.91 4.49 -25.42
CA GLY A 25 6.78 3.62 -24.66
C GLY A 25 6.84 3.99 -23.19
N THR A 26 6.30 5.16 -22.87
CA THR A 26 6.30 5.64 -21.49
C THR A 26 4.91 6.12 -21.08
N ILE A 27 4.44 5.66 -19.93
CA ILE A 27 3.12 6.03 -19.42
C ILE A 27 3.22 7.27 -18.53
N THR A 28 2.36 8.26 -18.81
CA THR A 28 2.34 9.49 -18.03
C THR A 28 1.11 9.57 -17.14
N THR A 29 0.96 10.68 -16.44
CA THR A 29 -0.18 10.88 -15.55
C THR A 29 -1.49 10.95 -16.34
N LYS A 30 -1.46 11.64 -17.47
CA LYS A 30 -2.64 11.78 -18.32
C LYS A 30 -3.01 10.44 -18.95
N GLU A 31 -2.03 9.79 -19.56
CA GLU A 31 -2.26 8.50 -20.21
C GLU A 31 -2.85 7.50 -19.22
N LEU A 32 -2.46 7.62 -17.96
CA LEU A 32 -2.95 6.73 -16.91
C LEU A 32 -4.40 7.03 -16.57
N GLY A 33 -4.72 8.31 -16.46
CA GLY A 33 -6.07 8.73 -16.13
C GLY A 33 -7.04 8.46 -17.27
N THR A 34 -6.53 8.48 -18.50
CA THR A 34 -7.37 8.24 -19.67
C THR A 34 -7.93 6.82 -19.67
N VAL A 35 -7.04 5.83 -19.65
CA VAL A 35 -7.45 4.44 -19.66
C VAL A 35 -8.35 4.13 -18.46
N MET A 36 -7.89 4.52 -17.28
CA MET A 36 -8.66 4.29 -16.05
C MET A 36 -10.05 4.87 -16.16
N ARG A 37 -10.18 5.95 -16.94
CA ARG A 37 -11.47 6.60 -17.13
C ARG A 37 -12.49 5.64 -17.74
N SER A 38 -12.09 4.99 -18.84
CA SER A 38 -12.96 4.05 -19.52
C SER A 38 -13.34 2.89 -18.61
N LEU A 39 -12.48 2.60 -17.65
CA LEU A 39 -12.71 1.52 -16.70
C LEU A 39 -13.79 1.90 -15.70
N GLY A 40 -14.03 3.20 -15.54
CA GLY A 40 -15.04 3.66 -14.62
C GLY A 40 -14.44 4.17 -13.32
N GLN A 41 -13.22 4.69 -13.39
CA GLN A 41 -12.54 5.20 -12.21
C GLN A 41 -12.04 6.63 -12.45
N ASN A 42 -12.28 7.50 -11.48
CA ASN A 42 -11.86 8.89 -11.58
C ASN A 42 -10.71 9.18 -10.62
N PRO A 43 -9.48 8.92 -11.08
CA PRO A 43 -8.28 9.15 -10.27
C PRO A 43 -7.99 10.64 -10.07
N THR A 44 -7.07 10.93 -9.16
CA THR A 44 -6.71 12.32 -8.87
C THR A 44 -5.28 12.61 -9.32
N GLU A 45 -4.99 13.89 -9.57
CA GLU A 45 -3.67 14.31 -10.00
C GLU A 45 -2.59 13.76 -9.08
N ALA A 46 -2.87 13.79 -7.78
CA ALA A 46 -1.92 13.30 -6.78
C ALA A 46 -1.85 11.78 -6.80
N GLU A 47 -3.01 11.14 -6.96
CA GLU A 47 -3.09 9.68 -6.98
C GLU A 47 -2.25 9.12 -8.14
N LEU A 48 -2.49 9.62 -9.34
CA LEU A 48 -1.76 9.17 -10.52
C LEU A 48 -0.26 9.31 -10.31
N GLN A 49 0.18 10.48 -9.84
CA GLN A 49 1.59 10.73 -9.61
C GLN A 49 2.19 9.68 -8.67
N ASP A 50 1.43 9.32 -7.64
CA ASP A 50 1.89 8.32 -6.68
C ASP A 50 2.20 7.00 -7.37
N MET A 51 1.33 6.60 -8.29
CA MET A 51 1.50 5.36 -9.03
C MET A 51 2.77 5.40 -9.87
N ILE A 52 2.88 6.42 -10.73
CA ILE A 52 4.05 6.57 -11.58
C ILE A 52 5.33 6.55 -10.77
N ASN A 53 5.40 7.42 -9.76
CA ASN A 53 6.58 7.49 -8.91
C ASN A 53 6.82 6.16 -8.18
N GLU A 54 5.73 5.52 -7.77
CA GLU A 54 5.82 4.25 -7.07
C GLU A 54 6.51 3.20 -7.93
N VAL A 55 6.31 3.29 -9.23
CA VAL A 55 6.91 2.35 -10.18
C VAL A 55 8.00 3.01 -11.01
N ASP A 56 8.50 4.14 -10.52
CA ASP A 56 9.55 4.87 -11.21
C ASP A 56 10.93 4.40 -10.79
N ALA A 57 11.54 3.54 -11.60
CA ALA A 57 12.86 3.01 -11.30
C ALA A 57 13.95 3.91 -11.86
N ASP A 58 13.73 4.44 -13.07
CA ASP A 58 14.69 5.31 -13.71
C ASP A 58 14.47 6.77 -13.29
N GLY A 59 13.48 6.98 -12.43
CA GLY A 59 13.19 8.32 -11.96
C GLY A 59 13.01 9.31 -13.09
N ASN A 60 12.08 9.01 -13.99
CA ASN A 60 11.80 9.87 -15.13
C ASN A 60 10.41 10.48 -15.05
N GLY A 61 9.57 9.89 -14.19
CA GLY A 61 8.21 10.39 -14.03
C GLY A 61 7.23 9.69 -14.95
N THR A 62 7.63 8.54 -15.47
CA THR A 62 6.78 7.77 -16.37
C THR A 62 7.06 6.28 -16.27
N ILE A 63 6.14 5.46 -16.75
CA ILE A 63 6.29 4.01 -16.71
C ILE A 63 6.80 3.48 -18.05
N ASP A 64 8.05 3.04 -18.06
CA ASP A 64 8.66 2.50 -19.28
C ASP A 64 8.14 1.09 -19.57
N PHE A 65 8.72 0.44 -20.56
CA PHE A 65 8.32 -0.91 -20.94
C PHE A 65 8.61 -1.90 -19.82
N PRO A 66 9.88 -1.98 -19.41
CA PRO A 66 10.32 -2.88 -18.34
C PRO A 66 9.81 -2.45 -16.97
N GLU A 67 9.59 -1.14 -16.81
CA GLU A 67 9.10 -0.60 -15.55
C GLU A 67 7.75 -1.21 -15.18
N PHE A 68 6.88 -1.37 -16.17
CA PHE A 68 5.56 -1.94 -15.96
C PHE A 68 5.65 -3.45 -15.73
N LEU A 69 6.57 -4.09 -16.44
CA LEU A 69 6.75 -5.53 -16.32
C LEU A 69 7.31 -5.90 -14.95
N THR A 70 8.42 -5.26 -14.57
CA THR A 70 9.05 -5.53 -13.29
C THR A 70 8.07 -5.32 -12.14
N MET A 71 7.13 -4.39 -12.34
CA MET A 71 6.13 -4.11 -11.32
C MET A 71 5.32 -5.36 -10.97
N MET A 72 5.02 -6.16 -11.98
CA MET A 72 4.26 -7.39 -11.78
C MET A 72 5.13 -8.47 -11.15
N ALA A 73 6.40 -8.52 -11.55
CA ALA A 73 7.33 -9.51 -11.02
C ALA A 73 7.48 -9.36 -9.50
N ARG A 74 7.32 -8.15 -9.01
CA ARG A 74 7.44 -7.88 -7.58
C ARG A 74 6.35 -8.60 -6.80
N LYS A 75 5.29 -8.98 -7.51
CA LYS A 75 4.17 -9.68 -6.88
C LYS A 75 4.65 -10.89 -6.09
N MET A 76 5.74 -11.50 -6.57
CA MET A 76 6.31 -12.67 -5.90
C MET A 76 7.35 -12.25 -4.86
N LYS A 77 7.94 -11.08 -5.06
CA LYS A 77 8.95 -10.56 -4.15
C LYS A 77 8.32 -10.13 -2.83
N ASP A 78 7.63 -9.00 -2.85
CA ASP A 78 6.98 -8.48 -1.65
C ASP A 78 6.26 -7.17 -1.95
N THR A 79 4.93 -7.24 -1.97
CA THR A 79 4.11 -6.06 -2.25
C THR A 79 2.76 -6.15 -1.56
N ASP A 80 2.77 -6.08 -0.23
CA ASP A 80 1.54 -6.16 0.56
C ASP A 80 1.32 -4.86 1.34
N SER A 81 2.41 -4.18 1.68
CA SER A 81 2.33 -2.94 2.43
C SER A 81 1.46 -1.92 1.70
N GLU A 82 1.42 -2.03 0.37
CA GLU A 82 0.63 -1.12 -0.44
C GLU A 82 -0.74 -1.72 -0.76
N GLU A 83 -0.81 -3.05 -0.78
CA GLU A 83 -2.05 -3.74 -1.08
C GLU A 83 -3.01 -3.68 0.11
N GLU A 84 -2.44 -3.71 1.32
CA GLU A 84 -3.24 -3.67 2.53
C GLU A 84 -3.94 -2.32 2.68
N ILE A 85 -3.33 -1.28 2.12
CA ILE A 85 -3.88 0.06 2.19
C ILE A 85 -5.07 0.21 1.24
N ARG A 86 -4.88 -0.21 -0.01
CA ARG A 86 -5.94 -0.14 -1.01
C ARG A 86 -7.05 -1.14 -0.72
N GLU A 87 -6.65 -2.35 -0.34
CA GLU A 87 -7.61 -3.41 -0.04
C GLU A 87 -8.49 -3.01 1.15
N ALA A 88 -7.86 -2.71 2.28
CA ALA A 88 -8.58 -2.32 3.48
C ALA A 88 -9.54 -1.16 3.20
N PHE A 89 -9.00 -0.11 2.57
CA PHE A 89 -9.81 1.06 2.24
C PHE A 89 -11.06 0.66 1.46
N ARG A 90 -10.89 -0.24 0.50
CA ARG A 90 -11.99 -0.70 -0.33
C ARG A 90 -12.97 -1.55 0.49
N VAL A 91 -12.42 -2.31 1.45
CA VAL A 91 -13.23 -3.16 2.30
C VAL A 91 -14.15 -2.33 3.20
N PHE A 92 -13.62 -1.24 3.73
CA PHE A 92 -14.39 -0.36 4.59
C PHE A 92 -15.36 0.50 3.78
N ASP A 93 -14.95 0.85 2.57
CA ASP A 93 -15.77 1.66 1.69
C ASP A 93 -16.98 0.88 1.18
N LYS A 94 -18.05 0.86 1.97
CA LYS A 94 -19.27 0.14 1.61
C LYS A 94 -20.08 0.95 0.60
N ASP A 95 -20.15 2.26 0.81
CA ASP A 95 -20.90 3.13 -0.08
C ASP A 95 -20.15 3.35 -1.38
N GLY A 96 -18.91 2.90 -1.42
CA GLY A 96 -18.09 3.06 -2.62
C GLY A 96 -17.91 4.51 -3.00
N ASN A 97 -17.98 5.40 -2.02
CA ASN A 97 -17.82 6.83 -2.26
C ASN A 97 -16.33 7.21 -2.28
N GLY A 98 -15.49 6.32 -1.77
CA GLY A 98 -14.07 6.60 -1.73
C GLY A 98 -13.67 7.48 -0.57
N TYR A 99 -14.54 7.58 0.42
CA TYR A 99 -14.28 8.42 1.59
C TYR A 99 -14.77 7.73 2.87
N ILE A 100 -14.01 7.88 3.95
CA ILE A 100 -14.37 7.28 5.22
C ILE A 100 -14.93 8.34 6.18
N SER A 101 -16.12 8.05 6.71
CA SER A 101 -16.77 8.97 7.64
C SER A 101 -16.73 8.42 9.06
N ALA A 102 -17.37 9.13 9.98
CA ALA A 102 -17.42 8.72 11.39
C ALA A 102 -18.33 7.52 11.57
N ALA A 103 -19.37 7.44 10.75
CA ALA A 103 -20.32 6.34 10.84
C ALA A 103 -19.71 5.04 10.34
N GLU A 104 -19.04 5.10 9.19
CA GLU A 104 -18.41 3.93 8.61
C GLU A 104 -17.20 3.50 9.45
N LEU A 105 -16.40 4.46 9.86
CA LEU A 105 -15.22 4.18 10.66
C LEU A 105 -15.58 3.36 11.90
N ARG A 106 -16.69 3.71 12.53
CA ARG A 106 -17.15 3.01 13.73
C ARG A 106 -17.51 1.57 13.40
N HIS A 107 -18.31 1.39 12.35
CA HIS A 107 -18.73 0.05 11.93
C HIS A 107 -17.53 -0.86 11.70
N VAL A 108 -16.43 -0.27 11.22
CA VAL A 108 -15.21 -1.02 10.96
C VAL A 108 -14.52 -1.39 12.26
N MET A 109 -14.67 -0.56 13.28
CA MET A 109 -14.06 -0.80 14.58
C MET A 109 -14.77 -1.93 15.31
N THR A 110 -16.08 -1.80 15.46
CA THR A 110 -16.88 -2.81 16.14
C THR A 110 -16.61 -4.20 15.57
N ASN A 111 -16.28 -4.26 14.29
CA ASN A 111 -15.99 -5.53 13.62
C ASN A 111 -14.75 -6.18 14.21
N LEU A 112 -13.76 -5.36 14.55
CA LEU A 112 -12.51 -5.86 15.13
C LEU A 112 -12.73 -6.34 16.56
N GLY A 113 -13.91 -6.04 17.10
CA GLY A 113 -14.21 -6.45 18.46
C GLY A 113 -14.06 -5.31 19.46
N GLU A 114 -14.28 -4.10 18.99
CA GLU A 114 -14.17 -2.91 19.84
C GLU A 114 -15.37 -1.99 19.66
N LYS A 115 -16.22 -1.92 20.68
CA LYS A 115 -17.40 -1.07 20.64
C LYS A 115 -17.07 0.36 21.06
N LEU A 116 -17.31 1.31 20.17
CA LEU A 116 -17.04 2.71 20.45
C LEU A 116 -18.28 3.56 20.24
N THR A 117 -18.36 4.68 20.95
CA THR A 117 -19.49 5.58 20.84
C THR A 117 -19.27 6.62 19.74
N ASP A 118 -20.35 7.26 19.31
CA ASP A 118 -20.27 8.27 18.26
C ASP A 118 -19.25 9.34 18.63
N GLU A 119 -19.20 9.71 19.90
CA GLU A 119 -18.27 10.73 20.37
C GLU A 119 -16.83 10.22 20.29
N GLU A 120 -16.65 8.92 20.52
CA GLU A 120 -15.33 8.32 20.48
C GLU A 120 -14.77 8.33 19.06
N VAL A 121 -15.63 8.01 18.09
CA VAL A 121 -15.21 7.99 16.69
C VAL A 121 -14.73 9.36 16.23
N ASP A 122 -15.34 10.41 16.77
CA ASP A 122 -14.96 11.77 16.43
C ASP A 122 -13.46 11.98 16.59
N GLU A 123 -12.92 11.53 17.71
CA GLU A 123 -11.49 11.67 17.98
C GLU A 123 -10.66 11.00 16.89
N MET A 124 -11.23 9.97 16.28
CA MET A 124 -10.54 9.25 15.22
C MET A 124 -10.56 10.04 13.91
N ILE A 125 -11.76 10.36 13.45
CA ILE A 125 -11.91 11.12 12.21
C ILE A 125 -11.12 12.42 12.26
N ARG A 126 -11.05 13.02 13.44
CA ARG A 126 -10.32 14.27 13.62
C ARG A 126 -8.81 14.04 13.48
N GLU A 127 -8.36 12.86 13.87
CA GLU A 127 -6.94 12.51 13.79
C GLU A 127 -6.50 12.37 12.34
N ALA A 128 -7.35 11.76 11.52
CA ALA A 128 -7.06 11.57 10.11
C ALA A 128 -7.41 12.80 9.29
N ASP A 129 -8.37 13.57 9.78
CA ASP A 129 -8.81 14.78 9.10
C ASP A 129 -7.79 15.90 9.28
N ILE A 130 -6.79 15.93 8.40
CA ILE A 130 -5.75 16.96 8.46
C ILE A 130 -6.23 18.27 7.84
N ASP A 131 -6.86 18.17 6.68
CA ASP A 131 -7.37 19.35 5.99
C ASP A 131 -8.58 19.92 6.72
N GLY A 132 -9.07 19.19 7.71
CA GLY A 132 -10.23 19.65 8.48
C GLY A 132 -11.48 19.77 7.62
N ASP A 133 -11.70 18.79 6.76
CA ASP A 133 -12.87 18.80 5.88
C ASP A 133 -14.05 18.13 6.56
N GLY A 134 -13.78 17.38 7.63
CA GLY A 134 -14.85 16.71 8.34
C GLY A 134 -14.94 15.24 7.98
N GLN A 135 -14.00 14.77 7.17
CA GLN A 135 -13.99 13.37 6.75
C GLN A 135 -12.56 12.89 6.50
N VAL A 136 -12.41 11.60 6.27
CA VAL A 136 -11.10 11.01 6.03
C VAL A 136 -10.99 10.49 4.60
N ASN A 137 -10.08 11.09 3.82
CA ASN A 137 -9.88 10.68 2.43
C ASN A 137 -8.75 9.66 2.33
N TYR A 138 -8.63 9.03 1.17
CA TYR A 138 -7.60 8.03 0.93
C TYR A 138 -6.22 8.60 1.27
N GLU A 139 -5.98 9.84 0.87
CA GLU A 139 -4.70 10.49 1.13
C GLU A 139 -4.39 10.50 2.62
N GLU A 140 -5.42 10.77 3.44
CA GLU A 140 -5.26 10.81 4.89
C GLU A 140 -5.21 9.40 5.47
N PHE A 141 -5.89 8.47 4.82
CA PHE A 141 -5.92 7.08 5.27
C PHE A 141 -4.58 6.40 5.03
N VAL A 142 -3.95 6.73 3.91
CA VAL A 142 -2.66 6.15 3.56
C VAL A 142 -1.59 6.55 4.56
N GLN A 143 -1.57 7.83 4.91
CA GLN A 143 -0.58 8.34 5.86
C GLN A 143 -0.76 7.70 7.23
N MET A 144 -2.00 7.29 7.53
CA MET A 144 -2.30 6.67 8.81
C MET A 144 -1.77 5.24 8.86
N MET A 145 -2.18 4.43 7.87
CA MET A 145 -1.75 3.04 7.80
C MET A 145 -0.24 2.95 7.54
N THR A 146 0.31 3.98 6.91
CA THR A 146 1.74 4.01 6.60
C THR A 146 2.45 5.04 7.47
N ALA A 147 1.84 5.40 8.59
CA ALA A 147 2.42 6.37 9.51
C ALA A 147 3.86 6.00 9.87
N LYS A 148 4.70 7.01 10.00
CA LYS A 148 6.11 6.79 10.34
C LYS A 148 6.81 8.12 10.63
N LEU B 1 -0.39 2.89 23.38
CA LEU B 1 0.61 2.10 24.08
C LEU B 1 1.36 2.97 25.10
N SER B 2 0.67 3.98 25.63
CA SER B 2 1.27 4.87 26.60
C SER B 2 0.53 4.80 27.93
N GLY B 3 -0.74 5.20 27.93
CA GLY B 3 -1.54 5.17 29.14
C GLY B 3 -2.82 5.98 29.01
N GLY B 4 -3.70 5.54 28.12
CA GLY B 4 -4.95 6.24 27.92
C GLY B 4 -4.91 7.19 26.74
N GLU B 5 -4.10 6.85 25.74
CA GLU B 5 -3.96 7.68 24.55
C GLU B 5 -4.84 7.15 23.41
N LEU B 6 -4.92 7.92 22.34
CA LEU B 6 -5.72 7.53 21.18
C LEU B 6 -4.89 6.69 20.21
N ASP B 7 -4.67 5.43 20.56
CA ASP B 7 -3.90 4.52 19.72
C ASP B 7 -4.82 3.57 18.98
N LYS B 8 -6.06 3.99 18.75
CA LYS B 8 -7.03 3.17 18.05
C LYS B 8 -6.65 3.02 16.58
N TRP B 9 -6.30 4.12 15.94
CA TRP B 9 -5.92 4.12 14.54
C TRP B 9 -4.84 3.06 14.28
N GLU B 10 -3.90 2.93 15.21
CA GLU B 10 -2.83 1.96 15.08
C GLU B 10 -3.38 0.55 14.87
N LYS B 11 -4.51 0.27 15.49
CA LYS B 11 -5.15 -1.03 15.37
C LYS B 11 -5.69 -1.25 13.96
N ILE B 12 -5.92 -0.15 13.25
CA ILE B 12 -6.43 -0.22 11.88
C ILE B 12 -5.38 -0.78 10.93
N ARG B 13 -4.11 -0.47 11.20
CA ARG B 13 -3.01 -0.94 10.37
C ARG B 13 -3.09 -2.45 10.17
N LEU B 14 -3.64 -3.15 11.17
CA LEU B 14 -3.76 -4.60 11.11
C LEU B 14 -2.41 -5.25 10.85
N ARG B 15 -2.42 -6.57 10.68
CA ARG B 15 -1.20 -7.32 10.42
C ARG B 15 -1.16 -7.83 8.99
N PRO B 16 0.05 -8.07 8.47
CA PRO B 16 0.26 -8.57 7.10
C PRO B 16 -0.21 -10.01 6.94
N GLY B 17 -0.17 -10.50 5.71
CA GLY B 17 -0.59 -11.86 5.43
C GLY B 17 -1.87 -11.93 4.62
N GLY B 18 -1.78 -11.53 3.36
CA GLY B 18 -2.95 -11.55 2.50
C GLY B 18 -2.59 -11.56 1.02
N LYS B 19 -3.43 -10.95 0.20
CA LYS B 19 -3.19 -10.88 -1.23
C LYS B 19 -2.07 -9.89 -1.56
N LYS B 20 -1.49 -10.04 -2.75
CA LYS B 20 -0.41 -9.15 -3.18
C LYS B 20 -0.89 -8.20 -4.27
N GLN B 21 -0.33 -7.00 -4.29
CA GLN B 21 -0.70 -5.99 -5.27
C GLN B 21 0.14 -4.73 -5.12
N TYR B 22 0.78 -4.31 -6.21
CA TYR B 22 1.62 -3.13 -6.19
C TYR B 22 0.81 -1.87 -5.88
N LYS B 23 -0.01 -1.46 -6.84
CA LYS B 23 -0.85 -0.28 -6.67
C LYS B 23 -1.56 0.07 -7.97
N LEU B 24 -0.82 0.08 -9.07
CA LEU B 24 -1.39 0.40 -10.37
C LEU B 24 -1.75 -0.87 -11.14
N LYS B 25 -0.93 -1.91 -10.97
CA LYS B 25 -1.17 -3.18 -11.64
C LYS B 25 -2.62 -3.62 -11.49
N HIS B 26 -3.22 -3.30 -10.34
CA HIS B 26 -4.61 -3.64 -10.07
C HIS B 26 -5.51 -3.18 -11.20
N ILE B 27 -5.32 -1.95 -11.63
CA ILE B 27 -6.12 -1.38 -12.72
C ILE B 27 -6.14 -2.30 -13.92
N VAL B 28 -5.01 -2.97 -14.18
CA VAL B 28 -4.90 -3.89 -15.30
C VAL B 28 -6.06 -4.86 -15.33
N TRP B 29 -6.48 -5.33 -14.16
CA TRP B 29 -7.58 -6.27 -14.06
C TRP B 29 -8.85 -5.69 -14.65
N ALA B 30 -9.07 -4.40 -14.41
CA ALA B 30 -10.25 -3.71 -14.93
C ALA B 30 -10.25 -3.67 -16.45
N SER B 31 -9.08 -3.90 -17.04
CA SER B 31 -8.94 -3.89 -18.49
C SER B 31 -9.65 -5.08 -19.11
N ARG B 32 -9.93 -6.08 -18.29
CA ARG B 32 -10.62 -7.28 -18.76
C ARG B 32 -11.89 -6.93 -19.51
N GLU B 33 -12.50 -5.82 -19.14
CA GLU B 33 -13.73 -5.37 -19.79
C GLU B 33 -13.42 -4.67 -21.11
N LEU B 34 -12.45 -3.75 -21.08
CA LEU B 34 -12.06 -3.01 -22.27
C LEU B 34 -11.55 -3.96 -23.37
N GLU B 35 -11.24 -3.40 -24.52
CA GLU B 35 -10.74 -4.19 -25.64
C GLU B 35 -10.26 -3.29 -26.77
N ARG B 36 -9.46 -3.86 -27.68
CA ARG B 36 -8.93 -3.11 -28.80
C ARG B 36 -9.78 -3.33 -30.05
CA CA C . -17.25 5.25 2.52
CA CA D . -9.95 15.29 5.58
CA CA E . 2.52 6.98 -23.37
CA CA F . 10.19 5.45 -14.86
N ALA A 1 14.68 -9.15 -21.25
CA ALA A 1 13.61 -10.11 -20.99
C ALA A 1 14.10 -11.25 -20.10
N ASP A 2 15.37 -11.60 -20.26
CA ASP A 2 15.97 -12.68 -19.47
C ASP A 2 15.92 -12.36 -17.98
N GLN A 3 16.14 -11.09 -17.66
CA GLN A 3 16.12 -10.65 -16.27
C GLN A 3 17.31 -11.22 -15.50
N LEU A 4 17.25 -12.50 -15.17
CA LEU A 4 18.32 -13.17 -14.44
C LEU A 4 19.04 -14.18 -15.32
N THR A 5 20.16 -14.69 -14.83
CA THR A 5 20.93 -15.67 -15.57
C THR A 5 21.00 -17.00 -14.83
N GLU A 6 21.54 -18.02 -15.49
CA GLU A 6 21.66 -19.35 -14.90
C GLU A 6 22.37 -19.27 -13.55
N GLU A 7 23.33 -18.35 -13.44
CA GLU A 7 24.08 -18.18 -12.20
C GLU A 7 23.16 -17.82 -11.04
N GLN A 8 22.03 -17.17 -11.37
CA GLN A 8 21.08 -16.76 -10.35
C GLN A 8 20.22 -17.94 -9.91
N ILE A 9 19.77 -18.74 -10.87
CA ILE A 9 18.95 -19.91 -10.59
C ILE A 9 19.77 -21.01 -9.91
N ALA A 10 21.00 -21.18 -10.37
CA ALA A 10 21.90 -22.18 -9.81
C ALA A 10 22.00 -22.05 -8.30
N GLU A 11 22.07 -20.82 -7.82
CA GLU A 11 22.18 -20.55 -6.39
C GLU A 11 20.84 -20.79 -5.69
N PHE A 12 19.78 -20.19 -6.23
CA PHE A 12 18.45 -20.33 -5.67
C PHE A 12 18.06 -21.80 -5.55
N LYS A 13 18.46 -22.58 -6.55
CA LYS A 13 18.15 -24.01 -6.57
C LYS A 13 18.63 -24.69 -5.29
N GLU A 14 19.78 -24.24 -4.79
CA GLU A 14 20.34 -24.81 -3.57
C GLU A 14 19.50 -24.45 -2.36
N ALA A 15 18.91 -23.26 -2.38
CA ALA A 15 18.06 -22.79 -1.29
C ALA A 15 16.79 -23.61 -1.19
N PHE A 16 16.35 -24.15 -2.33
CA PHE A 16 15.13 -24.95 -2.38
C PHE A 16 15.38 -26.35 -1.80
N SER A 17 16.38 -27.04 -2.33
CA SER A 17 16.72 -28.38 -1.87
C SER A 17 16.95 -28.39 -0.37
N LEU A 18 17.37 -27.25 0.18
CA LEU A 18 17.63 -27.13 1.61
C LEU A 18 16.35 -27.30 2.41
N PHE A 19 15.25 -26.75 1.89
CA PHE A 19 13.96 -26.83 2.55
C PHE A 19 13.29 -28.17 2.26
N ASP A 20 13.65 -28.78 1.14
CA ASP A 20 13.09 -30.07 0.74
C ASP A 20 13.81 -31.22 1.43
N LYS A 21 13.22 -31.71 2.51
CA LYS A 21 13.81 -32.81 3.26
C LYS A 21 13.81 -34.10 2.45
N ASP A 22 12.65 -34.44 1.90
CA ASP A 22 12.51 -35.65 1.09
C ASP A 22 12.99 -35.40 -0.34
N GLY A 23 13.25 -34.14 -0.66
CA GLY A 23 13.73 -33.79 -1.99
C GLY A 23 12.84 -34.37 -3.08
N ASP A 24 11.53 -34.29 -2.88
CA ASP A 24 10.58 -34.82 -3.86
C ASP A 24 10.24 -33.75 -4.90
N GLY A 25 10.56 -32.50 -4.59
CA GLY A 25 10.29 -31.41 -5.51
C GLY A 25 9.12 -30.56 -5.04
N THR A 26 8.40 -31.04 -4.04
CA THR A 26 7.25 -30.31 -3.51
C THR A 26 7.35 -30.15 -2.00
N ILE A 27 7.16 -28.93 -1.52
CA ILE A 27 7.22 -28.64 -0.09
C ILE A 27 5.83 -28.45 0.50
N THR A 28 5.41 -29.42 1.31
CA THR A 28 4.10 -29.36 1.94
C THR A 28 4.18 -28.78 3.35
N THR A 29 3.05 -28.74 4.04
CA THR A 29 3.00 -28.20 5.39
C THR A 29 3.80 -29.07 6.35
N LYS A 30 3.91 -30.35 6.05
CA LYS A 30 4.66 -31.29 6.87
C LYS A 30 6.16 -31.09 6.72
N GLU A 31 6.62 -31.06 5.47
CA GLU A 31 8.03 -30.88 5.18
C GLU A 31 8.47 -29.45 5.51
N LEU A 32 7.63 -28.48 5.18
CA LEU A 32 7.93 -27.08 5.44
C LEU A 32 7.79 -26.75 6.93
N GLY A 33 6.67 -27.16 7.52
CA GLY A 33 6.44 -26.90 8.93
C GLY A 33 7.56 -27.44 9.80
N THR A 34 8.18 -28.52 9.36
CA THR A 34 9.27 -29.13 10.11
C THR A 34 10.55 -28.31 10.01
N VAL A 35 10.87 -27.89 8.80
CA VAL A 35 12.07 -27.08 8.57
C VAL A 35 12.06 -25.83 9.44
N MET A 36 10.99 -25.06 9.35
CA MET A 36 10.86 -23.83 10.13
C MET A 36 10.77 -24.15 11.62
N ARG A 37 10.10 -25.25 11.95
CA ARG A 37 9.94 -25.65 13.34
C ARG A 37 11.29 -25.77 14.03
N SER A 38 12.30 -26.25 13.29
CA SER A 38 13.64 -26.41 13.84
C SER A 38 14.29 -25.05 14.07
N LEU A 39 13.82 -24.03 13.35
CA LEU A 39 14.36 -22.68 13.49
C LEU A 39 13.67 -21.93 14.63
N GLY A 40 12.59 -22.51 15.15
CA GLY A 40 11.87 -21.89 16.24
C GLY A 40 10.61 -21.20 15.77
N GLN A 41 10.09 -21.62 14.62
CA GLN A 41 8.88 -21.03 14.07
C GLN A 41 7.80 -22.09 13.88
N ASN A 42 6.89 -22.18 14.84
CA ASN A 42 5.81 -23.16 14.79
C ASN A 42 4.46 -22.46 14.57
N PRO A 43 4.19 -22.08 13.30
CA PRO A 43 2.95 -21.40 12.93
C PRO A 43 1.74 -22.33 13.02
N THR A 44 0.55 -21.74 12.93
CA THR A 44 -0.68 -22.51 13.01
C THR A 44 -0.99 -23.19 11.68
N GLU A 45 -1.83 -24.21 11.72
CA GLU A 45 -2.20 -24.95 10.52
C GLU A 45 -2.69 -24.00 9.43
N ALA A 46 -3.55 -23.06 9.82
CA ALA A 46 -4.09 -22.08 8.87
C ALA A 46 -3.01 -21.12 8.41
N GLU A 47 -2.04 -20.84 9.28
CA GLU A 47 -0.96 -19.94 8.94
C GLU A 47 -0.03 -20.56 7.89
N LEU A 48 0.31 -21.82 8.09
CA LEU A 48 1.19 -22.53 7.17
C LEU A 48 0.63 -22.50 5.75
N GLN A 49 -0.64 -22.89 5.60
CA GLN A 49 -1.30 -22.90 4.30
C GLN A 49 -1.46 -21.48 3.76
N ASP A 50 -1.55 -20.52 4.67
CA ASP A 50 -1.71 -19.12 4.29
C ASP A 50 -0.57 -18.67 3.37
N MET A 51 0.66 -18.95 3.78
CA MET A 51 1.83 -18.59 3.00
C MET A 51 1.98 -19.49 1.78
N ILE A 52 1.65 -20.77 1.95
CA ILE A 52 1.74 -21.74 0.87
C ILE A 52 0.81 -21.37 -0.27
N ASN A 53 -0.38 -20.89 0.07
CA ASN A 53 -1.36 -20.49 -0.93
C ASN A 53 -0.88 -19.29 -1.73
N GLU A 54 0.01 -18.51 -1.14
CA GLU A 54 0.56 -17.33 -1.80
C GLU A 54 1.60 -17.73 -2.85
N VAL A 55 2.23 -18.87 -2.64
CA VAL A 55 3.25 -19.37 -3.56
C VAL A 55 2.74 -20.57 -4.35
N ASP A 56 1.45 -20.85 -4.22
CA ASP A 56 0.84 -21.97 -4.92
C ASP A 56 0.46 -21.58 -6.34
N ALA A 57 1.32 -21.93 -7.30
CA ALA A 57 1.08 -21.62 -8.70
C ALA A 57 0.26 -22.71 -9.37
N ASP A 58 0.61 -23.97 -9.08
CA ASP A 58 -0.08 -25.11 -9.67
C ASP A 58 -1.33 -25.45 -8.86
N GLY A 59 -1.57 -24.68 -7.80
CA GLY A 59 -2.73 -24.92 -6.95
C GLY A 59 -2.79 -26.35 -6.44
N ASN A 60 -1.71 -26.79 -5.79
CA ASN A 60 -1.65 -28.14 -5.25
C ASN A 60 -1.59 -28.11 -3.72
N GLY A 61 -1.28 -26.94 -3.18
CA GLY A 61 -1.19 -26.80 -1.74
C GLY A 61 0.22 -26.98 -1.22
N THR A 62 1.20 -26.85 -2.10
CA THR A 62 2.61 -27.01 -1.74
C THR A 62 3.49 -26.07 -2.56
N ILE A 63 4.77 -26.05 -2.23
CA ILE A 63 5.73 -25.21 -2.93
C ILE A 63 6.66 -26.02 -3.82
N ASP A 64 6.50 -25.89 -5.13
CA ASP A 64 7.31 -26.62 -6.09
C ASP A 64 8.71 -26.01 -6.19
N PHE A 65 9.50 -26.49 -7.13
CA PHE A 65 10.85 -26.00 -7.33
C PHE A 65 10.83 -24.54 -7.79
N PRO A 66 10.16 -24.27 -8.90
CA PRO A 66 10.04 -22.92 -9.46
C PRO A 66 9.17 -22.01 -8.61
N GLU A 67 8.24 -22.61 -7.88
CA GLU A 67 7.33 -21.86 -7.03
C GLU A 67 8.12 -21.10 -5.95
N PHE A 68 9.12 -21.76 -5.39
CA PHE A 68 9.95 -21.15 -4.34
C PHE A 68 10.89 -20.11 -4.93
N LEU A 69 11.38 -20.39 -6.13
CA LEU A 69 12.30 -19.47 -6.81
C LEU A 69 11.58 -18.20 -7.25
N THR A 70 10.49 -18.36 -7.99
CA THR A 70 9.71 -17.23 -8.46
C THR A 70 9.34 -16.30 -7.32
N MET A 71 9.17 -16.87 -6.13
CA MET A 71 8.80 -16.10 -4.94
C MET A 71 9.86 -15.05 -4.64
N MET A 72 11.12 -15.48 -4.57
CA MET A 72 12.22 -14.57 -4.29
C MET A 72 12.48 -13.63 -5.46
N ALA A 73 12.51 -14.19 -6.67
CA ALA A 73 12.73 -13.41 -7.88
C ALA A 73 11.74 -12.26 -7.98
N ARG A 74 10.53 -12.48 -7.48
CA ARG A 74 9.49 -11.47 -7.52
C ARG A 74 9.92 -10.22 -6.75
N LYS A 75 10.81 -10.40 -5.79
CA LYS A 75 11.31 -9.29 -4.99
C LYS A 75 11.95 -8.23 -5.86
N MET A 76 12.49 -8.66 -7.01
CA MET A 76 13.13 -7.73 -7.94
C MET A 76 12.20 -6.57 -8.29
N LYS A 77 10.93 -6.90 -8.50
CA LYS A 77 9.94 -5.88 -8.85
C LYS A 77 8.53 -6.35 -8.50
N ASP A 78 7.72 -5.46 -7.97
CA ASP A 78 6.35 -5.78 -7.59
C ASP A 78 5.59 -4.53 -7.15
N THR A 79 4.34 -4.72 -6.73
CA THR A 79 3.52 -3.60 -6.27
C THR A 79 2.47 -4.06 -5.27
N ASP A 80 2.92 -4.34 -4.05
CA ASP A 80 2.02 -4.80 -2.98
C ASP A 80 1.90 -3.75 -1.89
N SER A 81 2.94 -2.93 -1.75
CA SER A 81 2.96 -1.88 -0.74
C SER A 81 1.70 -1.02 -0.82
N GLU A 82 1.42 -0.51 -2.01
CA GLU A 82 0.24 0.33 -2.22
C GLU A 82 -1.04 -0.51 -2.20
N GLU A 83 -0.90 -1.79 -2.56
CA GLU A 83 -2.05 -2.68 -2.57
C GLU A 83 -2.58 -2.92 -1.16
N GLU A 84 -1.68 -2.97 -0.19
CA GLU A 84 -2.07 -3.19 1.19
C GLU A 84 -2.95 -2.05 1.70
N ILE A 85 -2.66 -0.84 1.24
CA ILE A 85 -3.43 0.33 1.65
C ILE A 85 -4.78 0.37 0.95
N ARG A 86 -4.76 0.23 -0.38
CA ARG A 86 -5.99 0.24 -1.16
C ARG A 86 -6.89 -0.93 -0.79
N GLU A 87 -6.28 -2.02 -0.34
CA GLU A 87 -7.02 -3.21 0.05
C GLU A 87 -7.93 -2.92 1.24
N ALA A 88 -7.35 -2.34 2.29
CA ALA A 88 -8.11 -2.01 3.49
C ALA A 88 -9.15 -0.94 3.20
N PHE A 89 -8.75 0.08 2.45
CA PHE A 89 -9.65 1.18 2.11
C PHE A 89 -10.95 0.65 1.50
N ARG A 90 -10.81 -0.25 0.55
CA ARG A 90 -11.96 -0.84 -0.12
C ARG A 90 -12.81 -1.64 0.87
N VAL A 91 -12.14 -2.36 1.76
CA VAL A 91 -12.84 -3.17 2.75
C VAL A 91 -13.73 -2.31 3.63
N PHE A 92 -13.30 -1.09 3.88
CA PHE A 92 -14.07 -0.15 4.71
C PHE A 92 -15.03 0.66 3.86
N ASP A 93 -14.70 0.84 2.59
CA ASP A 93 -15.53 1.60 1.67
C ASP A 93 -16.77 0.81 1.29
N LYS A 94 -17.86 1.05 1.99
CA LYS A 94 -19.12 0.37 1.72
C LYS A 94 -19.83 0.97 0.50
N ASP A 95 -20.02 2.28 0.52
CA ASP A 95 -20.68 2.97 -0.57
C ASP A 95 -19.75 3.09 -1.78
N GLY A 96 -18.49 2.72 -1.58
CA GLY A 96 -17.52 2.79 -2.66
C GLY A 96 -17.34 4.19 -3.20
N ASN A 97 -17.50 5.18 -2.33
CA ASN A 97 -17.36 6.58 -2.73
C ASN A 97 -15.90 7.02 -2.64
N GLY A 98 -15.09 6.23 -1.95
CA GLY A 98 -13.68 6.56 -1.81
C GLY A 98 -13.41 7.43 -0.59
N TYR A 99 -14.35 7.45 0.35
CA TYR A 99 -14.20 8.25 1.56
C TYR A 99 -14.59 7.44 2.79
N ILE A 100 -14.06 7.84 3.94
CA ILE A 100 -14.34 7.16 5.20
C ILE A 100 -14.93 8.12 6.23
N SER A 101 -16.13 7.81 6.71
CA SER A 101 -16.79 8.66 7.69
C SER A 101 -16.96 7.91 9.01
N ALA A 102 -17.50 8.61 10.01
CA ALA A 102 -17.71 8.02 11.33
C ALA A 102 -18.75 6.91 11.26
N ALA A 103 -19.63 6.99 10.28
CA ALA A 103 -20.68 6.00 10.11
C ALA A 103 -20.11 4.67 9.62
N GLU A 104 -19.30 4.73 8.57
CA GLU A 104 -18.69 3.54 7.99
C GLU A 104 -17.52 3.07 8.86
N LEU A 105 -16.65 3.99 9.22
CA LEU A 105 -15.48 3.67 10.04
C LEU A 105 -15.91 2.93 11.30
N ARG A 106 -16.87 3.48 12.02
CA ARG A 106 -17.37 2.87 13.25
C ARG A 106 -17.75 1.41 13.01
N HIS A 107 -18.33 1.14 11.86
CA HIS A 107 -18.74 -0.21 11.51
C HIS A 107 -17.55 -1.17 11.54
N VAL A 108 -16.39 -0.66 11.15
CA VAL A 108 -15.18 -1.47 11.12
C VAL A 108 -14.65 -1.71 12.53
N MET A 109 -14.54 -0.64 13.31
CA MET A 109 -14.05 -0.72 14.68
C MET A 109 -15.00 -1.53 15.55
N THR A 110 -16.28 -1.53 15.17
CA THR A 110 -17.30 -2.27 15.91
C THR A 110 -17.20 -3.77 15.65
N ASN A 111 -17.11 -4.13 14.38
CA ASN A 111 -17.00 -5.54 13.98
C ASN A 111 -15.81 -6.20 14.66
N LEU A 112 -14.80 -5.40 14.99
CA LEU A 112 -13.59 -5.91 15.64
C LEU A 112 -13.89 -6.32 17.08
N GLY A 113 -14.96 -5.77 17.64
CA GLY A 113 -15.32 -6.09 19.01
C GLY A 113 -14.90 -5.02 20.00
N GLU A 114 -14.90 -3.77 19.55
CA GLU A 114 -14.51 -2.65 20.40
C GLU A 114 -15.63 -1.62 20.51
N LYS A 115 -16.24 -1.54 21.69
CA LYS A 115 -17.33 -0.60 21.93
C LYS A 115 -16.83 0.83 21.84
N LEU A 116 -17.62 1.68 21.19
CA LEU A 116 -17.26 3.08 21.02
C LEU A 116 -18.51 3.97 21.04
N THR A 117 -18.34 5.21 21.50
CA THR A 117 -19.45 6.15 21.58
C THR A 117 -19.43 7.13 20.40
N ASP A 118 -20.49 7.90 20.25
CA ASP A 118 -20.59 8.87 19.17
C ASP A 118 -19.37 9.80 19.17
N GLU A 119 -18.99 10.26 20.36
CA GLU A 119 -17.84 11.16 20.49
C GLU A 119 -16.53 10.41 20.22
N GLU A 120 -16.41 9.23 20.81
CA GLU A 120 -15.21 8.42 20.64
C GLU A 120 -14.94 8.17 19.15
N VAL A 121 -15.99 8.09 18.35
CA VAL A 121 -15.86 7.87 16.92
C VAL A 121 -15.26 9.09 16.23
N ASP A 122 -15.54 10.26 16.76
CA ASP A 122 -15.02 11.50 16.20
C ASP A 122 -13.57 11.72 16.59
N GLU A 123 -13.18 11.18 17.74
CA GLU A 123 -11.81 11.31 18.23
C GLU A 123 -10.81 10.79 17.19
N MET A 124 -11.06 9.59 16.70
CA MET A 124 -10.18 8.98 15.70
C MET A 124 -10.24 9.75 14.38
N ILE A 125 -11.45 10.10 13.96
CA ILE A 125 -11.65 10.84 12.72
C ILE A 125 -10.80 12.11 12.70
N ARG A 126 -10.64 12.73 13.86
CA ARG A 126 -9.86 13.96 13.98
C ARG A 126 -8.38 13.68 13.72
N GLU A 127 -7.93 12.47 14.06
CA GLU A 127 -6.54 12.08 13.87
C GLU A 127 -6.23 11.93 12.38
N ALA A 128 -7.17 11.36 11.65
CA ALA A 128 -7.00 11.15 10.21
C ALA A 128 -7.33 12.42 9.43
N ASP A 129 -8.25 13.22 9.97
CA ASP A 129 -8.65 14.46 9.33
C ASP A 129 -7.52 15.48 9.33
N ILE A 130 -6.66 15.40 8.32
CA ILE A 130 -5.53 16.32 8.22
C ILE A 130 -5.97 17.68 7.66
N ASP A 131 -6.72 17.64 6.57
CA ASP A 131 -7.21 18.86 5.93
C ASP A 131 -8.32 19.50 6.77
N GLY A 132 -8.77 18.77 7.79
CA GLY A 132 -9.84 19.28 8.65
C GLY A 132 -11.13 19.48 7.90
N ASP A 133 -11.49 18.52 7.05
CA ASP A 133 -12.73 18.60 6.28
C ASP A 133 -13.88 17.99 7.05
N GLY A 134 -13.57 17.21 8.08
CA GLY A 134 -14.59 16.57 8.87
C GLY A 134 -14.75 15.10 8.54
N GLN A 135 -13.89 14.60 7.66
CA GLN A 135 -13.95 13.20 7.27
C GLN A 135 -12.56 12.69 6.90
N VAL A 136 -12.45 11.38 6.68
CA VAL A 136 -11.17 10.77 6.33
C VAL A 136 -11.15 10.35 4.86
N ASN A 137 -10.37 11.07 4.06
CA ASN A 137 -10.26 10.76 2.64
C ASN A 137 -9.10 9.81 2.37
N TYR A 138 -9.09 9.23 1.18
CA TYR A 138 -8.04 8.29 0.79
C TYR A 138 -6.66 8.89 1.02
N GLU A 139 -6.49 10.14 0.59
CA GLU A 139 -5.21 10.84 0.75
C GLU A 139 -4.74 10.77 2.19
N GLU A 140 -5.67 10.92 3.12
CA GLU A 140 -5.34 10.89 4.54
C GLU A 140 -5.14 9.45 5.03
N PHE A 141 -6.10 8.59 4.67
CA PHE A 141 -6.04 7.19 5.07
C PHE A 141 -4.72 6.56 4.65
N VAL A 142 -4.26 6.91 3.44
CA VAL A 142 -3.01 6.38 2.91
C VAL A 142 -1.82 6.93 3.68
N GLN A 143 -1.89 8.21 4.04
CA GLN A 143 -0.81 8.85 4.77
C GLN A 143 -0.70 8.30 6.19
N MET A 144 -1.86 8.10 6.82
CA MET A 144 -1.89 7.56 8.18
C MET A 144 -1.57 6.07 8.19
N MET A 145 -2.27 5.31 7.36
CA MET A 145 -2.04 3.87 7.28
C MET A 145 -0.58 3.56 7.06
N THR A 146 0.13 4.46 6.39
CA THR A 146 1.55 4.28 6.11
C THR A 146 2.41 4.93 7.20
N ALA A 147 1.86 5.96 7.84
CA ALA A 147 2.59 6.66 8.91
C ALA A 147 3.00 5.69 10.02
N LYS A 148 4.20 5.89 10.54
CA LYS A 148 4.72 5.03 11.61
C LYS A 148 4.18 5.47 12.97
N LEU B 1 -7.17 -4.12 28.85
CA LEU B 1 -6.87 -3.87 30.25
C LEU B 1 -6.29 -2.48 30.45
N SER B 2 -5.61 -1.98 29.41
CA SER B 2 -4.99 -0.67 29.48
C SER B 2 -5.30 0.14 28.21
N GLY B 3 -4.88 1.39 28.20
CA GLY B 3 -5.14 2.25 27.05
C GLY B 3 -4.14 3.39 26.96
N GLY B 4 -4.60 4.60 27.24
CA GLY B 4 -3.73 5.77 27.18
C GLY B 4 -4.10 6.70 26.04
N GLU B 5 -3.11 7.08 25.23
CA GLU B 5 -3.34 7.98 24.11
C GLU B 5 -4.26 7.34 23.08
N LEU B 6 -4.38 7.97 21.92
CA LEU B 6 -5.23 7.48 20.85
C LEU B 6 -4.57 6.29 20.14
N ASP B 7 -4.62 5.13 20.77
CA ASP B 7 -4.03 3.92 20.20
C ASP B 7 -5.10 3.06 19.52
N LYS B 8 -6.26 3.66 19.29
CA LYS B 8 -7.37 2.94 18.65
C LYS B 8 -7.07 2.69 17.17
N TRP B 9 -6.51 3.69 16.51
CA TRP B 9 -6.17 3.58 15.09
C TRP B 9 -5.24 2.39 14.85
N GLU B 10 -4.45 2.04 15.86
CA GLU B 10 -3.52 0.93 15.75
C GLU B 10 -4.24 -0.34 15.32
N LYS B 11 -5.51 -0.46 15.70
CA LYS B 11 -6.31 -1.63 15.36
C LYS B 11 -6.43 -1.78 13.83
N ILE B 12 -6.30 -0.66 13.13
CA ILE B 12 -6.39 -0.66 11.67
C ILE B 12 -5.00 -0.54 11.04
N ARG B 13 -4.18 0.34 11.60
CA ARG B 13 -2.83 0.54 11.09
C ARG B 13 -1.97 -0.70 11.29
N LEU B 14 -2.37 -1.54 12.25
CA LEU B 14 -1.63 -2.76 12.54
C LEU B 14 -0.23 -2.44 13.05
N ARG B 15 0.39 -3.41 13.72
CA ARG B 15 1.73 -3.25 14.25
C ARG B 15 2.78 -3.40 13.15
N PRO B 16 3.78 -2.50 13.16
CA PRO B 16 4.86 -2.53 12.17
C PRO B 16 5.79 -3.71 12.35
N GLY B 17 5.50 -4.80 11.63
CA GLY B 17 6.33 -5.98 11.73
C GLY B 17 6.38 -6.77 10.42
N GLY B 18 6.71 -6.08 9.34
CA GLY B 18 6.78 -6.74 8.05
C GLY B 18 6.94 -5.75 6.91
N LYS B 19 8.17 -5.34 6.64
CA LYS B 19 8.44 -4.39 5.56
C LYS B 19 8.88 -5.11 4.29
N LYS B 20 8.39 -6.33 4.12
CA LYS B 20 8.73 -7.12 2.94
C LYS B 20 7.57 -8.04 2.55
N GLN B 21 7.41 -8.25 1.25
CA GLN B 21 6.34 -9.11 0.74
C GLN B 21 6.44 -10.51 1.35
N TYR B 22 5.36 -11.28 1.23
CA TYR B 22 5.32 -12.64 1.78
C TYR B 22 5.62 -12.63 3.27
N LYS B 23 5.59 -13.82 3.88
CA LYS B 23 5.86 -13.96 5.29
C LYS B 23 6.61 -15.25 5.59
N LEU B 24 7.16 -15.86 4.54
CA LEU B 24 7.91 -17.10 4.67
C LEU B 24 9.35 -16.92 4.23
N LYS B 25 9.57 -16.00 3.30
CA LYS B 25 10.91 -15.73 2.79
C LYS B 25 11.90 -15.54 3.94
N HIS B 26 11.49 -14.78 4.95
CA HIS B 26 12.34 -14.53 6.11
C HIS B 26 12.90 -15.83 6.67
N ILE B 27 12.07 -16.86 6.69
CA ILE B 27 12.48 -18.17 7.20
C ILE B 27 13.79 -18.61 6.57
N VAL B 28 13.94 -18.36 5.27
CA VAL B 28 15.14 -18.74 4.54
C VAL B 28 16.39 -18.29 5.29
N TRP B 29 16.34 -17.08 5.85
CA TRP B 29 17.47 -16.54 6.59
C TRP B 29 17.84 -17.44 7.76
N ALA B 30 16.82 -17.98 8.44
CA ALA B 30 17.04 -18.86 9.57
C ALA B 30 17.77 -20.13 9.15
N SER B 31 17.75 -20.42 7.86
CA SER B 31 18.41 -21.60 7.32
C SER B 31 19.92 -21.50 7.48
N ARG B 32 20.41 -20.28 7.69
CA ARG B 32 21.84 -20.05 7.86
C ARG B 32 22.41 -20.91 8.99
N GLU B 33 21.54 -21.28 9.93
CA GLU B 33 21.96 -22.11 11.06
C GLU B 33 21.77 -23.59 10.75
N LEU B 34 20.60 -23.94 10.23
CA LEU B 34 20.30 -25.32 9.89
C LEU B 34 21.16 -25.79 8.72
N GLU B 35 21.78 -26.96 8.88
CA GLU B 35 22.64 -27.52 7.84
C GLU B 35 21.85 -28.48 6.96
N ARG B 36 20.83 -29.11 7.54
CA ARG B 36 20.00 -30.06 6.81
C ARG B 36 18.57 -29.53 6.65
CA CA C . -17.42 5.28 2.03
CA CA D . -9.93 15.04 5.84
CA CA E . 9.09 -32.26 0.04
CA CA F . 2.22 -25.41 -5.62
N ALA A 1 15.81 -27.15 -8.59
CA ALA A 1 16.44 -26.89 -9.88
C ALA A 1 16.70 -25.40 -10.08
N ASP A 2 15.88 -24.57 -9.45
CA ASP A 2 16.03 -23.12 -9.56
C ASP A 2 15.99 -22.68 -11.01
N GLN A 3 15.25 -23.43 -11.84
CA GLN A 3 15.14 -23.11 -13.26
C GLN A 3 13.75 -23.47 -13.78
N LEU A 4 13.23 -22.63 -14.67
CA LEU A 4 11.91 -22.86 -15.25
C LEU A 4 11.97 -23.86 -16.40
N THR A 5 11.01 -24.78 -16.43
CA THR A 5 10.97 -25.80 -17.48
C THR A 5 10.16 -25.31 -18.67
N GLU A 6 10.22 -26.06 -19.76
CA GLU A 6 9.49 -25.71 -20.98
C GLU A 6 8.01 -25.47 -20.68
N GLU A 7 7.44 -26.33 -19.84
CA GLU A 7 6.04 -26.22 -19.47
C GLU A 7 5.77 -24.91 -18.72
N GLN A 8 6.81 -24.39 -18.07
CA GLN A 8 6.68 -23.14 -17.32
C GLN A 8 6.69 -21.95 -18.25
N ILE A 9 7.72 -21.85 -19.09
CA ILE A 9 7.84 -20.75 -20.03
C ILE A 9 6.74 -20.80 -21.09
N ALA A 10 6.57 -21.97 -21.69
CA ALA A 10 5.54 -22.15 -22.71
C ALA A 10 4.16 -21.78 -22.18
N GLU A 11 4.00 -21.88 -20.87
CA GLU A 11 2.72 -21.56 -20.23
C GLU A 11 2.51 -20.05 -20.18
N PHE A 12 3.59 -19.32 -19.92
CA PHE A 12 3.52 -17.86 -19.83
C PHE A 12 3.43 -17.23 -21.21
N LYS A 13 4.27 -17.71 -22.13
CA LYS A 13 4.28 -17.20 -23.50
C LYS A 13 2.92 -17.35 -24.15
N GLU A 14 2.18 -18.37 -23.72
CA GLU A 14 0.85 -18.62 -24.27
C GLU A 14 -0.11 -17.50 -23.89
N ALA A 15 0.02 -17.00 -22.67
CA ALA A 15 -0.83 -15.92 -22.19
C ALA A 15 -0.58 -14.63 -22.95
N PHE A 16 0.67 -14.39 -23.30
CA PHE A 16 1.05 -13.18 -24.04
C PHE A 16 0.33 -13.12 -25.38
N SER A 17 0.45 -14.18 -26.16
CA SER A 17 -0.18 -14.25 -27.48
C SER A 17 -1.69 -14.04 -27.35
N LEU A 18 -2.24 -14.41 -26.21
CA LEU A 18 -3.67 -14.26 -25.96
C LEU A 18 -4.07 -12.79 -25.93
N PHE A 19 -3.23 -11.97 -25.31
CA PHE A 19 -3.50 -10.54 -25.21
C PHE A 19 -3.11 -9.82 -26.51
N ASP A 20 -2.19 -10.42 -27.24
CA ASP A 20 -1.72 -9.85 -28.50
C ASP A 20 -2.72 -10.12 -29.63
N LYS A 21 -3.56 -9.14 -29.93
CA LYS A 21 -4.56 -9.28 -30.98
C LYS A 21 -3.89 -9.46 -32.34
N ASP A 22 -2.90 -8.62 -32.63
CA ASP A 22 -2.18 -8.69 -33.89
C ASP A 22 -1.01 -9.67 -33.80
N GLY A 23 -0.72 -10.12 -32.58
CA GLY A 23 0.37 -11.06 -32.39
C GLY A 23 1.66 -10.59 -33.03
N ASP A 24 1.99 -9.33 -32.81
CA ASP A 24 3.22 -8.76 -33.36
C ASP A 24 4.39 -8.96 -32.42
N GLY A 25 4.09 -9.34 -31.18
CA GLY A 25 5.14 -9.56 -30.20
C GLY A 25 5.23 -8.45 -29.18
N THR A 26 4.21 -7.59 -29.14
CA THR A 26 4.18 -6.48 -28.22
C THR A 26 2.75 -6.05 -27.92
N ILE A 27 2.49 -5.68 -26.67
CA ILE A 27 1.16 -5.24 -26.26
C ILE A 27 1.09 -3.72 -26.16
N THR A 28 0.13 -3.13 -26.86
CA THR A 28 -0.04 -1.68 -26.85
C THR A 28 -1.33 -1.30 -26.12
N THR A 29 -1.54 0.01 -25.95
CA THR A 29 -2.72 0.51 -25.27
C THR A 29 -3.99 0.10 -25.99
N LYS A 30 -3.91 -0.02 -27.31
CA LYS A 30 -5.04 -0.41 -28.13
C LYS A 30 -5.28 -1.92 -28.07
N GLU A 31 -4.21 -2.68 -28.29
CA GLU A 31 -4.29 -4.14 -28.25
C GLU A 31 -4.72 -4.62 -26.87
N LEU A 32 -4.30 -3.90 -25.84
CA LEU A 32 -4.65 -4.26 -24.47
C LEU A 32 -6.11 -3.93 -24.17
N GLY A 33 -6.48 -2.67 -24.39
CA GLY A 33 -7.84 -2.24 -24.14
C GLY A 33 -8.85 -3.13 -24.82
N THR A 34 -8.46 -3.74 -25.94
CA THR A 34 -9.35 -4.62 -26.69
C THR A 34 -9.73 -5.84 -25.87
N VAL A 35 -8.74 -6.61 -25.45
CA VAL A 35 -8.99 -7.81 -24.65
C VAL A 35 -9.85 -7.50 -23.44
N MET A 36 -9.46 -6.46 -22.70
CA MET A 36 -10.20 -6.05 -21.51
C MET A 36 -11.69 -5.88 -21.82
N ARG A 37 -11.98 -5.39 -23.03
CA ARG A 37 -13.36 -5.17 -23.45
C ARG A 37 -14.16 -6.46 -23.34
N SER A 38 -13.65 -7.53 -23.91
CA SER A 38 -14.33 -8.82 -23.89
C SER A 38 -14.38 -9.38 -22.47
N LEU A 39 -13.39 -9.01 -21.66
CA LEU A 39 -13.32 -9.46 -20.28
C LEU A 39 -14.30 -8.70 -19.40
N GLY A 40 -14.67 -7.50 -19.84
CA GLY A 40 -15.60 -6.69 -19.08
C GLY A 40 -14.91 -5.60 -18.27
N GLN A 41 -13.81 -5.09 -18.81
CA GLN A 41 -13.05 -4.03 -18.13
C GLN A 41 -12.74 -2.88 -19.08
N ASN A 42 -13.46 -1.78 -18.91
CA ASN A 42 -13.27 -0.60 -19.75
C ASN A 42 -12.62 0.54 -18.97
N PRO A 43 -11.29 0.42 -18.75
CA PRO A 43 -10.53 1.43 -18.01
C PRO A 43 -10.39 2.73 -18.79
N THR A 44 -9.93 3.77 -18.11
CA THR A 44 -9.74 5.08 -18.74
C THR A 44 -8.37 5.18 -19.39
N GLU A 45 -8.25 6.09 -20.36
CA GLU A 45 -6.99 6.29 -21.07
C GLU A 45 -5.84 6.51 -20.09
N ALA A 46 -6.13 7.26 -19.01
CA ALA A 46 -5.12 7.55 -18.00
C ALA A 46 -4.82 6.31 -17.16
N GLU A 47 -5.83 5.48 -16.96
CA GLU A 47 -5.67 4.27 -16.17
C GLU A 47 -4.80 3.24 -16.90
N LEU A 48 -5.14 3.00 -18.17
CA LEU A 48 -4.39 2.05 -18.98
C LEU A 48 -2.91 2.40 -19.02
N GLN A 49 -2.62 3.69 -19.17
CA GLN A 49 -1.24 4.16 -19.22
C GLN A 49 -0.48 3.74 -17.96
N ASP A 50 -1.18 3.69 -16.84
CA ASP A 50 -0.57 3.30 -15.57
C ASP A 50 -0.22 1.82 -15.56
N MET A 51 -1.09 1.01 -16.18
CA MET A 51 -0.87 -0.43 -16.23
C MET A 51 0.36 -0.75 -17.07
N ILE A 52 0.36 -0.30 -18.32
CA ILE A 52 1.47 -0.55 -19.22
C ILE A 52 2.78 0.00 -18.65
N ASN A 53 2.71 1.20 -18.08
CA ASN A 53 3.88 1.85 -17.49
C ASN A 53 4.46 0.98 -16.37
N GLU A 54 3.59 0.33 -15.61
CA GLU A 54 4.02 -0.52 -14.51
C GLU A 54 4.78 -1.74 -15.04
N VAL A 55 4.45 -2.17 -16.25
CA VAL A 55 5.11 -3.32 -16.86
C VAL A 55 6.11 -2.88 -17.91
N ASP A 56 6.32 -1.56 -18.01
CA ASP A 56 7.25 -1.01 -18.99
C ASP A 56 8.65 -0.90 -18.38
N ALA A 57 9.49 -1.90 -18.66
CA ALA A 57 10.85 -1.91 -18.16
C ALA A 57 11.80 -1.19 -19.11
N ASP A 58 11.63 -1.43 -20.40
CA ASP A 58 12.46 -0.79 -21.41
C ASP A 58 11.94 0.58 -21.78
N GLY A 59 10.84 0.98 -21.14
CA GLY A 59 10.25 2.28 -21.41
C GLY A 59 9.94 2.48 -22.88
N ASN A 60 9.13 1.60 -23.44
CA ASN A 60 8.75 1.68 -24.84
C ASN A 60 7.26 1.97 -25.00
N GLY A 61 6.52 1.76 -23.92
CA GLY A 61 5.08 2.01 -23.96
C GLY A 61 4.30 0.77 -24.36
N THR A 62 4.94 -0.38 -24.28
CA THR A 62 4.30 -1.64 -24.65
C THR A 62 4.88 -2.81 -23.86
N ILE A 63 4.15 -3.93 -23.84
CA ILE A 63 4.61 -5.11 -23.12
C ILE A 63 5.30 -6.10 -24.07
N ASP A 64 6.58 -6.34 -23.84
CA ASP A 64 7.35 -7.26 -24.66
C ASP A 64 7.09 -8.70 -24.25
N PHE A 65 7.85 -9.63 -24.84
CA PHE A 65 7.71 -11.04 -24.52
C PHE A 65 8.09 -11.33 -23.08
N PRO A 66 9.34 -10.99 -22.72
CA PRO A 66 9.85 -11.19 -21.36
C PRO A 66 9.19 -10.26 -20.34
N GLU A 67 8.76 -9.10 -20.80
CA GLU A 67 8.12 -8.12 -19.93
C GLU A 67 6.89 -8.71 -19.28
N PHE A 68 6.06 -9.39 -20.06
CA PHE A 68 4.85 -10.02 -19.56
C PHE A 68 5.17 -11.22 -18.68
N LEU A 69 6.21 -11.96 -19.06
CA LEU A 69 6.62 -13.14 -18.31
C LEU A 69 7.09 -12.76 -16.92
N THR A 70 8.04 -11.83 -16.85
CA THR A 70 8.57 -11.37 -15.57
C THR A 70 7.48 -10.75 -14.71
N MET A 71 6.48 -10.16 -15.36
CA MET A 71 5.37 -9.52 -14.65
C MET A 71 4.59 -10.55 -13.84
N MET A 72 4.33 -11.70 -14.44
CA MET A 72 3.58 -12.76 -13.78
C MET A 72 4.48 -13.55 -12.82
N ALA A 73 5.77 -13.62 -13.17
CA ALA A 73 6.73 -14.33 -12.34
C ALA A 73 7.08 -13.53 -11.09
N ARG A 74 6.99 -12.21 -11.18
CA ARG A 74 7.29 -11.34 -10.05
C ARG A 74 6.28 -11.53 -8.93
N LYS A 75 5.13 -12.11 -9.27
CA LYS A 75 4.08 -12.35 -8.28
C LYS A 75 4.64 -13.09 -7.07
N MET A 76 5.66 -13.90 -7.29
CA MET A 76 6.29 -14.66 -6.21
C MET A 76 6.69 -13.74 -5.06
N LYS A 77 7.02 -12.50 -5.39
CA LYS A 77 7.42 -11.53 -4.39
C LYS A 77 7.13 -10.11 -4.86
N ASP A 78 6.32 -9.38 -4.10
CA ASP A 78 5.96 -8.01 -4.45
C ASP A 78 5.47 -7.26 -3.21
N THR A 79 5.18 -5.97 -3.39
CA THR A 79 4.70 -5.13 -2.30
C THR A 79 3.51 -5.78 -1.59
N ASP A 80 3.27 -5.36 -0.35
CA ASP A 80 2.17 -5.89 0.43
C ASP A 80 1.46 -4.78 1.20
N SER A 81 2.24 -3.90 1.81
CA SER A 81 1.68 -2.79 2.58
C SER A 81 0.79 -1.92 1.71
N GLU A 82 1.31 -1.50 0.56
CA GLU A 82 0.56 -0.66 -0.35
C GLU A 82 -0.80 -1.29 -0.69
N GLU A 83 -0.76 -2.51 -1.22
CA GLU A 83 -1.99 -3.22 -1.58
C GLU A 83 -2.91 -3.34 -0.37
N GLU A 84 -2.33 -3.66 0.78
CA GLU A 84 -3.11 -3.81 2.01
C GLU A 84 -3.93 -2.56 2.30
N ILE A 85 -3.38 -1.41 1.96
CA ILE A 85 -4.07 -0.14 2.17
C ILE A 85 -5.18 0.06 1.15
N ARG A 86 -4.94 -0.38 -0.07
CA ARG A 86 -5.91 -0.25 -1.14
C ARG A 86 -7.10 -1.18 -0.92
N GLU A 87 -6.80 -2.47 -0.73
CA GLU A 87 -7.84 -3.47 -0.51
C GLU A 87 -8.64 -3.14 0.75
N ALA A 88 -7.95 -2.68 1.80
CA ALA A 88 -8.59 -2.34 3.05
C ALA A 88 -9.63 -1.24 2.84
N PHE A 89 -9.24 -0.18 2.14
CA PHE A 89 -10.14 0.93 1.88
C PHE A 89 -11.45 0.44 1.28
N ARG A 90 -11.36 -0.46 0.32
CA ARG A 90 -12.54 -1.01 -0.34
C ARG A 90 -13.37 -1.85 0.64
N VAL A 91 -12.68 -2.63 1.46
CA VAL A 91 -13.35 -3.47 2.45
C VAL A 91 -14.22 -2.65 3.39
N PHE A 92 -13.77 -1.43 3.68
CA PHE A 92 -14.50 -0.54 4.57
C PHE A 92 -15.52 0.28 3.79
N ASP A 93 -15.15 0.68 2.58
CA ASP A 93 -16.03 1.47 1.73
C ASP A 93 -17.31 0.71 1.42
N LYS A 94 -18.35 0.98 2.19
CA LYS A 94 -19.65 0.31 1.99
C LYS A 94 -20.40 0.94 0.83
N ASP A 95 -20.56 2.26 0.88
CA ASP A 95 -21.27 2.98 -0.18
C ASP A 95 -20.41 3.09 -1.44
N GLY A 96 -19.14 2.72 -1.31
CA GLY A 96 -18.23 2.79 -2.44
C GLY A 96 -18.06 4.21 -2.95
N ASN A 97 -18.16 5.18 -2.06
CA ASN A 97 -18.03 6.59 -2.43
C ASN A 97 -16.55 6.99 -2.51
N GLY A 98 -15.69 6.17 -1.93
CA GLY A 98 -14.27 6.46 -1.94
C GLY A 98 -13.85 7.35 -0.79
N TYR A 99 -14.69 7.43 0.24
CA TYR A 99 -14.40 8.25 1.41
C TYR A 99 -14.75 7.52 2.70
N ILE A 100 -14.00 7.80 3.75
CA ILE A 100 -14.23 7.17 5.04
C ILE A 100 -14.72 8.18 6.08
N SER A 101 -15.97 8.04 6.51
CA SER A 101 -16.56 8.95 7.48
C SER A 101 -16.69 8.26 8.84
N ALA A 102 -17.33 8.96 9.78
CA ALA A 102 -17.53 8.42 11.12
C ALA A 102 -18.49 7.23 11.10
N ALA A 103 -19.45 7.27 10.18
CA ALA A 103 -20.43 6.21 10.06
C ALA A 103 -19.79 4.93 9.52
N GLU A 104 -18.96 5.07 8.48
CA GLU A 104 -18.29 3.93 7.88
C GLU A 104 -17.14 3.45 8.76
N LEU A 105 -16.27 4.38 9.15
CA LEU A 105 -15.13 4.05 9.98
C LEU A 105 -15.57 3.32 11.24
N ARG A 106 -16.64 3.80 11.86
CA ARG A 106 -17.16 3.18 13.07
C ARG A 106 -17.46 1.71 12.85
N HIS A 107 -18.19 1.41 11.77
CA HIS A 107 -18.54 0.04 11.44
C HIS A 107 -17.30 -0.85 11.37
N VAL A 108 -16.20 -0.27 10.90
CA VAL A 108 -14.94 -1.00 10.79
C VAL A 108 -14.39 -1.37 12.16
N MET A 109 -14.39 -0.39 13.06
CA MET A 109 -13.89 -0.61 14.42
C MET A 109 -14.82 -1.52 15.20
N THR A 110 -16.09 -1.56 14.81
CA THR A 110 -17.08 -2.38 15.47
C THR A 110 -16.88 -3.86 15.12
N ASN A 111 -16.91 -4.16 13.82
CA ASN A 111 -16.74 -5.53 13.34
C ASN A 111 -15.42 -6.12 13.85
N LEU A 112 -14.45 -5.24 14.10
CA LEU A 112 -13.15 -5.68 14.59
C LEU A 112 -13.24 -6.18 16.03
N GLY A 113 -14.27 -5.74 16.74
CA GLY A 113 -14.46 -6.16 18.11
C GLY A 113 -14.01 -5.09 19.10
N GLU A 114 -14.17 -3.83 18.73
CA GLU A 114 -13.77 -2.72 19.59
C GLU A 114 -14.99 -1.98 20.12
N LYS A 115 -14.80 -1.19 21.16
CA LYS A 115 -15.89 -0.42 21.77
C LYS A 115 -15.64 1.08 21.64
N LEU A 116 -16.33 1.71 20.70
CA LEU A 116 -16.18 3.15 20.48
C LEU A 116 -17.54 3.84 20.43
N THR A 117 -17.82 4.68 21.42
CA THR A 117 -19.08 5.41 21.48
C THR A 117 -19.14 6.50 20.42
N ASP A 118 -20.31 7.12 20.29
CA ASP A 118 -20.50 8.19 19.31
C ASP A 118 -19.41 9.26 19.45
N GLU A 119 -19.03 9.54 20.70
CA GLU A 119 -18.01 10.55 20.97
C GLU A 119 -16.63 10.04 20.57
N GLU A 120 -16.40 8.74 20.76
CA GLU A 120 -15.12 8.14 20.41
C GLU A 120 -14.86 8.21 18.92
N VAL A 121 -15.91 8.00 18.13
CA VAL A 121 -15.81 8.05 16.68
C VAL A 121 -15.40 9.43 16.20
N ASP A 122 -16.01 10.46 16.78
CA ASP A 122 -15.72 11.84 16.42
C ASP A 122 -14.24 12.15 16.62
N GLU A 123 -13.73 11.90 17.82
CA GLU A 123 -12.34 12.15 18.13
C GLU A 123 -11.43 11.39 17.18
N MET A 124 -11.90 10.26 16.68
CA MET A 124 -11.13 9.44 15.75
C MET A 124 -10.97 10.15 14.41
N ILE A 125 -12.08 10.45 13.76
CA ILE A 125 -12.06 11.13 12.47
C ILE A 125 -11.24 12.42 12.55
N ARG A 126 -11.34 13.10 13.68
CA ARG A 126 -10.60 14.35 13.89
C ARG A 126 -9.11 14.12 13.77
N GLU A 127 -8.65 12.94 14.18
CA GLU A 127 -7.24 12.61 14.13
C GLU A 127 -6.78 12.39 12.69
N ALA A 128 -7.56 11.63 11.94
CA ALA A 128 -7.23 11.35 10.54
C ALA A 128 -7.48 12.57 9.66
N ASP A 129 -8.37 13.45 10.11
CA ASP A 129 -8.69 14.65 9.36
C ASP A 129 -7.51 15.62 9.35
N ILE A 130 -6.62 15.45 8.38
CA ILE A 130 -5.44 16.30 8.26
C ILE A 130 -5.80 17.63 7.60
N ASP A 131 -6.51 17.56 6.48
CA ASP A 131 -6.92 18.76 5.76
C ASP A 131 -8.06 19.47 6.48
N GLY A 132 -8.60 18.82 7.50
CA GLY A 132 -9.69 19.41 8.26
C GLY A 132 -10.93 19.61 7.42
N ASP A 133 -11.29 18.59 6.65
CA ASP A 133 -12.47 18.65 5.80
C ASP A 133 -13.69 18.09 6.52
N GLY A 134 -13.45 17.37 7.61
CA GLY A 134 -14.55 16.79 8.37
C GLY A 134 -14.70 15.31 8.13
N GLN A 135 -13.81 14.74 7.32
CA GLN A 135 -13.86 13.33 7.00
C GLN A 135 -12.46 12.77 6.74
N VAL A 136 -12.36 11.46 6.60
CA VAL A 136 -11.08 10.81 6.35
C VAL A 136 -11.00 10.29 4.93
N ASN A 137 -10.11 10.89 4.13
CA ASN A 137 -9.94 10.48 2.74
C ASN A 137 -8.82 9.45 2.62
N TYR A 138 -8.68 8.88 1.42
CA TYR A 138 -7.66 7.88 1.16
C TYR A 138 -6.28 8.40 1.54
N GLU A 139 -5.97 9.62 1.11
CA GLU A 139 -4.67 10.23 1.39
C GLU A 139 -4.38 10.19 2.89
N GLU A 140 -5.35 10.63 3.70
CA GLU A 140 -5.19 10.64 5.14
C GLU A 140 -5.10 9.21 5.69
N PHE A 141 -5.80 8.29 5.05
CA PHE A 141 -5.80 6.90 5.47
C PHE A 141 -4.42 6.27 5.29
N VAL A 142 -3.82 6.52 4.13
CA VAL A 142 -2.50 5.99 3.83
C VAL A 142 -1.42 6.64 4.70
N GLN A 143 -1.56 7.96 4.90
CA GLN A 143 -0.60 8.70 5.70
C GLN A 143 -0.59 8.20 7.15
N MET A 144 -1.74 8.24 7.79
CA MET A 144 -1.87 7.78 9.17
C MET A 144 -1.40 6.33 9.31
N MET A 145 -1.57 5.56 8.25
CA MET A 145 -1.16 4.16 8.24
C MET A 145 0.35 4.03 8.10
N THR A 146 0.94 4.90 7.29
CA THR A 146 2.38 4.89 7.08
C THR A 146 3.09 5.91 7.96
N ALA A 147 2.42 6.31 9.04
CA ALA A 147 2.99 7.28 9.97
C ALA A 147 3.17 6.67 11.36
N LYS A 148 4.27 7.04 12.02
CA LYS A 148 4.56 6.53 13.35
C LYS A 148 3.40 6.78 14.30
N LEU B 1 0.57 -1.45 24.63
CA LEU B 1 -0.49 -0.81 25.41
C LEU B 1 -0.22 0.69 25.55
N SER B 2 0.91 1.01 26.17
CA SER B 2 1.28 2.41 26.39
C SER B 2 0.20 3.16 27.15
N GLY B 3 -0.23 2.57 28.27
CA GLY B 3 -1.26 3.20 29.08
C GLY B 3 -2.52 3.49 28.29
N GLY B 4 -3.28 4.50 28.73
CA GLY B 4 -4.50 4.85 28.04
C GLY B 4 -4.34 6.07 27.16
N GLU B 5 -4.03 5.85 25.89
CA GLU B 5 -3.85 6.94 24.94
C GLU B 5 -4.49 6.61 23.60
N LEU B 6 -4.23 7.46 22.60
CA LEU B 6 -4.78 7.26 21.27
C LEU B 6 -4.10 6.09 20.57
N ASP B 7 -4.57 4.87 20.84
CA ASP B 7 -4.00 3.68 20.25
C ASP B 7 -5.02 3.00 19.33
N LYS B 8 -6.29 3.37 19.49
CA LYS B 8 -7.37 2.79 18.69
C LYS B 8 -7.03 2.87 17.20
N TRP B 9 -6.57 4.04 16.76
CA TRP B 9 -6.22 4.25 15.36
C TRP B 9 -5.14 3.25 14.92
N GLU B 10 -4.22 2.96 15.82
CA GLU B 10 -3.13 2.03 15.52
C GLU B 10 -3.68 0.64 15.18
N LYS B 11 -4.91 0.38 15.62
CA LYS B 11 -5.55 -0.91 15.36
C LYS B 11 -5.81 -1.08 13.87
N ILE B 12 -5.92 0.03 13.15
CA ILE B 12 -6.17 -0.01 11.71
C ILE B 12 -4.88 0.14 10.93
N ARG B 13 -3.86 0.72 11.56
CA ARG B 13 -2.57 0.92 10.92
C ARG B 13 -2.04 -0.39 10.35
N LEU B 14 -2.31 -1.49 11.05
CA LEU B 14 -1.86 -2.80 10.62
C LEU B 14 -0.34 -2.85 10.49
N ARG B 15 0.18 -3.96 9.98
CA ARG B 15 1.61 -4.12 9.80
C ARG B 15 1.93 -5.48 9.19
N PRO B 16 1.58 -6.56 9.90
CA PRO B 16 1.81 -7.92 9.45
C PRO B 16 0.93 -8.31 8.26
N GLY B 17 1.44 -8.10 7.06
CA GLY B 17 0.69 -8.42 5.86
C GLY B 17 1.32 -9.54 5.06
N GLY B 18 1.40 -9.36 3.75
CA GLY B 18 2.00 -10.37 2.89
C GLY B 18 1.38 -10.38 1.50
N LYS B 19 0.20 -9.80 1.37
CA LYS B 19 -0.49 -9.74 0.09
C LYS B 19 0.38 -9.08 -0.97
N LYS B 20 -0.11 -9.05 -2.20
CA LYS B 20 0.62 -8.43 -3.30
C LYS B 20 -0.20 -8.47 -4.59
N GLN B 21 -0.09 -7.41 -5.38
CA GLN B 21 -0.83 -7.32 -6.63
C GLN B 21 -0.08 -6.45 -7.64
N TYR B 22 -0.49 -6.53 -8.91
CA TYR B 22 0.15 -5.76 -9.97
C TYR B 22 -0.85 -4.81 -10.62
N LYS B 23 -2.12 -4.99 -10.30
CA LYS B 23 -3.17 -4.14 -10.85
C LYS B 23 -3.27 -4.30 -12.37
N LEU B 24 -2.85 -5.47 -12.85
CA LEU B 24 -2.90 -5.75 -14.28
C LEU B 24 -2.90 -7.25 -14.54
N LYS B 25 -1.97 -7.97 -13.91
CA LYS B 25 -1.87 -9.42 -14.06
C LYS B 25 -3.22 -10.08 -13.81
N HIS B 26 -3.98 -9.53 -12.88
CA HIS B 26 -5.30 -10.07 -12.54
C HIS B 26 -6.14 -10.25 -13.79
N ILE B 27 -6.03 -9.30 -14.72
CA ILE B 27 -6.79 -9.35 -15.97
C ILE B 27 -6.64 -10.71 -16.64
N VAL B 28 -5.43 -11.27 -16.58
CA VAL B 28 -5.15 -12.57 -17.19
C VAL B 28 -6.19 -13.60 -16.76
N TRP B 29 -6.57 -13.57 -15.49
CA TRP B 29 -7.56 -14.49 -14.96
C TRP B 29 -8.88 -14.38 -15.70
N ALA B 30 -9.24 -13.15 -16.08
CA ALA B 30 -10.48 -12.90 -16.80
C ALA B 30 -10.47 -13.59 -18.17
N SER B 31 -9.27 -13.95 -18.64
CA SER B 31 -9.12 -14.61 -19.93
C SER B 31 -9.58 -16.07 -19.85
N ARG B 32 -9.68 -16.58 -18.62
CA ARG B 32 -10.11 -17.96 -18.41
C ARG B 32 -11.47 -18.21 -19.08
N GLU B 33 -12.25 -17.16 -19.22
CA GLU B 33 -13.57 -17.27 -19.83
C GLU B 33 -13.47 -17.19 -21.36
N LEU B 34 -12.50 -16.43 -21.84
CA LEU B 34 -12.30 -16.27 -23.28
C LEU B 34 -11.66 -17.52 -23.88
N GLU B 35 -11.53 -17.53 -25.20
CA GLU B 35 -10.94 -18.67 -25.90
C GLU B 35 -10.75 -18.36 -27.37
N ARG B 36 -9.70 -17.59 -27.69
CA ARG B 36 -9.40 -17.22 -29.06
C ARG B 36 -7.91 -17.41 -29.36
CA CA C . -17.67 5.33 2.18
CA CA D . -9.72 15.05 5.76
CA CA E . 0.63 -6.01 -30.73
CA CA F . 8.25 -2.28 -22.39
N ALA A 1 2.92 -18.13 -16.47
CA ALA A 1 3.57 -17.20 -17.39
C ALA A 1 5.08 -17.32 -17.33
N ASP A 2 5.70 -17.54 -18.49
CA ASP A 2 7.16 -17.67 -18.56
C ASP A 2 7.78 -16.48 -19.28
N GLN A 3 7.49 -16.37 -20.58
CA GLN A 3 8.01 -15.28 -21.39
C GLN A 3 6.89 -14.42 -21.95
N LEU A 4 7.25 -13.36 -22.66
CA LEU A 4 6.27 -12.46 -23.26
C LEU A 4 6.34 -12.51 -24.78
N THR A 5 5.32 -13.09 -25.39
CA THR A 5 5.27 -13.20 -26.85
C THR A 5 4.33 -12.16 -27.45
N GLU A 6 4.25 -12.12 -28.77
CA GLU A 6 3.38 -11.17 -29.46
C GLU A 6 1.93 -11.34 -29.02
N GLU A 7 1.56 -12.58 -28.72
CA GLU A 7 0.19 -12.87 -28.30
C GLU A 7 -0.08 -12.29 -26.91
N GLN A 8 0.93 -12.34 -26.05
CA GLN A 8 0.79 -11.82 -24.70
C GLN A 8 0.92 -10.29 -24.69
N ILE A 9 1.80 -9.77 -25.53
CA ILE A 9 2.02 -8.34 -25.62
C ILE A 9 0.85 -7.65 -26.32
N ALA A 10 0.34 -8.28 -27.38
CA ALA A 10 -0.78 -7.73 -28.13
C ALA A 10 -2.03 -7.63 -27.25
N GLU A 11 -2.13 -8.49 -26.25
CA GLU A 11 -3.27 -8.49 -25.34
C GLU A 11 -3.18 -7.33 -24.36
N PHE A 12 -2.04 -7.21 -23.70
CA PHE A 12 -1.83 -6.14 -22.72
C PHE A 12 -1.78 -4.78 -23.41
N LYS A 13 -1.04 -4.71 -24.50
CA LYS A 13 -0.92 -3.47 -25.27
C LYS A 13 -2.29 -2.90 -25.62
N GLU A 14 -3.16 -3.77 -26.11
CA GLU A 14 -4.51 -3.35 -26.49
C GLU A 14 -5.22 -2.66 -25.33
N ALA A 15 -4.87 -3.06 -24.10
CA ALA A 15 -5.47 -2.48 -22.91
C ALA A 15 -5.01 -1.04 -22.71
N PHE A 16 -3.70 -0.82 -22.87
CA PHE A 16 -3.13 0.51 -22.71
C PHE A 16 -3.84 1.53 -23.61
N SER A 17 -3.89 1.22 -24.89
CA SER A 17 -4.53 2.11 -25.87
C SER A 17 -6.01 2.28 -25.54
N LEU A 18 -6.59 1.28 -24.88
CA LEU A 18 -8.00 1.31 -24.51
C LEU A 18 -8.27 2.42 -23.51
N PHE A 19 -7.35 2.59 -22.56
CA PHE A 19 -7.49 3.63 -21.54
C PHE A 19 -7.13 5.01 -22.11
N ASP A 20 -6.16 5.03 -23.01
CA ASP A 20 -5.73 6.28 -23.62
C ASP A 20 -6.82 6.86 -24.51
N LYS A 21 -7.57 7.82 -23.97
CA LYS A 21 -8.64 8.46 -24.71
C LYS A 21 -8.09 9.37 -25.80
N ASP A 22 -7.26 10.32 -25.40
CA ASP A 22 -6.65 11.26 -26.34
C ASP A 22 -5.61 10.57 -27.21
N GLY A 23 -5.28 9.34 -26.85
CA GLY A 23 -4.30 8.58 -27.62
C GLY A 23 -3.02 9.36 -27.84
N ASP A 24 -2.24 9.53 -26.77
CA ASP A 24 -0.99 10.25 -26.86
C ASP A 24 0.19 9.33 -26.58
N GLY A 25 -0.09 8.16 -26.00
CA GLY A 25 0.96 7.21 -25.69
C GLY A 25 1.34 7.23 -24.23
N THR A 26 0.53 7.89 -23.42
CA THR A 26 0.79 7.99 -21.98
C THR A 26 -0.50 8.22 -21.20
N ILE A 27 -0.57 7.63 -20.01
CA ILE A 27 -1.75 7.77 -19.17
C ILE A 27 -1.50 8.76 -18.03
N THR A 28 -2.22 9.89 -18.06
CA THR A 28 -2.07 10.91 -17.05
C THR A 28 -3.22 10.85 -16.03
N THR A 29 -3.12 11.68 -14.99
CA THR A 29 -4.15 11.72 -13.96
C THR A 29 -5.50 12.11 -14.54
N LYS A 30 -5.48 12.90 -15.61
CA LYS A 30 -6.70 13.35 -16.25
C LYS A 30 -7.26 12.26 -17.17
N GLU A 31 -6.40 11.73 -18.03
CA GLU A 31 -6.80 10.68 -18.96
C GLU A 31 -7.24 9.43 -18.21
N LEU A 32 -6.58 9.14 -17.10
CA LEU A 32 -6.90 7.98 -16.29
C LEU A 32 -8.19 8.19 -15.51
N GLY A 33 -8.26 9.31 -14.78
CA GLY A 33 -9.44 9.61 -14.01
C GLY A 33 -10.71 9.55 -14.83
N THR A 34 -10.60 9.83 -16.12
CA THR A 34 -11.73 9.79 -17.02
C THR A 34 -12.29 8.38 -17.18
N VAL A 35 -11.44 7.47 -17.64
CA VAL A 35 -11.84 6.08 -17.83
C VAL A 35 -12.42 5.50 -16.54
N MET A 36 -11.74 5.74 -15.43
CA MET A 36 -12.18 5.24 -14.13
C MET A 36 -13.63 5.62 -13.87
N ARG A 37 -14.00 6.82 -14.28
CA ARG A 37 -15.36 7.32 -14.09
C ARG A 37 -16.37 6.36 -14.71
N SER A 38 -16.18 6.03 -15.98
CA SER A 38 -17.07 5.12 -16.69
C SER A 38 -17.12 3.76 -16.00
N LEU A 39 -16.02 3.39 -15.37
CA LEU A 39 -15.93 2.11 -14.66
C LEU A 39 -16.61 2.19 -13.30
N GLY A 40 -16.74 3.41 -12.77
CA GLY A 40 -17.37 3.60 -11.48
C GLY A 40 -16.36 3.82 -10.38
N GLN A 41 -15.23 4.43 -10.72
CA GLN A 41 -14.18 4.71 -9.74
C GLN A 41 -13.79 6.18 -9.78
N ASN A 42 -14.07 6.89 -8.68
CA ASN A 42 -13.75 8.31 -8.59
C ASN A 42 -12.62 8.53 -7.59
N PRO A 43 -11.37 8.32 -8.04
CA PRO A 43 -10.19 8.49 -7.20
C PRO A 43 -9.92 9.97 -6.88
N THR A 44 -9.02 10.20 -5.92
CA THR A 44 -8.67 11.56 -5.52
C THR A 44 -7.39 12.03 -6.20
N GLU A 45 -7.22 13.34 -6.29
CA GLU A 45 -6.04 13.92 -6.92
C GLU A 45 -4.76 13.33 -6.32
N ALA A 46 -4.73 13.23 -5.00
CA ALA A 46 -3.57 12.68 -4.30
C ALA A 46 -3.47 11.18 -4.52
N GLU A 47 -4.61 10.52 -4.67
CA GLU A 47 -4.64 9.08 -4.87
C GLU A 47 -4.04 8.72 -6.22
N LEU A 48 -4.47 9.40 -7.27
CA LEU A 48 -3.97 9.14 -8.62
C LEU A 48 -2.45 9.26 -8.67
N GLN A 49 -1.93 10.36 -8.14
CA GLN A 49 -0.49 10.60 -8.12
C GLN A 49 0.23 9.50 -7.33
N ASP A 50 -0.47 8.92 -6.36
CA ASP A 50 0.09 7.87 -5.54
C ASP A 50 0.17 6.56 -6.31
N MET A 51 -0.93 6.17 -6.95
CA MET A 51 -0.97 4.94 -7.72
C MET A 51 -0.08 5.04 -8.95
N ILE A 52 -0.11 6.20 -9.60
CA ILE A 52 0.70 6.42 -10.80
C ILE A 52 2.18 6.44 -10.46
N ASN A 53 2.51 7.01 -9.31
CA ASN A 53 3.90 7.09 -8.87
C ASN A 53 4.48 5.70 -8.64
N GLU A 54 3.61 4.75 -8.36
CA GLU A 54 4.04 3.37 -8.11
C GLU A 54 4.46 2.69 -9.41
N VAL A 55 3.71 2.94 -10.48
CA VAL A 55 4.00 2.36 -11.78
C VAL A 55 5.00 3.22 -12.56
N ASP A 56 5.15 4.47 -12.13
CA ASP A 56 6.07 5.39 -12.78
C ASP A 56 7.52 4.95 -12.57
N ALA A 57 8.04 4.21 -13.54
CA ALA A 57 9.41 3.72 -13.46
C ALA A 57 10.38 4.74 -14.06
N ASP A 58 9.90 5.51 -15.03
CA ASP A 58 10.74 6.51 -15.69
C ASP A 58 10.58 7.87 -15.01
N GLY A 59 9.74 7.91 -13.98
CA GLY A 59 9.53 9.15 -13.26
C GLY A 59 9.14 10.30 -14.17
N ASN A 60 8.03 10.13 -14.90
CA ASN A 60 7.57 11.16 -15.82
C ASN A 60 6.24 11.75 -15.36
N GLY A 61 5.58 11.05 -14.44
CA GLY A 61 4.30 11.51 -13.93
C GLY A 61 3.12 10.87 -14.65
N THR A 62 3.41 9.89 -15.49
CA THR A 62 2.37 9.20 -16.24
C THR A 62 2.77 7.75 -16.53
N ILE A 63 1.84 7.00 -17.12
CA ILE A 63 2.10 5.60 -17.45
C ILE A 63 2.42 5.44 -18.93
N ASP A 64 3.64 5.02 -19.24
CA ASP A 64 4.06 4.82 -20.61
C ASP A 64 3.52 3.50 -21.17
N PHE A 65 3.97 3.15 -22.37
CA PHE A 65 3.51 1.91 -23.01
C PHE A 65 3.96 0.69 -22.22
N PRO A 66 5.29 0.57 -22.04
CA PRO A 66 5.88 -0.56 -21.30
C PRO A 66 5.58 -0.49 -19.81
N GLU A 67 5.45 0.73 -19.29
CA GLU A 67 5.16 0.93 -17.87
C GLU A 67 3.88 0.21 -17.47
N PHE A 68 2.86 0.31 -18.33
CA PHE A 68 1.58 -0.33 -18.06
C PHE A 68 1.67 -1.84 -18.26
N LEU A 69 2.46 -2.26 -19.24
CA LEU A 69 2.63 -3.69 -19.53
C LEU A 69 3.36 -4.39 -18.38
N THR A 70 4.51 -3.86 -18.00
CA THR A 70 5.31 -4.43 -16.93
C THR A 70 4.49 -4.52 -15.64
N MET A 71 3.56 -3.58 -15.47
CA MET A 71 2.72 -3.55 -14.28
C MET A 71 1.90 -4.84 -14.17
N MET A 72 1.23 -5.20 -15.25
CA MET A 72 0.41 -6.40 -15.27
C MET A 72 1.21 -7.62 -14.82
N ALA A 73 2.44 -7.73 -15.33
CA ALA A 73 3.29 -8.85 -14.97
C ALA A 73 3.82 -8.70 -13.54
N ARG A 74 3.93 -7.47 -13.08
CA ARG A 74 4.42 -7.19 -11.73
C ARG A 74 3.47 -7.76 -10.69
N LYS A 75 2.25 -8.07 -11.11
CA LYS A 75 1.24 -8.63 -10.22
C LYS A 75 1.76 -9.88 -9.52
N MET A 76 2.78 -10.50 -10.12
CA MET A 76 3.36 -11.71 -9.55
C MET A 76 3.79 -11.49 -8.10
N LYS A 77 4.70 -10.55 -7.90
CA LYS A 77 5.18 -10.23 -6.56
C LYS A 77 5.61 -8.77 -6.46
N ASP A 78 6.24 -8.42 -5.34
CA ASP A 78 6.70 -7.05 -5.13
C ASP A 78 5.52 -6.08 -5.10
N THR A 79 4.59 -6.32 -4.19
CA THR A 79 3.41 -5.46 -4.06
C THR A 79 2.74 -5.65 -2.70
N ASP A 80 2.50 -4.55 -2.01
CA ASP A 80 1.87 -4.59 -0.69
C ASP A 80 1.57 -3.17 -0.19
N SER A 81 2.49 -2.25 -0.45
CA SER A 81 2.32 -0.87 -0.02
C SER A 81 1.04 -0.27 -0.59
N GLU A 82 0.62 -0.78 -1.74
CA GLU A 82 -0.60 -0.30 -2.40
C GLU A 82 -1.77 -1.21 -2.10
N GLU A 83 -1.55 -2.52 -2.20
CA GLU A 83 -2.60 -3.50 -1.95
C GLU A 83 -3.12 -3.37 -0.52
N GLU A 84 -2.22 -3.11 0.41
CA GLU A 84 -2.58 -2.97 1.82
C GLU A 84 -3.58 -1.82 2.01
N ILE A 85 -3.32 -0.70 1.33
CA ILE A 85 -4.19 0.46 1.43
C ILE A 85 -5.47 0.25 0.63
N ARG A 86 -5.32 -0.14 -0.62
CA ARG A 86 -6.47 -0.37 -1.50
C ARG A 86 -7.42 -1.40 -0.87
N GLU A 87 -6.88 -2.56 -0.51
CA GLU A 87 -7.69 -3.62 0.10
C GLU A 87 -8.40 -3.11 1.35
N ALA A 88 -7.62 -2.59 2.29
CA ALA A 88 -8.17 -2.07 3.54
C ALA A 88 -9.26 -1.05 3.28
N PHE A 89 -8.95 -0.07 2.43
CA PHE A 89 -9.92 0.98 2.09
C PHE A 89 -11.16 0.38 1.43
N ARG A 90 -10.95 -0.67 0.64
CA ARG A 90 -12.05 -1.33 -0.05
C ARG A 90 -12.91 -2.13 0.93
N VAL A 91 -12.29 -2.58 2.02
CA VAL A 91 -12.99 -3.35 3.04
C VAL A 91 -13.90 -2.46 3.88
N PHE A 92 -13.52 -1.19 4.01
CA PHE A 92 -14.28 -0.23 4.79
C PHE A 92 -15.22 0.57 3.89
N ASP A 93 -14.82 0.77 2.64
CA ASP A 93 -15.64 1.52 1.69
C ASP A 93 -16.79 0.66 1.17
N LYS A 94 -17.91 0.72 1.87
CA LYS A 94 -19.09 -0.05 1.48
C LYS A 94 -19.82 0.63 0.31
N ASP A 95 -20.05 1.93 0.44
CA ASP A 95 -20.74 2.69 -0.60
C ASP A 95 -19.84 2.89 -1.80
N GLY A 96 -18.56 2.54 -1.64
CA GLY A 96 -17.61 2.69 -2.74
C GLY A 96 -17.47 4.13 -3.18
N ASN A 97 -17.69 5.06 -2.25
CA ASN A 97 -17.59 6.48 -2.57
C ASN A 97 -16.15 6.95 -2.52
N GLY A 98 -15.28 6.14 -1.91
CA GLY A 98 -13.88 6.48 -1.80
C GLY A 98 -13.59 7.43 -0.66
N TYR A 99 -14.52 7.50 0.29
CA TYR A 99 -14.37 8.37 1.45
C TYR A 99 -14.80 7.66 2.73
N ILE A 100 -14.01 7.82 3.79
CA ILE A 100 -14.31 7.21 5.06
C ILE A 100 -14.82 8.24 6.08
N SER A 101 -16.00 7.98 6.63
CA SER A 101 -16.59 8.88 7.61
C SER A 101 -16.74 8.20 8.96
N ALA A 102 -17.19 8.97 9.96
CA ALA A 102 -17.37 8.44 11.30
C ALA A 102 -18.36 7.28 11.31
N ALA A 103 -19.41 7.39 10.51
CA ALA A 103 -20.43 6.35 10.43
C ALA A 103 -19.84 5.04 9.90
N GLU A 104 -18.94 5.15 8.93
CA GLU A 104 -18.30 3.99 8.35
C GLU A 104 -17.28 3.39 9.30
N LEU A 105 -16.38 4.23 9.79
CA LEU A 105 -15.34 3.79 10.72
C LEU A 105 -15.96 3.12 11.94
N ARG A 106 -17.00 3.74 12.49
CA ARG A 106 -17.68 3.19 13.66
C ARG A 106 -18.06 1.73 13.44
N HIS A 107 -18.70 1.46 12.30
CA HIS A 107 -19.13 0.11 11.97
C HIS A 107 -17.93 -0.81 11.77
N VAL A 108 -16.85 -0.25 11.22
CA VAL A 108 -15.63 -1.02 10.98
C VAL A 108 -15.08 -1.61 12.27
N MET A 109 -14.90 -0.75 13.28
CA MET A 109 -14.39 -1.18 14.56
C MET A 109 -15.25 -2.29 15.15
N THR A 110 -16.55 -2.20 14.93
CA THR A 110 -17.49 -3.19 15.44
C THR A 110 -17.08 -4.60 15.01
N ASN A 111 -16.53 -4.71 13.82
CA ASN A 111 -16.09 -6.00 13.29
C ASN A 111 -14.79 -6.45 13.96
N LEU A 112 -14.01 -5.50 14.43
CA LEU A 112 -12.76 -5.79 15.10
C LEU A 112 -12.99 -6.27 16.53
N GLY A 113 -14.12 -5.85 17.10
CA GLY A 113 -14.45 -6.24 18.46
C GLY A 113 -14.16 -5.15 19.47
N GLU A 114 -14.33 -3.90 19.04
CA GLU A 114 -14.08 -2.76 19.92
C GLU A 114 -15.26 -1.79 19.90
N LYS A 115 -15.99 -1.73 21.02
CA LYS A 115 -17.14 -0.86 21.14
C LYS A 115 -16.70 0.61 21.25
N LEU A 116 -17.39 1.48 20.51
CA LEU A 116 -17.07 2.90 20.53
C LEU A 116 -18.35 3.74 20.56
N THR A 117 -18.22 4.98 21.03
CA THR A 117 -19.37 5.88 21.12
C THR A 117 -19.27 6.98 20.06
N ASP A 118 -20.39 7.64 19.81
CA ASP A 118 -20.43 8.72 18.81
C ASP A 118 -19.34 9.75 19.09
N GLU A 119 -19.13 10.06 20.37
CA GLU A 119 -18.11 11.03 20.75
C GLU A 119 -16.71 10.44 20.60
N GLU A 120 -16.59 9.14 20.83
CA GLU A 120 -15.31 8.46 20.73
C GLU A 120 -14.82 8.45 19.28
N VAL A 121 -15.73 8.14 18.36
CA VAL A 121 -15.41 8.10 16.94
C VAL A 121 -14.84 9.44 16.46
N ASP A 122 -15.30 10.52 17.08
CA ASP A 122 -14.85 11.86 16.72
C ASP A 122 -13.34 11.99 16.91
N GLU A 123 -12.85 11.51 18.04
CA GLU A 123 -11.42 11.57 18.34
C GLU A 123 -10.60 10.91 17.24
N MET A 124 -11.19 9.92 16.59
CA MET A 124 -10.51 9.20 15.50
C MET A 124 -10.50 10.04 14.23
N ILE A 125 -11.69 10.39 13.75
CA ILE A 125 -11.81 11.19 12.53
C ILE A 125 -11.00 12.48 12.64
N ARG A 126 -10.95 13.04 13.84
CA ARG A 126 -10.21 14.27 14.08
C ARG A 126 -8.72 14.07 13.82
N GLU A 127 -8.24 12.85 14.08
CA GLU A 127 -6.83 12.54 13.88
C GLU A 127 -6.52 12.37 12.40
N ALA A 128 -7.30 11.53 11.72
CA ALA A 128 -7.10 11.28 10.30
C ALA A 128 -7.37 12.54 9.49
N ASP A 129 -8.34 13.34 9.94
CA ASP A 129 -8.69 14.57 9.24
C ASP A 129 -7.57 15.59 9.35
N ILE A 130 -6.62 15.53 8.42
CA ILE A 130 -5.49 16.45 8.41
C ILE A 130 -5.89 17.79 7.80
N ASP A 131 -6.57 17.74 6.65
CA ASP A 131 -7.01 18.94 5.97
C ASP A 131 -8.16 19.61 6.73
N GLY A 132 -8.68 18.91 7.73
CA GLY A 132 -9.78 19.45 8.51
C GLY A 132 -11.03 19.66 7.67
N ASP A 133 -11.36 18.68 6.85
CA ASP A 133 -12.54 18.76 5.99
C ASP A 133 -13.76 18.18 6.69
N GLY A 134 -13.52 17.42 7.76
CA GLY A 134 -14.61 16.81 8.49
C GLY A 134 -14.78 15.34 8.18
N GLN A 135 -13.88 14.81 7.35
CA GLN A 135 -13.93 13.40 6.96
C GLN A 135 -12.53 12.87 6.68
N VAL A 136 -12.43 11.56 6.48
CA VAL A 136 -11.16 10.92 6.19
C VAL A 136 -11.11 10.39 4.77
N ASN A 137 -10.32 11.04 3.92
CA ASN A 137 -10.18 10.64 2.53
C ASN A 137 -9.04 9.63 2.36
N TYR A 138 -8.92 9.09 1.15
CA TYR A 138 -7.87 8.11 0.86
C TYR A 138 -6.49 8.70 1.12
N GLU A 139 -6.27 9.91 0.60
CA GLU A 139 -4.99 10.59 0.78
C GLU A 139 -4.58 10.62 2.24
N GLU A 140 -5.55 10.86 3.12
CA GLU A 140 -5.30 10.92 4.55
C GLU A 140 -5.15 9.52 5.14
N PHE A 141 -5.97 8.59 4.65
CA PHE A 141 -5.93 7.21 5.12
C PHE A 141 -4.58 6.56 4.81
N VAL A 142 -4.00 6.92 3.67
CA VAL A 142 -2.72 6.39 3.26
C VAL A 142 -1.61 6.80 4.23
N GLN A 143 -1.61 8.08 4.60
CA GLN A 143 -0.62 8.61 5.52
C GLN A 143 -0.88 8.14 6.95
N MET A 144 -2.15 7.92 7.26
CA MET A 144 -2.54 7.47 8.60
C MET A 144 -2.17 6.00 8.80
N MET A 145 -2.18 5.23 7.71
CA MET A 145 -1.84 3.82 7.78
C MET A 145 -0.33 3.62 7.75
N THR A 146 0.37 4.57 7.14
CA THR A 146 1.83 4.50 7.05
C THR A 146 2.49 5.05 8.31
N ALA A 147 1.80 5.94 8.99
CA ALA A 147 2.32 6.55 10.21
C ALA A 147 2.59 5.48 11.27
N LYS A 148 3.87 5.34 11.63
CA LYS A 148 4.28 4.36 12.63
C LYS A 148 4.99 5.03 13.80
N LEU B 1 2.08 1.36 21.47
CA LEU B 1 2.21 2.17 22.68
C LEU B 1 0.92 2.91 22.97
N SER B 2 0.74 3.32 24.23
CA SER B 2 -0.45 4.05 24.63
C SER B 2 -0.09 5.39 25.25
N GLY B 3 -1.11 6.16 25.63
CA GLY B 3 -0.88 7.47 26.22
C GLY B 3 -2.11 8.01 26.91
N GLY B 4 -2.59 9.17 26.45
CA GLY B 4 -3.75 9.78 27.04
C GLY B 4 -5.05 9.16 26.54
N GLU B 5 -5.11 8.89 25.25
CA GLU B 5 -6.30 8.29 24.64
C GLU B 5 -6.02 6.86 24.19
N LEU B 6 -7.00 6.25 23.53
CA LEU B 6 -6.86 4.88 23.05
C LEU B 6 -6.25 4.86 21.65
N ASP B 7 -5.21 4.05 21.49
CA ASP B 7 -4.53 3.93 20.20
C ASP B 7 -5.32 3.01 19.26
N LYS B 8 -6.56 3.38 18.99
CA LYS B 8 -7.41 2.60 18.11
C LYS B 8 -6.90 2.64 16.67
N TRP B 9 -6.50 3.83 16.23
CA TRP B 9 -5.98 4.01 14.88
C TRP B 9 -4.87 3.00 14.58
N GLU B 10 -3.94 2.87 15.52
CA GLU B 10 -2.83 1.94 15.35
C GLU B 10 -3.34 0.52 15.09
N LYS B 11 -4.52 0.22 15.61
CA LYS B 11 -5.11 -1.10 15.43
C LYS B 11 -5.69 -1.26 14.03
N ILE B 12 -6.06 -0.13 13.42
CA ILE B 12 -6.63 -0.14 12.07
C ILE B 12 -5.54 -0.28 11.02
N ARG B 13 -4.31 0.10 11.39
CA ARG B 13 -3.18 0.01 10.48
C ARG B 13 -2.81 -1.45 10.19
N LEU B 14 -3.10 -2.32 11.15
CA LEU B 14 -2.80 -3.73 11.00
C LEU B 14 -1.30 -3.97 10.88
N ARG B 15 -0.92 -5.20 10.53
CA ARG B 15 0.48 -5.55 10.37
C ARG B 15 0.84 -5.71 8.90
N PRO B 16 2.14 -5.60 8.59
CA PRO B 16 2.65 -5.73 7.22
C PRO B 16 2.55 -7.17 6.71
N GLY B 17 1.43 -7.48 6.07
CA GLY B 17 1.23 -8.82 5.53
C GLY B 17 -0.18 -9.04 5.01
N GLY B 18 -0.29 -9.32 3.72
CA GLY B 18 -1.59 -9.54 3.13
C GLY B 18 -1.53 -9.69 1.62
N LYS B 19 -2.61 -9.33 0.94
CA LYS B 19 -2.67 -9.43 -0.51
C LYS B 19 -1.47 -8.73 -1.15
N LYS B 20 -1.25 -9.00 -2.44
CA LYS B 20 -0.14 -8.40 -3.16
C LYS B 20 -0.49 -8.21 -4.63
N GLN B 21 -0.81 -6.98 -5.01
CA GLN B 21 -1.16 -6.67 -6.39
C GLN B 21 -1.40 -5.18 -6.57
N TYR B 22 -0.96 -4.64 -7.70
CA TYR B 22 -1.13 -3.22 -7.99
C TYR B 22 -2.58 -2.79 -7.81
N LYS B 23 -2.77 -1.54 -7.42
CA LYS B 23 -4.11 -1.00 -7.22
C LYS B 23 -4.60 -0.27 -8.47
N LEU B 24 -4.04 -0.64 -9.61
CA LEU B 24 -4.44 -0.02 -10.88
C LEU B 24 -4.74 -1.08 -11.93
N LYS B 25 -3.89 -2.11 -12.00
CA LYS B 25 -4.08 -3.18 -12.96
C LYS B 25 -5.51 -3.72 -12.90
N HIS B 26 -6.02 -3.90 -11.70
CA HIS B 26 -7.38 -4.40 -11.51
C HIS B 26 -8.37 -3.60 -12.33
N ILE B 27 -8.16 -2.29 -12.40
CA ILE B 27 -9.05 -1.41 -13.16
C ILE B 27 -9.25 -1.93 -14.58
N VAL B 28 -8.18 -2.47 -15.16
CA VAL B 28 -8.23 -3.00 -16.52
C VAL B 28 -9.43 -3.93 -16.70
N TRP B 29 -9.71 -4.73 -15.67
CA TRP B 29 -10.83 -5.66 -15.71
C TRP B 29 -12.14 -4.93 -15.95
N ALA B 30 -12.30 -3.78 -15.32
CA ALA B 30 -13.50 -2.98 -15.47
C ALA B 30 -13.67 -2.50 -16.90
N SER B 31 -12.57 -2.51 -17.65
CA SER B 31 -12.59 -2.07 -19.05
C SER B 31 -13.11 -3.16 -19.95
N ARG B 32 -13.10 -4.40 -19.46
CA ARG B 32 -13.57 -5.54 -20.23
C ARG B 32 -15.00 -5.31 -20.73
N GLU B 33 -15.74 -4.49 -20.01
CA GLU B 33 -17.13 -4.19 -20.37
C GLU B 33 -17.18 -3.01 -21.35
N LEU B 34 -16.44 -1.96 -21.04
CA LEU B 34 -16.40 -0.77 -21.89
C LEU B 34 -16.08 -1.14 -23.33
N GLU B 35 -17.07 -1.01 -24.21
CA GLU B 35 -16.89 -1.32 -25.62
C GLU B 35 -16.32 -2.73 -25.79
N ARG B 36 -17.19 -3.73 -25.69
CA ARG B 36 -16.77 -5.12 -25.83
C ARG B 36 -17.49 -5.78 -27.00
CA CA C . -17.08 4.97 1.97
CA CA D . -9.82 15.14 5.72
CA CA E . -3.24 9.70 -22.88
CA CA F . 6.08 6.71 -16.33
N ALA A 1 -0.12 16.68 11.25
CA ALA A 1 0.13 15.26 11.06
C ALA A 1 1.27 14.78 11.96
N ASP A 2 2.48 15.25 11.69
CA ASP A 2 3.65 14.87 12.47
C ASP A 2 3.87 13.36 12.42
N GLN A 3 4.53 12.89 11.37
CA GLN A 3 4.80 11.46 11.21
C GLN A 3 5.50 10.91 12.44
N LEU A 4 6.77 11.27 12.61
CA LEU A 4 7.56 10.81 13.74
C LEU A 4 7.31 11.67 14.98
N THR A 5 6.62 11.10 15.96
CA THR A 5 6.31 11.82 17.19
C THR A 5 7.33 11.49 18.28
N GLU A 6 7.22 12.18 19.42
CA GLU A 6 8.11 11.96 20.54
C GLU A 6 8.08 10.49 20.98
N GLU A 7 6.90 9.89 20.94
CA GLU A 7 6.73 8.50 21.32
C GLU A 7 7.44 7.57 20.34
N GLN A 8 7.45 7.96 19.08
CA GLN A 8 8.09 7.17 18.03
C GLN A 8 9.60 7.34 18.06
N ILE A 9 10.04 8.58 18.25
CA ILE A 9 11.47 8.89 18.29
C ILE A 9 12.10 8.36 19.57
N ALA A 10 11.43 8.59 20.70
CA ALA A 10 11.92 8.14 21.99
C ALA A 10 12.19 6.63 21.98
N GLU A 11 11.44 5.91 21.15
CA GLU A 11 11.59 4.46 21.04
C GLU A 11 12.86 4.11 20.27
N PHE A 12 13.01 4.69 19.08
CA PHE A 12 14.17 4.43 18.24
C PHE A 12 15.45 4.91 18.93
N LYS A 13 15.41 6.11 19.48
CA LYS A 13 16.57 6.68 20.17
C LYS A 13 17.06 5.76 21.26
N GLU A 14 16.13 5.05 21.91
CA GLU A 14 16.49 4.12 22.97
C GLU A 14 17.31 2.96 22.43
N ALA A 15 17.04 2.57 21.20
CA ALA A 15 17.76 1.47 20.55
C ALA A 15 19.22 1.84 20.31
N PHE A 16 19.44 3.08 19.87
CA PHE A 16 20.79 3.56 19.60
C PHE A 16 21.64 3.53 20.87
N SER A 17 21.15 4.18 21.92
CA SER A 17 21.87 4.24 23.19
C SER A 17 22.16 2.83 23.72
N LEU A 18 21.31 1.88 23.32
CA LEU A 18 21.47 0.50 23.76
C LEU A 18 22.74 -0.11 23.18
N PHE A 19 22.97 0.13 21.89
CA PHE A 19 24.15 -0.40 21.21
C PHE A 19 25.41 0.38 21.62
N ASP A 20 25.23 1.66 21.93
CA ASP A 20 26.34 2.51 22.33
C ASP A 20 26.80 2.16 23.74
N LYS A 21 27.87 1.36 23.83
CA LYS A 21 28.43 0.95 25.11
C LYS A 21 29.06 2.13 25.84
N ASP A 22 29.96 2.82 25.15
CA ASP A 22 30.65 3.98 25.74
C ASP A 22 29.71 5.18 25.81
N GLY A 23 28.56 5.06 25.15
CA GLY A 23 27.59 6.15 25.15
C GLY A 23 28.21 7.47 24.76
N ASP A 24 29.05 7.46 23.73
CA ASP A 24 29.71 8.66 23.25
C ASP A 24 28.84 9.38 22.22
N GLY A 25 27.84 8.69 21.69
CA GLY A 25 26.96 9.27 20.70
C GLY A 25 27.24 8.76 19.30
N THR A 26 28.36 8.06 19.14
CA THR A 26 28.74 7.52 17.84
C THR A 26 29.16 6.07 17.96
N ILE A 27 28.62 5.22 17.10
CA ILE A 27 28.94 3.80 17.10
C ILE A 27 30.18 3.52 16.25
N THR A 28 31.19 2.92 16.87
CA THR A 28 32.43 2.59 16.17
C THR A 28 32.44 1.14 15.74
N THR A 29 33.50 0.75 15.03
CA THR A 29 33.63 -0.62 14.55
C THR A 29 33.78 -1.60 15.71
N LYS A 30 34.61 -1.25 16.68
CA LYS A 30 34.83 -2.09 17.84
C LYS A 30 33.55 -2.23 18.67
N GLU A 31 32.84 -1.12 18.85
CA GLU A 31 31.61 -1.12 19.61
C GLU A 31 30.52 -1.90 18.89
N LEU A 32 30.56 -1.87 17.56
CA LEU A 32 29.57 -2.58 16.75
C LEU A 32 29.75 -4.09 16.88
N GLY A 33 31.00 -4.55 16.81
CA GLY A 33 31.28 -5.96 16.93
C GLY A 33 31.09 -6.48 18.33
N THR A 34 31.27 -5.61 19.32
CA THR A 34 31.11 -5.98 20.71
C THR A 34 29.68 -6.39 21.02
N VAL A 35 28.73 -5.52 20.70
CA VAL A 35 27.32 -5.79 20.93
C VAL A 35 26.87 -7.06 20.21
N MET A 36 27.15 -7.12 18.91
CA MET A 36 26.77 -8.29 18.11
C MET A 36 27.30 -9.57 18.74
N ARG A 37 28.48 -9.49 19.33
CA ARG A 37 29.09 -10.65 19.98
C ARG A 37 28.14 -11.27 21.00
N SER A 38 27.55 -10.42 21.84
CA SER A 38 26.62 -10.87 22.86
C SER A 38 25.34 -11.41 22.24
N LEU A 39 25.01 -10.91 21.05
CA LEU A 39 23.81 -11.33 20.34
C LEU A 39 24.05 -12.63 19.59
N GLY A 40 25.32 -12.95 19.37
CA GLY A 40 25.66 -14.17 18.65
C GLY A 40 26.05 -13.91 17.21
N GLN A 41 26.58 -12.73 16.94
CA GLN A 41 26.98 -12.36 15.60
C GLN A 41 28.49 -12.12 15.52
N ASN A 42 29.15 -12.86 14.64
CA ASN A 42 30.60 -12.73 14.47
C ASN A 42 30.93 -12.08 13.14
N PRO A 43 30.76 -10.75 13.07
CA PRO A 43 31.04 -9.97 11.85
C PRO A 43 32.54 -9.89 11.55
N THR A 44 32.87 -9.43 10.35
CA THR A 44 34.26 -9.30 9.93
C THR A 44 34.65 -7.84 9.77
N GLU A 45 35.94 -7.56 9.93
CA GLU A 45 36.45 -6.19 9.80
C GLU A 45 36.00 -5.57 8.49
N ALA A 46 35.97 -6.37 7.43
CA ALA A 46 35.57 -5.89 6.12
C ALA A 46 34.05 -5.69 6.05
N GLU A 47 33.32 -6.50 6.81
CA GLU A 47 31.87 -6.42 6.84
C GLU A 47 31.41 -5.19 7.61
N LEU A 48 31.92 -5.04 8.84
CA LEU A 48 31.57 -3.91 9.68
C LEU A 48 31.87 -2.58 8.97
N GLN A 49 33.08 -2.48 8.44
CA GLN A 49 33.50 -1.27 7.73
C GLN A 49 32.54 -0.95 6.59
N ASP A 50 31.93 -1.99 6.03
CA ASP A 50 30.98 -1.82 4.93
C ASP A 50 29.64 -1.28 5.42
N MET A 51 29.11 -1.91 6.47
CA MET A 51 27.84 -1.49 7.05
C MET A 51 27.92 -0.06 7.56
N ILE A 52 28.90 0.20 8.43
CA ILE A 52 29.08 1.53 9.00
C ILE A 52 29.18 2.58 7.90
N ASN A 53 29.93 2.26 6.85
CA ASN A 53 30.11 3.19 5.72
C ASN A 53 28.83 3.31 4.91
N GLU A 54 28.01 2.26 4.94
CA GLU A 54 26.75 2.25 4.21
C GLU A 54 25.76 3.25 4.81
N VAL A 55 25.89 3.49 6.11
CA VAL A 55 25.02 4.42 6.80
C VAL A 55 25.78 5.66 7.27
N ASP A 56 26.95 5.87 6.68
CA ASP A 56 27.78 7.02 7.03
C ASP A 56 27.44 8.21 6.16
N ALA A 57 26.64 9.13 6.70
CA ALA A 57 26.23 10.32 5.97
C ALA A 57 27.24 11.45 6.17
N ASP A 58 27.78 11.55 7.38
CA ASP A 58 28.75 12.59 7.70
C ASP A 58 30.17 12.12 7.40
N GLY A 59 30.28 10.88 6.92
CA GLY A 59 31.59 10.33 6.60
C GLY A 59 32.57 10.47 7.74
N ASN A 60 32.22 9.91 8.89
CA ASN A 60 33.08 9.98 10.07
C ASN A 60 33.58 8.59 10.46
N GLY A 61 32.93 7.57 9.92
CA GLY A 61 33.32 6.20 10.22
C GLY A 61 32.60 5.65 11.43
N THR A 62 31.48 6.27 11.79
CA THR A 62 30.70 5.84 12.94
C THR A 62 29.21 6.11 12.73
N ILE A 63 28.37 5.54 13.60
CA ILE A 63 26.93 5.73 13.50
C ILE A 63 26.44 6.77 14.51
N ASP A 64 26.04 7.93 14.01
CA ASP A 64 25.55 9.01 14.86
C ASP A 64 24.13 8.71 15.35
N PHE A 65 23.53 9.68 16.01
CA PHE A 65 22.18 9.52 16.53
C PHE A 65 21.17 9.38 15.39
N PRO A 66 21.13 10.38 14.51
CA PRO A 66 20.21 10.38 13.36
C PRO A 66 20.61 9.35 12.31
N GLU A 67 21.90 9.07 12.21
CA GLU A 67 22.40 8.10 11.24
C GLU A 67 21.74 6.73 11.45
N PHE A 68 21.57 6.36 12.71
CA PHE A 68 20.95 5.08 13.04
C PHE A 68 19.45 5.12 12.81
N LEU A 69 18.84 6.27 13.08
CA LEU A 69 17.41 6.44 12.90
C LEU A 69 17.04 6.39 11.42
N THR A 70 17.69 7.23 10.62
CA THR A 70 17.44 7.28 9.19
C THR A 70 17.54 5.89 8.56
N MET A 71 18.35 5.03 9.17
CA MET A 71 18.54 3.67 8.68
C MET A 71 17.26 2.86 8.83
N MET A 72 16.61 3.00 9.97
CA MET A 72 15.37 2.28 10.25
C MET A 72 14.19 2.96 9.56
N ALA A 73 14.25 4.27 9.44
CA ALA A 73 13.19 5.04 8.81
C ALA A 73 13.08 4.72 7.32
N ARG A 74 14.23 4.46 6.70
CA ARG A 74 14.26 4.14 5.28
C ARG A 74 13.38 2.93 4.96
N LYS A 75 13.17 2.09 5.97
CA LYS A 75 12.34 0.90 5.81
C LYS A 75 10.88 1.28 5.62
N MET A 76 10.46 2.34 6.29
CA MET A 76 9.07 2.80 6.19
C MET A 76 8.70 3.08 4.74
N LYS A 77 9.61 3.71 4.01
CA LYS A 77 9.38 4.03 2.61
C LYS A 77 9.33 2.77 1.76
N ASP A 78 8.16 2.47 1.21
CA ASP A 78 7.99 1.29 0.37
C ASP A 78 6.86 1.50 -0.63
N THR A 79 6.78 0.61 -1.63
CA THR A 79 5.75 0.70 -2.65
C THR A 79 4.65 -0.33 -2.42
N ASP A 80 5.06 -1.55 -2.07
CA ASP A 80 4.11 -2.62 -1.82
C ASP A 80 3.09 -2.22 -0.76
N SER A 81 3.51 -1.36 0.16
CA SER A 81 2.63 -0.89 1.23
C SER A 81 1.37 -0.27 0.65
N GLU A 82 1.51 0.45 -0.46
CA GLU A 82 0.39 1.09 -1.11
C GLU A 82 -0.74 0.10 -1.36
N GLU A 83 -0.37 -1.14 -1.63
CA GLU A 83 -1.35 -2.19 -1.89
C GLU A 83 -2.16 -2.51 -0.64
N GLU A 84 -1.46 -2.71 0.48
CA GLU A 84 -2.11 -3.02 1.74
C GLU A 84 -3.07 -1.92 2.14
N ILE A 85 -2.81 -0.70 1.68
CA ILE A 85 -3.65 0.45 1.98
C ILE A 85 -4.96 0.40 1.21
N ARG A 86 -4.85 0.21 -0.10
CA ARG A 86 -6.02 0.14 -0.97
C ARG A 86 -6.91 -1.03 -0.59
N GLU A 87 -6.30 -2.07 -0.02
CA GLU A 87 -7.03 -3.27 0.38
C GLU A 87 -7.96 -2.95 1.55
N ALA A 88 -7.38 -2.47 2.65
CA ALA A 88 -8.15 -2.13 3.83
C ALA A 88 -9.21 -1.07 3.52
N PHE A 89 -8.78 -0.01 2.83
CA PHE A 89 -9.70 1.07 2.47
C PHE A 89 -10.94 0.53 1.78
N ARG A 90 -10.74 -0.41 0.86
CA ARG A 90 -11.85 -1.01 0.13
C ARG A 90 -12.70 -1.89 1.05
N VAL A 91 -12.05 -2.50 2.03
CA VAL A 91 -12.75 -3.36 2.98
C VAL A 91 -13.68 -2.56 3.88
N PHE A 92 -13.33 -1.29 4.09
CA PHE A 92 -14.13 -0.42 4.94
C PHE A 92 -15.12 0.38 4.10
N ASP A 93 -14.72 0.72 2.89
CA ASP A 93 -15.57 1.48 1.98
C ASP A 93 -16.83 0.69 1.62
N LYS A 94 -17.92 0.96 2.32
CA LYS A 94 -19.18 0.27 2.07
C LYS A 94 -19.89 0.85 0.85
N ASP A 95 -20.08 2.16 0.86
CA ASP A 95 -20.74 2.84 -0.24
C ASP A 95 -19.83 2.91 -1.47
N GLY A 96 -18.57 2.53 -1.28
CA GLY A 96 -17.62 2.56 -2.37
C GLY A 96 -17.45 3.95 -2.95
N ASN A 97 -17.68 4.96 -2.14
CA ASN A 97 -17.56 6.35 -2.58
C ASN A 97 -16.09 6.80 -2.53
N GLY A 98 -15.27 6.04 -1.81
CA GLY A 98 -13.86 6.38 -1.70
C GLY A 98 -13.59 7.32 -0.54
N TYR A 99 -14.52 7.39 0.40
CA TYR A 99 -14.37 8.26 1.56
C TYR A 99 -14.89 7.57 2.83
N ILE A 100 -14.30 7.92 3.97
CA ILE A 100 -14.70 7.35 5.24
C ILE A 100 -15.17 8.42 6.21
N SER A 101 -16.30 8.18 6.86
CA SER A 101 -16.86 9.13 7.82
C SER A 101 -16.84 8.56 9.22
N ALA A 102 -17.28 9.35 10.19
CA ALA A 102 -17.33 8.93 11.58
C ALA A 102 -18.24 7.71 11.75
N ALA A 103 -19.31 7.66 10.97
CA ALA A 103 -20.25 6.57 11.03
C ALA A 103 -19.66 5.29 10.43
N GLU A 104 -19.09 5.42 9.25
CA GLU A 104 -18.48 4.27 8.57
C GLU A 104 -17.31 3.73 9.37
N LEU A 105 -16.44 4.63 9.83
CA LEU A 105 -15.27 4.25 10.61
C LEU A 105 -15.68 3.37 11.80
N ARG A 106 -16.76 3.75 12.47
CA ARG A 106 -17.25 3.00 13.62
C ARG A 106 -17.65 1.59 13.21
N HIS A 107 -18.19 1.45 12.00
CA HIS A 107 -18.62 0.15 11.50
C HIS A 107 -17.45 -0.83 11.48
N VAL A 108 -16.26 -0.32 11.19
CA VAL A 108 -15.06 -1.16 11.14
C VAL A 108 -14.65 -1.62 12.53
N MET A 109 -14.77 -0.72 13.51
CA MET A 109 -14.42 -1.04 14.88
C MET A 109 -15.49 -1.90 15.53
N THR A 110 -16.72 -1.78 15.05
CA THR A 110 -17.83 -2.55 15.59
C THR A 110 -17.73 -4.01 15.20
N ASN A 111 -17.65 -4.27 13.90
CA ASN A 111 -17.55 -5.63 13.40
C ASN A 111 -16.35 -6.35 14.01
N LEU A 112 -15.31 -5.60 14.32
CA LEU A 112 -14.10 -6.16 14.92
C LEU A 112 -14.34 -6.57 16.37
N GLY A 113 -15.32 -5.93 17.01
CA GLY A 113 -15.65 -6.25 18.38
C GLY A 113 -15.07 -5.25 19.37
N GLU A 114 -14.98 -4.00 18.94
CA GLU A 114 -14.43 -2.94 19.79
C GLU A 114 -15.53 -1.98 20.23
N LYS A 115 -15.86 -2.02 21.51
CA LYS A 115 -16.89 -1.15 22.07
C LYS A 115 -16.51 0.32 21.90
N LEU A 116 -17.13 0.97 20.91
CA LEU A 116 -16.86 2.38 20.64
C LEU A 116 -18.15 3.13 20.32
N THR A 117 -18.20 4.40 20.73
CA THR A 117 -19.37 5.23 20.48
C THR A 117 -19.07 6.34 19.49
N ASP A 118 -20.09 7.09 19.11
CA ASP A 118 -19.92 8.20 18.17
C ASP A 118 -18.89 9.20 18.68
N GLU A 119 -18.98 9.54 19.96
CA GLU A 119 -18.05 10.49 20.57
C GLU A 119 -16.63 9.96 20.53
N GLU A 120 -16.49 8.63 20.65
CA GLU A 120 -15.18 8.00 20.63
C GLU A 120 -14.60 7.98 19.23
N VAL A 121 -15.48 7.89 18.23
CA VAL A 121 -15.06 7.86 16.84
C VAL A 121 -14.57 9.23 16.38
N ASP A 122 -15.14 10.28 16.96
CA ASP A 122 -14.75 11.64 16.63
C ASP A 122 -13.24 11.83 16.71
N GLU A 123 -12.66 11.35 17.81
CA GLU A 123 -11.22 11.46 18.02
C GLU A 123 -10.46 10.82 16.86
N MET A 124 -11.06 9.80 16.25
CA MET A 124 -10.44 9.09 15.14
C MET A 124 -10.47 9.95 13.88
N ILE A 125 -11.67 10.31 13.44
CA ILE A 125 -11.84 11.12 12.25
C ILE A 125 -11.01 12.40 12.33
N ARG A 126 -10.90 12.95 13.52
CA ARG A 126 -10.13 14.18 13.74
C ARG A 126 -8.66 13.94 13.47
N GLU A 127 -8.19 12.73 13.74
CA GLU A 127 -6.79 12.37 13.52
C GLU A 127 -6.49 12.25 12.04
N ALA A 128 -7.31 11.49 11.33
CA ALA A 128 -7.13 11.28 9.90
C ALA A 128 -7.43 12.56 9.12
N ASP A 129 -8.38 13.33 9.62
CA ASP A 129 -8.76 14.59 8.97
C ASP A 129 -7.65 15.62 9.08
N ILE A 130 -6.71 15.58 8.14
CA ILE A 130 -5.59 16.51 8.14
C ILE A 130 -6.00 17.87 7.56
N ASP A 131 -6.72 17.83 6.44
CA ASP A 131 -7.17 19.06 5.80
C ASP A 131 -8.31 19.71 6.60
N GLY A 132 -8.80 18.99 7.61
CA GLY A 132 -9.87 19.50 8.43
C GLY A 132 -11.14 19.74 7.64
N ASP A 133 -11.49 18.79 6.78
CA ASP A 133 -12.69 18.90 5.96
C ASP A 133 -13.90 18.32 6.69
N GLY A 134 -13.63 17.54 7.73
CA GLY A 134 -14.71 16.93 8.50
C GLY A 134 -14.89 15.46 8.19
N GLN A 135 -14.03 14.94 7.32
CA GLN A 135 -14.09 13.54 6.93
C GLN A 135 -12.70 12.99 6.61
N VAL A 136 -12.63 11.68 6.40
CA VAL A 136 -11.35 11.04 6.08
C VAL A 136 -11.33 10.56 4.63
N ASN A 137 -10.40 11.10 3.86
CA ASN A 137 -10.25 10.73 2.45
C ASN A 137 -9.10 9.76 2.25
N TYR A 138 -9.04 9.15 1.07
CA TYR A 138 -7.98 8.19 0.76
C TYR A 138 -6.61 8.79 1.03
N GLU A 139 -6.41 10.03 0.59
CA GLU A 139 -5.14 10.71 0.79
C GLU A 139 -4.74 10.71 2.25
N GLU A 140 -5.72 10.92 3.14
CA GLU A 140 -5.47 10.93 4.57
C GLU A 140 -5.33 9.51 5.12
N PHE A 141 -6.10 8.59 4.54
CA PHE A 141 -6.06 7.20 4.97
C PHE A 141 -4.72 6.56 4.64
N VAL A 142 -4.14 6.96 3.51
CA VAL A 142 -2.85 6.42 3.07
C VAL A 142 -1.74 6.81 4.05
N GLN A 143 -1.75 8.07 4.47
CA GLN A 143 -0.74 8.57 5.41
C GLN A 143 -1.01 8.05 6.81
N MET A 144 -2.25 7.69 7.08
CA MET A 144 -2.63 7.18 8.40
C MET A 144 -2.15 5.74 8.58
N MET A 145 -1.86 5.07 7.47
CA MET A 145 -1.39 3.70 7.51
C MET A 145 0.14 3.64 7.41
N THR A 146 0.72 4.61 6.71
CA THR A 146 2.16 4.66 6.54
C THR A 146 2.85 5.18 7.80
N ALA A 147 2.10 5.92 8.61
CA ALA A 147 2.64 6.47 9.86
C ALA A 147 2.46 5.49 11.01
N LYS A 148 1.25 5.37 11.51
CA LYS A 148 0.95 4.46 12.61
C LYS A 148 1.49 3.06 12.31
N LEU B 1 -8.04 1.03 32.99
CA LEU B 1 -8.29 1.82 31.80
C LEU B 1 -7.51 3.12 31.83
N SER B 2 -7.45 3.79 30.68
CA SER B 2 -6.73 5.05 30.57
C SER B 2 -7.38 5.97 29.55
N GLY B 3 -6.82 7.17 29.38
CA GLY B 3 -7.36 8.12 28.43
C GLY B 3 -6.28 8.89 27.70
N GLY B 4 -6.70 9.82 26.84
CA GLY B 4 -5.75 10.63 26.10
C GLY B 4 -4.80 9.78 25.27
N GLU B 5 -5.24 8.57 24.92
CA GLU B 5 -4.42 7.66 24.13
C GLU B 5 -5.21 7.11 22.95
N LEU B 6 -5.06 7.73 21.79
CA LEU B 6 -5.77 7.31 20.59
C LEU B 6 -4.96 6.24 19.84
N ASP B 7 -4.98 5.02 20.36
CA ASP B 7 -4.26 3.91 19.74
C ASP B 7 -5.22 3.02 18.96
N LYS B 8 -6.35 3.58 18.54
CA LYS B 8 -7.35 2.83 17.80
C LYS B 8 -6.94 2.72 16.33
N TRP B 9 -6.50 3.82 15.75
CA TRP B 9 -6.08 3.84 14.36
C TRP B 9 -5.03 2.77 14.09
N GLU B 10 -4.18 2.51 15.07
CA GLU B 10 -3.14 1.51 14.94
C GLU B 10 -3.74 0.13 14.63
N LYS B 11 -4.98 -0.07 15.05
CA LYS B 11 -5.67 -1.33 14.81
C LYS B 11 -5.94 -1.54 13.33
N ILE B 12 -6.06 -0.44 12.60
CA ILE B 12 -6.31 -0.50 11.16
C ILE B 12 -5.01 -0.48 10.36
N ARG B 13 -3.96 0.05 10.99
CA ARG B 13 -2.66 0.12 10.33
C ARG B 13 -2.02 -1.26 10.22
N LEU B 14 -2.07 -2.03 11.31
CA LEU B 14 -1.51 -3.37 11.32
C LEU B 14 0.00 -3.32 11.11
N ARG B 15 0.61 -4.50 11.00
CA ARG B 15 2.05 -4.59 10.78
C ARG B 15 2.36 -5.36 9.50
N PRO B 16 3.42 -4.95 8.80
CA PRO B 16 3.85 -5.58 7.55
C PRO B 16 4.42 -6.98 7.77
N GLY B 17 5.31 -7.11 8.75
CA GLY B 17 5.91 -8.40 9.04
C GLY B 17 7.37 -8.46 8.64
N GLY B 18 8.24 -8.72 9.62
CA GLY B 18 9.66 -8.80 9.34
C GLY B 18 10.26 -7.46 8.99
N LYS B 19 11.20 -6.99 9.80
CA LYS B 19 11.85 -5.71 9.57
C LYS B 19 13.32 -5.91 9.18
N LYS B 20 13.64 -5.56 7.94
CA LYS B 20 15.01 -5.70 7.44
C LYS B 20 15.21 -4.89 6.16
N GLN B 21 16.25 -4.07 6.15
CA GLN B 21 16.55 -3.24 4.98
C GLN B 21 18.05 -3.23 4.68
N TYR B 22 18.80 -2.51 5.51
CA TYR B 22 20.25 -2.42 5.33
C TYR B 22 20.91 -3.78 5.55
N LYS B 23 21.10 -4.14 6.82
CA LYS B 23 21.71 -5.41 7.17
C LYS B 23 21.90 -5.54 8.68
N LEU B 24 22.34 -4.45 9.30
CA LEU B 24 22.55 -4.44 10.75
C LEU B 24 21.24 -4.16 11.49
N LYS B 25 20.29 -3.57 10.78
CA LYS B 25 18.99 -3.25 11.37
C LYS B 25 18.42 -4.46 12.11
N HIS B 26 18.44 -5.61 11.47
CA HIS B 26 17.93 -6.84 12.07
C HIS B 26 18.56 -7.07 13.44
N ILE B 27 19.84 -6.75 13.56
CA ILE B 27 20.56 -6.92 14.82
C ILE B 27 19.80 -6.27 15.98
N VAL B 28 19.18 -5.13 15.71
CA VAL B 28 18.42 -4.42 16.73
C VAL B 28 17.46 -5.35 17.45
N TRP B 29 16.85 -6.27 16.70
CA TRP B 29 15.92 -7.22 17.27
C TRP B 29 16.57 -8.05 18.37
N ALA B 30 17.83 -8.43 18.15
CA ALA B 30 18.57 -9.22 19.11
C ALA B 30 18.77 -8.45 20.41
N SER B 31 18.62 -7.14 20.35
CA SER B 31 18.78 -6.29 21.52
C SER B 31 17.63 -6.49 22.51
N ARG B 32 16.54 -7.06 22.02
CA ARG B 32 15.37 -7.32 22.86
C ARG B 32 15.72 -8.27 24.00
N GLU B 33 16.75 -9.08 23.80
CA GLU B 33 17.18 -10.03 24.82
C GLU B 33 18.14 -9.37 25.81
N LEU B 34 19.14 -8.67 25.27
CA LEU B 34 20.12 -7.99 26.11
C LEU B 34 19.45 -6.96 27.01
N GLU B 35 20.12 -6.62 28.10
CA GLU B 35 19.60 -5.64 29.05
C GLU B 35 20.71 -4.74 29.59
N ARG B 36 21.76 -4.58 28.79
CA ARG B 36 22.90 -3.75 29.18
C ARG B 36 23.20 -3.90 30.67
CA CA C . -17.41 5.18 2.25
CA CA D . -10.03 15.25 5.50
CA CA E . 30.29 4.65 20.83
CA CA F . 28.51 8.64 10.42
#